data_8X7T
#
_entry.id   8X7T
#
_cell.length_a   1.00
_cell.length_b   1.00
_cell.length_c   1.00
_cell.angle_alpha   90.00
_cell.angle_beta   90.00
_cell.angle_gamma   90.00
#
_symmetry.space_group_name_H-M   'P 1'
#
_entity_poly.entity_id   1
_entity_poly.type   'polypeptide(L)'
_entity_poly.pdbx_seq_one_letter_code
;MDREEMIARFAKFLREYVDDEGNEVYINRLKDLLTVTPKRSLAIDWAHLNSFDPELADELLNNPEEAIASAEDAIQIVLR
EPPLLVEREFKVHARFYNLPKTLLVKELGSEHINKLIQVEGIITRVSEVKPFVEKAVFVCRDCGNEMVRLQRPYENLVKP
AKCDACGSRNIELDVDKSRFLNFQSFRLQDRPESLKGGQMPRFVDAILLDDLVDAALPGDRVLVTGVLRVILEQREKRPI
FKKILEVNHIEQLSKEIEELEISPEDEQKIRELAKRKDIVDAIVDSIAPAIWGHRIVKKGIALALFGGVQRTLPDGTKLR
GESHVLLVGDPGVAKSQLLRYVANLAPRAIYTSGKSSSAAGLTAAAVRDEFTGSWVLEAGVLVLADGGFALIDEFDKMSD
RDRSAIHEALEQQTISISKAGITATLNSRTTVIAAANPKFGRFNRHKSLPEQLDLPPTLLSRFDLIFLLLDEPDEKVDAS
IAEHILKVRRGEAEAVTPKIPYDLLKKYIAYARKNVHPVLSREAMEEIKRYYVKMRKGLRRGDEDGVQPIPITARQLEAL
IRLSEAHARMRLSETVTREDARAAIEIIEAMMKTIAVDEEGNLDVSILEVGKSSKKINKIEKLVDIIKSLESEGEFGAPE
EKVIEAAKQAGIGTKADIEKLLNELKSDGRVYEPRAGFYRVI
;
_entity_poly.pdbx_strand_id   D,C,B,E,F,A
#
# COMPACT_ATOMS: atom_id res chain seq x y z
N MET A 1 -4.65 45.18 34.71
CA MET A 1 -4.11 46.16 35.65
C MET A 1 -4.47 45.79 37.09
N ASP A 2 -4.05 46.66 38.01
CA ASP A 2 -4.12 46.50 39.49
C ASP A 2 -3.77 45.07 39.94
N ARG A 3 -2.63 44.57 39.44
CA ARG A 3 -2.21 43.21 39.74
C ARG A 3 -1.76 43.06 41.18
N GLU A 4 -1.11 44.08 41.73
CA GLU A 4 -0.73 44.05 43.14
C GLU A 4 -1.93 44.23 44.06
N GLU A 5 -2.96 44.96 43.60
CA GLU A 5 -4.15 45.16 44.42
C GLU A 5 -4.99 43.90 44.46
N MET A 6 -4.89 43.05 43.43
CA MET A 6 -5.66 41.81 43.42
C MET A 6 -5.07 40.76 44.37
N ILE A 7 -3.80 40.91 44.73
CA ILE A 7 -3.18 39.98 45.67
C ILE A 7 -3.70 40.23 47.08
N ALA A 8 -3.83 41.52 47.46
CA ALA A 8 -4.29 41.85 48.80
C ALA A 8 -5.77 41.57 48.97
N ARG A 9 -6.54 41.69 47.89
CA ARG A 9 -7.97 41.40 47.98
C ARG A 9 -8.22 39.90 48.05
N PHE A 10 -7.40 39.10 47.37
CA PHE A 10 -7.54 37.66 47.44
C PHE A 10 -7.00 37.11 48.75
N ALA A 11 -6.06 37.82 49.37
CA ALA A 11 -5.54 37.39 50.68
C ALA A 11 -6.57 37.67 51.77
N LYS A 12 -7.31 38.76 51.65
CA LYS A 12 -8.38 39.04 52.61
C LYS A 12 -9.58 38.14 52.38
N PHE A 13 -9.78 37.68 51.15
CA PHE A 13 -10.87 36.74 50.87
C PHE A 13 -10.54 35.36 51.41
N LEU A 14 -9.27 34.96 51.36
CA LEU A 14 -8.85 33.66 51.86
C LEU A 14 -8.12 33.79 53.18
N TYR A 26 -15.59 27.58 53.37
CA TYR A 26 -14.53 28.07 52.51
C TYR A 26 -13.16 27.72 53.09
N ILE A 27 -12.97 28.02 54.37
CA ILE A 27 -11.71 27.72 55.03
C ILE A 27 -11.61 26.23 55.33
N ASN A 28 -12.74 25.55 55.50
CA ASN A 28 -12.73 24.11 55.73
C ASN A 28 -12.38 23.34 54.47
N ARG A 29 -12.70 23.90 53.30
CA ARG A 29 -12.32 23.27 52.04
C ARG A 29 -10.83 23.38 51.79
N LEU A 30 -10.22 24.48 52.24
CA LEU A 30 -8.77 24.62 52.17
C LEU A 30 -8.09 23.75 53.22
N LYS A 31 -8.74 23.59 54.38
CA LYS A 31 -8.17 22.74 55.43
C LYS A 31 -8.28 21.26 55.05
N ASP A 32 -9.29 20.89 54.26
CA ASP A 32 -9.39 19.52 53.78
C ASP A 32 -8.49 19.29 52.59
N LEU A 33 -8.01 20.36 51.95
CA LEU A 33 -7.16 20.22 50.78
C LEU A 33 -5.75 19.79 51.17
N LEU A 34 -5.25 20.28 52.32
CA LEU A 34 -3.89 19.97 52.72
C LEU A 34 -3.73 18.57 53.30
N THR A 35 -4.84 17.88 53.61
CA THR A 35 -4.73 16.53 54.14
C THR A 35 -4.51 15.50 53.04
N VAL A 36 -4.87 15.82 51.81
CA VAL A 36 -4.69 14.92 50.68
C VAL A 36 -3.52 15.41 49.82
N THR A 37 -2.66 14.49 49.42
CA THR A 37 -1.48 14.85 48.65
C THR A 37 -1.70 14.99 47.14
N PRO A 38 -2.42 14.08 46.41
CA PRO A 38 -2.51 14.29 44.95
C PRO A 38 -3.39 15.45 44.53
N LYS A 39 -4.40 15.81 45.32
CA LYS A 39 -5.25 16.94 44.96
C LYS A 39 -4.50 18.25 45.24
N ARG A 40 -4.29 19.04 44.20
CA ARG A 40 -3.51 20.27 44.27
C ARG A 40 -4.30 21.47 43.73
N SER A 41 -5.60 21.51 43.99
CA SER A 41 -6.44 22.55 43.43
C SER A 41 -7.63 22.81 44.35
N LEU A 42 -7.91 24.07 44.60
CA LEU A 42 -9.08 24.49 45.36
C LEU A 42 -10.14 25.06 44.42
N ALA A 43 -11.38 24.65 44.64
CA ALA A 43 -12.51 25.03 43.78
C ALA A 43 -13.28 26.16 44.45
N ILE A 44 -12.91 27.39 44.13
CA ILE A 44 -13.55 28.57 44.70
C ILE A 44 -14.78 28.92 43.88
N ASP A 45 -15.93 29.02 44.53
CA ASP A 45 -17.17 29.35 43.85
C ASP A 45 -17.24 30.83 43.53
N TRP A 46 -17.94 31.16 42.45
CA TRP A 46 -18.04 32.55 42.00
C TRP A 46 -19.02 33.35 42.85
N ALA A 47 -19.96 32.69 43.52
CA ALA A 47 -20.93 33.41 44.33
C ALA A 47 -20.29 33.94 45.61
N HIS A 48 -19.28 33.23 46.13
CA HIS A 48 -18.56 33.73 47.29
C HIS A 48 -17.61 34.86 46.90
N LEU A 49 -17.19 34.90 45.64
CA LEU A 49 -16.32 35.98 45.18
C LEU A 49 -17.12 37.25 44.95
N ASN A 50 -18.37 37.13 44.49
CA ASN A 50 -19.20 38.31 44.28
C ASN A 50 -19.69 38.89 45.60
N SER A 51 -19.84 38.06 46.63
CA SER A 51 -20.30 38.55 47.92
C SER A 51 -19.21 39.33 48.64
N PHE A 52 -17.94 38.94 48.44
CA PHE A 52 -16.83 39.63 49.09
C PHE A 52 -16.49 40.92 48.36
N ASP A 53 -16.14 40.82 47.08
CA ASP A 53 -15.75 41.99 46.28
C ASP A 53 -16.20 41.75 44.85
N PRO A 54 -17.23 42.48 44.39
CA PRO A 54 -17.67 42.29 42.99
C PRO A 54 -16.73 42.92 41.99
N GLU A 55 -15.97 43.93 42.38
CA GLU A 55 -15.00 44.54 41.47
C GLU A 55 -13.79 43.64 41.27
N LEU A 56 -13.48 42.79 42.27
CA LEU A 56 -12.43 41.79 42.10
C LEU A 56 -12.85 40.71 41.11
N ALA A 57 -14.15 40.36 41.12
CA ALA A 57 -14.65 39.40 40.15
C ALA A 57 -14.77 40.01 38.76
N ASP A 58 -15.01 41.32 38.70
CA ASP A 58 -15.10 41.99 37.40
C ASP A 58 -13.73 42.15 36.76
N GLU A 59 -12.70 42.36 37.58
CA GLU A 59 -11.33 42.45 37.07
C GLU A 59 -10.79 41.08 36.68
N LEU A 60 -11.36 40.02 37.24
CA LEU A 60 -10.89 38.66 36.93
C LEU A 60 -11.29 38.25 35.52
N LEU A 61 -12.40 38.80 35.01
CA LEU A 61 -12.86 38.41 33.69
C LEU A 61 -12.04 39.07 32.58
N ASN A 62 -11.81 40.38 32.69
CA ASN A 62 -11.13 41.11 31.62
C ASN A 62 -9.65 40.77 31.55
N ASN A 63 -8.99 40.66 32.70
CA ASN A 63 -7.59 40.24 32.77
C ASN A 63 -7.53 38.88 33.46
N PRO A 64 -7.66 37.77 32.74
CA PRO A 64 -7.75 36.46 33.41
C PRO A 64 -6.41 35.87 33.81
N GLU A 65 -5.34 36.20 33.08
CA GLU A 65 -4.05 35.59 33.36
C GLU A 65 -3.41 36.19 34.61
N GLU A 66 -3.48 37.51 34.75
CA GLU A 66 -2.89 38.16 35.92
C GLU A 66 -3.72 37.94 37.18
N ALA A 67 -5.02 37.73 37.02
CA ALA A 67 -5.88 37.50 38.19
C ALA A 67 -5.76 36.06 38.69
N ILE A 68 -5.50 35.12 37.78
CA ILE A 68 -5.23 33.75 38.19
C ILE A 68 -3.88 33.68 38.91
N ALA A 69 -2.87 34.38 38.39
CA ALA A 69 -1.57 34.44 39.05
C ALA A 69 -1.65 35.24 40.34
N SER A 70 -2.61 36.16 40.46
CA SER A 70 -2.85 36.82 41.73
C SER A 70 -3.52 35.86 42.71
N ALA A 71 -4.24 34.85 42.20
CA ALA A 71 -4.81 33.83 43.07
C ALA A 71 -3.78 32.75 43.39
N GLU A 72 -2.69 32.70 42.62
CA GLU A 72 -1.65 31.70 42.87
C GLU A 72 -0.84 32.03 44.12
N ASP A 73 -0.35 33.27 44.20
CA ASP A 73 0.55 33.62 45.30
C ASP A 73 -0.22 34.01 46.57
N ALA A 74 -1.46 34.47 46.44
CA ALA A 74 -2.21 34.89 47.61
C ALA A 74 -2.68 33.69 48.44
N ILE A 75 -2.87 32.54 47.80
CA ILE A 75 -3.21 31.34 48.56
C ILE A 75 -1.96 30.76 49.22
N GLN A 76 -0.77 31.18 48.78
CA GLN A 76 0.46 30.73 49.41
C GLN A 76 0.74 31.51 50.69
N ILE A 77 0.28 32.76 50.76
CA ILE A 77 0.40 33.54 52.00
C ILE A 77 -0.56 33.01 53.04
N VAL A 78 -1.75 32.58 52.59
CA VAL A 78 -2.72 31.96 53.49
C VAL A 78 -2.22 30.59 53.93
N LEU A 79 -1.51 29.87 53.05
CA LEU A 79 -0.88 28.61 53.41
C LEU A 79 0.28 28.79 54.38
N ARG A 80 0.86 29.99 54.47
CA ARG A 80 1.91 30.28 55.44
C ARG A 80 1.42 31.23 56.53
N GLU A 81 0.12 31.24 56.80
CA GLU A 81 -0.45 32.10 57.82
C GLU A 81 -0.12 31.56 59.21
N PRO A 82 -0.13 32.43 60.23
CA PRO A 82 0.01 31.96 61.62
C PRO A 82 -1.14 31.06 62.08
N PRO A 83 -2.40 31.22 61.62
CA PRO A 83 -3.37 30.15 61.94
C PRO A 83 -3.16 28.87 61.14
N LEU A 84 -2.77 28.95 59.87
CA LEU A 84 -2.63 27.78 59.01
C LEU A 84 -1.27 27.84 58.33
N LEU A 85 -0.33 27.02 58.81
CA LEU A 85 1.03 27.03 58.32
C LEU A 85 1.46 25.62 57.94
N VAL A 86 1.81 25.44 56.67
CA VAL A 86 2.34 24.19 56.16
C VAL A 86 3.74 24.46 55.60
N GLU A 87 4.70 23.63 55.98
CA GLU A 87 6.09 23.86 55.58
C GLU A 87 6.28 23.61 54.08
N ARG A 88 5.64 22.58 53.54
CA ARG A 88 5.69 22.30 52.12
C ARG A 88 4.62 23.12 51.41
N GLU A 89 5.04 24.16 50.70
CA GLU A 89 4.12 25.12 50.08
C GLU A 89 4.16 24.95 48.57
N PHE A 90 3.29 24.07 48.06
CA PHE A 90 3.15 23.90 46.63
C PHE A 90 2.17 24.92 46.07
N LYS A 91 2.42 25.33 44.82
CA LYS A 91 1.55 26.28 44.14
C LYS A 91 0.20 25.65 43.81
N VAL A 92 -0.83 26.04 44.55
CA VAL A 92 -2.17 25.47 44.39
C VAL A 92 -2.94 26.32 43.40
N HIS A 93 -3.46 25.68 42.35
CA HIS A 93 -4.26 26.38 41.36
C HIS A 93 -5.64 26.71 41.92
N ALA A 94 -6.20 27.81 41.43
CA ALA A 94 -7.53 28.26 41.80
C ALA A 94 -8.53 27.86 40.73
N ARG A 95 -9.64 27.28 41.14
CA ARG A 95 -10.66 26.76 40.22
C ARG A 95 -11.97 27.50 40.45
N PHE A 96 -12.62 27.90 39.37
CA PHE A 96 -13.88 28.62 39.43
C PHE A 96 -15.02 27.69 39.02
N TYR A 97 -16.00 27.53 39.90
CA TYR A 97 -17.03 26.51 39.74
C TYR A 97 -18.10 26.88 38.72
N ASN A 98 -18.83 27.96 38.97
CA ASN A 98 -20.01 28.32 38.18
C ASN A 98 -19.94 29.79 37.79
N LEU A 99 -19.54 30.06 36.55
CA LEU A 99 -19.53 31.42 36.03
C LEU A 99 -20.96 31.90 35.79
N PRO A 100 -21.19 33.22 35.84
CA PRO A 100 -22.56 33.72 35.64
C PRO A 100 -23.12 33.51 34.24
N LYS A 101 -22.27 33.35 33.23
CA LYS A 101 -22.73 33.13 31.86
C LYS A 101 -22.21 31.79 31.35
N THR A 102 -23.12 30.95 30.87
CA THR A 102 -22.78 29.65 30.31
C THR A 102 -22.86 29.76 28.79
N LEU A 103 -21.70 29.83 28.14
CA LEU A 103 -21.64 30.00 26.70
C LEU A 103 -21.86 28.67 25.99
N LEU A 104 -21.90 28.74 24.66
CA LEU A 104 -21.98 27.56 23.81
C LEU A 104 -20.86 27.63 22.77
N VAL A 105 -20.64 26.51 22.08
CA VAL A 105 -19.61 26.47 21.05
C VAL A 105 -20.09 27.20 19.79
N LYS A 106 -21.39 27.13 19.52
CA LYS A 106 -21.92 27.77 18.31
C LYS A 106 -21.95 29.29 18.45
N GLU A 107 -22.12 29.80 19.66
CA GLU A 107 -22.12 31.23 19.91
C GLU A 107 -20.76 31.76 20.35
N LEU A 108 -19.73 30.92 20.33
CA LEU A 108 -18.39 31.35 20.69
C LEU A 108 -17.76 32.13 19.54
N GLY A 109 -17.12 33.25 19.87
CA GLY A 109 -16.55 34.10 18.85
C GLY A 109 -15.15 34.61 19.18
N SER A 110 -14.70 35.61 18.42
CA SER A 110 -13.35 36.15 18.62
C SER A 110 -13.31 37.20 19.73
N GLU A 111 -14.47 37.61 20.23
CA GLU A 111 -14.50 38.56 21.34
C GLU A 111 -14.05 37.93 22.66
N HIS A 112 -14.24 36.63 22.81
CA HIS A 112 -13.93 35.92 24.04
C HIS A 112 -12.48 35.47 24.14
N ILE A 113 -11.63 35.89 23.18
CA ILE A 113 -10.19 35.59 23.28
C ILE A 113 -9.59 36.44 24.40
N ASN A 114 -8.74 35.79 25.21
CA ASN A 114 -8.17 36.36 26.45
C ASN A 114 -9.26 36.80 27.42
N LYS A 115 -10.33 36.01 27.51
CA LYS A 115 -11.49 36.31 28.34
C LYS A 115 -11.94 35.01 29.00
N LEU A 116 -12.21 35.06 30.29
CA LEU A 116 -12.65 33.88 31.01
C LEU A 116 -14.10 33.56 30.66
N ILE A 117 -14.33 32.34 30.15
CA ILE A 117 -15.64 31.93 29.66
C ILE A 117 -15.99 30.57 30.24
N GLN A 118 -17.28 30.24 30.17
CA GLN A 118 -17.80 28.95 30.62
C GLN A 118 -18.58 28.33 29.46
N VAL A 119 -18.02 27.30 28.85
CA VAL A 119 -18.55 26.72 27.62
C VAL A 119 -19.03 25.31 27.92
N GLU A 120 -20.28 25.02 27.59
CA GLU A 120 -20.83 23.67 27.67
C GLU A 120 -20.68 22.97 26.32
N GLY A 121 -20.56 21.65 26.38
CA GLY A 121 -20.41 20.89 25.15
C GLY A 121 -20.17 19.42 25.42
N ILE A 122 -19.73 18.72 24.39
CA ILE A 122 -19.50 17.27 24.43
C ILE A 122 -18.14 16.98 23.83
N ILE A 123 -17.41 16.05 24.44
CA ILE A 123 -16.07 15.69 23.98
C ILE A 123 -16.16 14.74 22.81
N THR A 124 -15.45 15.07 21.72
CA THR A 124 -15.35 14.21 20.56
C THR A 124 -13.97 13.61 20.36
N ARG A 125 -12.91 14.34 20.66
CA ARG A 125 -11.53 13.89 20.50
C ARG A 125 -10.85 13.82 21.85
N VAL A 126 -9.92 12.88 22.00
CA VAL A 126 -9.14 12.73 23.23
C VAL A 126 -7.72 12.35 22.83
N SER A 127 -6.77 12.69 23.70
CA SER A 127 -5.37 12.36 23.50
C SER A 127 -4.84 11.65 24.74
N GLU A 128 -3.66 11.05 24.61
CA GLU A 128 -3.06 10.30 25.69
C GLU A 128 -2.20 11.20 26.57
N VAL A 129 -1.75 10.65 27.70
CA VAL A 129 -0.94 11.41 28.65
C VAL A 129 0.48 11.52 28.11
N LYS A 130 0.97 12.76 28.02
CA LYS A 130 2.30 13.03 27.50
C LYS A 130 2.95 14.13 28.30
N PRO A 131 4.24 14.02 28.58
CA PRO A 131 4.93 15.06 29.36
C PRO A 131 5.12 16.34 28.57
N PHE A 132 5.37 17.42 29.31
CA PHE A 132 5.43 18.77 28.74
C PHE A 132 6.24 19.66 29.67
N VAL A 133 7.15 20.45 29.10
CA VAL A 133 8.01 21.31 29.89
C VAL A 133 7.38 22.70 30.00
N GLU A 134 7.30 23.23 31.23
CA GLU A 134 6.75 24.57 31.42
C GLU A 134 7.84 25.62 31.38
N LYS A 135 8.84 25.47 32.25
CA LYS A 135 9.99 26.39 32.32
C LYS A 135 11.19 25.64 31.74
N ALA A 136 11.53 25.95 30.49
CA ALA A 136 12.62 25.29 29.80
C ALA A 136 13.90 26.11 29.95
N VAL A 137 14.82 25.61 30.78
CA VAL A 137 16.14 26.22 30.94
C VAL A 137 17.09 25.56 29.95
N PHE A 138 18.06 26.33 29.46
CA PHE A 138 18.99 25.86 28.44
C PHE A 138 20.42 26.10 28.91
N VAL A 139 21.22 25.05 28.94
CA VAL A 139 22.62 25.14 29.27
C VAL A 139 23.44 25.05 27.99
N CYS A 140 24.67 25.55 28.03
CA CYS A 140 25.56 25.52 26.89
C CYS A 140 26.90 24.92 27.30
N ARG A 141 27.59 24.33 26.34
CA ARG A 141 28.90 23.76 26.59
C ARG A 141 29.98 24.82 26.41
N ASP A 142 31.13 24.59 27.05
CA ASP A 142 32.36 25.40 27.05
C ASP A 142 32.12 26.80 27.65
N CYS A 143 31.01 26.99 28.39
CA CYS A 143 30.69 28.25 29.02
C CYS A 143 29.63 27.99 30.08
N GLY A 144 29.71 28.70 31.20
CA GLY A 144 28.77 28.51 32.30
C GLY A 144 27.51 29.33 32.25
N ASN A 145 27.14 29.86 31.08
CA ASN A 145 25.96 30.70 30.99
C ASN A 145 24.69 29.85 30.93
N GLU A 146 23.61 30.38 31.51
CA GLU A 146 22.31 29.75 31.47
C GLU A 146 21.27 30.75 30.99
N MET A 147 20.09 30.24 30.62
CA MET A 147 19.02 31.08 30.13
C MET A 147 17.69 30.41 30.43
N VAL A 148 16.70 31.20 30.84
CA VAL A 148 15.38 30.71 31.23
C VAL A 148 14.37 31.12 30.16
N ARG A 149 13.53 30.16 29.75
CA ARG A 149 12.49 30.42 28.75
C ARG A 149 11.23 29.64 29.14
N LEU A 150 10.09 30.33 29.13
CA LEU A 150 8.81 29.70 29.40
C LEU A 150 8.11 29.38 28.08
N GLN A 151 7.36 28.29 28.06
CA GLN A 151 6.72 27.81 26.84
C GLN A 151 5.28 27.42 27.13
N ARG A 152 4.48 27.40 26.06
CA ARG A 152 3.07 27.03 26.03
C ARG A 152 2.89 25.72 25.26
N PRO A 153 1.86 24.91 25.57
CA PRO A 153 1.69 23.66 24.82
C PRO A 153 1.20 23.87 23.40
N TYR A 154 0.48 24.96 23.14
CA TYR A 154 0.10 25.29 21.77
C TYR A 154 1.25 25.96 21.03
N GLU A 155 2.08 26.71 21.74
CA GLU A 155 3.22 27.37 21.11
C GLU A 155 4.34 26.37 20.85
N ASN A 156 5.28 26.77 20.00
CA ASN A 156 6.42 25.93 19.67
C ASN A 156 7.53 26.12 20.70
N LEU A 157 8.41 25.10 20.81
CA LEU A 157 9.56 25.20 21.67
C LEU A 157 10.57 26.17 21.08
N VAL A 158 10.85 27.24 21.82
CA VAL A 158 11.80 28.27 21.38
C VAL A 158 13.23 27.74 21.56
N LYS A 159 14.15 28.25 20.76
CA LYS A 159 15.53 27.79 20.77
C LYS A 159 16.46 28.98 20.53
N PRO A 160 17.34 29.32 21.46
CA PRO A 160 18.37 30.33 21.18
C PRO A 160 19.37 29.82 20.16
N ALA A 161 19.63 30.64 19.14
CA ALA A 161 20.56 30.24 18.09
C ALA A 161 22.01 30.26 18.59
N LYS A 162 22.33 31.20 19.46
CA LYS A 162 23.68 31.28 20.03
C LYS A 162 23.55 31.57 21.52
N CYS A 163 24.66 31.41 22.24
CA CYS A 163 24.69 31.74 23.65
C CYS A 163 24.71 33.24 23.86
N ASP A 164 24.20 33.68 25.00
CA ASP A 164 24.14 35.11 25.30
C ASP A 164 25.50 35.64 25.73
N ALA A 165 26.35 34.77 26.28
CA ALA A 165 27.66 35.22 26.76
C ALA A 165 28.67 35.33 25.63
N CYS A 166 28.88 34.24 24.89
CA CYS A 166 29.89 34.20 23.84
C CYS A 166 29.40 33.65 22.51
N GLY A 167 28.27 32.95 22.49
CA GLY A 167 27.77 32.37 21.26
C GLY A 167 28.54 31.14 20.82
N SER A 168 28.48 30.08 21.62
CA SER A 168 29.23 28.86 21.32
C SER A 168 28.48 27.90 20.41
N ARG A 169 27.22 28.20 20.08
CA ARG A 169 26.32 27.35 19.27
C ARG A 169 26.18 25.95 19.85
N ASN A 170 26.06 25.85 21.18
CA ASN A 170 25.94 24.58 21.88
C ASN A 170 24.77 24.60 22.86
N ILE A 171 23.67 25.22 22.45
CA ILE A 171 22.49 25.34 23.30
C ILE A 171 21.78 23.99 23.36
N GLU A 172 21.57 23.49 24.58
CA GLU A 172 20.93 22.20 24.78
C GLU A 172 20.02 22.26 26.00
N LEU A 173 18.91 21.52 25.93
CA LEU A 173 17.95 21.49 27.03
C LEU A 173 18.42 20.54 28.11
N ASP A 174 18.48 21.04 29.35
CA ASP A 174 18.78 20.22 30.51
C ASP A 174 17.49 19.91 31.24
N VAL A 175 17.27 18.63 31.58
CA VAL A 175 16.01 18.20 32.16
C VAL A 175 16.04 18.16 33.68
N ASP A 176 17.15 18.57 34.31
CA ASP A 176 17.24 18.49 35.76
C ASP A 176 16.46 19.62 36.43
N LYS A 177 16.68 20.86 35.99
CA LYS A 177 16.05 22.01 36.61
C LYS A 177 14.76 22.44 35.92
N SER A 178 14.41 21.82 34.79
CA SER A 178 13.21 22.19 34.08
C SER A 178 11.97 21.62 34.77
N ARG A 179 10.90 22.41 34.77
CA ARG A 179 9.63 21.99 35.33
C ARG A 179 8.84 21.20 34.27
N PHE A 180 8.45 19.99 34.62
CA PHE A 180 7.77 19.08 33.70
C PHE A 180 6.32 18.90 34.16
N LEU A 181 5.39 19.11 33.25
CA LEU A 181 3.96 18.93 33.50
C LEU A 181 3.39 17.93 32.49
N ASN A 182 2.14 17.55 32.71
CA ASN A 182 1.44 16.64 31.82
C ASN A 182 0.57 17.42 30.85
N PHE A 183 0.30 16.81 29.69
CA PHE A 183 -0.41 17.49 28.62
C PHE A 183 -1.41 16.53 27.98
N GLN A 184 -2.61 17.05 27.70
CA GLN A 184 -3.65 16.28 27.03
C GLN A 184 -4.56 17.24 26.29
N SER A 185 -4.71 17.03 24.98
CA SER A 185 -5.53 17.90 24.15
C SER A 185 -6.82 17.19 23.77
N PHE A 186 -7.96 17.79 24.12
CA PHE A 186 -9.27 17.27 23.74
C PHE A 186 -10.03 18.34 22.97
N ARG A 187 -11.12 17.91 22.33
CA ARG A 187 -11.92 18.77 21.47
C ARG A 187 -13.36 18.78 21.95
N LEU A 188 -13.93 19.97 22.09
CA LEU A 188 -15.28 20.16 22.59
C LEU A 188 -16.19 20.60 21.45
N GLN A 189 -17.26 19.85 21.23
CA GLN A 189 -18.24 20.15 20.19
C GLN A 189 -19.60 20.43 20.84
N ASP A 190 -20.52 20.93 20.02
CA ASP A 190 -21.85 21.27 20.51
C ASP A 190 -22.66 20.01 20.82
N ARG A 191 -23.51 20.10 21.83
CA ARG A 191 -24.34 18.97 22.23
C ARG A 191 -25.43 18.73 21.19
N PRO A 192 -25.78 17.47 20.91
CA PRO A 192 -26.83 17.21 19.92
C PRO A 192 -28.23 17.52 20.44
N GLU A 193 -28.46 17.47 21.75
CA GLU A 193 -29.79 17.78 22.27
C GLU A 193 -30.07 19.28 22.25
N SER A 194 -29.02 20.10 22.24
CA SER A 194 -29.17 21.55 22.15
C SER A 194 -29.01 22.07 20.73
N LEU A 195 -28.73 21.19 19.77
CA LEU A 195 -28.53 21.58 18.37
C LEU A 195 -29.78 21.18 17.58
N LYS A 196 -30.49 22.18 17.07
CA LYS A 196 -31.63 21.93 16.20
C LYS A 196 -31.15 21.43 14.83
N GLY A 197 -32.03 20.70 14.15
CA GLY A 197 -31.70 20.20 12.83
C GLY A 197 -31.55 21.33 11.82
N GLY A 198 -30.66 21.09 10.86
CA GLY A 198 -30.25 22.13 9.94
C GLY A 198 -29.07 22.95 10.39
N GLN A 199 -28.47 22.61 11.52
CA GLN A 199 -27.29 23.29 12.05
C GLN A 199 -26.14 22.31 12.18
N MET A 200 -24.92 22.81 12.00
CA MET A 200 -23.74 21.98 12.11
C MET A 200 -22.97 22.29 13.38
N PRO A 201 -22.48 21.28 14.11
CA PRO A 201 -21.76 21.54 15.36
C PRO A 201 -20.35 22.05 15.10
N ARG A 202 -19.98 23.11 15.80
CA ARG A 202 -18.64 23.66 15.72
C ARG A 202 -17.73 22.97 16.73
N PHE A 203 -16.42 23.10 16.52
CA PHE A 203 -15.43 22.42 17.34
C PHE A 203 -14.41 23.42 17.86
N VAL A 204 -13.99 23.23 19.12
CA VAL A 204 -12.96 24.04 19.75
C VAL A 204 -11.93 23.09 20.35
N ASP A 205 -10.69 23.19 19.89
CA ASP A 205 -9.60 22.34 20.37
C ASP A 205 -9.06 22.94 21.66
N ALA A 206 -9.20 22.20 22.76
CA ALA A 206 -8.79 22.65 24.08
C ALA A 206 -7.59 21.83 24.56
N ILE A 207 -7.05 22.26 25.71
CA ILE A 207 -5.90 21.62 26.32
C ILE A 207 -6.22 21.32 27.77
N LEU A 208 -5.59 20.28 28.31
CA LEU A 208 -5.69 19.91 29.72
C LEU A 208 -4.29 19.84 30.30
N LEU A 209 -4.07 20.54 31.40
CA LEU A 209 -2.77 20.58 32.07
C LEU A 209 -2.79 19.62 33.25
N ASP A 210 -1.73 19.70 34.06
CA ASP A 210 -1.33 18.78 35.14
C ASP A 210 -2.44 18.17 35.98
N ASP A 211 -3.41 18.98 36.41
CA ASP A 211 -4.52 18.43 37.19
C ASP A 211 -5.70 18.08 36.31
N LEU A 212 -5.76 18.64 35.10
CA LEU A 212 -6.91 18.44 34.23
C LEU A 212 -6.75 17.21 33.34
N VAL A 213 -5.63 16.49 33.47
CA VAL A 213 -5.35 15.35 32.60
C VAL A 213 -6.26 14.18 32.94
N ASP A 214 -6.87 13.59 31.90
CA ASP A 214 -7.82 12.47 31.98
C ASP A 214 -9.03 12.81 32.84
N ALA A 215 -9.67 13.93 32.47
CA ALA A 215 -10.85 14.37 33.21
C ALA A 215 -12.09 13.60 32.79
N ALA A 216 -12.24 13.32 31.50
CA ALA A 216 -13.40 12.62 30.99
C ALA A 216 -13.02 11.83 29.74
N LEU A 217 -14.03 11.23 29.13
CA LEU A 217 -13.91 10.37 27.97
C LEU A 217 -14.53 11.04 26.74
N PRO A 218 -14.19 10.59 25.53
CA PRO A 218 -14.91 11.08 24.35
C PRO A 218 -16.35 10.56 24.33
N GLY A 219 -17.25 11.41 23.88
CA GLY A 219 -18.66 11.11 23.96
C GLY A 219 -19.31 11.46 25.28
N ASP A 220 -18.59 12.14 26.16
CA ASP A 220 -19.10 12.55 27.46
C ASP A 220 -19.27 14.06 27.47
N ARG A 221 -20.41 14.51 27.97
CA ARG A 221 -20.73 15.94 28.00
C ARG A 221 -20.17 16.56 29.28
N VAL A 222 -19.32 17.58 29.11
CA VAL A 222 -18.68 18.25 30.23
C VAL A 222 -18.94 19.74 30.13
N LEU A 223 -18.84 20.43 31.27
CA LEU A 223 -18.98 21.87 31.37
C LEU A 223 -17.66 22.46 31.85
N VAL A 224 -16.96 23.16 30.96
CA VAL A 224 -15.62 23.65 31.25
C VAL A 224 -15.68 25.15 31.51
N THR A 225 -14.77 25.62 32.37
CA THR A 225 -14.53 27.04 32.58
C THR A 225 -13.04 27.27 32.34
N GLY A 226 -12.72 28.16 31.41
CA GLY A 226 -11.32 28.36 31.11
C GLY A 226 -11.06 29.63 30.34
N VAL A 227 -9.77 29.96 30.24
CA VAL A 227 -9.31 31.12 29.50
C VAL A 227 -9.14 30.72 28.04
N LEU A 228 -9.84 31.41 27.14
CA LEU A 228 -9.74 31.12 25.71
C LEU A 228 -8.46 31.75 25.17
N ARG A 229 -7.38 30.97 25.19
CA ARG A 229 -6.09 31.43 24.70
C ARG A 229 -6.05 31.37 23.17
N VAL A 230 -4.96 31.83 22.59
CA VAL A 230 -4.84 31.84 21.14
C VAL A 230 -3.40 31.52 20.74
N ILE A 231 -3.19 31.05 19.52
CA ILE A 231 -1.84 30.65 19.12
C ILE A 231 -1.59 30.78 17.63
N LEU A 232 -0.32 30.84 17.24
CA LEU A 232 0.04 30.89 15.82
C LEU A 232 -0.50 32.11 15.12
N GLU A 233 -0.22 33.29 15.68
CA GLU A 233 -0.74 34.53 15.10
C GLU A 233 0.21 35.05 14.02
N GLN A 234 0.46 34.23 13.01
CA GLN A 234 1.34 34.64 11.92
C GLN A 234 0.75 35.87 11.22
N ARG A 235 1.61 36.77 10.76
CA ARG A 235 1.13 37.95 10.07
C ARG A 235 0.42 37.55 8.78
N GLU A 236 1.10 36.77 7.94
CA GLU A 236 0.50 36.35 6.69
C GLU A 236 0.58 34.84 6.54
N LYS A 237 1.69 34.24 6.94
CA LYS A 237 1.81 32.79 6.89
C LYS A 237 0.53 32.12 7.32
N ARG A 238 0.00 32.52 8.47
CA ARG A 238 -1.22 31.93 9.00
C ARG A 238 -2.02 32.93 9.81
N PRO A 239 -3.32 33.07 9.50
CA PRO A 239 -4.16 34.04 10.22
C PRO A 239 -4.68 33.51 11.55
N ILE A 240 -3.83 33.43 12.56
CA ILE A 240 -4.25 32.96 13.88
C ILE A 240 -5.33 31.90 13.77
N PHE A 241 -5.11 30.91 12.91
CA PHE A 241 -6.10 29.86 12.71
C PHE A 241 -6.39 29.05 13.96
N LYS A 242 -5.39 28.86 14.81
CA LYS A 242 -5.58 27.99 15.99
C LYS A 242 -6.07 28.69 17.24
N LYS A 243 -7.05 28.10 17.92
CA LYS A 243 -7.56 28.65 19.16
C LYS A 243 -7.41 27.63 20.28
N ILE A 244 -7.14 28.09 21.49
CA ILE A 244 -6.90 27.16 22.59
C ILE A 244 -7.69 27.49 23.85
N LEU A 245 -8.58 26.59 24.26
CA LEU A 245 -9.31 26.81 25.51
C LEU A 245 -8.47 26.22 26.64
N GLU A 246 -7.73 27.07 27.33
CA GLU A 246 -6.92 26.67 28.47
C GLU A 246 -7.89 26.36 29.62
N VAL A 247 -8.23 25.09 29.75
CA VAL A 247 -9.27 24.66 30.67
C VAL A 247 -8.78 24.77 32.11
N ASN A 248 -9.48 25.58 32.90
CA ASN A 248 -9.14 25.77 34.31
C ASN A 248 -9.88 24.78 35.20
N HIS A 249 -11.21 24.81 35.19
CA HIS A 249 -12.04 23.91 36.00
C HIS A 249 -12.98 23.15 35.09
N ILE A 250 -13.12 21.86 35.34
CA ILE A 250 -14.01 20.99 34.56
C ILE A 250 -15.01 20.34 35.52
N GLU A 251 -16.21 20.09 35.00
CA GLU A 251 -17.24 19.37 35.74
C GLU A 251 -18.13 18.66 34.73
N GLN A 252 -19.24 18.11 35.19
CA GLN A 252 -20.19 17.47 34.27
C GLN A 252 -21.51 18.24 34.27
N LEU A 253 -21.97 18.63 33.10
CA LEU A 253 -23.22 19.40 33.00
C LEU A 253 -24.43 18.50 32.82
N SER A 254 -24.29 17.23 33.15
CA SER A 254 -25.42 16.31 33.07
C SER A 254 -26.32 16.54 34.27
N LYS A 255 -25.97 17.53 35.09
CA LYS A 255 -26.73 17.82 36.28
C LYS A 255 -28.01 18.59 35.98
N GLU A 256 -29.03 17.91 35.46
CA GLU A 256 -30.31 18.55 35.17
C GLU A 256 -30.25 19.52 33.99
N ILE A 257 -29.17 20.30 33.92
CA ILE A 257 -29.03 21.27 32.84
C ILE A 257 -29.15 20.56 31.49
N GLU A 258 -28.59 19.36 31.40
CA GLU A 258 -28.69 18.59 30.15
C GLU A 258 -30.12 18.13 29.90
N GLU A 259 -30.88 17.88 30.96
CA GLU A 259 -32.26 17.42 30.82
C GLU A 259 -33.12 18.48 30.13
N LEU A 260 -34.32 18.09 29.71
CA LEU A 260 -35.16 19.03 28.98
C LEU A 260 -35.92 19.96 29.93
N GLU A 261 -36.65 20.89 29.32
CA GLU A 261 -37.22 22.03 30.05
C GLU A 261 -38.68 21.80 30.41
N ILE A 262 -39.02 20.57 30.81
CA ILE A 262 -40.39 20.10 31.07
C ILE A 262 -41.09 20.96 32.12
N SER A 263 -42.14 21.65 31.70
CA SER A 263 -42.77 22.65 32.56
C SER A 263 -43.83 22.00 33.44
N PRO A 264 -44.09 22.53 34.65
CA PRO A 264 -45.19 21.99 35.46
C PRO A 264 -46.56 22.26 34.88
N GLU A 265 -46.71 23.33 34.09
CA GLU A 265 -47.94 23.54 33.34
C GLU A 265 -48.11 22.49 32.25
N ASP A 266 -47.02 22.16 31.56
CA ASP A 266 -47.08 21.14 30.52
C ASP A 266 -47.12 19.73 31.12
N GLU A 267 -46.68 19.57 32.36
CA GLU A 267 -46.70 18.25 33.00
C GLU A 267 -48.12 17.80 33.28
N GLN A 268 -49.02 18.74 33.56
CA GLN A 268 -50.44 18.41 33.69
C GLN A 268 -51.04 18.10 32.33
N LYS A 269 -50.49 18.67 31.27
CA LYS A 269 -50.95 18.35 29.92
C LYS A 269 -50.43 16.99 29.47
N ILE A 270 -49.29 16.57 30.02
CA ILE A 270 -48.74 15.24 29.69
C ILE A 270 -49.58 14.16 30.36
N ARG A 271 -49.94 14.38 31.63
CA ARG A 271 -50.75 13.39 32.34
C ARG A 271 -52.20 13.40 31.86
N GLU A 272 -52.62 14.49 31.21
CA GLU A 272 -53.96 14.53 30.63
C GLU A 272 -54.04 13.66 29.39
N LEU A 273 -52.90 13.45 28.72
CA LEU A 273 -52.88 12.59 27.54
C LEU A 273 -52.98 11.12 27.93
N ALA A 274 -52.51 10.77 29.13
CA ALA A 274 -52.57 9.40 29.64
C ALA A 274 -54.01 9.00 29.94
N LYS A 275 -54.80 9.95 30.46
CA LYS A 275 -56.20 9.70 30.75
C LYS A 275 -57.04 9.74 29.48
N ARG A 276 -56.49 10.32 28.42
CA ARG A 276 -57.21 10.45 27.16
C ARG A 276 -57.32 9.10 26.47
N LYS A 277 -58.52 8.79 25.97
CA LYS A 277 -58.78 7.56 25.25
C LYS A 277 -58.04 7.60 23.90
N ASP A 278 -57.70 6.39 23.40
CA ASP A 278 -56.87 6.08 22.23
C ASP A 278 -55.65 6.99 22.10
N ILE A 279 -54.88 7.09 23.19
CA ILE A 279 -53.62 7.83 23.16
C ILE A 279 -52.58 7.07 22.32
N VAL A 280 -52.69 5.75 22.26
CA VAL A 280 -51.81 4.95 21.40
C VAL A 280 -52.12 5.24 19.94
N ASP A 281 -53.40 5.37 19.60
CA ASP A 281 -53.77 5.75 18.24
C ASP A 281 -53.46 7.22 17.97
N ALA A 282 -53.47 8.04 19.02
CA ALA A 282 -53.19 9.47 18.84
C ALA A 282 -51.71 9.72 18.62
N ILE A 283 -50.85 8.93 19.28
CA ILE A 283 -49.40 9.09 19.13
C ILE A 283 -48.95 8.64 17.75
N VAL A 284 -49.53 7.55 17.24
CA VAL A 284 -49.19 7.03 15.91
C VAL A 284 -49.61 8.02 14.83
N ASP A 285 -50.77 8.65 14.98
CA ASP A 285 -51.20 9.66 14.02
C ASP A 285 -50.39 10.95 14.18
N SER A 286 -49.86 11.21 15.38
CA SER A 286 -49.06 12.42 15.57
C SER A 286 -47.65 12.26 15.03
N ILE A 287 -47.09 11.06 15.09
CA ILE A 287 -45.75 10.82 14.57
C ILE A 287 -45.83 10.76 13.05
N ALA A 288 -45.26 11.77 12.38
CA ALA A 288 -45.19 11.96 10.93
C ALA A 288 -46.56 11.88 10.26
N PRO A 289 -47.43 12.90 10.43
CA PRO A 289 -48.73 12.84 9.73
C PRO A 289 -48.66 13.29 8.29
N ALA A 290 -47.50 13.79 7.83
CA ALA A 290 -47.38 14.21 6.44
C ALA A 290 -47.34 13.02 5.49
N ILE A 291 -46.66 11.95 5.89
CA ILE A 291 -46.59 10.73 5.08
C ILE A 291 -47.78 9.84 5.48
N TRP A 292 -48.57 9.43 4.49
CA TRP A 292 -49.76 8.64 4.75
C TRP A 292 -49.41 7.15 4.75
N GLY A 293 -50.10 6.41 5.61
CA GLY A 293 -49.93 4.97 5.65
C GLY A 293 -48.82 4.55 6.58
N HIS A 294 -48.40 3.28 6.42
CA HIS A 294 -47.36 2.62 7.22
C HIS A 294 -47.66 2.68 8.71
N ARG A 295 -48.88 2.32 9.09
CA ARG A 295 -49.30 2.39 10.49
C ARG A 295 -48.60 1.32 11.32
N ILE A 296 -48.28 0.18 10.70
CA ILE A 296 -47.50 -0.85 11.38
C ILE A 296 -46.06 -0.36 11.58
N VAL A 297 -45.55 0.39 10.61
CA VAL A 297 -44.22 0.98 10.75
C VAL A 297 -44.27 2.13 11.75
N LYS A 298 -45.36 2.88 11.76
CA LYS A 298 -45.50 3.99 12.70
C LYS A 298 -45.68 3.50 14.12
N LYS A 299 -46.28 2.32 14.29
CA LYS A 299 -46.41 1.74 15.62
C LYS A 299 -45.06 1.22 16.12
N GLY A 300 -44.28 0.60 15.24
CA GLY A 300 -42.98 0.09 15.64
C GLY A 300 -41.96 1.19 15.88
N ILE A 301 -42.10 2.30 15.16
CA ILE A 301 -41.26 3.47 15.43
C ILE A 301 -41.63 4.09 16.77
N ALA A 302 -42.93 4.18 17.06
CA ALA A 302 -43.40 4.68 18.35
C ALA A 302 -43.02 3.72 19.48
N LEU A 303 -43.02 2.42 19.21
CA LEU A 303 -42.56 1.46 20.21
C LEU A 303 -41.05 1.50 20.38
N ALA A 304 -40.33 2.00 19.38
CA ALA A 304 -38.88 2.16 19.51
C ALA A 304 -38.52 3.50 20.11
N LEU A 305 -39.43 4.48 20.04
CA LEU A 305 -39.17 5.78 20.65
C LEU A 305 -39.22 5.68 22.17
N PHE A 306 -40.15 4.90 22.70
CA PHE A 306 -40.13 4.52 24.10
C PHE A 306 -39.28 3.27 24.27
N GLY A 307 -39.00 2.92 25.52
CA GLY A 307 -38.12 1.80 25.82
C GLY A 307 -38.58 1.01 27.01
N GLY A 308 -37.85 -0.06 27.29
CA GLY A 308 -38.10 -0.90 28.44
C GLY A 308 -37.13 -0.61 29.56
N VAL A 309 -37.43 -1.14 30.74
CA VAL A 309 -36.56 -0.92 31.90
C VAL A 309 -35.31 -1.77 31.77
N GLN A 310 -34.16 -1.12 31.90
CA GLN A 310 -32.86 -1.79 31.80
C GLN A 310 -32.61 -2.52 33.12
N ARG A 311 -33.03 -3.78 33.20
CA ARG A 311 -32.85 -4.57 34.41
C ARG A 311 -31.39 -4.99 34.54
N THR A 312 -30.87 -4.93 35.76
CA THR A 312 -29.48 -5.26 36.05
C THR A 312 -29.40 -6.63 36.71
N LEU A 313 -28.50 -7.47 36.19
CA LEU A 313 -28.30 -8.80 36.73
C LEU A 313 -26.93 -8.88 37.42
N PRO A 314 -26.83 -9.61 38.53
CA PRO A 314 -25.53 -9.74 39.20
C PRO A 314 -24.58 -10.72 38.53
N ASP A 315 -25.02 -11.43 37.49
CA ASP A 315 -24.21 -12.42 36.80
C ASP A 315 -23.08 -11.81 35.97
N GLY A 316 -23.14 -10.52 35.69
CA GLY A 316 -22.10 -9.84 34.92
C GLY A 316 -22.57 -9.18 33.65
N THR A 317 -23.86 -9.21 33.35
CA THR A 317 -24.42 -8.55 32.18
C THR A 317 -25.57 -7.65 32.62
N LYS A 318 -25.99 -6.78 31.70
CA LYS A 318 -27.10 -5.86 31.92
C LYS A 318 -28.08 -6.01 30.77
N LEU A 319 -29.36 -6.22 31.10
CA LEU A 319 -30.38 -6.34 30.07
C LEU A 319 -30.66 -4.98 29.44
N ARG A 320 -30.57 -4.92 28.12
CA ARG A 320 -30.77 -3.67 27.41
C ARG A 320 -32.26 -3.35 27.29
N GLY A 321 -32.55 -2.08 27.05
CA GLY A 321 -33.91 -1.63 26.87
C GLY A 321 -34.08 -0.89 25.56
N GLU A 322 -33.08 -0.99 24.69
CA GLU A 322 -33.09 -0.31 23.41
C GLU A 322 -33.64 -1.24 22.34
N SER A 323 -34.64 -0.77 21.60
CA SER A 323 -35.28 -1.54 20.54
C SER A 323 -34.84 -0.95 19.20
N HIS A 324 -33.80 -1.53 18.61
CA HIS A 324 -33.28 -1.08 17.33
C HIS A 324 -34.23 -1.51 16.22
N VAL A 325 -34.61 -0.57 15.36
CA VAL A 325 -35.52 -0.84 14.26
C VAL A 325 -34.84 -0.40 12.96
N LEU A 326 -34.67 -1.36 12.04
CA LEU A 326 -34.09 -1.08 10.73
C LEU A 326 -35.20 -1.09 9.70
N LEU A 327 -35.26 -0.04 8.89
CA LEU A 327 -36.30 0.13 7.87
C LEU A 327 -35.66 -0.18 6.52
N VAL A 328 -35.87 -1.39 6.03
CA VAL A 328 -35.26 -1.81 4.76
C VAL A 328 -35.91 -1.08 3.59
N GLY A 329 -37.21 -1.31 3.38
CA GLY A 329 -37.97 -0.52 2.44
C GLY A 329 -37.62 -0.75 1.00
N ASP A 330 -37.73 0.32 0.20
CA ASP A 330 -37.49 0.31 -1.23
C ASP A 330 -36.80 1.61 -1.63
N PRO A 331 -35.92 1.60 -2.62
CA PRO A 331 -35.38 2.87 -3.11
C PRO A 331 -36.35 3.57 -4.05
N GLY A 332 -36.61 4.84 -3.76
CA GLY A 332 -37.62 5.58 -4.49
C GLY A 332 -38.85 5.93 -3.68
N VAL A 333 -39.10 5.22 -2.59
CA VAL A 333 -40.11 5.61 -1.60
C VAL A 333 -39.40 6.58 -0.66
N ALA A 334 -40.17 7.28 0.18
CA ALA A 334 -39.72 8.42 1.00
C ALA A 334 -38.57 7.99 1.91
N LYS A 335 -38.79 7.11 2.89
CA LYS A 335 -37.76 6.39 3.66
C LYS A 335 -36.90 7.28 4.55
N SER A 336 -37.07 8.60 4.47
CA SER A 336 -36.22 9.51 5.23
C SER A 336 -37.05 10.59 5.91
N GLN A 337 -38.28 10.81 5.43
CA GLN A 337 -39.20 11.70 6.13
C GLN A 337 -39.62 11.09 7.46
N LEU A 338 -39.69 9.77 7.52
CA LEU A 338 -39.84 9.09 8.81
C LEU A 338 -38.58 9.26 9.66
N LEU A 339 -37.42 9.38 9.03
CA LEU A 339 -36.19 9.59 9.78
C LEU A 339 -36.04 11.05 10.20
N ARG A 340 -36.49 11.98 9.34
CA ARG A 340 -36.28 13.40 9.62
C ARG A 340 -37.27 13.92 10.65
N TYR A 341 -38.50 13.39 10.64
CA TYR A 341 -39.50 13.87 11.59
C TYR A 341 -39.26 13.29 12.99
N VAL A 342 -38.73 12.08 13.06
CA VAL A 342 -38.43 11.47 14.36
C VAL A 342 -37.18 12.11 14.97
N ALA A 343 -36.21 12.47 14.13
CA ALA A 343 -35.02 13.17 14.62
C ALA A 343 -35.37 14.59 15.10
N ASN A 344 -36.44 15.16 14.55
CA ASN A 344 -36.97 16.41 15.10
C ASN A 344 -37.74 16.16 16.39
N LEU A 345 -38.21 14.93 16.59
CA LEU A 345 -39.06 14.58 17.73
C LEU A 345 -38.31 13.89 18.86
N ALA A 346 -37.34 13.03 18.55
CA ALA A 346 -36.66 12.27 19.59
C ALA A 346 -35.57 13.12 20.25
N PRO A 347 -35.40 12.98 21.58
CA PRO A 347 -34.31 13.67 22.25
C PRO A 347 -32.97 13.00 21.97
N ARG A 348 -31.92 13.83 21.92
CA ARG A 348 -30.53 13.46 21.62
C ARG A 348 -30.40 12.73 20.29
N ALA A 349 -31.22 13.07 19.30
CA ALA A 349 -31.18 12.39 18.01
C ALA A 349 -30.17 13.05 17.08
N ILE A 350 -29.33 12.23 16.47
CA ILE A 350 -28.33 12.69 15.52
C ILE A 350 -28.66 12.05 14.18
N TYR A 351 -29.21 12.84 13.26
CA TYR A 351 -29.57 12.34 11.94
C TYR A 351 -28.34 12.41 11.03
N THR A 352 -27.74 11.25 10.77
CA THR A 352 -26.57 11.15 9.90
C THR A 352 -26.87 10.18 8.76
N SER A 353 -25.89 10.01 7.88
CA SER A 353 -25.98 9.11 6.75
C SER A 353 -25.02 7.94 6.96
N GLY A 354 -25.01 7.03 5.98
CA GLY A 354 -24.06 5.93 6.01
C GLY A 354 -22.64 6.40 5.77
N LYS A 355 -22.45 7.34 4.86
CA LYS A 355 -21.18 8.02 4.67
C LYS A 355 -21.24 9.32 5.46
N SER A 356 -20.77 9.28 6.71
CA SER A 356 -20.92 10.41 7.61
C SER A 356 -19.87 11.49 7.42
N SER A 357 -19.01 11.36 6.40
CA SER A 357 -17.95 12.29 6.03
C SER A 357 -16.94 12.53 7.16
N SER A 358 -16.73 11.54 8.03
CA SER A 358 -15.79 11.64 9.11
C SER A 358 -14.85 10.43 9.08
N ALA A 359 -13.69 10.58 9.72
CA ALA A 359 -12.72 9.49 9.73
C ALA A 359 -13.11 8.39 10.71
N ALA A 360 -13.92 8.71 11.71
CA ALA A 360 -14.36 7.69 12.66
C ALA A 360 -15.58 6.95 12.15
N GLY A 361 -16.53 7.67 11.57
CA GLY A 361 -17.74 7.05 11.09
C GLY A 361 -18.80 6.95 12.18
N LEU A 362 -19.57 5.86 12.11
CA LEU A 362 -20.59 5.62 13.12
C LEU A 362 -20.00 5.15 14.44
N THR A 363 -18.91 4.38 14.38
CA THR A 363 -18.23 3.91 15.57
C THR A 363 -16.99 4.78 15.83
N ALA A 364 -16.20 4.39 16.81
CA ALA A 364 -15.01 5.15 17.20
C ALA A 364 -13.79 4.66 16.42
N ALA A 365 -12.80 5.55 16.31
CA ALA A 365 -11.55 5.23 15.61
C ALA A 365 -10.46 6.15 16.12
N ALA A 366 -9.22 5.68 16.00
CA ALA A 366 -8.04 6.43 16.40
C ALA A 366 -7.39 7.03 15.15
N VAL A 367 -7.37 8.36 15.08
CA VAL A 367 -6.92 9.08 13.90
C VAL A 367 -5.69 9.92 14.26
N ARG A 368 -5.09 10.51 13.23
CA ARG A 368 -3.95 11.39 13.42
C ARG A 368 -4.41 12.84 13.54
N ASP A 369 -3.83 13.55 14.49
CA ASP A 369 -4.20 14.93 14.75
C ASP A 369 -3.28 15.88 14.00
N GLU A 370 -3.86 16.99 13.52
CA GLU A 370 -3.09 18.01 12.82
C GLU A 370 -2.41 18.99 13.77
N PHE A 371 -2.92 19.12 15.00
CA PHE A 371 -2.34 20.06 15.95
C PHE A 371 -1.12 19.47 16.64
N THR A 372 -1.15 18.18 16.96
CA THR A 372 -0.04 17.49 17.60
C THR A 372 0.12 16.13 16.92
N GLY A 373 1.38 15.72 16.73
CA GLY A 373 1.68 14.46 16.07
C GLY A 373 1.30 13.19 16.80
N SER A 374 0.82 13.32 18.03
CA SER A 374 0.33 12.17 18.79
C SER A 374 -0.98 11.65 18.21
N TRP A 375 -1.32 10.42 18.57
CA TRP A 375 -2.55 9.80 18.09
C TRP A 375 -3.74 10.27 18.92
N VAL A 376 -4.87 10.44 18.24
CA VAL A 376 -6.07 11.00 18.84
C VAL A 376 -7.28 10.14 18.49
N LEU A 377 -8.00 9.73 19.53
CA LEU A 377 -9.19 8.89 19.41
C LEU A 377 -10.41 9.76 19.15
N GLU A 378 -11.13 9.47 18.07
CA GLU A 378 -12.35 10.18 17.71
C GLU A 378 -13.58 9.34 18.06
N ALA A 379 -14.60 10.00 18.60
CA ALA A 379 -15.86 9.38 18.95
C ALA A 379 -16.84 9.54 17.79
N GLY A 380 -17.53 8.46 17.44
CA GLY A 380 -18.42 8.45 16.31
C GLY A 380 -19.84 8.88 16.66
N VAL A 381 -20.77 8.55 15.76
CA VAL A 381 -22.17 8.93 15.95
C VAL A 381 -22.81 8.09 17.05
N LEU A 382 -22.37 6.83 17.19
CA LEU A 382 -22.92 5.96 18.22
C LEU A 382 -22.33 6.21 19.60
N VAL A 383 -21.41 7.17 19.73
CA VAL A 383 -20.84 7.53 21.02
C VAL A 383 -21.37 8.88 21.49
N LEU A 384 -21.53 9.85 20.58
CA LEU A 384 -22.04 11.16 20.96
C LEU A 384 -23.52 11.12 21.28
N ALA A 385 -24.26 10.17 20.70
CA ALA A 385 -25.69 10.04 20.93
C ALA A 385 -26.02 9.08 22.07
N ASP A 386 -25.11 8.90 23.02
CA ASP A 386 -25.31 7.96 24.11
C ASP A 386 -26.42 8.43 25.04
N GLY A 387 -27.34 7.52 25.36
CA GLY A 387 -28.53 7.88 26.10
C GLY A 387 -29.64 8.44 25.25
N GLY A 388 -29.50 8.40 23.92
CA GLY A 388 -30.51 8.94 23.04
C GLY A 388 -30.74 8.11 21.79
N PHE A 389 -30.78 8.76 20.63
CA PHE A 389 -31.10 8.09 19.38
C PHE A 389 -30.05 8.43 18.33
N ALA A 390 -29.83 7.49 17.41
CA ALA A 390 -28.88 7.66 16.31
C ALA A 390 -29.58 7.18 15.04
N LEU A 391 -30.24 8.11 14.35
CA LEU A 391 -30.98 7.79 13.14
C LEU A 391 -30.02 7.85 11.95
N ILE A 392 -29.77 6.71 11.32
CA ILE A 392 -28.79 6.59 10.25
C ILE A 392 -29.51 6.24 8.96
N ASP A 393 -29.29 7.03 7.92
CA ASP A 393 -29.79 6.73 6.60
C ASP A 393 -28.70 6.05 5.78
N GLU A 394 -29.13 5.23 4.80
CA GLU A 394 -28.26 4.43 3.92
C GLU A 394 -27.32 3.55 4.74
N PHE A 395 -27.93 2.67 5.54
CA PHE A 395 -27.17 1.83 6.48
C PHE A 395 -26.41 0.71 5.78
N ASP A 396 -26.76 0.39 4.54
CA ASP A 396 -26.06 -0.68 3.82
C ASP A 396 -24.68 -0.23 3.37
N LYS A 397 -24.51 1.06 3.10
CA LYS A 397 -23.21 1.62 2.69
C LYS A 397 -22.50 2.11 3.94
N MET A 398 -21.77 1.21 4.59
CA MET A 398 -21.11 1.49 5.84
C MET A 398 -19.67 0.97 5.78
N SER A 399 -18.79 1.62 6.54
CA SER A 399 -17.35 1.39 6.42
C SER A 399 -16.95 0.02 6.97
N ASP A 400 -15.75 -0.41 6.59
CA ASP A 400 -15.26 -1.75 6.94
C ASP A 400 -14.90 -1.82 8.42
N ARG A 401 -14.34 -0.75 8.97
CA ARG A 401 -14.08 -0.70 10.41
C ARG A 401 -15.39 -0.58 11.18
N ASP A 402 -16.36 0.15 10.61
CA ASP A 402 -17.67 0.29 11.26
C ASP A 402 -18.47 -1.01 11.17
N ARG A 403 -18.20 -1.83 10.16
CA ARG A 403 -18.90 -3.11 10.04
C ARG A 403 -18.43 -4.12 11.07
N SER A 404 -17.21 -3.95 11.59
CA SER A 404 -16.68 -4.89 12.58
C SER A 404 -17.14 -4.53 13.99
N ALA A 405 -17.29 -3.24 14.29
CA ALA A 405 -17.66 -2.78 15.62
C ALA A 405 -19.16 -2.56 15.78
N ILE A 406 -19.97 -2.90 14.77
CA ILE A 406 -21.41 -2.68 14.86
C ILE A 406 -22.07 -3.81 15.66
N HIS A 407 -21.37 -4.94 15.82
CA HIS A 407 -21.95 -6.05 16.57
C HIS A 407 -21.83 -5.81 18.07
N GLU A 408 -20.70 -5.26 18.51
CA GLU A 408 -20.52 -4.98 19.93
C GLU A 408 -21.31 -3.75 20.36
N ALA A 409 -21.55 -2.82 19.43
CA ALA A 409 -22.23 -1.59 19.80
C ALA A 409 -23.73 -1.78 19.98
N LEU A 410 -24.30 -2.83 19.36
CA LEU A 410 -25.74 -3.05 19.44
C LEU A 410 -26.12 -4.15 20.43
N GLU A 411 -25.20 -5.06 20.79
CA GLU A 411 -25.48 -6.02 21.85
C GLU A 411 -24.96 -5.54 23.20
N GLN A 412 -23.65 -5.34 23.31
CA GLN A 412 -23.04 -4.98 24.58
C GLN A 412 -23.09 -3.49 24.87
N GLN A 413 -23.57 -2.69 23.91
CA GLN A 413 -23.69 -1.23 23.99
C GLN A 413 -22.34 -0.56 24.30
N THR A 414 -21.26 -1.12 23.78
CA THR A 414 -19.92 -0.59 23.97
C THR A 414 -19.15 -0.72 22.65
N ILE A 415 -18.18 0.18 22.46
CA ILE A 415 -17.30 0.16 21.30
C ILE A 415 -15.88 0.08 21.84
N SER A 416 -15.27 -1.11 21.73
CA SER A 416 -13.93 -1.35 22.24
C SER A 416 -12.94 -1.22 21.09
N ILE A 417 -12.15 -0.15 21.10
CA ILE A 417 -11.15 0.14 20.09
C ILE A 417 -9.79 0.27 20.79
N SER A 418 -8.77 -0.39 20.25
CA SER A 418 -7.45 -0.41 20.86
C SER A 418 -6.43 0.15 19.88
N LYS A 419 -5.61 1.07 20.36
CA LYS A 419 -4.55 1.68 19.58
C LYS A 419 -3.26 1.69 20.40
N ALA A 420 -2.22 2.31 19.83
CA ALA A 420 -0.95 2.44 20.53
C ALA A 420 -1.05 3.50 21.61
N GLY A 421 -1.19 3.06 22.86
CA GLY A 421 -1.36 3.99 23.97
C GLY A 421 -2.76 4.53 24.13
N ILE A 422 -3.72 4.05 23.33
CA ILE A 422 -5.11 4.46 23.41
C ILE A 422 -5.97 3.21 23.52
N THR A 423 -6.68 3.09 24.63
CA THR A 423 -7.60 1.97 24.87
C THR A 423 -8.86 2.53 25.50
N ALA A 424 -10.01 2.15 24.96
CA ALA A 424 -11.28 2.69 25.44
C ALA A 424 -12.37 1.64 25.32
N THR A 425 -13.42 1.84 26.13
CA THR A 425 -14.63 1.02 26.15
C THR A 425 -15.84 1.94 26.16
N LEU A 426 -15.89 2.85 25.19
CA LEU A 426 -16.90 3.89 25.12
C LEU A 426 -18.30 3.31 24.94
N ASN A 427 -19.23 3.79 25.75
CA ASN A 427 -20.59 3.23 25.79
C ASN A 427 -21.36 3.63 24.55
N SER A 428 -22.20 2.72 24.07
CA SER A 428 -23.01 2.91 22.87
C SER A 428 -24.47 2.58 23.12
N ARG A 429 -25.03 3.12 24.21
CA ARG A 429 -26.43 2.87 24.57
C ARG A 429 -27.33 3.79 23.77
N THR A 430 -27.41 3.51 22.47
CA THR A 430 -28.15 4.32 21.51
C THR A 430 -29.21 3.46 20.85
N THR A 431 -30.45 3.93 20.85
CA THR A 431 -31.50 3.27 20.09
C THR A 431 -31.35 3.64 18.62
N VAL A 432 -30.96 2.67 17.80
CA VAL A 432 -30.60 2.90 16.41
C VAL A 432 -31.85 2.72 15.56
N ILE A 433 -32.29 3.80 14.92
CA ILE A 433 -33.34 3.73 13.91
C ILE A 433 -32.69 3.87 12.55
N ALA A 434 -32.33 2.74 11.96
CA ALA A 434 -31.53 2.72 10.73
C ALA A 434 -32.43 2.51 9.51
N ALA A 435 -31.85 2.77 8.34
CA ALA A 435 -32.56 2.58 7.07
C ALA A 435 -31.53 2.17 6.03
N ALA A 436 -31.69 0.97 5.47
CA ALA A 436 -30.73 0.42 4.52
C ALA A 436 -31.44 0.09 3.22
N ASN A 437 -31.00 0.70 2.13
CA ASN A 437 -31.54 0.38 0.82
C ASN A 437 -31.05 -1.00 0.37
N PRO A 438 -31.87 -1.73 -0.38
CA PRO A 438 -31.39 -2.98 -0.98
C PRO A 438 -30.42 -2.70 -2.11
N LYS A 439 -29.54 -3.69 -2.36
CA LYS A 439 -28.51 -3.51 -3.38
C LYS A 439 -29.09 -3.61 -4.79
N PHE A 440 -30.20 -4.30 -4.96
CA PHE A 440 -30.83 -4.44 -6.26
C PHE A 440 -31.76 -3.26 -6.53
N GLY A 441 -32.56 -3.38 -7.59
CA GLY A 441 -33.47 -2.30 -7.95
C GLY A 441 -34.65 -2.18 -7.01
N ARG A 442 -35.23 -3.32 -6.63
CA ARG A 442 -36.35 -3.34 -5.72
C ARG A 442 -36.34 -4.64 -4.93
N PHE A 443 -37.12 -4.67 -3.86
CA PHE A 443 -37.22 -5.87 -3.03
C PHE A 443 -38.07 -6.93 -3.74
N ASN A 444 -37.58 -8.16 -3.72
CA ASN A 444 -38.26 -9.29 -4.35
C ASN A 444 -38.91 -10.16 -3.29
N ARG A 445 -40.19 -10.47 -3.48
CA ARG A 445 -40.90 -11.30 -2.52
C ARG A 445 -40.53 -12.77 -2.63
N HIS A 446 -39.98 -13.20 -3.76
CA HIS A 446 -39.56 -14.57 -3.96
C HIS A 446 -38.16 -14.86 -3.44
N LYS A 447 -37.48 -13.86 -2.88
CA LYS A 447 -36.16 -14.03 -2.31
C LYS A 447 -36.17 -13.61 -0.85
N SER A 448 -35.17 -14.07 -0.11
CA SER A 448 -35.09 -13.75 1.31
C SER A 448 -34.60 -12.32 1.50
N LEU A 449 -34.74 -11.82 2.73
CA LEU A 449 -34.36 -10.46 3.09
C LEU A 449 -32.84 -10.22 3.15
N PRO A 450 -31.99 -11.06 3.78
CA PRO A 450 -30.56 -10.74 3.75
C PRO A 450 -29.88 -11.05 2.42
N GLU A 451 -30.53 -11.82 1.54
CA GLU A 451 -29.98 -12.06 0.21
C GLU A 451 -30.11 -10.85 -0.70
N GLN A 452 -30.96 -9.88 -0.36
CA GLN A 452 -31.10 -8.65 -1.12
C GLN A 452 -30.55 -7.44 -0.36
N LEU A 453 -29.76 -7.68 0.67
CA LEU A 453 -29.23 -6.61 1.50
C LEU A 453 -27.73 -6.77 1.67
N ASP A 454 -27.03 -5.63 1.74
CA ASP A 454 -25.58 -5.65 1.90
C ASP A 454 -25.15 -5.83 3.35
N LEU A 455 -26.09 -5.84 4.28
CA LEU A 455 -25.75 -5.99 5.70
C LEU A 455 -25.42 -7.45 6.00
N PRO A 456 -24.56 -7.70 6.99
CA PRO A 456 -24.27 -9.09 7.40
C PRO A 456 -25.48 -9.72 8.08
N PRO A 457 -25.56 -11.05 8.10
CA PRO A 457 -26.70 -11.71 8.77
C PRO A 457 -26.71 -11.52 10.27
N THR A 458 -25.54 -11.43 10.91
CA THR A 458 -25.50 -11.23 12.36
C THR A 458 -25.97 -9.83 12.74
N LEU A 459 -25.80 -8.86 11.84
CA LEU A 459 -26.24 -7.50 12.12
C LEU A 459 -27.76 -7.39 12.04
N LEU A 460 -28.39 -8.18 11.16
CA LEU A 460 -29.85 -8.12 11.01
C LEU A 460 -30.57 -8.67 12.23
N SER A 461 -29.96 -9.63 12.93
CA SER A 461 -30.57 -10.19 14.12
C SER A 461 -30.45 -9.25 15.32
N ARG A 462 -29.61 -8.22 15.22
CA ARG A 462 -29.50 -7.25 16.30
C ARG A 462 -30.71 -6.33 16.38
N PHE A 463 -31.41 -6.10 15.27
CA PHE A 463 -32.58 -5.23 15.27
C PHE A 463 -33.80 -5.99 15.75
N ASP A 464 -34.65 -5.31 16.52
CA ASP A 464 -35.84 -5.95 17.05
C ASP A 464 -36.94 -6.05 15.99
N LEU A 465 -37.25 -4.94 15.32
CA LEU A 465 -38.31 -4.88 14.33
C LEU A 465 -37.75 -4.49 12.97
N ILE A 466 -38.19 -5.20 11.93
CA ILE A 466 -37.84 -4.88 10.55
C ILE A 466 -39.14 -4.65 9.78
N PHE A 467 -39.23 -3.52 9.10
CA PHE A 467 -40.42 -3.18 8.35
C PHE A 467 -40.09 -3.02 6.87
N LEU A 468 -40.92 -3.64 6.03
CA LEU A 468 -40.76 -3.61 4.58
C LEU A 468 -41.65 -2.49 4.05
N LEU A 469 -41.03 -1.34 3.80
CA LEU A 469 -41.74 -0.17 3.29
C LEU A 469 -41.85 -0.27 1.77
N LEU A 470 -42.67 -1.21 1.32
CA LEU A 470 -42.85 -1.46 -0.09
C LEU A 470 -44.04 -0.67 -0.63
N ASP A 471 -43.88 -0.15 -1.84
CA ASP A 471 -44.93 0.58 -2.51
C ASP A 471 -46.07 -0.34 -2.94
N GLU A 472 -47.16 0.28 -3.42
CA GLU A 472 -48.32 -0.48 -3.84
C GLU A 472 -48.02 -1.21 -5.14
N PRO A 473 -48.28 -2.52 -5.23
CA PRO A 473 -48.00 -3.26 -6.46
C PRO A 473 -49.00 -3.00 -7.57
N ASP A 474 -50.13 -2.37 -7.28
CA ASP A 474 -51.13 -2.07 -8.30
C ASP A 474 -51.87 -0.80 -7.91
N GLU A 475 -52.73 -0.34 -8.82
CA GLU A 475 -53.52 0.87 -8.60
C GLU A 475 -54.85 0.49 -7.94
N LYS A 476 -54.74 -0.02 -6.73
CA LYS A 476 -55.90 -0.46 -5.96
C LYS A 476 -56.49 0.73 -5.20
N VAL A 477 -57.37 0.44 -4.23
CA VAL A 477 -57.99 1.49 -3.44
C VAL A 477 -57.02 2.10 -2.44
N ASP A 478 -55.92 1.40 -2.13
CA ASP A 478 -54.89 1.96 -1.26
C ASP A 478 -54.12 3.07 -1.97
N ALA A 479 -53.95 2.95 -3.29
CA ALA A 479 -53.25 3.99 -4.04
C ALA A 479 -54.16 5.16 -4.34
N SER A 480 -55.48 4.95 -4.31
CA SER A 480 -56.41 6.02 -4.65
C SER A 480 -56.53 7.03 -3.51
N ILE A 481 -56.61 6.55 -2.27
CA ILE A 481 -56.70 7.46 -1.13
C ILE A 481 -55.33 7.99 -0.76
N ALA A 482 -54.26 7.39 -1.29
CA ALA A 482 -52.93 7.98 -1.14
C ALA A 482 -52.75 9.20 -2.02
N GLU A 483 -53.58 9.33 -3.05
CA GLU A 483 -53.53 10.52 -3.90
C GLU A 483 -54.28 11.68 -3.27
N HIS A 484 -55.40 11.39 -2.59
CA HIS A 484 -56.27 12.45 -2.06
C HIS A 484 -55.61 13.16 -0.89
N ILE A 485 -54.80 12.45 -0.11
CA ILE A 485 -54.11 13.07 1.01
C ILE A 485 -52.98 13.97 0.52
N LEU A 486 -52.39 13.65 -0.64
CA LEU A 486 -51.28 14.46 -1.15
C LEU A 486 -51.79 15.76 -1.76
N LYS A 487 -52.99 15.76 -2.33
CA LYS A 487 -53.58 16.99 -2.84
C LYS A 487 -53.97 17.91 -1.69
N VAL A 488 -54.41 17.33 -0.58
CA VAL A 488 -54.72 18.12 0.62
C VAL A 488 -53.43 18.66 1.23
N ARG A 489 -52.36 17.86 1.19
CA ARG A 489 -51.08 18.27 1.79
C ARG A 489 -50.43 19.39 1.01
N ARG A 490 -50.45 19.32 -0.32
CA ARG A 490 -49.78 20.34 -1.12
C ARG A 490 -50.69 21.53 -1.39
N GLY A 491 -51.95 21.29 -1.71
CA GLY A 491 -52.83 22.36 -2.16
C GLY A 491 -53.67 23.01 -1.08
N GLU A 492 -53.95 22.29 0.00
CA GLU A 492 -54.82 22.80 1.06
C GLU A 492 -54.09 22.99 2.38
N ALA A 493 -53.24 22.04 2.77
CA ALA A 493 -52.50 22.02 4.04
C ALA A 493 -53.43 22.16 5.25
N GLU A 494 -54.41 21.27 5.32
CA GLU A 494 -55.38 21.27 6.41
C GLU A 494 -55.49 19.96 7.17
N ALA A 495 -55.03 18.84 6.59
CA ALA A 495 -55.04 17.55 7.27
C ALA A 495 -53.63 17.04 7.51
N VAL A 496 -52.66 17.94 7.61
CA VAL A 496 -51.28 17.60 7.91
C VAL A 496 -50.92 18.00 9.33
N THR A 497 -51.86 18.56 10.07
CA THR A 497 -51.58 18.88 11.47
C THR A 497 -51.77 17.65 12.33
N PRO A 498 -50.89 17.42 13.31
CA PRO A 498 -51.03 16.22 14.14
C PRO A 498 -52.02 16.45 15.28
N LYS A 499 -52.47 15.34 15.88
CA LYS A 499 -53.33 15.43 17.05
C LYS A 499 -52.56 15.93 18.27
N ILE A 500 -51.28 15.59 18.35
CA ILE A 500 -50.38 16.09 19.39
C ILE A 500 -49.24 16.82 18.68
N PRO A 501 -48.97 18.08 19.00
CA PRO A 501 -47.93 18.83 18.29
C PRO A 501 -46.53 18.33 18.62
N TYR A 502 -45.55 18.80 17.84
CA TYR A 502 -44.20 18.25 17.90
C TYR A 502 -43.49 18.64 19.19
N ASP A 503 -43.72 19.85 19.68
CA ASP A 503 -43.08 20.28 20.92
C ASP A 503 -43.72 19.60 22.13
N LEU A 504 -45.02 19.30 22.06
CA LEU A 504 -45.68 18.63 23.17
C LEU A 504 -45.37 17.15 23.18
N LEU A 505 -45.24 16.53 22.00
CA LEU A 505 -44.93 15.11 21.94
C LEU A 505 -43.46 14.84 22.27
N LYS A 506 -42.58 15.81 22.01
CA LYS A 506 -41.19 15.66 22.42
C LYS A 506 -41.05 15.69 23.93
N LYS A 507 -41.87 16.50 24.60
CA LYS A 507 -41.89 16.50 26.06
C LYS A 507 -42.59 15.26 26.61
N TYR A 508 -43.41 14.61 25.77
CA TYR A 508 -44.13 13.42 26.22
C TYR A 508 -43.23 12.19 26.24
N ILE A 509 -42.35 12.06 25.25
CA ILE A 509 -41.49 10.88 25.16
C ILE A 509 -40.39 10.95 26.23
N ALA A 510 -39.84 12.14 26.47
CA ALA A 510 -38.77 12.27 27.44
C ALA A 510 -39.28 12.16 28.87
N TYR A 511 -40.56 12.48 29.09
CA TYR A 511 -41.14 12.31 30.42
C TYR A 511 -41.37 10.83 30.73
N ALA A 512 -41.72 10.05 29.72
CA ALA A 512 -41.97 8.63 29.95
C ALA A 512 -40.68 7.84 30.10
N ARG A 513 -39.64 8.21 29.35
CA ARG A 513 -38.38 7.48 29.43
C ARG A 513 -37.61 7.80 30.69
N LYS A 514 -37.92 8.92 31.35
CA LYS A 514 -37.22 9.31 32.57
C LYS A 514 -37.95 8.89 33.83
N ASN A 515 -39.27 9.04 33.86
CA ASN A 515 -40.06 8.80 35.06
C ASN A 515 -40.77 7.45 35.05
N VAL A 516 -41.42 7.11 33.94
CA VAL A 516 -42.23 5.89 33.87
C VAL A 516 -41.31 4.69 33.67
N HIS A 517 -41.38 3.73 34.60
CA HIS A 517 -40.63 2.48 34.51
C HIS A 517 -41.60 1.34 34.82
N PRO A 518 -42.22 0.75 33.81
CA PRO A 518 -43.26 -0.25 34.06
C PRO A 518 -42.66 -1.61 34.43
N VAL A 519 -43.52 -2.46 35.00
CA VAL A 519 -43.15 -3.80 35.41
C VAL A 519 -44.21 -4.76 34.87
N LEU A 520 -43.76 -5.95 34.46
CA LEU A 520 -44.68 -6.95 33.92
C LEU A 520 -45.55 -7.53 35.02
N SER A 521 -46.80 -7.80 34.69
CA SER A 521 -47.75 -8.42 35.60
C SER A 521 -47.85 -9.92 35.33
N ARG A 522 -48.63 -10.61 36.17
CA ARG A 522 -48.80 -12.05 35.99
C ARG A 522 -49.69 -12.37 34.81
N GLU A 523 -50.61 -11.47 34.45
CA GLU A 523 -51.45 -11.71 33.28
C GLU A 523 -50.67 -11.47 31.99
N ALA A 524 -49.72 -10.54 32.01
CA ALA A 524 -48.88 -10.32 30.84
C ALA A 524 -47.82 -11.40 30.70
N MET A 525 -47.38 -11.97 31.81
CA MET A 525 -46.42 -13.07 31.76
C MET A 525 -47.07 -14.34 31.24
N GLU A 526 -48.37 -14.50 31.50
CA GLU A 526 -49.07 -15.68 31.01
C GLU A 526 -49.34 -15.59 29.52
N GLU A 527 -49.55 -14.37 29.01
CA GLU A 527 -49.83 -14.20 27.58
C GLU A 527 -48.57 -14.38 26.75
N ILE A 528 -47.43 -13.89 27.25
CA ILE A 528 -46.17 -14.04 26.53
C ILE A 528 -45.71 -15.50 26.54
N LYS A 529 -45.92 -16.19 27.67
CA LYS A 529 -45.52 -17.59 27.77
C LYS A 529 -46.40 -18.48 26.91
N ARG A 530 -47.69 -18.14 26.78
CA ARG A 530 -48.60 -18.95 25.97
C ARG A 530 -48.29 -18.79 24.48
N TYR A 531 -47.92 -17.57 24.08
CA TYR A 531 -47.60 -17.32 22.67
C TYR A 531 -46.28 -17.96 22.27
N TYR A 532 -45.34 -18.06 23.22
CA TYR A 532 -44.04 -18.65 22.91
C TYR A 532 -44.13 -20.16 22.75
N VAL A 533 -44.92 -20.83 23.59
CA VAL A 533 -45.04 -22.27 23.49
C VAL A 533 -45.99 -22.67 22.37
N LYS A 534 -46.83 -21.74 21.91
CA LYS A 534 -47.69 -22.04 20.76
C LYS A 534 -46.93 -21.96 19.46
N MET A 535 -46.02 -20.99 19.36
CA MET A 535 -45.20 -20.86 18.14
C MET A 535 -44.15 -21.96 18.07
N ARG A 536 -43.62 -22.38 19.23
CA ARG A 536 -42.61 -23.44 19.23
C ARG A 536 -43.25 -24.80 18.93
N LYS A 537 -44.52 -24.97 19.28
CA LYS A 537 -45.21 -26.21 18.94
C LYS A 537 -45.70 -26.23 17.50
N GLY A 538 -45.69 -25.09 16.82
CA GLY A 538 -46.13 -25.02 15.44
C GLY A 538 -45.14 -25.57 14.43
N LEU A 539 -43.92 -25.88 14.86
CA LEU A 539 -42.93 -26.45 13.96
C LEU A 539 -43.28 -27.89 13.63
N ARG A 540 -43.26 -28.21 12.34
CA ARG A 540 -43.55 -29.55 11.85
C ARG A 540 -42.23 -30.22 11.46
N ARG A 541 -41.97 -31.40 12.04
CA ARG A 541 -40.74 -32.15 11.77
C ARG A 541 -40.88 -32.87 10.44
N GLY A 542 -40.66 -32.12 9.36
CA GLY A 542 -40.77 -32.62 8.01
C GLY A 542 -39.47 -32.90 7.31
N ASP A 543 -38.33 -32.74 7.99
CA ASP A 543 -37.03 -32.97 7.39
C ASP A 543 -36.19 -33.83 8.32
N GLU A 544 -35.40 -34.72 7.72
CA GLU A 544 -34.52 -35.61 8.48
C GLU A 544 -33.13 -35.57 7.87
N ASP A 545 -32.14 -35.95 8.69
CA ASP A 545 -30.72 -36.03 8.35
C ASP A 545 -30.16 -34.69 7.87
N GLY A 546 -30.70 -33.59 8.39
CA GLY A 546 -30.25 -32.28 8.00
C GLY A 546 -30.46 -31.27 9.12
N VAL A 547 -30.25 -30.00 8.77
CA VAL A 547 -30.45 -28.92 9.73
C VAL A 547 -31.95 -28.70 9.93
N GLN A 548 -32.37 -28.61 11.19
CA GLN A 548 -33.79 -28.47 11.50
C GLN A 548 -34.15 -27.01 11.68
N PRO A 549 -35.27 -26.57 11.08
CA PRO A 549 -35.70 -25.18 11.26
C PRO A 549 -36.21 -24.93 12.68
N ILE A 550 -36.11 -23.68 13.11
CA ILE A 550 -36.59 -23.24 14.41
C ILE A 550 -37.64 -22.15 14.18
N PRO A 551 -38.82 -22.25 14.78
CA PRO A 551 -39.86 -21.23 14.54
C PRO A 551 -39.55 -19.88 15.18
N ILE A 552 -39.09 -19.88 16.43
CA ILE A 552 -38.81 -18.63 17.14
C ILE A 552 -37.62 -18.85 18.07
N THR A 553 -36.71 -17.89 18.06
CA THR A 553 -35.51 -17.89 18.89
C THR A 553 -35.79 -17.09 20.16
N ALA A 554 -35.18 -17.51 21.28
CA ALA A 554 -35.35 -16.83 22.55
C ALA A 554 -34.79 -15.40 22.56
N ARG A 555 -33.97 -15.04 21.58
CA ARG A 555 -33.60 -13.63 21.38
C ARG A 555 -34.82 -12.80 21.00
N GLN A 556 -35.74 -13.38 20.24
CA GLN A 556 -36.97 -12.68 19.89
C GLN A 556 -37.94 -12.62 21.06
N LEU A 557 -37.76 -13.50 22.05
CA LEU A 557 -38.57 -13.40 23.26
C LEU A 557 -38.18 -12.19 24.09
N GLU A 558 -36.88 -11.85 24.09
CA GLU A 558 -36.44 -10.65 24.79
C GLU A 558 -36.89 -9.38 24.07
N ALA A 559 -37.05 -9.47 22.75
CA ALA A 559 -37.56 -8.33 21.99
C ALA A 559 -39.06 -8.14 22.23
N LEU A 560 -39.77 -9.23 22.53
CA LEU A 560 -41.19 -9.13 22.82
C LEU A 560 -41.44 -8.49 24.18
N ILE A 561 -40.52 -8.69 25.12
CA ILE A 561 -40.64 -8.07 26.44
C ILE A 561 -40.37 -6.57 26.34
N ARG A 562 -39.40 -6.17 25.51
CA ARG A 562 -39.05 -4.77 25.36
C ARG A 562 -40.16 -4.01 24.63
N LEU A 563 -40.85 -4.66 23.69
CA LEU A 563 -41.97 -4.02 23.02
C LEU A 563 -43.20 -3.98 23.92
N SER A 564 -43.32 -4.91 24.86
CA SER A 564 -44.45 -4.89 25.78
C SER A 564 -44.29 -3.81 26.83
N GLU A 565 -43.06 -3.58 27.30
CA GLU A 565 -42.82 -2.54 28.29
C GLU A 565 -42.85 -1.15 27.66
N ALA A 566 -42.58 -1.06 26.36
CA ALA A 566 -42.68 0.23 25.67
C ALA A 566 -44.12 0.63 25.43
N HIS A 567 -45.03 -0.34 25.33
CA HIS A 567 -46.44 -0.02 25.17
C HIS A 567 -47.05 0.50 26.47
N ALA A 568 -46.58 -0.03 27.62
CA ALA A 568 -47.04 0.51 28.90
C ALA A 568 -46.42 1.88 29.17
N ARG A 569 -45.22 2.11 28.66
CA ARG A 569 -44.60 3.42 28.77
C ARG A 569 -45.20 4.42 27.78
N MET A 570 -45.92 3.92 26.77
CA MET A 570 -46.51 4.80 25.77
C MET A 570 -47.71 5.56 26.31
N ARG A 571 -48.47 4.96 27.22
CA ARG A 571 -49.63 5.61 27.80
C ARG A 571 -49.42 5.99 29.26
N LEU A 572 -48.16 6.08 29.70
CA LEU A 572 -47.76 6.46 31.06
C LEU A 572 -48.35 5.53 32.12
N SER A 573 -48.09 4.25 31.95
CA SER A 573 -48.57 3.22 32.88
C SER A 573 -47.37 2.56 33.56
N GLU A 574 -47.49 2.38 34.88
CA GLU A 574 -46.42 1.77 35.66
C GLU A 574 -46.51 0.25 35.70
N THR A 575 -47.46 -0.35 35.00
CA THR A 575 -47.60 -1.80 34.95
C THR A 575 -47.90 -2.23 33.51
N VAL A 576 -47.52 -3.46 33.18
CA VAL A 576 -47.72 -4.01 31.85
C VAL A 576 -48.84 -5.04 31.97
N THR A 577 -49.99 -4.74 31.37
CA THR A 577 -51.09 -5.68 31.36
C THR A 577 -51.01 -6.59 30.13
N ARG A 578 -52.03 -7.43 29.97
CA ARG A 578 -52.06 -8.33 28.82
C ARG A 578 -52.48 -7.61 27.54
N GLU A 579 -53.03 -6.39 27.65
CA GLU A 579 -53.33 -5.61 26.45
C GLU A 579 -52.06 -5.07 25.82
N ASP A 580 -51.07 -4.71 26.65
CA ASP A 580 -49.77 -4.32 26.10
C ASP A 580 -49.01 -5.52 25.56
N ALA A 581 -49.26 -6.71 26.14
CA ALA A 581 -48.65 -7.92 25.63
C ALA A 581 -49.27 -8.32 24.29
N ARG A 582 -50.60 -8.24 24.19
CA ARG A 582 -51.28 -8.65 22.96
C ARG A 582 -51.02 -7.68 21.82
N ALA A 583 -50.74 -6.41 22.14
CA ALA A 583 -50.36 -5.46 21.12
C ALA A 583 -48.94 -5.72 20.63
N ALA A 584 -48.07 -6.17 21.53
CA ALA A 584 -46.67 -6.43 21.14
C ALA A 584 -46.55 -7.74 20.36
N ILE A 585 -47.46 -8.69 20.63
CA ILE A 585 -47.46 -9.94 19.88
C ILE A 585 -47.93 -9.71 18.45
N GLU A 586 -48.95 -8.86 18.27
CA GLU A 586 -49.51 -8.61 16.94
C GLU A 586 -48.53 -7.84 16.07
N ILE A 587 -47.68 -7.00 16.67
CA ILE A 587 -46.64 -6.33 15.91
C ILE A 587 -45.53 -7.32 15.54
N ILE A 588 -45.20 -8.22 16.48
CA ILE A 588 -44.18 -9.23 16.23
C ILE A 588 -44.66 -10.25 15.20
N GLU A 589 -45.93 -10.66 15.30
CA GLU A 589 -46.49 -11.62 14.34
C GLU A 589 -46.64 -11.02 12.95
N ALA A 590 -46.88 -9.70 12.88
CA ALA A 590 -46.90 -9.05 11.57
C ALA A 590 -45.48 -8.86 11.04
N MET A 591 -44.50 -8.71 11.94
CA MET A 591 -43.11 -8.60 11.52
C MET A 591 -42.58 -9.94 11.04
N MET A 592 -42.96 -11.03 11.70
CA MET A 592 -42.45 -12.35 11.37
C MET A 592 -43.10 -12.96 10.14
N LYS A 593 -44.13 -12.32 9.57
CA LYS A 593 -44.79 -12.84 8.39
C LYS A 593 -44.29 -12.18 7.10
N THR A 594 -43.84 -10.93 7.19
CA THR A 594 -43.28 -10.26 6.02
C THR A 594 -41.82 -10.61 5.82
N ILE A 595 -41.02 -10.55 6.89
CA ILE A 595 -39.63 -11.01 6.83
C ILE A 595 -39.52 -12.28 7.65
N ALA A 596 -38.35 -12.94 7.56
CA ALA A 596 -38.00 -14.14 8.33
C ALA A 596 -39.02 -15.24 8.13
N VAL A 597 -39.24 -15.61 6.87
CA VAL A 597 -40.27 -16.56 6.53
C VAL A 597 -39.80 -17.54 5.45
N ASP A 598 -39.53 -18.78 5.85
CA ASP A 598 -39.42 -19.86 4.89
C ASP A 598 -40.83 -20.28 4.50
N GLU A 599 -40.94 -21.07 3.41
CA GLU A 599 -42.11 -21.25 2.55
C GLU A 599 -43.47 -21.28 3.24
N GLU A 600 -43.58 -22.02 4.35
CA GLU A 600 -44.77 -21.96 5.19
C GLU A 600 -44.43 -22.06 6.68
N GLY A 601 -43.18 -21.85 7.06
CA GLY A 601 -42.72 -22.21 8.39
C GLY A 601 -42.21 -21.10 9.30
N ASN A 602 -42.37 -19.83 8.93
CA ASN A 602 -41.94 -18.61 9.63
C ASN A 602 -40.56 -18.70 10.27
N LEU A 603 -39.60 -19.27 9.54
CA LEU A 603 -38.30 -19.62 10.09
C LEU A 603 -37.40 -18.40 10.20
N ASP A 604 -36.63 -18.35 11.30
CA ASP A 604 -35.67 -17.27 11.53
C ASP A 604 -34.47 -17.41 10.59
N VAL A 605 -34.67 -16.92 9.35
CA VAL A 605 -33.62 -16.97 8.35
C VAL A 605 -32.65 -15.79 8.52
N SER A 606 -33.00 -14.86 9.40
CA SER A 606 -32.18 -13.67 9.64
C SER A 606 -30.86 -14.01 10.34
N ILE A 607 -30.83 -15.11 11.08
CA ILE A 607 -29.66 -15.47 11.89
C ILE A 607 -28.54 -16.01 11.00
N LEU A 608 -28.87 -16.45 9.79
CA LEU A 608 -27.89 -17.10 8.93
C LEU A 608 -27.97 -16.71 7.46
N GLU A 609 -28.86 -15.77 7.09
CA GLU A 609 -29.05 -15.20 5.74
C GLU A 609 -29.59 -16.17 4.70
N VAL A 610 -29.75 -17.45 5.06
CA VAL A 610 -30.27 -18.48 4.17
C VAL A 610 -31.27 -19.30 4.96
N GLY A 611 -32.18 -19.96 4.24
CA GLY A 611 -33.13 -20.84 4.88
C GLY A 611 -32.53 -22.18 5.25
N LYS A 612 -33.25 -22.90 6.12
CA LYS A 612 -32.79 -24.23 6.52
C LYS A 612 -33.02 -25.24 5.40
N SER A 613 -34.08 -25.04 4.61
CA SER A 613 -34.27 -25.87 3.42
C SER A 613 -33.25 -25.53 2.36
N SER A 614 -32.79 -24.27 2.32
CA SER A 614 -31.71 -23.90 1.40
C SER A 614 -30.38 -24.48 1.86
N LYS A 615 -30.17 -24.60 3.17
CA LYS A 615 -28.98 -25.27 3.67
C LYS A 615 -29.07 -26.78 3.47
N LYS A 616 -30.28 -27.33 3.57
CA LYS A 616 -30.45 -28.75 3.34
C LYS A 616 -30.34 -29.08 1.85
N ILE A 617 -30.64 -28.10 0.99
CA ILE A 617 -30.42 -28.28 -0.45
C ILE A 617 -28.93 -28.19 -0.77
N ASN A 618 -28.25 -27.19 -0.20
CA ASN A 618 -26.87 -26.91 -0.58
C ASN A 618 -25.89 -27.92 0.01
N LYS A 619 -26.22 -28.51 1.16
CA LYS A 619 -25.31 -29.49 1.77
C LYS A 619 -25.35 -30.83 1.04
N ILE A 620 -26.54 -31.28 0.63
CA ILE A 620 -26.62 -32.55 -0.07
C ILE A 620 -26.34 -32.36 -1.56
N GLU A 621 -26.30 -31.11 -2.03
CA GLU A 621 -25.77 -30.87 -3.37
C GLU A 621 -24.26 -31.06 -3.39
N LYS A 622 -23.58 -30.60 -2.34
CA LYS A 622 -22.14 -30.82 -2.24
C LYS A 622 -21.84 -32.26 -1.87
N LEU A 623 -22.80 -32.97 -1.28
CA LEU A 623 -22.59 -34.37 -0.94
C LEU A 623 -22.62 -35.25 -2.18
N VAL A 624 -23.55 -34.99 -3.10
CA VAL A 624 -23.57 -35.73 -4.36
C VAL A 624 -22.51 -35.19 -5.31
N ASP A 625 -21.98 -33.99 -5.03
CA ASP A 625 -20.82 -33.52 -5.78
C ASP A 625 -19.54 -34.18 -5.29
N ILE A 626 -19.53 -34.64 -4.04
CA ILE A 626 -18.34 -35.27 -3.48
C ILE A 626 -18.25 -36.73 -3.89
N ILE A 627 -19.39 -37.43 -3.89
CA ILE A 627 -19.36 -38.86 -4.21
C ILE A 627 -19.18 -39.10 -5.70
N LYS A 628 -19.48 -38.10 -6.54
CA LYS A 628 -19.15 -38.19 -7.96
C LYS A 628 -17.74 -37.70 -8.25
N SER A 629 -17.11 -37.01 -7.30
CA SER A 629 -15.72 -36.60 -7.48
C SER A 629 -14.77 -37.77 -7.24
N LEU A 630 -15.06 -38.59 -6.23
CA LEU A 630 -14.26 -39.80 -6.00
C LEU A 630 -14.54 -40.85 -7.07
N GLU A 631 -15.77 -40.89 -7.57
CA GLU A 631 -16.10 -41.81 -8.66
C GLU A 631 -15.52 -41.32 -9.98
N SER A 632 -15.48 -40.00 -10.19
CA SER A 632 -14.81 -39.33 -11.31
C SER A 632 -15.37 -39.76 -12.67
N GLU A 633 -16.63 -39.41 -12.90
CA GLU A 633 -17.24 -39.65 -14.21
C GLU A 633 -16.60 -38.80 -15.29
N GLY A 634 -16.10 -37.61 -14.93
CA GLY A 634 -15.39 -36.76 -15.86
C GLY A 634 -13.90 -36.74 -15.56
N GLU A 635 -13.17 -35.97 -16.36
CA GLU A 635 -11.72 -35.92 -16.21
C GLU A 635 -11.31 -34.99 -15.07
N PHE A 636 -12.06 -33.91 -14.87
CA PHE A 636 -11.89 -33.06 -13.68
C PHE A 636 -12.92 -33.43 -12.62
N GLY A 637 -12.81 -34.68 -12.15
CA GLY A 637 -13.68 -35.19 -11.11
C GLY A 637 -15.14 -35.34 -11.52
N ALA A 638 -16.00 -34.56 -10.88
CA ALA A 638 -17.43 -34.60 -11.16
C ALA A 638 -17.79 -33.54 -12.20
N PRO A 639 -18.46 -33.89 -13.29
CA PRO A 639 -18.87 -32.88 -14.27
C PRO A 639 -20.07 -32.07 -13.76
N GLU A 640 -20.15 -30.82 -14.20
CA GLU A 640 -21.28 -29.98 -13.81
C GLU A 640 -22.56 -30.42 -14.51
N GLU A 641 -22.45 -31.00 -15.70
CA GLU A 641 -23.62 -31.52 -16.39
C GLU A 641 -24.13 -32.80 -15.74
N LYS A 642 -23.21 -33.62 -15.24
CA LYS A 642 -23.60 -34.89 -14.63
C LYS A 642 -24.16 -34.68 -13.23
N VAL A 643 -23.80 -33.56 -12.59
CA VAL A 643 -24.21 -33.35 -11.21
C VAL A 643 -25.57 -32.66 -11.14
N ILE A 644 -26.03 -32.09 -12.26
CA ILE A 644 -27.30 -31.37 -12.23
C ILE A 644 -28.45 -32.28 -12.68
N GLU A 645 -28.15 -33.28 -13.52
CA GLU A 645 -29.19 -34.22 -13.93
C GLU A 645 -29.46 -35.24 -12.83
N ALA A 646 -28.45 -35.53 -12.00
CA ALA A 646 -28.67 -36.39 -10.84
C ALA A 646 -29.36 -35.61 -9.73
N ALA A 647 -29.19 -34.29 -9.69
CA ALA A 647 -29.91 -33.48 -8.72
C ALA A 647 -31.37 -33.34 -9.10
N LYS A 648 -31.66 -33.27 -10.39
CA LYS A 648 -33.06 -33.26 -10.84
C LYS A 648 -33.69 -34.63 -10.67
N GLN A 649 -32.88 -35.69 -10.72
CA GLN A 649 -33.38 -37.03 -10.45
C GLN A 649 -33.68 -37.22 -8.97
N ALA A 650 -32.82 -36.68 -8.11
CA ALA A 650 -32.99 -36.80 -6.66
C ALA A 650 -34.03 -35.83 -6.11
N GLY A 651 -34.50 -34.87 -6.90
CA GLY A 651 -35.52 -33.95 -6.45
C GLY A 651 -35.03 -32.64 -5.88
N ILE A 652 -33.83 -32.19 -6.27
CA ILE A 652 -33.33 -30.91 -5.77
C ILE A 652 -34.03 -29.76 -6.47
N GLY A 653 -34.25 -29.87 -7.77
CA GLY A 653 -34.94 -28.82 -8.52
C GLY A 653 -34.61 -28.93 -9.99
N THR A 654 -34.93 -27.86 -10.71
CA THR A 654 -34.73 -27.76 -12.14
C THR A 654 -33.29 -27.37 -12.47
N LYS A 655 -33.05 -27.02 -13.73
CA LYS A 655 -31.71 -26.64 -14.15
C LYS A 655 -31.34 -25.23 -13.70
N ALA A 656 -32.30 -24.48 -13.15
CA ALA A 656 -32.03 -23.11 -12.74
C ALA A 656 -31.46 -23.05 -11.32
N ASP A 657 -32.18 -23.62 -10.35
CA ASP A 657 -31.88 -23.35 -8.94
C ASP A 657 -30.60 -24.04 -8.48
N ILE A 658 -30.25 -25.18 -9.07
CA ILE A 658 -28.95 -25.78 -8.79
C ILE A 658 -27.83 -24.94 -9.39
N GLU A 659 -28.06 -24.34 -10.57
CA GLU A 659 -27.07 -23.47 -11.18
C GLU A 659 -26.87 -22.18 -10.37
N LYS A 660 -27.96 -21.67 -9.78
CA LYS A 660 -27.82 -20.52 -8.90
C LYS A 660 -27.32 -20.91 -7.51
N LEU A 661 -27.32 -22.22 -7.21
CA LEU A 661 -26.79 -22.67 -5.93
C LEU A 661 -25.27 -22.82 -5.97
N LEU A 662 -24.69 -22.92 -7.17
CA LEU A 662 -23.27 -23.22 -7.23
C LEU A 662 -22.42 -21.97 -7.36
N ASN A 663 -23.03 -20.82 -7.70
CA ASN A 663 -22.26 -19.58 -7.76
C ASN A 663 -21.98 -19.04 -6.36
N GLU A 664 -22.91 -19.25 -5.43
CA GLU A 664 -22.65 -18.94 -4.04
C GLU A 664 -21.74 -19.97 -3.38
N LEU A 665 -21.54 -21.13 -4.02
CA LEU A 665 -20.60 -22.12 -3.52
C LEU A 665 -19.16 -21.72 -3.85
N LYS A 666 -18.92 -21.17 -5.05
CA LYS A 666 -17.57 -20.74 -5.40
C LYS A 666 -17.25 -19.36 -4.83
N SER A 667 -18.27 -18.57 -4.48
CA SER A 667 -18.02 -17.27 -3.87
C SER A 667 -17.50 -17.41 -2.44
N ASP A 668 -17.94 -18.47 -1.75
CA ASP A 668 -17.43 -18.77 -0.42
C ASP A 668 -16.37 -19.86 -0.43
N GLY A 669 -16.22 -20.58 -1.54
CA GLY A 669 -15.22 -21.63 -1.66
C GLY A 669 -15.72 -23.03 -1.37
N ARG A 670 -17.03 -23.26 -1.37
CA ARG A 670 -17.56 -24.58 -1.06
C ARG A 670 -17.37 -25.54 -2.22
N VAL A 671 -17.89 -25.19 -3.40
CA VAL A 671 -17.79 -26.02 -4.59
C VAL A 671 -17.33 -25.12 -5.74
N TYR A 672 -16.07 -25.26 -6.13
CA TYR A 672 -15.50 -24.46 -7.20
C TYR A 672 -15.72 -25.14 -8.56
N GLU A 673 -15.41 -24.40 -9.62
CA GLU A 673 -15.53 -24.92 -10.98
C GLU A 673 -14.17 -24.84 -11.67
N PRO A 674 -13.58 -25.97 -12.08
CA PRO A 674 -12.30 -25.90 -12.79
C PRO A 674 -12.42 -25.37 -14.20
N ARG A 675 -13.47 -25.75 -14.93
CA ARG A 675 -13.71 -25.26 -16.28
C ARG A 675 -15.20 -25.29 -16.54
N ALA A 676 -15.58 -25.03 -17.79
CA ALA A 676 -16.98 -25.08 -18.18
C ALA A 676 -17.47 -26.52 -18.26
N GLY A 677 -18.52 -26.83 -17.52
CA GLY A 677 -19.03 -28.18 -17.49
C GLY A 677 -18.40 -29.08 -16.46
N PHE A 678 -17.71 -28.51 -15.46
CA PHE A 678 -17.08 -29.27 -14.40
C PHE A 678 -17.17 -28.49 -13.10
N TYR A 679 -17.39 -29.20 -12.00
CA TYR A 679 -17.50 -28.57 -10.69
C TYR A 679 -17.09 -29.57 -9.62
N ARG A 680 -16.19 -29.14 -8.73
CA ARG A 680 -15.69 -29.98 -7.65
C ARG A 680 -15.73 -29.23 -6.33
N VAL A 681 -15.90 -29.96 -5.24
CA VAL A 681 -15.87 -29.34 -3.93
C VAL A 681 -14.42 -29.22 -3.43
N ILE A 682 -14.24 -28.39 -2.41
CA ILE A 682 -12.92 -28.16 -1.85
C ILE A 682 -12.65 -29.19 -0.75
N MET B 1 26.85 16.97 48.04
CA MET B 1 26.26 16.18 46.98
C MET B 1 27.26 15.94 45.84
N ASP B 2 28.53 16.21 46.11
CA ASP B 2 29.56 16.01 45.10
C ASP B 2 29.92 14.54 44.98
N ARG B 3 30.70 14.22 43.95
CA ARG B 3 30.94 12.82 43.59
C ARG B 3 31.94 12.17 44.54
N GLU B 4 33.00 12.89 44.91
CA GLU B 4 34.04 12.29 45.75
C GLU B 4 33.58 12.13 47.19
N GLU B 5 32.54 12.85 47.61
CA GLU B 5 31.95 12.60 48.92
C GLU B 5 31.05 11.37 48.88
N MET B 6 30.32 11.18 47.78
CA MET B 6 29.41 10.05 47.66
C MET B 6 30.14 8.74 47.46
N ILE B 7 31.39 8.78 46.99
CA ILE B 7 32.19 7.57 46.85
C ILE B 7 32.59 7.04 48.22
N ALA B 8 33.03 7.92 49.12
CA ALA B 8 33.46 7.50 50.44
C ALA B 8 32.29 7.05 51.32
N ARG B 9 31.08 7.56 51.05
CA ARG B 9 29.91 7.10 51.80
C ARG B 9 29.42 5.75 51.28
N PHE B 10 29.54 5.51 49.98
CA PHE B 10 29.12 4.23 49.42
C PHE B 10 30.15 3.13 49.70
N ALA B 11 31.43 3.48 49.79
CA ALA B 11 32.45 2.48 50.06
C ALA B 11 32.44 2.07 51.53
N LYS B 12 32.06 2.98 52.42
CA LYS B 12 31.96 2.64 53.84
C LYS B 12 30.73 1.77 54.12
N PHE B 13 29.72 1.83 53.24
CA PHE B 13 28.55 0.99 53.40
C PHE B 13 28.88 -0.47 53.08
N LEU B 14 29.78 -0.70 52.13
CA LEU B 14 30.18 -2.05 51.74
C LEU B 14 31.05 -2.70 52.82
N ASN B 28 26.39 -4.76 55.89
CA ASN B 28 27.46 -5.19 56.78
C ASN B 28 28.49 -6.02 56.04
N ARG B 29 28.67 -7.27 56.47
CA ARG B 29 29.64 -8.16 55.85
C ARG B 29 29.08 -8.91 54.64
N LEU B 30 27.77 -8.81 54.39
CA LEU B 30 27.19 -9.51 53.25
C LEU B 30 27.54 -8.81 51.93
N LYS B 31 27.88 -7.53 51.98
CA LYS B 31 28.34 -6.84 50.77
C LYS B 31 29.73 -7.30 50.38
N ASP B 32 30.55 -7.68 51.36
CA ASP B 32 31.88 -8.21 51.06
C ASP B 32 31.80 -9.63 50.52
N LEU B 33 30.73 -10.36 50.84
CA LEU B 33 30.57 -11.71 50.32
C LEU B 33 29.99 -11.70 48.91
N LEU B 34 29.16 -10.71 48.60
CA LEU B 34 28.52 -10.65 47.29
C LEU B 34 29.47 -10.10 46.24
N THR B 35 30.49 -9.38 46.65
CA THR B 35 31.43 -8.76 45.70
C THR B 35 32.55 -9.70 45.32
N VAL B 36 32.53 -10.94 45.83
CA VAL B 36 33.52 -11.93 45.44
C VAL B 36 33.25 -12.39 44.01
N THR B 37 32.01 -12.73 43.70
CA THR B 37 31.59 -13.10 42.34
C THR B 37 30.45 -12.17 41.91
N PRO B 38 30.77 -10.96 41.47
CA PRO B 38 29.70 -9.99 41.17
C PRO B 38 28.98 -10.26 39.86
N LYS B 39 29.69 -10.82 38.87
CA LYS B 39 29.21 -10.97 37.48
C LYS B 39 28.72 -9.65 36.91
N ARG B 40 29.52 -8.60 37.11
CA ARG B 40 29.31 -7.22 36.64
C ARG B 40 28.04 -6.56 37.17
N SER B 41 27.39 -7.12 38.20
CA SER B 41 26.15 -6.56 38.74
C SER B 41 26.13 -6.86 40.24
N LEU B 42 26.52 -5.87 41.04
CA LEU B 42 26.46 -6.01 42.49
C LEU B 42 25.10 -5.53 43.00
N ALA B 43 24.25 -6.48 43.39
CA ALA B 43 22.91 -6.14 43.87
C ALA B 43 22.99 -5.54 45.27
N ILE B 44 22.41 -4.36 45.43
CA ILE B 44 22.43 -3.63 46.69
C ILE B 44 21.00 -3.42 47.14
N ASP B 45 20.68 -3.89 48.35
CA ASP B 45 19.36 -3.72 48.91
C ASP B 45 19.19 -2.31 49.45
N TRP B 46 18.05 -1.68 49.14
CA TRP B 46 17.78 -0.34 49.65
C TRP B 46 17.45 -0.37 51.14
N ALA B 47 16.88 -1.47 51.63
CA ALA B 47 16.58 -1.58 53.05
C ALA B 47 17.85 -1.72 53.87
N HIS B 48 18.89 -2.35 53.30
CA HIS B 48 20.18 -2.40 53.97
C HIS B 48 20.89 -1.05 53.91
N LEU B 49 20.63 -0.27 52.85
CA LEU B 49 21.28 1.02 52.71
C LEU B 49 20.58 2.10 53.54
N ASN B 50 19.25 2.00 53.68
CA ASN B 50 18.52 2.98 54.48
C ASN B 50 18.77 2.80 55.96
N SER B 51 19.07 1.57 56.40
CA SER B 51 19.35 1.34 57.82
C SER B 51 20.72 1.87 58.21
N PHE B 52 21.67 1.91 57.26
CA PHE B 52 23.00 2.41 57.56
C PHE B 52 23.10 3.91 57.35
N ASP B 53 22.84 4.38 56.13
CA ASP B 53 22.85 5.80 55.79
C ASP B 53 21.47 6.20 55.28
N PRO B 54 20.64 6.83 56.13
CA PRO B 54 19.33 7.28 55.64
C PRO B 54 19.42 8.50 54.75
N GLU B 55 20.45 9.34 54.90
CA GLU B 55 20.57 10.52 54.06
C GLU B 55 21.05 10.16 52.66
N LEU B 56 21.83 9.08 52.53
CA LEU B 56 22.29 8.63 51.23
C LEU B 56 21.19 7.96 50.42
N ALA B 57 20.14 7.47 51.08
CA ALA B 57 19.05 6.80 50.37
C ALA B 57 18.18 7.82 49.63
N ASP B 58 18.00 9.01 50.19
CA ASP B 58 17.21 10.03 49.52
C ASP B 58 17.98 10.68 48.37
N GLU B 59 19.31 10.68 48.45
CA GLU B 59 20.11 11.22 47.35
C GLU B 59 20.13 10.28 46.16
N LEU B 60 19.94 8.97 46.39
CA LEU B 60 19.88 8.01 45.30
C LEU B 60 18.61 8.18 44.48
N LEU B 61 17.50 8.57 45.12
CA LEU B 61 16.23 8.73 44.42
C LEU B 61 16.12 10.06 43.71
N ASN B 62 16.73 11.12 44.25
CA ASN B 62 16.58 12.45 43.68
C ASN B 62 17.66 12.77 42.64
N ASN B 63 18.91 12.40 42.91
CA ASN B 63 20.03 12.64 42.00
C ASN B 63 20.62 11.29 41.62
N PRO B 64 20.02 10.59 40.64
CA PRO B 64 20.44 9.22 40.37
C PRO B 64 21.70 9.12 39.52
N GLU B 65 22.01 10.16 38.73
CA GLU B 65 23.18 10.09 37.85
C GLU B 65 24.48 10.21 38.66
N GLU B 66 24.47 11.06 39.68
CA GLU B 66 25.64 11.20 40.55
C GLU B 66 25.66 10.18 41.68
N ALA B 67 24.62 9.36 41.82
CA ALA B 67 24.60 8.34 42.86
C ALA B 67 24.93 6.96 42.32
N ILE B 68 24.45 6.62 41.12
CA ILE B 68 24.76 5.33 40.53
C ILE B 68 26.21 5.29 40.05
N ALA B 69 26.66 6.35 39.39
CA ALA B 69 28.02 6.38 38.85
C ALA B 69 29.06 6.49 39.96
N SER B 70 28.72 7.15 41.07
CA SER B 70 29.64 7.19 42.20
C SER B 70 29.65 5.88 42.96
N ALA B 71 28.56 5.11 42.89
CA ALA B 71 28.53 3.79 43.50
C ALA B 71 29.39 2.81 42.73
N GLU B 72 29.43 2.96 41.40
CA GLU B 72 30.29 2.10 40.58
C GLU B 72 31.77 2.42 40.81
N ASP B 73 32.09 3.68 41.08
CA ASP B 73 33.46 4.06 41.39
C ASP B 73 33.84 3.66 42.81
N ALA B 74 32.86 3.57 43.70
CA ALA B 74 33.14 3.20 45.08
C ALA B 74 33.41 1.71 45.23
N ILE B 75 32.82 0.88 44.37
CA ILE B 75 33.09 -0.55 44.41
C ILE B 75 34.48 -0.83 43.87
N GLN B 76 34.96 -0.01 42.92
CA GLN B 76 36.26 -0.24 42.29
C GLN B 76 37.41 0.00 43.26
N ILE B 77 37.22 0.88 44.24
CA ILE B 77 38.24 1.06 45.27
C ILE B 77 38.11 0.00 46.35
N VAL B 78 36.99 -0.71 46.41
CA VAL B 78 36.87 -1.88 47.26
C VAL B 78 37.28 -3.15 46.51
N LEU B 79 37.12 -3.15 45.18
CA LEU B 79 37.50 -4.30 44.38
C LEU B 79 39.01 -4.53 44.34
N ARG B 80 39.81 -3.48 44.52
CA ARG B 80 41.26 -3.60 44.54
C ARG B 80 41.82 -3.83 45.93
N GLU B 81 40.97 -4.16 46.90
CA GLU B 81 41.43 -4.38 48.26
C GLU B 81 42.11 -5.75 48.38
N PRO B 82 43.03 -5.90 49.34
CA PRO B 82 43.64 -7.22 49.61
C PRO B 82 42.66 -8.32 50.03
N PRO B 83 41.47 -8.01 50.58
CA PRO B 83 40.45 -9.08 50.63
C PRO B 83 39.99 -9.66 49.30
N LEU B 84 40.21 -8.98 48.17
CA LEU B 84 39.68 -9.46 46.89
C LEU B 84 40.75 -9.81 45.87
N LEU B 85 41.84 -9.03 45.80
CA LEU B 85 42.96 -9.21 44.86
C LEU B 85 42.50 -9.21 43.41
N VAL B 86 41.92 -8.09 42.99
CA VAL B 86 41.51 -7.87 41.60
C VAL B 86 42.37 -6.74 41.06
N GLU B 87 43.47 -7.09 40.40
CA GLU B 87 44.37 -6.07 39.87
C GLU B 87 43.91 -5.58 38.50
N ARG B 88 43.23 -6.43 37.74
CA ARG B 88 42.77 -6.05 36.42
C ARG B 88 41.54 -5.15 36.51
N GLU B 89 41.28 -4.42 35.43
CA GLU B 89 40.16 -3.49 35.37
C GLU B 89 38.88 -4.27 35.10
N PHE B 90 38.02 -4.35 36.10
CA PHE B 90 36.72 -5.00 35.98
C PHE B 90 35.61 -3.95 36.02
N LYS B 91 34.44 -4.35 35.53
CA LYS B 91 33.28 -3.46 35.44
C LYS B 91 32.20 -3.90 36.40
N VAL B 92 31.72 -2.97 37.23
CA VAL B 92 30.60 -3.21 38.13
C VAL B 92 29.53 -2.17 37.80
N HIS B 93 28.26 -2.62 37.79
CA HIS B 93 27.16 -1.75 37.42
C HIS B 93 26.40 -1.17 38.60
N ALA B 94 26.50 -1.79 39.78
CA ALA B 94 25.87 -1.35 41.04
C ALA B 94 24.35 -1.19 40.90
N ARG B 95 23.70 -2.32 40.64
CA ARG B 95 22.26 -2.33 40.40
C ARG B 95 21.50 -2.41 41.72
N PHE B 96 20.40 -1.64 41.81
CA PHE B 96 19.56 -1.61 42.99
C PHE B 96 18.22 -2.28 42.66
N TYR B 97 17.92 -3.38 43.33
CA TYR B 97 16.71 -4.14 43.03
C TYR B 97 15.54 -3.74 43.92
N ASN B 98 15.80 -3.40 45.17
CA ASN B 98 14.75 -3.02 46.09
C ASN B 98 14.58 -1.51 46.12
N LEU B 99 13.32 -1.07 46.27
CA LEU B 99 12.96 0.33 46.40
C LEU B 99 11.76 0.41 47.33
N PRO B 100 11.64 1.50 48.13
CA PRO B 100 10.56 1.56 49.14
C PRO B 100 9.15 1.62 48.58
N LYS B 101 8.89 2.52 47.64
CA LYS B 101 7.55 2.71 47.09
C LYS B 101 7.49 2.08 45.71
N THR B 102 6.65 1.05 45.57
CA THR B 102 6.44 0.39 44.29
C THR B 102 5.31 1.08 43.54
N LEU B 103 5.63 1.62 42.37
CA LEU B 103 4.66 2.34 41.55
C LEU B 103 4.09 1.41 40.49
N LEU B 104 3.03 1.88 39.84
CA LEU B 104 2.38 1.17 38.75
C LEU B 104 2.76 1.81 37.42
N VAL B 105 2.31 1.17 36.34
CA VAL B 105 2.52 1.75 35.00
C VAL B 105 1.58 2.93 34.78
N LYS B 106 0.39 2.89 35.38
CA LYS B 106 -0.59 3.96 35.21
C LYS B 106 -0.16 5.24 35.94
N GLU B 107 0.58 5.09 37.05
CA GLU B 107 0.94 6.24 37.86
C GLU B 107 2.18 6.98 37.35
N LEU B 108 2.80 6.51 36.28
CA LEU B 108 3.98 7.17 35.74
C LEU B 108 3.60 8.44 35.00
N GLY B 109 4.23 9.55 35.37
CA GLY B 109 3.94 10.83 34.74
C GLY B 109 5.15 11.73 34.63
N SER B 110 4.91 13.04 34.67
CA SER B 110 6.00 14.01 34.56
C SER B 110 6.67 14.29 35.89
N GLU B 111 6.17 13.75 37.00
CA GLU B 111 6.74 13.97 38.31
C GLU B 111 7.80 12.94 38.67
N HIS B 112 8.14 12.03 37.75
CA HIS B 112 9.16 11.01 37.99
C HIS B 112 10.35 11.15 37.05
N ILE B 113 10.52 12.33 36.46
CA ILE B 113 11.63 12.56 35.53
C ILE B 113 12.94 12.64 36.31
N ASN B 114 13.93 11.85 35.88
CA ASN B 114 15.25 11.72 36.52
C ASN B 114 15.14 11.32 37.99
N LYS B 115 14.25 10.36 38.27
CA LYS B 115 14.06 9.84 39.62
C LYS B 115 14.03 8.31 39.56
N LEU B 116 14.67 7.69 40.54
CA LEU B 116 14.72 6.23 40.61
C LEU B 116 13.36 5.70 41.07
N ILE B 117 12.65 5.04 40.16
CA ILE B 117 11.29 4.57 40.42
C ILE B 117 11.26 3.05 40.25
N GLN B 118 10.30 2.42 40.93
CA GLN B 118 10.07 0.99 40.86
C GLN B 118 8.71 0.75 40.22
N VAL B 119 8.71 0.18 39.02
CA VAL B 119 7.50 -0.03 38.25
C VAL B 119 7.24 -1.53 38.16
N GLU B 120 6.01 -1.94 38.48
CA GLU B 120 5.59 -3.32 38.32
C GLU B 120 4.58 -3.43 37.18
N GLY B 121 4.61 -4.55 36.47
CA GLY B 121 3.72 -4.73 35.35
C GLY B 121 4.07 -5.99 34.60
N ILE B 122 3.45 -6.14 33.43
CA ILE B 122 3.64 -7.30 32.56
C ILE B 122 4.25 -6.82 31.25
N ILE B 123 5.30 -7.51 30.80
CA ILE B 123 5.99 -7.17 29.57
C ILE B 123 5.22 -7.76 28.40
N THR B 124 4.87 -6.92 27.43
CA THR B 124 4.12 -7.37 26.25
C THR B 124 4.97 -7.38 24.98
N ARG B 125 6.05 -6.60 24.93
CA ARG B 125 6.88 -6.54 23.74
C ARG B 125 8.34 -6.54 24.16
N VAL B 126 9.17 -7.30 23.44
CA VAL B 126 10.62 -7.33 23.64
C VAL B 126 11.29 -7.26 22.27
N SER B 127 12.20 -6.29 22.11
CA SER B 127 12.87 -6.04 20.84
C SER B 127 14.08 -6.96 20.68
N GLU B 128 14.81 -6.74 19.59
CA GLU B 128 15.97 -7.57 19.27
C GLU B 128 17.22 -7.07 19.99
N VAL B 129 18.19 -7.97 20.16
CA VAL B 129 19.47 -7.61 20.75
C VAL B 129 20.29 -6.85 19.73
N LYS B 130 20.46 -5.55 19.96
CA LYS B 130 21.23 -4.69 19.07
C LYS B 130 22.35 -4.01 19.83
N PRO B 131 23.57 -3.99 19.28
CA PRO B 131 24.65 -3.20 19.90
C PRO B 131 24.36 -1.71 19.87
N PHE B 132 24.97 -1.00 20.82
CA PHE B 132 24.84 0.44 20.94
C PHE B 132 26.20 1.08 21.14
N VAL B 133 26.45 2.17 20.42
CA VAL B 133 27.72 2.89 20.51
C VAL B 133 27.74 3.72 21.78
N GLU B 134 28.37 3.20 22.84
CA GLU B 134 28.45 3.94 24.10
C GLU B 134 29.61 4.92 24.11
N LYS B 135 30.61 4.71 23.27
CA LYS B 135 31.78 5.58 23.16
C LYS B 135 32.07 5.79 21.68
N ALA B 136 31.63 6.93 21.14
CA ALA B 136 31.72 7.20 19.72
C ALA B 136 32.96 8.03 19.40
N VAL B 137 33.65 7.63 18.33
CA VAL B 137 34.83 8.33 17.84
C VAL B 137 34.56 8.74 16.40
N PHE B 138 34.65 10.04 16.13
CA PHE B 138 34.46 10.60 14.79
C PHE B 138 35.78 11.21 14.33
N VAL B 139 36.53 10.47 13.53
CA VAL B 139 37.76 10.98 12.96
C VAL B 139 37.43 11.76 11.70
N CYS B 140 38.31 12.71 11.36
CA CYS B 140 38.11 13.54 10.18
C CYS B 140 38.65 12.83 8.94
N ARG B 141 37.98 13.04 7.81
CA ARG B 141 38.41 12.41 6.57
C ARG B 141 39.61 13.11 5.97
N ASP B 142 39.69 14.43 6.09
CA ASP B 142 40.77 15.22 5.53
C ASP B 142 41.88 15.49 6.54
N CYS B 143 41.55 15.64 7.82
CA CYS B 143 42.55 15.94 8.84
C CYS B 143 43.00 14.69 9.59
N GLY B 144 42.05 13.93 10.11
CA GLY B 144 42.38 12.74 10.88
C GLY B 144 42.44 12.94 12.38
N ASN B 145 41.59 13.81 12.92
CA ASN B 145 41.55 14.09 14.35
C ASN B 145 40.32 13.45 14.96
N GLU B 146 40.52 12.70 16.05
CA GLU B 146 39.42 11.99 16.68
C GLU B 146 38.61 12.92 17.58
N MET B 147 37.36 12.52 17.83
CA MET B 147 36.45 13.27 18.69
C MET B 147 35.75 12.25 19.59
N VAL B 148 36.26 12.09 20.81
CA VAL B 148 35.77 11.08 21.74
C VAL B 148 34.83 11.72 22.76
N ARG B 149 33.69 11.09 22.96
CA ARG B 149 32.71 11.51 23.96
C ARG B 149 31.89 10.30 24.37
N LEU B 150 31.20 10.42 25.50
CA LEU B 150 30.36 9.35 26.04
C LEU B 150 28.93 9.59 25.59
N GLN B 151 28.33 8.60 24.93
CA GLN B 151 26.96 8.68 24.48
C GLN B 151 26.02 8.15 25.57
N ARG B 152 24.72 8.35 25.35
CA ARG B 152 23.69 7.93 26.30
C ARG B 152 22.73 6.97 25.63
N PRO B 153 22.29 5.91 26.32
CA PRO B 153 21.50 4.86 25.65
C PRO B 153 20.08 5.28 25.33
N TYR B 154 19.48 6.14 26.15
CA TYR B 154 18.12 6.58 25.87
C TYR B 154 18.06 7.60 24.73
N GLU B 155 19.11 8.40 24.58
CA GLU B 155 19.16 9.40 23.53
C GLU B 155 19.66 8.80 22.22
N ASN B 156 19.82 9.66 21.22
CA ASN B 156 20.29 9.27 19.91
C ASN B 156 21.78 9.62 19.76
N LEU B 157 22.40 9.10 18.71
CA LEU B 157 23.79 9.41 18.41
C LEU B 157 23.89 10.83 17.87
N VAL B 158 24.53 11.70 18.64
CA VAL B 158 24.67 13.11 18.29
C VAL B 158 26.11 13.34 17.84
N LYS B 159 26.29 14.18 16.82
CA LYS B 159 27.63 14.38 16.26
C LYS B 159 28.13 15.81 16.41
N PRO B 160 29.46 16.01 16.28
CA PRO B 160 29.98 17.38 16.34
C PRO B 160 29.58 18.19 15.13
N ALA B 161 30.07 19.43 15.03
CA ALA B 161 29.70 20.29 13.92
C ALA B 161 30.67 20.15 12.75
N LYS B 162 30.16 19.67 11.62
CA LYS B 162 30.99 19.54 10.42
C LYS B 162 32.29 18.78 10.68
N CYS B 163 33.40 19.32 10.22
CA CYS B 163 34.68 18.64 10.37
C CYS B 163 35.38 19.06 11.66
N ASP B 164 35.99 18.11 12.36
CA ASP B 164 36.70 18.43 13.59
C ASP B 164 37.91 19.31 13.30
N ALA B 165 38.04 20.42 14.01
CA ALA B 165 39.18 21.31 13.82
C ALA B 165 39.34 21.76 12.38
N CYS B 166 38.31 21.56 11.57
CA CYS B 166 38.36 21.97 10.17
C CYS B 166 37.05 22.60 9.73
N GLY B 167 35.93 22.10 10.24
CA GLY B 167 34.62 22.63 9.86
C GLY B 167 34.32 22.41 8.40
N SER B 168 34.95 21.42 7.79
CA SER B 168 34.73 21.13 6.38
C SER B 168 33.76 19.97 6.20
N ARG B 169 33.04 19.61 7.27
CA ARG B 169 32.08 18.53 7.19
C ARG B 169 32.73 17.24 6.68
N ASN B 170 33.77 16.79 7.36
CA ASN B 170 34.44 15.56 6.97
C ASN B 170 34.54 14.53 8.08
N ILE B 171 33.66 14.56 9.08
CA ILE B 171 33.70 13.53 10.12
C ILE B 171 32.89 12.32 9.68
N GLU B 172 33.30 11.15 10.14
CA GLU B 172 32.61 9.90 9.85
C GLU B 172 32.85 8.90 10.97
N LEU B 173 31.99 7.89 11.04
CA LEU B 173 32.05 6.90 12.11
C LEU B 173 32.94 5.74 11.68
N ASP B 174 34.09 5.58 12.34
CA ASP B 174 34.88 4.36 12.25
C ASP B 174 34.54 3.49 13.46
N VAL B 175 33.95 2.32 13.21
CA VAL B 175 33.52 1.46 14.30
C VAL B 175 34.67 0.63 14.86
N ASP B 176 35.85 0.72 14.24
CA ASP B 176 37.01 -0.01 14.76
C ASP B 176 37.53 0.63 16.04
N LYS B 177 37.47 1.96 16.12
CA LYS B 177 37.94 2.67 17.31
C LYS B 177 36.85 2.90 18.34
N SER B 178 35.58 2.77 17.95
CA SER B 178 34.47 3.00 18.87
C SER B 178 34.22 1.77 19.74
N ARG B 179 33.80 2.02 20.97
CA ARG B 179 33.45 0.97 21.92
C ARG B 179 31.94 0.80 21.95
N PHE B 180 31.48 -0.45 21.95
CA PHE B 180 30.07 -0.78 21.85
C PHE B 180 29.56 -1.33 23.17
N LEU B 181 28.24 -1.51 23.23
CA LEU B 181 27.58 -2.04 24.41
C LEU B 181 26.26 -2.66 23.98
N ASN B 182 25.84 -3.70 24.70
CA ASN B 182 24.59 -4.38 24.39
C ASN B 182 23.39 -3.51 24.78
N PHE B 183 22.32 -3.63 24.01
CA PHE B 183 21.14 -2.79 24.20
C PHE B 183 19.91 -3.55 23.78
N GLN B 184 18.87 -3.51 24.61
CA GLN B 184 17.60 -4.13 24.31
C GLN B 184 16.48 -3.27 24.90
N SER B 185 15.40 -3.12 24.15
CA SER B 185 14.26 -2.34 24.58
C SER B 185 13.04 -3.23 24.75
N PHE B 186 12.18 -2.86 25.71
CA PHE B 186 10.96 -3.61 25.95
C PHE B 186 9.87 -2.67 26.41
N ARG B 187 8.62 -3.07 26.18
CA ARG B 187 7.44 -2.29 26.53
C ARG B 187 6.79 -2.92 27.76
N LEU B 188 6.70 -2.14 28.84
CA LEU B 188 6.11 -2.61 30.09
C LEU B 188 4.71 -2.05 30.22
N GLN B 189 3.71 -2.93 30.11
CA GLN B 189 2.32 -2.55 30.29
C GLN B 189 1.83 -2.99 31.66
N ASP B 190 0.71 -2.40 32.08
CA ASP B 190 0.15 -2.71 33.39
C ASP B 190 -0.59 -4.04 33.37
N ARG B 191 -0.59 -4.72 34.53
CA ARG B 191 -1.29 -5.99 34.64
C ARG B 191 -2.80 -5.75 34.67
N PRO B 192 -3.60 -6.64 34.06
CA PRO B 192 -5.06 -6.46 34.11
C PRO B 192 -5.66 -6.78 35.47
N GLU B 193 -4.92 -7.41 36.38
CA GLU B 193 -5.45 -7.70 37.70
C GLU B 193 -5.47 -6.46 38.57
N SER B 194 -4.38 -5.68 38.55
CA SER B 194 -4.37 -4.40 39.26
C SER B 194 -5.22 -3.35 38.55
N LEU B 195 -5.43 -3.52 37.24
CA LEU B 195 -6.29 -2.63 36.49
C LEU B 195 -7.75 -2.93 36.82
N LYS B 196 -8.54 -1.88 37.05
CA LYS B 196 -9.95 -2.07 37.34
C LYS B 196 -10.72 -2.40 36.07
N GLY B 197 -11.95 -2.87 36.25
CA GLY B 197 -12.79 -3.26 35.13
C GLY B 197 -13.27 -2.09 34.29
N GLY B 198 -13.02 -2.15 32.98
CA GLY B 198 -13.44 -1.11 32.07
C GLY B 198 -12.47 0.05 31.92
N GLN B 199 -11.31 -0.02 32.57
CA GLN B 199 -10.33 1.06 32.51
C GLN B 199 -9.38 0.86 31.32
N MET B 200 -8.31 1.63 31.27
CA MET B 200 -7.39 1.62 30.15
C MET B 200 -6.01 1.14 30.57
N PRO B 201 -5.48 0.09 29.95
CA PRO B 201 -4.10 -0.33 30.24
C PRO B 201 -3.10 0.63 29.60
N ARG B 202 -2.44 1.43 30.42
CA ARG B 202 -1.40 2.33 29.95
C ARG B 202 -0.05 1.61 29.91
N PHE B 203 0.88 2.17 29.12
CA PHE B 203 2.15 1.52 28.84
C PHE B 203 3.29 2.51 29.08
N VAL B 204 4.52 1.97 29.03
CA VAL B 204 5.74 2.78 29.06
C VAL B 204 6.82 1.98 28.34
N ASP B 205 7.59 2.65 27.49
CA ASP B 205 8.70 2.03 26.79
C ASP B 205 9.97 2.13 27.64
N ALA B 206 10.66 1.01 27.78
CA ALA B 206 11.85 0.95 28.62
C ALA B 206 13.00 0.30 27.84
N ILE B 207 14.22 0.51 28.33
CA ILE B 207 15.37 -0.08 27.67
C ILE B 207 16.26 -0.87 28.64
N LEU B 208 16.54 -2.13 28.31
CA LEU B 208 17.44 -2.93 29.13
C LEU B 208 18.82 -2.80 28.52
N LEU B 209 19.79 -2.31 29.29
CA LEU B 209 21.11 -2.07 28.72
C LEU B 209 22.17 -3.03 29.22
N ASP B 210 23.08 -3.42 28.34
CA ASP B 210 24.20 -4.28 28.75
C ASP B 210 23.74 -5.52 29.50
N ASP B 211 24.09 -5.62 30.78
CA ASP B 211 23.74 -6.80 31.56
C ASP B 211 22.24 -7.08 31.55
N LEU B 212 21.43 -6.04 31.67
CA LEU B 212 19.99 -6.22 31.75
C LEU B 212 19.40 -6.75 30.45
N VAL B 213 20.13 -6.62 29.35
CA VAL B 213 19.65 -7.14 28.08
C VAL B 213 19.34 -8.62 28.22
N ASP B 214 18.23 -9.06 27.64
CA ASP B 214 17.85 -10.48 27.71
C ASP B 214 17.69 -10.97 29.14
N ALA B 215 16.89 -10.26 29.94
CA ALA B 215 16.66 -10.68 31.32
C ALA B 215 15.19 -10.99 31.56
N ALA B 216 14.42 -11.18 30.48
CA ALA B 216 13.00 -11.46 30.60
C ALA B 216 12.45 -11.74 29.22
N LEU B 217 11.30 -12.42 29.20
CA LEU B 217 10.57 -12.80 28.00
C LEU B 217 9.22 -12.10 27.98
N PRO B 218 8.71 -11.70 26.80
CA PRO B 218 7.48 -10.91 26.76
C PRO B 218 6.25 -11.73 27.12
N GLY B 219 5.69 -11.43 28.30
CA GLY B 219 4.57 -12.19 28.81
C GLY B 219 4.76 -12.66 30.24
N ASP B 220 5.68 -12.06 30.97
CA ASP B 220 5.92 -12.39 32.36
C ASP B 220 5.63 -11.18 33.25
N ARG B 221 5.51 -11.44 34.55
CA ARG B 221 5.30 -10.39 35.53
C ARG B 221 6.65 -10.03 36.15
N VAL B 222 7.06 -8.77 36.01
CA VAL B 222 8.37 -8.33 36.46
C VAL B 222 8.21 -7.15 37.42
N LEU B 223 9.30 -6.85 38.12
CA LEU B 223 9.41 -5.72 39.03
C LEU B 223 10.72 -5.00 38.69
N VAL B 224 10.64 -3.99 37.84
CA VAL B 224 11.84 -3.31 37.35
C VAL B 224 12.09 -2.08 38.19
N THR B 225 13.36 -1.67 38.22
CA THR B 225 13.78 -0.41 38.81
C THR B 225 14.55 0.38 37.77
N GLY B 226 14.35 1.69 37.76
CA GLY B 226 15.03 2.53 36.79
C GLY B 226 14.63 3.97 36.95
N VAL B 227 15.07 4.78 35.98
CA VAL B 227 14.83 6.22 35.97
C VAL B 227 14.04 6.57 34.72
N LEU B 228 13.06 7.46 34.88
CA LEU B 228 12.23 7.89 33.76
C LEU B 228 12.87 9.11 33.11
N ARG B 229 13.13 9.01 31.80
CA ARG B 229 13.80 10.07 31.06
C ARG B 229 13.00 10.43 29.82
N VAL B 230 13.31 11.59 29.26
CA VAL B 230 12.63 12.11 28.08
C VAL B 230 13.62 12.17 26.93
N ILE B 231 13.12 11.92 25.71
CA ILE B 231 14.01 11.70 24.56
C ILE B 231 13.71 12.64 23.40
N LEU B 232 12.61 13.40 23.50
CA LEU B 232 12.15 14.37 22.50
C LEU B 232 11.91 13.74 21.12
N GLU B 233 11.39 12.51 21.08
CA GLU B 233 11.23 11.84 19.79
C GLU B 233 9.90 12.18 19.13
N GLN B 234 8.82 12.25 19.91
CA GLN B 234 7.49 12.37 19.33
C GLN B 234 7.22 13.77 18.78
N ARG B 235 7.92 14.78 19.31
CA ARG B 235 7.78 16.16 18.86
C ARG B 235 9.10 16.88 19.07
N GLU B 236 9.82 17.12 17.98
CA GLU B 236 11.08 17.85 18.06
C GLU B 236 10.85 19.35 18.03
N LYS B 237 9.88 19.81 17.23
CA LYS B 237 9.58 21.24 17.19
C LYS B 237 8.71 21.66 18.38
N ARG B 238 7.70 20.87 18.69
CA ARG B 238 6.83 21.14 19.82
C ARG B 238 7.48 20.67 21.11
N PRO B 239 7.15 21.30 22.27
CA PRO B 239 7.67 20.86 23.58
C PRO B 239 6.96 19.66 24.18
N ILE B 240 6.84 18.59 23.39
CA ILE B 240 6.23 17.34 23.81
C ILE B 240 7.30 16.25 23.76
N PHE B 241 7.33 15.41 24.79
CA PHE B 241 8.41 14.44 24.97
C PHE B 241 7.85 13.03 24.84
N LYS B 242 8.72 12.05 25.11
CA LYS B 242 8.36 10.64 25.18
C LYS B 242 9.10 10.02 26.34
N LYS B 243 8.37 9.33 27.22
CA LYS B 243 8.95 8.76 28.42
C LYS B 243 9.72 7.48 28.10
N ILE B 244 10.93 7.37 28.64
CA ILE B 244 11.77 6.20 28.47
C ILE B 244 12.34 5.83 29.84
N LEU B 245 12.14 4.58 30.25
CA LEU B 245 12.60 4.08 31.55
C LEU B 245 13.94 3.37 31.35
N GLU B 246 15.02 4.04 31.71
CA GLU B 246 16.35 3.44 31.68
C GLU B 246 16.46 2.49 32.86
N VAL B 247 16.26 1.19 32.61
CA VAL B 247 16.14 0.21 33.67
C VAL B 247 17.51 -0.07 34.28
N ASN B 248 17.62 0.15 35.59
CA ASN B 248 18.85 -0.14 36.32
C ASN B 248 18.91 -1.60 36.75
N HIS B 249 17.81 -2.16 37.24
CA HIS B 249 17.74 -3.56 37.61
C HIS B 249 16.37 -4.10 37.24
N ILE B 250 16.33 -5.29 36.64
CA ILE B 250 15.11 -5.99 36.31
C ILE B 250 15.00 -7.24 37.16
N GLU B 251 13.84 -7.43 37.79
CA GLU B 251 13.60 -8.56 38.67
C GLU B 251 12.21 -9.11 38.40
N GLN B 252 12.07 -10.43 38.52
CA GLN B 252 10.76 -11.05 38.36
C GLN B 252 9.86 -10.71 39.54
N LEU B 253 8.57 -10.56 39.27
CA LEU B 253 7.62 -10.23 40.32
C LEU B 253 7.39 -11.44 41.23
N SER B 254 7.22 -11.17 42.52
CA SER B 254 7.02 -12.23 43.49
C SER B 254 5.62 -12.81 43.35
N LYS B 255 5.46 -14.05 43.84
CA LYS B 255 4.17 -14.73 43.75
C LYS B 255 3.17 -14.16 44.74
N GLU B 256 3.65 -13.46 45.78
CA GLU B 256 2.74 -12.78 46.70
C GLU B 256 2.03 -11.62 46.01
N ILE B 257 2.75 -10.91 45.13
CA ILE B 257 2.15 -9.77 44.43
C ILE B 257 1.37 -10.25 43.20
N GLU B 258 1.77 -11.38 42.61
CA GLU B 258 1.07 -11.89 41.44
C GLU B 258 -0.27 -12.50 41.82
N GLU B 259 -0.31 -13.29 42.89
CA GLU B 259 -1.55 -13.88 43.35
C GLU B 259 -2.39 -12.84 44.08
N LEU B 260 -3.71 -12.91 43.88
CA LEU B 260 -4.63 -12.02 44.58
C LEU B 260 -4.69 -12.40 46.05
N GLU B 261 -4.55 -11.41 46.92
CA GLU B 261 -4.48 -11.69 48.36
C GLU B 261 -5.88 -11.89 48.93
N ILE B 262 -6.02 -12.91 49.77
CA ILE B 262 -7.28 -13.22 50.43
C ILE B 262 -7.10 -13.00 51.93
N SER B 263 -8.16 -12.52 52.58
CA SER B 263 -8.10 -12.27 54.01
C SER B 263 -8.20 -13.59 54.78
N PRO B 264 -7.62 -13.64 55.99
CA PRO B 264 -7.76 -14.87 56.81
C PRO B 264 -9.18 -15.13 57.29
N GLU B 265 -10.01 -14.09 57.39
CA GLU B 265 -11.44 -14.29 57.64
C GLU B 265 -12.12 -14.93 56.43
N ASP B 266 -11.68 -14.55 55.22
CA ASP B 266 -12.22 -15.19 54.02
C ASP B 266 -11.72 -16.62 53.88
N GLU B 267 -10.56 -16.93 54.45
CA GLU B 267 -10.04 -18.29 54.40
C GLU B 267 -10.88 -19.22 55.28
N GLN B 268 -11.53 -18.68 56.31
CA GLN B 268 -12.47 -19.46 57.10
C GLN B 268 -13.74 -19.77 56.30
N LYS B 269 -14.16 -18.83 55.45
CA LYS B 269 -15.36 -19.03 54.65
C LYS B 269 -15.14 -20.05 53.53
N ILE B 270 -13.89 -20.23 53.09
CA ILE B 270 -13.60 -21.23 52.06
C ILE B 270 -13.65 -22.63 52.66
N ARG B 271 -13.07 -22.80 53.85
CA ARG B 271 -13.07 -24.12 54.49
C ARG B 271 -14.45 -24.48 55.03
N GLU B 272 -15.24 -23.48 55.39
CA GLU B 272 -16.61 -23.75 55.84
C GLU B 272 -17.51 -24.15 54.67
N LEU B 273 -17.21 -23.64 53.47
CA LEU B 273 -18.01 -23.96 52.31
C LEU B 273 -17.72 -25.38 51.80
N ALA B 274 -16.53 -25.91 52.09
CA ALA B 274 -16.18 -27.25 51.63
C ALA B 274 -16.92 -28.31 52.44
N LYS B 275 -17.21 -28.04 53.71
CA LYS B 275 -17.95 -28.98 54.53
C LYS B 275 -19.44 -28.99 54.23
N ARG B 276 -19.93 -28.02 53.47
CA ARG B 276 -21.34 -27.93 53.16
C ARG B 276 -21.73 -28.96 52.10
N LYS B 277 -22.80 -29.70 52.36
CA LYS B 277 -23.33 -30.67 51.42
C LYS B 277 -23.89 -29.96 50.19
N ASP B 278 -23.86 -30.67 49.05
CA ASP B 278 -24.19 -30.14 47.71
C ASP B 278 -23.29 -28.98 47.34
N ILE B 279 -21.99 -29.11 47.64
CA ILE B 279 -21.02 -28.10 47.23
C ILE B 279 -20.77 -28.17 45.73
N VAL B 280 -20.83 -29.37 45.16
CA VAL B 280 -20.65 -29.53 43.71
C VAL B 280 -21.88 -29.05 42.96
N ASP B 281 -23.04 -29.04 43.61
CA ASP B 281 -24.23 -28.46 43.01
C ASP B 281 -24.28 -26.95 43.21
N ALA B 282 -23.53 -26.43 44.19
CA ALA B 282 -23.50 -25.00 44.43
C ALA B 282 -22.61 -24.27 43.42
N ILE B 283 -21.59 -24.96 42.89
CA ILE B 283 -20.72 -24.33 41.91
C ILE B 283 -21.42 -24.24 40.55
N VAL B 284 -22.14 -25.31 40.19
CA VAL B 284 -22.75 -25.37 38.85
C VAL B 284 -24.00 -24.48 38.77
N ASP B 285 -24.55 -24.08 39.92
CA ASP B 285 -25.67 -23.14 39.92
C ASP B 285 -25.22 -21.69 40.07
N SER B 286 -23.95 -21.47 40.40
CA SER B 286 -23.41 -20.12 40.57
C SER B 286 -22.62 -19.64 39.37
N ILE B 287 -22.38 -20.50 38.38
CA ILE B 287 -21.64 -20.09 37.19
C ILE B 287 -22.51 -19.22 36.30
N ALA B 288 -23.72 -19.68 35.99
CA ALA B 288 -24.66 -18.92 35.16
C ALA B 288 -26.08 -19.20 35.65
N PRO B 289 -26.53 -18.47 36.67
CA PRO B 289 -27.93 -18.64 37.10
C PRO B 289 -28.92 -18.00 36.15
N ALA B 290 -28.49 -17.04 35.34
CA ALA B 290 -29.39 -16.42 34.36
C ALA B 290 -29.66 -17.38 33.19
N ILE B 291 -28.70 -18.24 32.87
CA ILE B 291 -28.88 -19.24 31.83
C ILE B 291 -29.55 -20.47 32.44
N TRP B 292 -30.72 -20.83 31.91
CA TRP B 292 -31.45 -21.98 32.42
C TRP B 292 -30.89 -23.26 31.81
N GLY B 293 -30.83 -24.31 32.63
CA GLY B 293 -30.40 -25.61 32.15
C GLY B 293 -28.90 -25.69 31.95
N HIS B 294 -28.51 -26.62 31.07
CA HIS B 294 -27.11 -26.92 30.72
C HIS B 294 -26.28 -27.28 31.94
N ARG B 295 -26.84 -28.09 32.84
CA ARG B 295 -26.17 -28.41 34.11
C ARG B 295 -24.97 -29.32 33.90
N ILE B 296 -24.97 -30.08 32.80
CA ILE B 296 -23.79 -30.84 32.41
C ILE B 296 -22.70 -29.89 31.93
N VAL B 297 -23.11 -28.83 31.22
CA VAL B 297 -22.16 -27.86 30.70
C VAL B 297 -21.59 -27.00 31.83
N LYS B 298 -22.41 -26.71 32.84
CA LYS B 298 -21.93 -25.95 33.99
C LYS B 298 -20.92 -26.74 34.81
N LYS B 299 -21.04 -28.07 34.81
CA LYS B 299 -20.06 -28.90 35.50
C LYS B 299 -18.75 -28.98 34.73
N GLY B 300 -18.81 -28.93 33.40
CA GLY B 300 -17.59 -29.02 32.62
C GLY B 300 -16.75 -27.76 32.68
N ILE B 301 -17.41 -26.60 32.78
CA ILE B 301 -16.68 -25.35 32.99
C ILE B 301 -16.09 -25.31 34.39
N ALA B 302 -16.81 -25.86 35.37
CA ALA B 302 -16.36 -25.85 36.75
C ALA B 302 -15.14 -26.75 36.95
N LEU B 303 -15.06 -27.85 36.20
CA LEU B 303 -13.87 -28.69 36.27
C LEU B 303 -12.68 -28.04 35.57
N ALA B 304 -12.93 -27.08 34.68
CA ALA B 304 -11.84 -26.38 34.02
C ALA B 304 -11.30 -25.26 34.90
N LEU B 305 -12.15 -24.64 35.71
CA LEU B 305 -11.69 -23.60 36.62
C LEU B 305 -10.91 -24.21 37.78
N PHE B 306 -11.47 -25.23 38.43
CA PHE B 306 -10.73 -26.04 39.38
C PHE B 306 -9.88 -27.07 38.62
N GLY B 307 -8.76 -26.58 38.09
CA GLY B 307 -7.93 -27.36 37.19
C GLY B 307 -7.26 -28.56 37.80
N GLY B 308 -6.72 -29.44 36.96
CA GLY B 308 -6.06 -30.63 37.44
C GLY B 308 -4.71 -30.31 38.10
N VAL B 309 -4.21 -31.30 38.84
CA VAL B 309 -2.96 -31.12 39.55
C VAL B 309 -1.79 -31.18 38.59
N GLN B 310 -0.97 -30.12 38.59
CA GLN B 310 0.24 -30.10 37.80
C GLN B 310 1.29 -30.99 38.44
N ARG B 311 1.95 -31.79 37.61
CA ARG B 311 2.94 -32.76 38.09
C ARG B 311 4.17 -32.68 37.21
N THR B 312 5.34 -32.60 37.85
CA THR B 312 6.62 -32.52 37.15
C THR B 312 7.42 -33.79 37.42
N LEU B 313 7.99 -34.35 36.36
CA LEU B 313 8.87 -35.49 36.49
C LEU B 313 10.26 -35.02 36.91
N PRO B 314 11.13 -35.94 37.42
CA PRO B 314 12.52 -35.55 37.68
C PRO B 314 13.31 -35.14 36.43
N ASP B 315 12.87 -35.61 35.26
CA ASP B 315 13.49 -35.18 34.01
C ASP B 315 12.52 -34.51 33.04
N GLY B 316 11.21 -34.68 33.19
CA GLY B 316 10.24 -34.06 32.31
C GLY B 316 9.16 -33.31 33.07
N THR B 317 8.07 -32.96 32.39
CA THR B 317 6.94 -32.29 33.03
C THR B 317 5.65 -32.61 32.28
N LYS B 318 4.88 -33.55 32.84
CA LYS B 318 3.52 -33.82 32.36
C LYS B 318 2.50 -33.07 33.23
N LEU B 319 2.68 -31.75 33.27
CA LEU B 319 1.92 -30.87 34.15
C LEU B 319 0.73 -30.24 33.43
N ARG B 320 0.14 -30.96 32.48
CA ARG B 320 -1.01 -30.44 31.75
C ARG B 320 -2.28 -30.56 32.56
N GLY B 321 -2.42 -29.74 33.60
CA GLY B 321 -3.66 -29.70 34.37
C GLY B 321 -4.72 -28.82 33.75
N GLU B 322 -4.38 -28.11 32.68
CA GLU B 322 -5.32 -27.22 32.00
C GLU B 322 -6.32 -28.05 31.20
N SER B 323 -7.54 -28.16 31.72
CA SER B 323 -8.60 -28.91 31.05
C SER B 323 -9.29 -27.98 30.06
N HIS B 324 -8.89 -28.08 28.80
CA HIS B 324 -9.44 -27.21 27.77
C HIS B 324 -10.84 -27.68 27.37
N VAL B 325 -11.81 -26.77 27.49
CA VAL B 325 -13.21 -27.06 27.20
C VAL B 325 -13.63 -26.24 25.98
N LEU B 326 -14.13 -26.93 24.96
CA LEU B 326 -14.61 -26.27 23.74
C LEU B 326 -16.12 -26.40 23.67
N LEU B 327 -16.80 -25.26 23.56
CA LEU B 327 -18.25 -25.20 23.46
C LEU B 327 -18.62 -24.95 22.00
N VAL B 328 -19.16 -25.96 21.34
CA VAL B 328 -19.56 -25.86 19.94
C VAL B 328 -21.08 -25.72 19.87
N GLY B 329 -21.55 -25.01 18.85
CA GLY B 329 -22.97 -24.81 18.68
C GLY B 329 -23.33 -23.67 17.75
N ASP B 330 -24.60 -23.60 17.37
CA ASP B 330 -25.09 -22.52 16.52
C ASP B 330 -25.18 -21.22 17.32
N PRO B 331 -25.11 -20.07 16.65
CA PRO B 331 -25.33 -18.81 17.35
C PRO B 331 -26.78 -18.65 17.79
N GLY B 332 -26.97 -18.45 19.09
CA GLY B 332 -28.30 -18.25 19.64
C GLY B 332 -28.71 -19.28 20.68
N VAL B 333 -27.75 -19.88 21.37
CA VAL B 333 -28.04 -20.84 22.43
C VAL B 333 -27.34 -20.39 23.71
N ALA B 334 -27.16 -19.07 23.84
CA ALA B 334 -26.44 -18.42 24.94
C ALA B 334 -25.02 -18.96 25.10
N LYS B 335 -24.35 -19.19 23.97
CA LYS B 335 -22.98 -19.72 24.00
C LYS B 335 -21.94 -18.61 24.16
N SER B 336 -22.18 -17.44 23.56
CA SER B 336 -21.26 -16.33 23.65
C SER B 336 -21.32 -15.62 25.00
N GLN B 337 -22.52 -15.51 25.59
CA GLN B 337 -22.65 -14.88 26.89
C GLN B 337 -22.31 -15.81 28.04
N LEU B 338 -22.14 -17.11 27.77
CA LEU B 338 -21.68 -18.03 28.81
C LEU B 338 -20.22 -17.79 29.16
N LEU B 339 -19.40 -17.41 28.18
CA LEU B 339 -18.01 -17.06 28.45
C LEU B 339 -17.89 -15.71 29.14
N ARG B 340 -18.88 -14.83 28.95
CA ARG B 340 -18.86 -13.54 29.65
C ARG B 340 -19.25 -13.68 31.11
N TYR B 341 -19.94 -14.76 31.48
CA TYR B 341 -20.31 -14.98 32.87
C TYR B 341 -19.15 -15.51 33.70
N VAL B 342 -18.20 -16.20 33.06
CA VAL B 342 -17.03 -16.73 33.75
C VAL B 342 -15.83 -15.80 33.65
N ALA B 343 -15.98 -14.63 33.03
CA ALA B 343 -14.87 -13.69 32.92
C ALA B 343 -14.60 -13.02 34.26
N ASN B 344 -15.66 -12.54 34.92
CA ASN B 344 -15.54 -11.94 36.25
C ASN B 344 -15.62 -12.98 37.36
N LEU B 345 -15.78 -14.26 37.02
CA LEU B 345 -15.85 -15.35 37.99
C LEU B 345 -14.51 -16.04 38.19
N ALA B 346 -13.73 -16.19 37.12
CA ALA B 346 -12.44 -16.87 37.17
C ALA B 346 -11.31 -15.87 37.40
N PRO B 347 -10.35 -16.20 38.26
CA PRO B 347 -9.20 -15.31 38.46
C PRO B 347 -8.25 -15.36 37.28
N ARG B 348 -7.66 -14.19 36.97
CA ARG B 348 -6.70 -13.98 35.89
C ARG B 348 -7.29 -14.38 34.53
N ALA B 349 -8.56 -14.01 34.30
CA ALA B 349 -9.27 -14.37 33.08
C ALA B 349 -9.27 -13.20 32.11
N ILE B 350 -9.06 -13.50 30.84
CA ILE B 350 -9.03 -12.51 29.77
C ILE B 350 -10.03 -12.93 28.71
N TYR B 351 -11.05 -12.11 28.47
CA TYR B 351 -12.05 -12.37 27.44
C TYR B 351 -11.60 -11.72 26.14
N THR B 352 -11.61 -12.50 25.05
CA THR B 352 -11.17 -12.02 23.75
C THR B 352 -11.98 -12.71 22.66
N SER B 353 -11.73 -12.31 21.42
CA SER B 353 -12.34 -12.92 20.25
C SER B 353 -11.29 -13.72 19.49
N GLY B 354 -11.77 -14.50 18.52
CA GLY B 354 -10.86 -15.27 17.69
C GLY B 354 -10.10 -14.41 16.70
N LYS B 355 -10.80 -13.48 16.05
CA LYS B 355 -10.18 -12.52 15.15
C LYS B 355 -10.07 -11.17 15.84
N SER B 356 -8.91 -10.54 15.75
CA SER B 356 -8.66 -9.28 16.42
C SER B 356 -7.86 -8.37 15.51
N SER B 357 -7.95 -7.06 15.78
CA SER B 357 -7.19 -6.08 15.01
C SER B 357 -5.72 -6.06 15.40
N SER B 358 -5.36 -6.62 16.55
CA SER B 358 -3.98 -6.68 16.97
C SER B 358 -3.21 -7.69 16.10
N ALA B 359 -1.94 -7.40 15.86
CA ALA B 359 -1.14 -8.26 15.00
C ALA B 359 -0.72 -9.54 15.73
N ALA B 360 -0.72 -9.51 17.07
CA ALA B 360 -0.36 -10.70 17.84
C ALA B 360 -1.49 -11.72 17.80
N GLY B 361 -2.67 -11.36 18.29
CA GLY B 361 -3.80 -12.25 18.29
C GLY B 361 -3.83 -13.18 19.49
N LEU B 362 -4.10 -14.47 19.24
CA LEU B 362 -4.16 -15.42 20.34
C LEU B 362 -2.77 -15.82 20.80
N THR B 363 -1.86 -16.07 19.86
CA THR B 363 -0.49 -16.45 20.17
C THR B 363 0.44 -15.27 19.91
N ALA B 364 1.74 -15.52 20.05
CA ALA B 364 2.74 -14.47 19.84
C ALA B 364 3.00 -14.26 18.36
N ALA B 365 3.37 -13.03 18.01
CA ALA B 365 3.69 -12.68 16.63
C ALA B 365 4.70 -11.54 16.65
N ALA B 366 5.56 -11.50 15.64
CA ALA B 366 6.61 -10.51 15.55
C ALA B 366 6.33 -9.55 14.39
N VAL B 367 6.47 -8.25 14.66
CA VAL B 367 6.25 -7.21 13.66
C VAL B 367 7.53 -6.41 13.51
N ARG B 368 7.60 -5.60 12.45
CA ARG B 368 8.83 -4.88 12.13
C ARG B 368 8.84 -3.46 12.69
N ASP B 369 7.75 -3.01 13.31
CA ASP B 369 7.63 -1.61 13.70
C ASP B 369 7.05 -1.48 15.11
N GLU B 370 7.86 -0.96 16.04
CA GLU B 370 7.38 -0.40 17.30
C GLU B 370 8.01 0.98 17.45
N PHE B 371 7.41 1.98 16.79
CA PHE B 371 7.70 3.40 16.87
C PHE B 371 9.08 3.81 16.35
N THR B 372 9.95 2.86 16.01
CA THR B 372 11.27 3.18 15.47
C THR B 372 11.45 2.57 14.08
N GLY B 373 11.13 1.28 13.94
CA GLY B 373 11.38 0.56 12.71
C GLY B 373 12.22 -0.69 12.93
N SER B 374 12.23 -1.19 14.15
CA SER B 374 13.03 -2.35 14.53
C SER B 374 12.15 -3.57 14.76
N TRP B 375 12.71 -4.75 14.52
CA TRP B 375 11.99 -6.00 14.70
C TRP B 375 11.73 -6.28 16.17
N VAL B 376 10.46 -6.40 16.53
CA VAL B 376 10.03 -6.60 17.91
C VAL B 376 9.06 -7.77 17.95
N LEU B 377 9.08 -8.53 19.05
CA LEU B 377 8.14 -9.63 19.22
C LEU B 377 7.01 -9.21 20.16
N GLU B 378 5.77 -9.43 19.73
CA GLU B 378 4.60 -9.07 20.50
C GLU B 378 3.97 -10.30 21.12
N ALA B 379 3.37 -10.12 22.30
CA ALA B 379 2.73 -11.21 23.01
C ALA B 379 1.23 -11.19 22.74
N GLY B 380 0.63 -12.38 22.67
CA GLY B 380 -0.77 -12.53 22.39
C GLY B 380 -1.61 -12.69 23.65
N VAL B 381 -2.81 -13.24 23.48
CA VAL B 381 -3.72 -13.42 24.59
C VAL B 381 -3.27 -14.58 25.48
N LEU B 382 -2.86 -15.70 24.87
CA LEU B 382 -2.46 -16.87 25.64
C LEU B 382 -1.13 -16.68 26.35
N VAL B 383 -0.34 -15.68 25.98
CA VAL B 383 0.92 -15.41 26.65
C VAL B 383 0.73 -14.46 27.83
N LEU B 384 -0.11 -13.43 27.66
CA LEU B 384 -0.36 -12.49 28.76
C LEU B 384 -1.24 -13.11 29.84
N ALA B 385 -2.02 -14.13 29.49
CA ALA B 385 -2.85 -14.86 30.45
C ALA B 385 -2.18 -16.10 30.99
N ASP B 386 -0.86 -16.10 31.12
CA ASP B 386 -0.13 -17.25 31.64
C ASP B 386 -0.45 -17.46 33.11
N GLY B 387 -0.86 -18.67 33.46
CA GLY B 387 -1.33 -18.97 34.79
C GLY B 387 -2.76 -18.58 35.07
N GLY B 388 -3.53 -18.27 34.03
CA GLY B 388 -4.92 -17.87 34.18
C GLY B 388 -5.80 -18.57 33.15
N PHE B 389 -6.76 -17.81 32.64
CA PHE B 389 -7.75 -18.34 31.70
C PHE B 389 -7.87 -17.43 30.50
N ALA B 390 -8.07 -18.03 29.33
CA ALA B 390 -8.27 -17.31 28.08
C ALA B 390 -9.60 -17.74 27.48
N LEU B 391 -10.53 -16.80 27.38
CA LEU B 391 -11.89 -17.08 26.89
C LEU B 391 -12.00 -16.56 25.46
N ILE B 392 -11.63 -17.41 24.50
CA ILE B 392 -11.59 -17.02 23.11
C ILE B 392 -12.96 -17.31 22.49
N ASP B 393 -13.70 -16.26 22.16
CA ASP B 393 -14.93 -16.41 21.40
C ASP B 393 -14.61 -16.49 19.92
N GLU B 394 -15.45 -17.27 19.21
CA GLU B 394 -15.28 -17.58 17.78
C GLU B 394 -13.90 -18.20 17.50
N PHE B 395 -13.66 -19.37 18.09
CA PHE B 395 -12.37 -20.04 17.99
C PHE B 395 -12.09 -20.59 16.60
N ASP B 396 -13.13 -20.78 15.78
CA ASP B 396 -12.92 -21.30 14.43
C ASP B 396 -12.30 -20.26 13.52
N LYS B 397 -12.63 -18.98 13.71
CA LYS B 397 -12.14 -17.90 12.86
C LYS B 397 -10.93 -17.27 13.52
N MET B 398 -9.74 -17.73 13.14
CA MET B 398 -8.49 -17.13 13.60
C MET B 398 -7.50 -17.13 12.45
N SER B 399 -6.36 -16.46 12.69
CA SER B 399 -5.36 -16.30 11.64
C SER B 399 -4.62 -17.60 11.40
N ASP B 400 -3.96 -17.68 10.24
CA ASP B 400 -3.16 -18.86 9.90
C ASP B 400 -1.89 -18.94 10.75
N ARG B 401 -1.39 -17.79 11.20
CA ARG B 401 -0.26 -17.78 12.12
C ARG B 401 -0.68 -18.31 13.50
N ASP B 402 -1.89 -17.96 13.93
CA ASP B 402 -2.40 -18.48 15.19
C ASP B 402 -2.87 -19.93 15.06
N ARG B 403 -3.21 -20.36 13.85
CA ARG B 403 -3.67 -21.73 13.65
C ARG B 403 -2.53 -22.74 13.76
N SER B 404 -1.32 -22.36 13.35
CA SER B 404 -0.19 -23.27 13.39
C SER B 404 0.46 -23.36 14.76
N ALA B 405 0.34 -22.32 15.58
CA ALA B 405 0.96 -22.29 16.90
C ALA B 405 0.00 -22.66 18.02
N ILE B 406 -1.24 -23.02 17.69
CA ILE B 406 -2.20 -23.38 18.73
C ILE B 406 -2.08 -24.86 19.10
N HIS B 407 -1.42 -25.67 18.26
CA HIS B 407 -1.23 -27.07 18.60
C HIS B 407 -0.15 -27.23 19.67
N GLU B 408 0.87 -26.36 19.65
CA GLU B 408 1.91 -26.43 20.67
C GLU B 408 1.49 -25.70 21.94
N ALA B 409 0.60 -24.71 21.83
CA ALA B 409 0.17 -23.94 22.99
C ALA B 409 -0.80 -24.74 23.87
N LEU B 410 -1.48 -25.72 23.30
CA LEU B 410 -2.45 -26.51 24.07
C LEU B 410 -1.86 -27.83 24.55
N GLU B 411 -0.87 -28.37 23.84
CA GLU B 411 -0.27 -29.64 24.25
C GLU B 411 0.90 -29.42 25.20
N GLN B 412 1.92 -28.68 24.75
CA GLN B 412 3.12 -28.47 25.54
C GLN B 412 3.05 -27.21 26.40
N GLN B 413 1.98 -26.41 26.26
CA GLN B 413 1.77 -25.14 26.96
C GLN B 413 2.89 -24.14 26.73
N THR B 414 3.56 -24.24 25.58
CA THR B 414 4.62 -23.32 25.19
C THR B 414 4.52 -23.04 23.70
N ILE B 415 5.06 -21.90 23.29
CA ILE B 415 5.16 -21.55 21.87
C ILE B 415 6.58 -21.03 21.62
N SER B 416 7.20 -21.53 20.54
CA SER B 416 8.57 -21.16 20.20
C SER B 416 8.55 -20.30 18.94
N ILE B 417 8.68 -18.99 19.11
CA ILE B 417 8.75 -18.08 17.97
C ILE B 417 10.20 -17.97 17.53
N SER B 418 10.64 -18.92 16.70
CA SER B 418 12.03 -18.95 16.26
C SER B 418 12.17 -18.22 14.92
N LYS B 419 13.01 -17.19 14.90
CA LYS B 419 13.25 -16.42 13.69
C LYS B 419 14.73 -16.08 13.61
N ALA B 420 15.07 -15.16 12.70
CA ALA B 420 16.46 -14.72 12.58
C ALA B 420 16.80 -13.66 13.62
N GLY B 421 15.79 -13.13 14.32
CA GLY B 421 16.02 -12.10 15.30
C GLY B 421 15.75 -12.53 16.73
N ILE B 422 14.70 -11.96 17.32
CA ILE B 422 14.37 -12.19 18.73
C ILE B 422 13.77 -13.58 18.91
N THR B 423 14.31 -14.34 19.86
CA THR B 423 13.78 -15.64 20.24
C THR B 423 13.54 -15.68 21.74
N ALA B 424 12.35 -16.14 22.12
CA ALA B 424 11.95 -16.07 23.53
C ALA B 424 11.46 -17.41 24.08
N THR B 425 10.86 -18.24 23.21
CA THR B 425 10.22 -19.51 23.56
C THR B 425 9.18 -19.31 24.67
N LEU B 426 8.11 -18.61 24.31
CA LEU B 426 7.14 -18.15 25.30
C LEU B 426 6.27 -19.29 25.81
N ASN B 427 5.89 -19.20 27.09
CA ASN B 427 5.02 -20.18 27.70
C ASN B 427 3.56 -19.76 27.60
N SER B 428 2.69 -20.75 27.51
CA SER B 428 1.25 -20.50 27.36
C SER B 428 0.48 -21.39 28.32
N ARG B 429 0.90 -21.41 29.59
CA ARG B 429 0.24 -22.21 30.63
C ARG B 429 -1.07 -21.54 31.00
N THR B 430 -2.10 -21.81 30.20
CA THR B 430 -3.39 -21.15 30.30
C THR B 430 -4.50 -22.14 29.95
N THR B 431 -5.47 -22.29 30.84
CA THR B 431 -6.64 -23.11 30.54
C THR B 431 -7.54 -22.37 29.57
N VAL B 432 -7.73 -22.93 28.38
CA VAL B 432 -8.46 -22.28 27.31
C VAL B 432 -9.89 -22.80 27.32
N ILE B 433 -10.85 -21.89 27.53
CA ILE B 433 -12.26 -22.21 27.41
C ILE B 433 -12.81 -21.44 26.21
N ALA B 434 -12.88 -22.11 25.07
CA ALA B 434 -13.21 -21.45 23.81
C ALA B 434 -14.61 -21.80 23.34
N ALA B 435 -15.09 -21.02 22.37
CA ALA B 435 -16.39 -21.23 21.76
C ALA B 435 -16.21 -21.24 20.25
N ALA B 436 -16.79 -22.24 19.59
CA ALA B 436 -16.64 -22.42 18.15
C ALA B 436 -17.98 -22.30 17.45
N ASN B 437 -17.91 -22.01 16.16
CA ASN B 437 -19.07 -21.85 15.29
C ASN B 437 -18.99 -22.83 14.12
N PRO B 438 -20.13 -23.30 13.61
CA PRO B 438 -20.10 -24.24 12.49
C PRO B 438 -19.69 -23.58 11.19
N LYS B 439 -19.42 -24.43 10.19
CA LYS B 439 -19.05 -23.93 8.87
C LYS B 439 -20.25 -23.32 8.15
N PHE B 440 -21.33 -24.09 8.02
CA PHE B 440 -22.53 -23.63 7.34
C PHE B 440 -23.55 -23.03 8.30
N GLY B 441 -23.20 -22.85 9.57
CA GLY B 441 -24.04 -22.09 10.48
C GLY B 441 -24.61 -22.85 11.67
N ARG B 442 -25.03 -24.08 11.43
CA ARG B 442 -25.63 -24.86 12.50
C ARG B 442 -25.11 -26.28 12.55
N PHE B 443 -25.41 -26.98 13.64
CA PHE B 443 -24.99 -28.37 13.80
C PHE B 443 -26.20 -29.28 13.74
N ASN B 444 -26.09 -30.35 12.96
CA ASN B 444 -27.05 -31.46 13.01
C ASN B 444 -26.36 -32.69 13.58
N ARG B 445 -27.10 -33.47 14.37
CA ARG B 445 -26.49 -34.60 15.07
C ARG B 445 -26.28 -35.80 14.15
N HIS B 446 -26.88 -35.80 12.96
CA HIS B 446 -26.73 -36.94 12.05
C HIS B 446 -25.37 -36.94 11.36
N LYS B 447 -24.74 -35.77 11.25
CA LYS B 447 -23.45 -35.66 10.59
C LYS B 447 -22.31 -35.62 11.61
N SER B 448 -21.09 -35.79 11.12
CA SER B 448 -19.92 -35.85 11.97
C SER B 448 -19.50 -34.46 12.43
N LEU B 449 -18.82 -34.42 13.57
CA LEU B 449 -18.46 -33.16 14.24
C LEU B 449 -17.22 -32.45 13.68
N PRO B 450 -16.06 -33.09 13.43
CA PRO B 450 -14.91 -32.29 12.95
C PRO B 450 -15.03 -31.84 11.50
N GLU B 451 -15.94 -32.43 10.71
CA GLU B 451 -16.07 -32.02 9.31
C GLU B 451 -16.91 -30.76 9.15
N GLN B 452 -17.51 -30.25 10.22
CA GLN B 452 -18.27 -29.00 10.19
C GLN B 452 -17.57 -27.86 10.92
N LEU B 453 -16.32 -28.06 11.33
CA LEU B 453 -15.57 -27.04 12.04
C LEU B 453 -14.31 -26.70 11.25
N ASP B 454 -13.89 -25.43 11.33
CA ASP B 454 -12.67 -25.00 10.67
C ASP B 454 -11.41 -25.49 11.37
N LEU B 455 -11.53 -25.98 12.60
CA LEU B 455 -10.37 -26.50 13.31
C LEU B 455 -9.97 -27.86 12.75
N PRO B 456 -8.69 -28.20 12.75
CA PRO B 456 -8.26 -29.53 12.30
C PRO B 456 -8.67 -30.59 13.30
N PRO B 457 -8.76 -31.86 12.87
CA PRO B 457 -9.10 -32.93 13.82
C PRO B 457 -8.02 -33.19 14.87
N THR B 458 -6.76 -32.81 14.59
CA THR B 458 -5.73 -32.92 15.62
C THR B 458 -5.89 -31.84 16.68
N LEU B 459 -6.54 -30.72 16.34
CA LEU B 459 -6.79 -29.67 17.31
C LEU B 459 -7.90 -30.06 18.28
N LEU B 460 -8.87 -30.85 17.82
CA LEU B 460 -9.96 -31.28 18.68
C LEU B 460 -9.51 -32.32 19.70
N SER B 461 -8.38 -32.99 19.47
CA SER B 461 -7.82 -33.89 20.47
C SER B 461 -7.17 -33.14 21.62
N ARG B 462 -6.86 -31.84 21.44
CA ARG B 462 -6.30 -31.05 22.53
C ARG B 462 -7.32 -30.72 23.60
N PHE B 463 -8.60 -30.68 23.25
CA PHE B 463 -9.66 -30.34 24.19
C PHE B 463 -10.12 -31.59 24.93
N ASP B 464 -10.30 -31.46 26.25
CA ASP B 464 -10.71 -32.60 27.05
C ASP B 464 -12.23 -32.77 27.02
N LEU B 465 -12.98 -31.68 26.96
CA LEU B 465 -14.44 -31.72 26.95
C LEU B 465 -14.96 -30.89 25.79
N ILE B 466 -15.80 -31.51 24.96
CA ILE B 466 -16.42 -30.85 23.82
C ILE B 466 -17.92 -30.90 24.04
N PHE B 467 -18.50 -29.81 24.53
CA PHE B 467 -19.92 -29.73 24.77
C PHE B 467 -20.63 -29.11 23.56
N LEU B 468 -21.71 -29.74 23.13
CA LEU B 468 -22.46 -29.34 21.96
C LEU B 468 -23.82 -28.82 22.40
N LEU B 469 -24.18 -27.64 21.89
CA LEU B 469 -25.41 -26.94 22.30
C LEU B 469 -26.26 -26.68 21.07
N LEU B 470 -27.50 -27.17 21.10
CA LEU B 470 -28.47 -26.91 20.05
C LEU B 470 -29.71 -26.23 20.63
N ASP B 471 -30.51 -25.67 19.73
CA ASP B 471 -31.80 -25.08 20.08
C ASP B 471 -32.86 -26.00 19.49
N GLU B 472 -33.22 -27.03 20.25
CA GLU B 472 -34.18 -28.04 19.81
C GLU B 472 -35.47 -27.87 20.60
N PRO B 473 -36.59 -27.55 19.94
CA PRO B 473 -37.82 -27.30 20.69
C PRO B 473 -38.53 -28.58 21.11
N ASP B 474 -38.89 -28.63 22.39
CA ASP B 474 -39.76 -29.67 22.92
C ASP B 474 -40.91 -29.00 23.66
N GLU B 475 -41.84 -29.83 24.14
CA GLU B 475 -43.05 -29.30 24.77
C GLU B 475 -42.76 -28.77 26.17
N LYS B 476 -41.85 -29.41 26.89
CA LYS B 476 -41.65 -29.10 28.30
C LYS B 476 -40.54 -28.08 28.51
N VAL B 477 -39.51 -28.08 27.67
CA VAL B 477 -38.35 -27.23 27.91
C VAL B 477 -38.65 -25.79 27.50
N ASP B 478 -39.54 -25.59 26.53
CA ASP B 478 -39.85 -24.24 26.06
C ASP B 478 -40.73 -23.48 27.05
N ALA B 479 -41.52 -24.19 27.85
CA ALA B 479 -42.30 -23.53 28.89
C ALA B 479 -41.42 -23.15 30.07
N SER B 480 -40.35 -23.90 30.33
CA SER B 480 -39.47 -23.59 31.43
C SER B 480 -38.46 -22.51 31.07
N ILE B 481 -38.12 -22.42 29.77
CA ILE B 481 -37.18 -21.39 29.33
C ILE B 481 -37.85 -20.03 29.33
N ALA B 482 -39.09 -19.96 28.81
CA ALA B 482 -39.80 -18.68 28.74
C ALA B 482 -40.23 -18.19 30.11
N GLU B 483 -40.42 -19.13 31.05
CA GLU B 483 -40.72 -18.73 32.43
C GLU B 483 -39.47 -18.21 33.14
N HIS B 484 -38.29 -18.62 32.68
CA HIS B 484 -37.05 -18.17 33.31
C HIS B 484 -36.61 -16.82 32.78
N ILE B 485 -36.79 -16.57 31.48
CA ILE B 485 -36.41 -15.28 30.90
C ILE B 485 -37.35 -14.19 31.38
N LEU B 486 -38.62 -14.52 31.58
CA LEU B 486 -39.57 -13.56 32.14
C LEU B 486 -39.26 -13.29 33.61
N LYS B 487 -38.69 -14.28 34.31
CA LYS B 487 -38.25 -14.04 35.68
C LYS B 487 -36.94 -13.25 35.72
N VAL B 488 -36.09 -13.40 34.69
CA VAL B 488 -34.86 -12.63 34.62
C VAL B 488 -35.15 -11.17 34.28
N ARG B 489 -36.09 -10.94 33.35
CA ARG B 489 -36.40 -9.58 32.90
C ARG B 489 -37.12 -8.79 33.98
N ARG B 490 -37.95 -9.44 34.78
CA ARG B 490 -38.64 -8.76 35.87
C ARG B 490 -37.75 -8.53 37.09
N GLY B 491 -36.65 -9.25 37.20
CA GLY B 491 -35.75 -9.06 38.32
C GLY B 491 -36.13 -9.80 39.58
N GLU B 492 -36.52 -11.06 39.45
CA GLU B 492 -36.82 -11.88 40.62
C GLU B 492 -35.54 -12.25 41.35
N ALA B 493 -35.67 -12.60 42.63
CA ALA B 493 -34.50 -12.86 43.46
C ALA B 493 -33.84 -14.19 43.09
N GLU B 494 -34.60 -15.29 43.20
CA GLU B 494 -34.02 -16.62 43.08
C GLU B 494 -33.64 -16.98 41.65
N ALA B 495 -34.18 -16.26 40.66
CA ALA B 495 -33.88 -16.56 39.28
C ALA B 495 -32.52 -16.04 38.84
N VAL B 496 -32.03 -14.95 39.43
CA VAL B 496 -30.75 -14.37 39.05
C VAL B 496 -29.70 -14.46 40.13
N THR B 497 -30.06 -14.90 41.38
CA THR B 497 -28.97 -14.92 42.35
C THR B 497 -28.21 -16.24 42.27
N PRO B 498 -26.92 -16.24 42.60
CA PRO B 498 -26.20 -17.51 42.75
C PRO B 498 -26.33 -18.04 44.16
N LYS B 499 -25.93 -19.31 44.32
CA LYS B 499 -25.96 -19.93 45.64
C LYS B 499 -24.88 -19.37 46.55
N ILE B 500 -23.72 -19.04 45.99
CA ILE B 500 -22.63 -18.41 46.73
C ILE B 500 -22.25 -17.14 45.99
N PRO B 501 -21.79 -16.09 46.68
CA PRO B 501 -21.49 -14.82 45.99
C PRO B 501 -20.26 -14.94 45.09
N TYR B 502 -20.18 -14.01 44.13
CA TYR B 502 -19.11 -14.06 43.14
C TYR B 502 -17.77 -13.65 43.73
N ASP B 503 -17.78 -12.81 44.77
CA ASP B 503 -16.53 -12.47 45.45
C ASP B 503 -16.01 -13.64 46.27
N LEU B 504 -16.91 -14.48 46.77
CA LEU B 504 -16.48 -15.68 47.49
C LEU B 504 -16.11 -16.80 46.52
N LEU B 505 -16.77 -16.85 45.35
CA LEU B 505 -16.49 -17.89 44.38
C LEU B 505 -15.17 -17.64 43.65
N LYS B 506 -14.82 -16.37 43.44
CA LYS B 506 -13.56 -16.05 42.78
C LYS B 506 -12.37 -16.38 43.68
N LYS B 507 -12.56 -16.29 45.00
CA LYS B 507 -11.51 -16.67 45.93
C LYS B 507 -11.57 -18.15 46.29
N TYR B 508 -12.66 -18.83 45.96
CA TYR B 508 -12.73 -20.28 46.16
C TYR B 508 -11.88 -21.02 45.13
N ILE B 509 -11.76 -20.48 43.91
CA ILE B 509 -10.96 -21.13 42.89
C ILE B 509 -9.48 -20.86 43.12
N ALA B 510 -9.14 -19.65 43.59
CA ALA B 510 -7.75 -19.30 43.84
C ALA B 510 -7.19 -20.04 45.05
N TYR B 511 -8.04 -20.37 46.03
CA TYR B 511 -7.56 -21.15 47.17
C TYR B 511 -7.37 -22.61 46.79
N ALA B 512 -8.19 -23.11 45.87
CA ALA B 512 -8.06 -24.51 45.46
C ALA B 512 -6.90 -24.71 44.51
N ARG B 513 -6.64 -23.73 43.64
CA ARG B 513 -5.56 -23.87 42.66
C ARG B 513 -4.19 -23.65 43.26
N LYS B 514 -4.11 -23.11 44.48
CA LYS B 514 -2.84 -22.82 45.13
C LYS B 514 -2.49 -23.80 46.24
N ASN B 515 -3.43 -24.08 47.15
CA ASN B 515 -3.17 -24.90 48.33
C ASN B 515 -3.52 -26.36 48.12
N VAL B 516 -4.73 -26.66 47.68
CA VAL B 516 -5.21 -28.03 47.59
C VAL B 516 -4.64 -28.70 46.35
N HIS B 517 -3.89 -29.79 46.55
CA HIS B 517 -3.36 -30.61 45.48
C HIS B 517 -3.71 -32.06 45.78
N PRO B 518 -4.86 -32.54 45.28
CA PRO B 518 -5.28 -33.91 45.59
C PRO B 518 -4.41 -34.94 44.88
N VAL B 519 -4.38 -36.14 45.46
CA VAL B 519 -3.58 -37.24 44.95
C VAL B 519 -4.50 -38.44 44.75
N LEU B 520 -4.13 -39.32 43.83
CA LEU B 520 -4.95 -40.47 43.50
C LEU B 520 -4.83 -41.56 44.56
N SER B 521 -5.96 -42.16 44.91
CA SER B 521 -6.01 -43.21 45.92
C SER B 521 -6.13 -44.58 45.25
N ARG B 522 -6.25 -45.61 46.08
CA ARG B 522 -6.38 -46.96 45.55
C ARG B 522 -7.78 -47.22 44.99
N GLU B 523 -8.80 -46.61 45.58
CA GLU B 523 -10.16 -46.78 45.07
C GLU B 523 -10.37 -45.98 43.79
N ALA B 524 -9.68 -44.86 43.66
CA ALA B 524 -9.81 -44.05 42.44
C ALA B 524 -9.07 -44.68 41.27
N MET B 525 -7.93 -45.32 41.55
CA MET B 525 -7.16 -45.98 40.48
C MET B 525 -7.87 -47.23 39.99
N GLU B 526 -8.66 -47.87 40.84
CA GLU B 526 -9.37 -49.07 40.43
C GLU B 526 -10.55 -48.73 39.54
N GLU B 527 -11.21 -47.59 39.79
CA GLU B 527 -12.36 -47.19 38.98
C GLU B 527 -11.92 -46.69 37.61
N ILE B 528 -10.78 -45.99 37.55
CA ILE B 528 -10.27 -45.49 36.29
C ILE B 528 -9.75 -46.64 35.42
N LYS B 529 -9.11 -47.64 36.05
CA LYS B 529 -8.64 -48.81 35.31
C LYS B 529 -9.80 -49.67 34.83
N ARG B 530 -10.91 -49.68 35.58
CA ARG B 530 -12.06 -50.47 35.17
C ARG B 530 -12.78 -49.83 33.99
N TYR B 531 -12.81 -48.50 33.95
CA TYR B 531 -13.46 -47.81 32.84
C TYR B 531 -12.60 -47.87 31.58
N TYR B 532 -11.27 -47.96 31.75
CA TYR B 532 -10.38 -47.96 30.59
C TYR B 532 -10.42 -49.30 29.85
N VAL B 533 -10.42 -50.41 30.60
CA VAL B 533 -10.42 -51.73 29.98
C VAL B 533 -11.79 -52.02 29.36
N LYS B 534 -12.87 -51.57 30.02
CA LYS B 534 -14.21 -51.85 29.52
C LYS B 534 -14.52 -51.07 28.25
N MET B 535 -14.06 -49.82 28.18
CA MET B 535 -14.35 -49.00 27.00
C MET B 535 -13.44 -49.37 25.84
N ARG B 536 -12.24 -49.89 26.11
CA ARG B 536 -11.39 -50.41 25.05
C ARG B 536 -11.86 -51.78 24.56
N LYS B 537 -12.71 -52.46 25.35
CA LYS B 537 -13.21 -53.77 24.96
C LYS B 537 -14.27 -53.65 23.87
N GLY B 538 -15.21 -52.73 24.04
CA GLY B 538 -16.32 -52.61 23.11
C GLY B 538 -16.17 -51.53 22.06
N LEU B 539 -15.75 -50.34 22.47
CA LEU B 539 -15.70 -49.21 21.54
C LEU B 539 -14.45 -49.25 20.68
N ARG B 540 -13.30 -49.59 21.27
CA ARG B 540 -12.05 -49.59 20.52
C ARG B 540 -11.84 -50.89 19.75
N ARG B 541 -12.04 -52.02 20.42
CA ARG B 541 -11.85 -53.32 19.76
C ARG B 541 -12.99 -53.65 18.81
N GLY B 542 -14.14 -52.99 18.96
CA GLY B 542 -15.21 -53.17 17.99
C GLY B 542 -14.89 -52.52 16.66
N ASP B 543 -14.11 -51.44 16.69
CA ASP B 543 -13.62 -50.79 15.48
C ASP B 543 -12.10 -50.93 15.35
N GLU B 544 -11.59 -52.13 15.63
CA GLU B 544 -10.14 -52.34 15.57
C GLU B 544 -9.67 -52.49 14.12
N ASP B 545 -10.44 -53.21 13.32
CA ASP B 545 -10.01 -53.53 11.96
C ASP B 545 -10.11 -52.31 11.05
N GLY B 546 -9.04 -52.06 10.30
CA GLY B 546 -8.97 -50.89 9.45
C GLY B 546 -8.37 -49.71 10.18
N VAL B 547 -9.12 -48.61 10.28
CA VAL B 547 -8.72 -47.44 11.04
C VAL B 547 -9.75 -47.21 12.15
N GLN B 548 -9.33 -46.53 13.22
CA GLN B 548 -10.28 -46.18 14.25
C GLN B 548 -10.37 -44.66 14.40
N PRO B 549 -11.55 -44.12 14.75
CA PRO B 549 -11.65 -42.67 14.93
C PRO B 549 -11.28 -42.20 16.33
N ILE B 550 -10.12 -42.64 16.81
CA ILE B 550 -9.54 -42.48 18.16
C ILE B 550 -10.59 -42.48 19.28
N PRO B 551 -11.28 -43.61 19.53
CA PRO B 551 -12.34 -43.58 20.54
C PRO B 551 -11.84 -43.51 21.97
N ILE B 552 -10.87 -44.35 22.35
CA ILE B 552 -10.24 -44.31 23.66
C ILE B 552 -8.75 -44.54 23.44
N THR B 553 -7.93 -43.54 23.81
CA THR B 553 -6.48 -43.62 23.68
C THR B 553 -5.85 -43.29 25.02
N ALA B 554 -4.52 -43.15 25.02
CA ALA B 554 -3.83 -42.73 26.24
C ALA B 554 -4.03 -41.25 26.52
N ARG B 555 -4.37 -40.47 25.50
CA ARG B 555 -4.67 -39.05 25.69
C ARG B 555 -5.98 -38.87 26.44
N GLN B 556 -7.01 -39.64 26.06
CA GLN B 556 -8.30 -39.54 26.75
C GLN B 556 -8.23 -40.16 28.14
N LEU B 557 -7.28 -41.05 28.39
CA LEU B 557 -7.07 -41.55 29.74
C LEU B 557 -6.44 -40.48 30.62
N GLU B 558 -5.53 -39.68 30.06
CA GLU B 558 -4.93 -38.58 30.83
C GLU B 558 -5.92 -37.47 31.08
N ALA B 559 -6.93 -37.32 30.22
CA ALA B 559 -7.97 -36.33 30.46
C ALA B 559 -8.89 -36.77 31.60
N LEU B 560 -9.11 -38.08 31.74
CA LEU B 560 -9.96 -38.59 32.81
C LEU B 560 -9.28 -38.48 34.17
N ILE B 561 -7.96 -38.55 34.22
CA ILE B 561 -7.23 -38.44 35.48
C ILE B 561 -7.27 -37.01 36.00
N ARG B 562 -7.01 -36.03 35.13
CA ARG B 562 -7.02 -34.64 35.55
C ARG B 562 -8.44 -34.12 35.79
N LEU B 563 -9.46 -34.77 35.20
CA LEU B 563 -10.83 -34.40 35.53
C LEU B 563 -11.28 -35.05 36.85
N SER B 564 -10.69 -36.19 37.20
CA SER B 564 -10.95 -36.79 38.51
C SER B 564 -10.31 -35.97 39.61
N GLU B 565 -9.12 -35.41 39.35
CA GLU B 565 -8.51 -34.47 40.28
C GLU B 565 -9.20 -33.11 40.26
N ALA B 566 -9.92 -32.80 39.18
CA ALA B 566 -10.68 -31.56 39.12
C ALA B 566 -11.89 -31.62 40.03
N HIS B 567 -12.55 -32.77 40.11
CA HIS B 567 -13.69 -32.93 41.01
C HIS B 567 -13.24 -33.02 42.47
N ALA B 568 -12.04 -33.53 42.73
CA ALA B 568 -11.53 -33.61 44.08
C ALA B 568 -11.05 -32.25 44.57
N ARG B 569 -10.61 -31.39 43.65
CA ARG B 569 -10.15 -30.06 44.03
C ARG B 569 -11.32 -29.13 44.35
N MET B 570 -12.51 -29.45 43.84
CA MET B 570 -13.68 -28.60 44.09
C MET B 570 -14.18 -28.74 45.52
N ARG B 571 -14.03 -29.91 46.12
CA ARG B 571 -14.51 -30.17 47.47
C ARG B 571 -13.45 -29.94 48.54
N LEU B 572 -12.22 -29.62 48.14
CA LEU B 572 -11.06 -29.40 49.02
C LEU B 572 -10.80 -30.61 49.92
N SER B 573 -10.75 -31.79 49.30
CA SER B 573 -10.58 -33.03 50.04
C SER B 573 -9.14 -33.50 50.12
N GLU B 574 -8.24 -32.94 49.30
CA GLU B 574 -6.81 -33.25 49.19
C GLU B 574 -6.53 -34.71 48.82
N THR B 575 -7.52 -35.42 48.27
CA THR B 575 -7.36 -36.79 47.80
C THR B 575 -8.46 -37.08 46.78
N VAL B 576 -8.18 -37.99 45.86
CA VAL B 576 -9.16 -38.39 44.86
C VAL B 576 -9.80 -39.69 45.36
N THR B 577 -11.07 -39.62 45.73
CA THR B 577 -11.78 -40.79 46.22
C THR B 577 -12.44 -41.54 45.06
N ARG B 578 -13.30 -42.49 45.40
CA ARG B 578 -14.02 -43.24 44.37
C ARG B 578 -15.11 -42.40 43.73
N GLU B 579 -15.82 -41.61 44.54
CA GLU B 579 -16.89 -40.76 44.01
C GLU B 579 -16.34 -39.57 43.23
N ASP B 580 -15.10 -39.16 43.51
CA ASP B 580 -14.48 -38.10 42.74
C ASP B 580 -14.08 -38.57 41.35
N ALA B 581 -13.74 -39.85 41.22
CA ALA B 581 -13.42 -40.44 39.92
C ALA B 581 -14.66 -40.95 39.20
N ARG B 582 -15.71 -41.32 39.94
CA ARG B 582 -16.94 -41.77 39.31
C ARG B 582 -17.69 -40.61 38.66
N ALA B 583 -17.64 -39.43 39.29
CA ALA B 583 -18.32 -38.27 38.73
C ALA B 583 -17.62 -37.74 37.48
N ALA B 584 -16.30 -37.96 37.36
CA ALA B 584 -15.58 -37.52 36.18
C ALA B 584 -15.85 -38.42 34.99
N ILE B 585 -16.23 -39.68 35.22
CA ILE B 585 -16.56 -40.59 34.14
C ILE B 585 -17.89 -40.19 33.50
N GLU B 586 -18.84 -39.73 34.32
CA GLU B 586 -20.17 -39.37 33.83
C GLU B 586 -20.15 -38.12 32.95
N ILE B 587 -19.14 -37.26 33.13
CA ILE B 587 -19.00 -36.10 32.25
C ILE B 587 -18.48 -36.53 30.89
N ILE B 588 -17.61 -37.54 30.86
CA ILE B 588 -17.08 -38.04 29.59
C ILE B 588 -18.16 -38.78 28.81
N GLU B 589 -19.03 -39.52 29.51
CA GLU B 589 -20.11 -40.23 28.84
C GLU B 589 -21.20 -39.27 28.37
N ALA B 590 -21.31 -38.09 28.98
CA ALA B 590 -22.37 -37.16 28.61
C ALA B 590 -21.96 -36.27 27.43
N MET B 591 -20.66 -35.95 27.33
CA MET B 591 -20.22 -35.10 26.21
C MET B 591 -20.17 -35.88 24.91
N MET B 592 -20.08 -37.21 24.97
CA MET B 592 -20.13 -38.02 23.76
C MET B 592 -21.56 -38.18 23.28
N LYS B 593 -22.52 -38.23 24.21
CA LYS B 593 -23.93 -38.34 23.81
C LYS B 593 -24.47 -37.02 23.30
N THR B 594 -23.88 -35.90 23.71
CA THR B 594 -24.31 -34.58 23.25
C THR B 594 -23.29 -33.99 22.29
N MET C 1 51.15 2.17 24.51
CA MET C 1 49.91 2.23 23.74
C MET C 1 50.18 2.71 22.32
N ASP C 2 51.25 3.48 22.15
CA ASP C 2 51.61 3.99 20.84
C ASP C 2 52.21 2.90 19.97
N ARG C 3 52.26 3.17 18.66
CA ARG C 3 52.77 2.19 17.71
C ARG C 3 54.29 2.07 17.79
N GLU C 4 54.99 3.16 18.13
CA GLU C 4 56.46 3.11 18.18
C GLU C 4 56.95 2.36 19.40
N GLU C 5 56.14 2.29 20.46
CA GLU C 5 56.56 1.58 21.67
C GLU C 5 56.44 0.07 21.49
N MET C 6 55.31 -0.39 20.93
CA MET C 6 55.09 -1.83 20.78
C MET C 6 55.93 -2.42 19.65
N ILE C 7 56.36 -1.59 18.69
CA ILE C 7 57.19 -2.11 17.60
C ILE C 7 58.62 -2.40 18.06
N ALA C 8 59.02 -1.87 19.22
CA ALA C 8 60.32 -2.22 19.80
C ALA C 8 60.18 -3.35 20.82
N ARG C 9 59.01 -3.47 21.46
CA ARG C 9 58.79 -4.57 22.39
C ARG C 9 58.56 -5.88 21.66
N PHE C 10 58.02 -5.81 20.43
CA PHE C 10 57.77 -7.02 19.65
C PHE C 10 59.07 -7.59 19.10
N ALA C 11 60.04 -6.72 18.78
CA ALA C 11 61.30 -7.19 18.21
C ALA C 11 62.16 -7.88 19.26
N LYS C 12 62.11 -7.39 20.51
CA LYS C 12 62.81 -8.07 21.59
C LYS C 12 62.11 -9.35 22.00
N PHE C 13 60.80 -9.42 21.79
CA PHE C 13 60.02 -10.62 22.14
C PHE C 13 60.35 -11.77 21.19
N LEU C 14 60.43 -11.49 19.89
CA LEU C 14 60.75 -12.52 18.91
C LEU C 14 62.04 -12.18 18.16
N ASN C 28 60.81 -22.19 18.75
CA ASN C 28 60.99 -20.77 19.08
C ASN C 28 60.45 -19.88 17.96
N ARG C 29 60.24 -18.60 18.28
CA ARG C 29 59.69 -17.67 17.29
C ARG C 29 60.71 -17.35 16.21
N LEU C 30 62.00 -17.31 16.59
CA LEU C 30 63.05 -17.15 15.59
C LEU C 30 63.25 -18.43 14.79
N LYS C 31 62.83 -19.57 15.33
CA LYS C 31 62.98 -20.85 14.63
C LYS C 31 61.94 -20.97 13.51
N ASP C 32 60.71 -20.52 13.75
CA ASP C 32 59.68 -20.59 12.73
C ASP C 32 59.91 -19.60 11.58
N LEU C 33 60.73 -18.57 11.79
CA LEU C 33 61.00 -17.61 10.72
C LEU C 33 61.95 -18.18 9.67
N LEU C 34 62.68 -19.24 10.01
CA LEU C 34 63.51 -19.96 9.05
C LEU C 34 62.78 -21.12 8.38
N THR C 35 61.75 -21.66 9.03
CA THR C 35 60.98 -22.79 8.51
C THR C 35 59.53 -22.35 8.28
N VAL C 36 59.35 -21.25 7.56
CA VAL C 36 58.04 -20.63 7.41
C VAL C 36 57.08 -21.54 6.65
N THR C 37 55.79 -21.35 6.92
CA THR C 37 54.73 -22.08 6.24
C THR C 37 54.64 -21.55 4.80
N PRO C 38 54.24 -22.41 3.84
CA PRO C 38 53.87 -21.90 2.50
C PRO C 38 52.82 -20.79 2.52
N LYS C 39 51.86 -20.85 3.44
CA LYS C 39 51.08 -19.68 3.78
C LYS C 39 51.98 -18.68 4.50
N ARG C 40 51.97 -17.43 4.03
CA ARG C 40 53.03 -16.47 4.38
C ARG C 40 52.96 -15.98 5.82
N SER C 41 51.93 -16.34 6.58
CA SER C 41 51.79 -15.83 7.94
C SER C 41 52.73 -16.54 8.90
N LEU C 42 52.74 -16.05 10.15
CA LEU C 42 53.57 -16.59 11.21
C LEU C 42 52.69 -16.95 12.41
N ALA C 43 52.98 -18.07 13.05
CA ALA C 43 52.21 -18.55 14.19
C ALA C 43 52.89 -18.16 15.49
N ILE C 44 52.16 -17.44 16.35
CA ILE C 44 52.66 -16.97 17.64
C ILE C 44 51.75 -17.53 18.74
N ASP C 45 52.37 -18.00 19.81
CA ASP C 45 51.65 -18.49 20.98
C ASP C 45 51.32 -17.32 21.92
N TRP C 46 50.64 -17.66 23.02
CA TRP C 46 50.21 -16.68 24.00
C TRP C 46 50.88 -16.86 25.36
N ALA C 47 51.22 -18.10 25.72
CA ALA C 47 51.85 -18.35 27.01
C ALA C 47 53.27 -17.81 27.07
N HIS C 48 53.95 -17.75 25.93
CA HIS C 48 55.27 -17.12 25.89
C HIS C 48 55.16 -15.61 25.86
N LEU C 49 54.01 -15.08 25.43
CA LEU C 49 53.81 -13.64 25.43
C LEU C 49 53.54 -13.11 26.83
N ASN C 50 52.93 -13.93 27.69
CA ASN C 50 52.66 -13.50 29.06
C ASN C 50 53.93 -13.48 29.90
N SER C 51 54.89 -14.35 29.58
CA SER C 51 56.12 -14.42 30.35
C SER C 51 57.05 -13.25 30.00
N PHE C 52 57.01 -12.79 28.76
CA PHE C 52 57.87 -11.68 28.35
C PHE C 52 57.33 -10.34 28.85
N ASP C 53 56.09 -10.01 28.49
CA ASP C 53 55.47 -8.77 28.93
C ASP C 53 53.97 -9.00 29.02
N PRO C 54 53.42 -9.07 30.24
CA PRO C 54 51.96 -9.29 30.35
C PRO C 54 51.13 -8.07 30.00
N GLU C 55 51.72 -6.86 30.09
CA GLU C 55 50.97 -5.66 29.72
C GLU C 55 50.83 -5.54 28.20
N LEU C 56 51.80 -6.09 27.46
CA LEU C 56 51.72 -6.08 26.01
C LEU C 56 50.67 -7.06 25.50
N ALA C 57 50.43 -8.15 26.24
CA ALA C 57 49.44 -9.13 25.83
C ALA C 57 48.02 -8.59 26.02
N ASP C 58 47.82 -7.75 27.04
CA ASP C 58 46.53 -7.11 27.24
C ASP C 58 46.26 -6.02 26.20
N GLU C 59 47.32 -5.51 25.55
CA GLU C 59 47.12 -4.55 24.47
C GLU C 59 46.56 -5.24 23.23
N LEU C 60 46.89 -6.51 23.04
CA LEU C 60 46.37 -7.26 21.89
C LEU C 60 44.89 -7.55 22.04
N LEU C 61 44.42 -7.73 23.27
CA LEU C 61 43.01 -8.01 23.49
C LEU C 61 42.17 -6.74 23.39
N ASN C 62 42.67 -5.63 23.95
CA ASN C 62 41.88 -4.41 23.99
C ASN C 62 41.98 -3.64 22.68
N ASN C 63 43.20 -3.48 22.16
CA ASN C 63 43.45 -2.70 20.93
C ASN C 63 44.11 -3.63 19.91
N PRO C 64 43.33 -4.44 19.19
CA PRO C 64 43.92 -5.47 18.33
C PRO C 64 44.36 -4.96 16.97
N GLU C 65 43.78 -3.86 16.48
CA GLU C 65 44.10 -3.39 15.14
C GLU C 65 45.47 -2.73 15.09
N GLU C 66 45.76 -1.82 16.03
CA GLU C 66 47.04 -1.12 16.00
C GLU C 66 48.16 -1.95 16.61
N ALA C 67 47.86 -3.13 17.15
CA ALA C 67 48.88 -4.01 17.69
C ALA C 67 49.27 -5.11 16.70
N ILE C 68 48.31 -5.62 15.93
CA ILE C 68 48.62 -6.63 14.92
C ILE C 68 49.33 -5.98 13.73
N ALA C 69 48.85 -4.82 13.29
CA ALA C 69 49.47 -4.11 12.17
C ALA C 69 50.85 -3.56 12.55
N SER C 70 51.06 -3.27 13.83
CA SER C 70 52.41 -2.94 14.29
C SER C 70 53.29 -4.18 14.30
N ALA C 71 52.71 -5.33 14.68
CA ALA C 71 53.46 -6.57 14.69
C ALA C 71 53.73 -7.10 13.29
N GLU C 72 52.94 -6.69 12.30
CA GLU C 72 53.23 -7.06 10.92
C GLU C 72 54.46 -6.33 10.40
N ASP C 73 54.66 -5.09 10.83
CA ASP C 73 55.87 -4.35 10.48
C ASP C 73 57.02 -4.62 11.44
N ALA C 74 56.72 -5.15 12.63
CA ALA C 74 57.79 -5.48 13.57
C ALA C 74 58.53 -6.75 13.15
N ILE C 75 57.81 -7.71 12.57
CA ILE C 75 58.44 -8.94 12.12
C ILE C 75 59.11 -8.72 10.77
N GLN C 76 58.78 -7.63 10.07
CA GLN C 76 59.40 -7.33 8.79
C GLN C 76 60.84 -6.87 8.98
N ILE C 77 61.12 -6.10 10.03
CA ILE C 77 62.49 -5.68 10.28
C ILE C 77 63.29 -6.75 11.01
N VAL C 78 62.64 -7.75 11.60
CA VAL C 78 63.36 -8.88 12.18
C VAL C 78 63.90 -9.79 11.09
N LEU C 79 63.14 -10.00 10.02
CA LEU C 79 63.60 -10.83 8.92
C LEU C 79 64.60 -10.12 8.01
N ARG C 80 64.96 -8.87 8.29
CA ARG C 80 66.03 -8.16 7.59
C ARG C 80 67.15 -7.74 8.55
N GLU C 81 67.39 -8.53 9.59
CA GLU C 81 68.38 -8.23 10.62
C GLU C 81 69.71 -8.85 10.25
N PRO C 82 70.79 -8.53 10.97
CA PRO C 82 72.05 -9.29 10.82
C PRO C 82 71.92 -10.77 11.19
N PRO C 83 70.99 -11.19 12.12
CA PRO C 83 70.66 -12.62 12.15
C PRO C 83 69.99 -13.16 10.88
N LEU C 84 68.87 -12.56 10.46
CA LEU C 84 68.05 -13.11 9.39
C LEU C 84 68.09 -12.19 8.19
N LEU C 85 68.60 -12.69 7.07
CA LEU C 85 68.77 -11.91 5.85
C LEU C 85 67.71 -12.23 4.80
N VAL C 86 66.46 -12.46 5.23
CA VAL C 86 65.39 -12.75 4.28
C VAL C 86 64.94 -11.45 3.61
N GLU C 87 64.50 -11.56 2.36
CA GLU C 87 64.03 -10.41 1.60
C GLU C 87 62.68 -10.72 0.95
N ARG C 88 61.90 -9.66 0.74
CA ARG C 88 60.63 -9.67 0.00
C ARG C 88 59.58 -10.60 0.59
N GLU C 89 59.54 -10.71 1.93
CA GLU C 89 58.53 -11.54 2.59
C GLU C 89 57.27 -10.72 2.86
N PHE C 90 56.48 -10.55 1.80
CA PHE C 90 55.25 -9.78 1.87
C PHE C 90 54.13 -10.67 2.41
N LYS C 91 53.04 -10.03 2.86
CA LYS C 91 51.82 -10.68 3.35
C LYS C 91 52.07 -11.61 4.54
N VAL C 92 53.03 -11.24 5.39
CA VAL C 92 53.29 -11.98 6.63
C VAL C 92 52.35 -11.43 7.71
N HIS C 93 51.73 -12.33 8.47
CA HIS C 93 50.73 -11.94 9.46
C HIS C 93 51.08 -12.50 10.83
N ALA C 94 50.92 -11.67 11.86
CA ALA C 94 51.11 -12.10 13.25
C ALA C 94 49.83 -12.76 13.74
N ARG C 95 49.81 -14.10 13.75
CA ARG C 95 48.64 -14.86 14.13
C ARG C 95 48.82 -15.46 15.51
N PHE C 96 47.74 -15.47 16.29
CA PHE C 96 47.75 -15.96 17.66
C PHE C 96 46.69 -17.06 17.79
N TYR C 97 47.11 -18.31 17.64
CA TYR C 97 46.19 -19.43 17.75
C TYR C 97 46.01 -19.93 19.18
N ASN C 98 46.54 -19.21 20.17
CA ASN C 98 46.33 -19.50 21.57
C ASN C 98 45.80 -18.26 22.27
N LEU C 99 44.84 -18.46 23.16
CA LEU C 99 44.22 -17.39 23.93
C LEU C 99 43.78 -17.96 25.27
N PRO C 100 43.83 -17.17 26.35
CA PRO C 100 43.50 -17.72 27.67
C PRO C 100 42.03 -17.99 27.88
N LYS C 101 41.15 -17.39 27.08
CA LYS C 101 39.72 -17.60 27.20
C LYS C 101 39.14 -18.06 25.87
N THR C 102 38.36 -19.13 25.94
CA THR C 102 37.67 -19.68 24.77
C THR C 102 36.17 -19.47 24.94
N LEU C 103 35.55 -18.87 23.92
CA LEU C 103 34.15 -18.49 23.98
C LEU C 103 33.32 -19.31 23.00
N LEU C 104 32.01 -19.26 23.20
CA LEU C 104 31.04 -19.88 22.31
C LEU C 104 30.47 -18.83 21.36
N VAL C 105 29.76 -19.31 20.33
CA VAL C 105 29.14 -18.39 19.40
C VAL C 105 28.09 -17.58 20.13
N LYS C 106 27.24 -18.28 20.90
CA LYS C 106 26.23 -17.61 21.67
C LYS C 106 26.86 -16.70 22.71
N GLU C 107 27.89 -17.19 23.39
CA GLU C 107 28.56 -16.40 24.41
C GLU C 107 29.02 -15.06 23.89
N LEU C 108 29.03 -14.91 22.57
CA LEU C 108 29.47 -13.66 21.97
C LEU C 108 28.47 -12.54 22.22
N GLY C 109 28.98 -11.34 22.49
CA GLY C 109 28.15 -10.19 22.76
C GLY C 109 28.74 -8.94 22.16
N SER C 110 28.20 -7.80 22.61
CA SER C 110 28.66 -6.51 22.10
C SER C 110 29.95 -6.04 22.75
N GLU C 111 30.35 -6.66 23.87
CA GLU C 111 31.58 -6.25 24.53
C GLU C 111 32.82 -6.67 23.76
N HIS C 112 32.71 -7.72 22.95
CA HIS C 112 33.84 -8.26 22.20
C HIS C 112 34.01 -7.62 20.83
N ILE C 113 33.28 -6.54 20.55
CA ILE C 113 33.46 -5.82 19.29
C ILE C 113 34.79 -5.08 19.33
N ASN C 114 35.58 -5.23 18.25
CA ASN C 114 36.95 -4.70 18.12
C ASN C 114 37.85 -5.23 19.23
N LYS C 115 37.77 -6.53 19.49
CA LYS C 115 38.62 -7.20 20.46
C LYS C 115 39.02 -8.56 19.91
N LEU C 116 40.21 -9.00 20.30
CA LEU C 116 40.74 -10.30 19.87
C LEU C 116 40.13 -11.39 20.74
N ILE C 117 39.31 -12.26 20.14
CA ILE C 117 38.58 -13.28 20.88
C ILE C 117 38.82 -14.64 20.24
N GLN C 118 38.55 -15.69 21.02
CA GLN C 118 38.69 -17.07 20.57
C GLN C 118 37.33 -17.74 20.64
N VAL C 119 36.78 -18.08 19.47
CA VAL C 119 35.46 -18.66 19.36
C VAL C 119 35.60 -20.07 18.78
N GLU C 120 34.86 -21.03 19.33
CA GLU C 120 34.85 -22.38 18.81
C GLU C 120 33.42 -22.80 18.47
N GLY C 121 33.28 -23.54 17.38
CA GLY C 121 31.97 -23.95 16.93
C GLY C 121 32.08 -24.75 15.65
N ILE C 122 30.92 -24.93 15.00
CA ILE C 122 30.83 -25.73 13.78
C ILE C 122 30.54 -24.79 12.61
N ILE C 123 30.91 -25.21 11.41
CA ILE C 123 30.73 -24.45 10.19
C ILE C 123 29.50 -24.98 9.46
N THR C 124 28.58 -24.08 9.11
CA THR C 124 27.35 -24.46 8.43
C THR C 124 27.26 -23.96 6.99
N ARG C 125 27.77 -22.77 6.70
CA ARG C 125 27.75 -22.19 5.37
C ARG C 125 29.18 -21.89 4.93
N VAL C 126 29.45 -22.13 3.65
CA VAL C 126 30.75 -21.84 3.03
C VAL C 126 30.49 -21.29 1.63
N SER C 127 31.05 -20.12 1.34
CA SER C 127 30.93 -19.50 0.03
C SER C 127 32.15 -19.82 -0.82
N GLU C 128 32.12 -19.36 -2.07
CA GLU C 128 33.22 -19.60 -3.00
C GLU C 128 34.34 -18.59 -2.76
N VAL C 129 35.51 -18.93 -3.29
CA VAL C 129 36.68 -18.07 -3.17
C VAL C 129 36.67 -17.03 -4.28
N LYS C 130 36.69 -15.76 -3.91
CA LYS C 130 36.67 -14.66 -4.84
C LYS C 130 37.78 -13.66 -4.50
N PRO C 131 38.36 -13.01 -5.51
CA PRO C 131 39.41 -12.03 -5.23
C PRO C 131 38.86 -10.76 -4.60
N PHE C 132 39.72 -10.08 -3.83
CA PHE C 132 39.32 -8.93 -3.03
C PHE C 132 40.40 -7.86 -3.12
N VAL C 133 39.99 -6.61 -3.22
CA VAL C 133 40.92 -5.48 -3.32
C VAL C 133 41.08 -4.87 -1.94
N GLU C 134 42.32 -4.89 -1.42
CA GLU C 134 42.60 -4.22 -0.15
C GLU C 134 42.88 -2.74 -0.38
N LYS C 135 43.79 -2.42 -1.29
CA LYS C 135 44.16 -1.05 -1.61
C LYS C 135 43.59 -0.69 -2.98
N ALA C 136 42.62 0.21 -3.00
CA ALA C 136 41.93 0.61 -4.21
C ALA C 136 42.35 2.03 -4.59
N VAL C 137 43.22 2.13 -5.59
CA VAL C 137 43.65 3.41 -6.13
C VAL C 137 42.67 3.84 -7.21
N PHE C 138 42.60 5.15 -7.46
CA PHE C 138 41.67 5.73 -8.43
C PHE C 138 42.40 6.83 -9.18
N VAL C 139 42.81 6.55 -10.41
CA VAL C 139 43.51 7.51 -11.26
C VAL C 139 42.48 8.21 -12.15
N CYS C 140 42.83 9.41 -12.59
CA CYS C 140 41.96 10.22 -13.44
C CYS C 140 42.41 10.13 -14.89
N ARG C 141 41.47 10.32 -15.81
CA ARG C 141 41.81 10.31 -17.23
C ARG C 141 42.34 11.66 -17.68
N ASP C 142 42.14 12.71 -16.88
CA ASP C 142 42.60 14.04 -17.27
C ASP C 142 44.06 14.25 -16.93
N CYS C 143 44.48 13.91 -15.70
CA CYS C 143 45.85 14.13 -15.27
C CYS C 143 46.51 12.92 -14.63
N GLY C 144 45.74 11.99 -14.08
CA GLY C 144 46.33 10.79 -13.49
C GLY C 144 46.85 11.00 -12.08
N ASN C 145 45.96 11.41 -11.17
CA ASN C 145 46.33 11.66 -9.78
C ASN C 145 45.76 10.53 -8.93
N GLU C 146 46.59 10.01 -8.01
CA GLU C 146 46.19 8.88 -7.19
C GLU C 146 45.51 9.34 -5.90
N MET C 147 44.43 8.64 -5.55
CA MET C 147 43.80 8.76 -4.24
C MET C 147 43.66 7.35 -3.67
N VAL C 148 44.47 7.02 -2.67
CA VAL C 148 44.44 5.69 -2.08
C VAL C 148 43.23 5.55 -1.19
N ARG C 149 42.46 4.48 -1.38
CA ARG C 149 41.25 4.22 -0.61
C ARG C 149 41.29 2.78 -0.14
N LEU C 150 41.40 2.58 1.18
CA LEU C 150 41.42 1.27 1.78
C LEU C 150 40.02 0.89 2.24
N GLN C 151 39.56 -0.29 1.85
CA GLN C 151 38.23 -0.76 2.22
C GLN C 151 38.33 -2.21 2.70
N ARG C 152 37.29 -2.63 3.42
CA ARG C 152 37.05 -3.91 4.06
C ARG C 152 36.12 -4.77 3.22
N PRO C 153 36.24 -6.11 3.28
CA PRO C 153 35.34 -6.95 2.47
C PRO C 153 33.92 -7.01 2.98
N TYR C 154 33.68 -6.65 4.24
CA TYR C 154 32.33 -6.62 4.79
C TYR C 154 31.64 -5.28 4.58
N GLU C 155 32.27 -4.36 3.84
CA GLU C 155 31.69 -3.06 3.58
C GLU C 155 31.42 -2.86 2.09
N ASN C 156 31.00 -1.66 1.71
CA ASN C 156 30.70 -1.35 0.32
C ASN C 156 31.93 -0.81 -0.39
N LEU C 157 31.82 -0.65 -1.70
CA LEU C 157 32.92 -0.13 -2.50
C LEU C 157 33.02 1.39 -2.32
N VAL C 158 34.17 1.86 -1.88
CA VAL C 158 34.40 3.28 -1.66
C VAL C 158 34.91 3.86 -2.98
N LYS C 159 33.97 4.37 -3.79
CA LYS C 159 34.28 4.94 -5.08
C LYS C 159 34.14 6.45 -5.02
N PRO C 160 35.14 7.22 -5.44
CA PRO C 160 35.00 8.68 -5.42
C PRO C 160 34.11 9.17 -6.55
N ALA C 161 33.33 10.22 -6.26
CA ALA C 161 32.45 10.80 -7.26
C ALA C 161 33.22 11.69 -8.22
N LYS C 162 34.00 12.63 -7.68
CA LYS C 162 34.80 13.54 -8.47
C LYS C 162 36.28 13.36 -8.12
N CYS C 163 37.14 13.96 -8.91
CA CYS C 163 38.57 13.95 -8.60
C CYS C 163 38.88 15.00 -7.55
N ASP C 164 40.00 14.80 -6.85
CA ASP C 164 40.38 15.72 -5.78
C ASP C 164 41.00 16.99 -6.33
N ALA C 165 41.62 16.92 -7.51
CA ALA C 165 42.29 18.07 -8.10
C ALA C 165 41.45 18.79 -9.15
N CYS C 166 41.05 18.11 -10.22
CA CYS C 166 40.27 18.78 -11.26
C CYS C 166 38.77 18.68 -10.98
N GLY C 167 38.31 17.59 -10.40
CA GLY C 167 36.90 17.47 -10.06
C GLY C 167 36.02 17.06 -11.22
N SER C 168 36.46 16.10 -12.03
CA SER C 168 35.70 15.61 -13.16
C SER C 168 35.37 14.13 -12.95
N ARG C 169 34.41 13.64 -13.72
CA ARG C 169 33.98 12.24 -13.64
C ARG C 169 34.76 11.37 -14.62
N ASN C 170 36.08 11.35 -14.41
CA ASN C 170 36.99 10.58 -15.25
C ASN C 170 37.75 9.54 -14.43
N ILE C 171 37.07 8.90 -13.48
CA ILE C 171 37.71 8.00 -12.53
C ILE C 171 37.60 6.57 -13.02
N GLU C 172 38.73 5.87 -13.09
CA GLU C 172 38.79 4.46 -13.40
C GLU C 172 39.38 3.72 -12.21
N LEU C 173 39.64 2.43 -12.40
CA LEU C 173 40.22 1.56 -11.37
C LEU C 173 41.48 0.93 -11.95
N ASP C 174 42.63 1.46 -11.54
CA ASP C 174 43.91 0.95 -12.02
C ASP C 174 44.23 -0.36 -11.32
N VAL C 175 44.38 -1.43 -12.11
CA VAL C 175 44.58 -2.76 -11.53
C VAL C 175 46.04 -2.99 -11.15
N ASP C 176 46.98 -2.32 -11.83
CA ASP C 176 48.39 -2.60 -11.62
C ASP C 176 48.89 -2.05 -10.29
N LYS C 177 48.36 -0.90 -9.87
CA LYS C 177 48.76 -0.30 -8.60
C LYS C 177 47.89 -0.75 -7.44
N SER C 178 47.00 -1.72 -7.66
CA SER C 178 46.11 -2.22 -6.62
C SER C 178 46.54 -3.63 -6.23
N ARG C 179 46.75 -3.86 -4.94
CA ARG C 179 47.05 -5.18 -4.45
C ARG C 179 45.75 -5.98 -4.25
N PHE C 180 45.83 -7.28 -4.47
CA PHE C 180 44.67 -8.15 -4.47
C PHE C 180 44.83 -9.25 -3.41
N LEU C 181 43.72 -9.56 -2.75
CA LEU C 181 43.66 -10.60 -1.73
C LEU C 181 42.52 -11.55 -2.07
N ASN C 182 42.42 -12.64 -1.30
CA ASN C 182 41.37 -13.63 -1.49
C ASN C 182 40.30 -13.44 -0.43
N PHE C 183 39.05 -13.73 -0.80
CA PHE C 183 37.90 -13.54 0.07
C PHE C 183 37.04 -14.80 0.11
N GLN C 184 36.59 -15.15 1.30
CA GLN C 184 35.66 -16.26 1.49
C GLN C 184 34.85 -15.99 2.75
N SER C 185 33.53 -16.06 2.62
CA SER C 185 32.61 -15.80 3.72
C SER C 185 32.01 -17.11 4.20
N PHE C 186 32.20 -17.41 5.49
CA PHE C 186 31.65 -18.62 6.08
C PHE C 186 30.90 -18.26 7.36
N ARG C 187 30.02 -19.16 7.78
CA ARG C 187 29.14 -18.95 8.92
C ARG C 187 29.51 -19.95 10.01
N LEU C 188 29.75 -19.44 11.21
CA LEU C 188 30.13 -20.26 12.36
C LEU C 188 28.95 -20.37 13.31
N GLN C 189 28.54 -21.59 13.60
CA GLN C 189 27.41 -21.86 14.48
C GLN C 189 27.89 -22.77 15.62
N ASP C 190 27.13 -22.77 16.71
CA ASP C 190 27.49 -23.54 17.90
C ASP C 190 27.43 -25.04 17.62
N ARG C 191 28.24 -25.79 18.37
CA ARG C 191 28.29 -27.23 18.20
C ARG C 191 27.04 -27.88 18.77
N PRO C 192 26.55 -28.98 18.17
CA PRO C 192 25.36 -29.65 18.72
C PRO C 192 25.63 -30.41 20.00
N GLU C 193 26.90 -30.64 20.38
CA GLU C 193 27.20 -31.27 21.65
C GLU C 193 26.87 -30.34 22.82
N SER C 194 27.07 -29.04 22.63
CA SER C 194 26.72 -28.04 23.63
C SER C 194 25.30 -27.53 23.47
N LEU C 195 24.54 -28.06 22.51
CA LEU C 195 23.17 -27.61 22.29
C LEU C 195 22.15 -28.36 23.14
N LYS C 196 22.60 -29.14 24.13
CA LYS C 196 21.65 -29.82 25.00
C LYS C 196 21.02 -28.86 26.00
N GLY C 197 21.81 -27.92 26.52
CA GLY C 197 21.29 -26.92 27.43
C GLY C 197 20.56 -25.80 26.72
N GLY C 198 21.19 -25.23 25.70
CA GLY C 198 20.57 -24.18 24.91
C GLY C 198 19.84 -24.74 23.69
N GLN C 199 18.52 -24.55 23.65
CA GLN C 199 17.72 -25.13 22.57
C GLN C 199 17.89 -24.35 21.28
N MET C 200 17.98 -23.02 21.38
CA MET C 200 18.10 -22.18 20.20
C MET C 200 19.57 -21.92 19.89
N PRO C 201 20.07 -22.37 18.74
CA PRO C 201 21.46 -22.08 18.39
C PRO C 201 21.63 -20.71 17.76
N ARG C 202 22.83 -20.16 17.90
CA ARG C 202 23.16 -18.85 17.37
C ARG C 202 24.31 -18.97 16.37
N PHE C 203 24.37 -18.01 15.46
CA PHE C 203 25.37 -18.00 14.40
C PHE C 203 25.98 -16.62 14.29
N VAL C 204 27.27 -16.59 13.93
CA VAL C 204 28.01 -15.35 13.67
C VAL C 204 28.72 -15.54 12.34
N ASP C 205 28.39 -14.71 11.36
CA ASP C 205 29.05 -14.79 10.06
C ASP C 205 30.46 -14.20 10.15
N ALA C 206 31.39 -14.84 9.45
CA ALA C 206 32.80 -14.44 9.48
C ALA C 206 33.35 -14.43 8.06
N ILE C 207 34.59 -13.96 7.94
CA ILE C 207 35.25 -13.82 6.65
C ILE C 207 36.60 -14.52 6.70
N LEU C 208 37.11 -14.86 5.51
CA LEU C 208 38.43 -15.44 5.36
C LEU C 208 39.27 -14.54 4.47
N LEU C 209 40.57 -14.57 4.66
CA LEU C 209 41.52 -13.73 3.92
C LEU C 209 42.44 -14.62 3.08
N ASP C 210 43.48 -14.00 2.51
CA ASP C 210 44.28 -14.60 1.45
C ASP C 210 45.03 -15.87 1.86
N ASP C 211 45.70 -15.85 3.01
CA ASP C 211 46.51 -17.00 3.39
C ASP C 211 45.69 -18.09 4.06
N LEU C 212 44.69 -17.74 4.86
CA LEU C 212 43.86 -18.74 5.51
C LEU C 212 42.60 -19.10 4.70
N VAL C 213 42.62 -18.88 3.39
CA VAL C 213 41.47 -19.25 2.56
C VAL C 213 41.41 -20.77 2.42
N ASP C 214 40.18 -21.28 2.19
CA ASP C 214 39.88 -22.71 2.07
C ASP C 214 40.31 -23.49 3.30
N ALA C 215 39.85 -23.03 4.47
CA ALA C 215 40.32 -23.60 5.73
C ALA C 215 39.66 -24.94 6.01
N ALA C 216 38.33 -24.99 5.96
CA ALA C 216 37.61 -26.21 6.30
C ALA C 216 36.36 -26.31 5.43
N LEU C 217 35.55 -27.33 5.71
CA LEU C 217 34.33 -27.64 5.00
C LEU C 217 33.14 -27.39 5.93
N PRO C 218 31.93 -27.19 5.38
CA PRO C 218 30.75 -27.08 6.25
C PRO C 218 30.44 -28.40 6.93
N GLY C 219 30.08 -28.32 8.21
CA GLY C 219 29.91 -29.48 9.05
C GLY C 219 31.12 -29.84 9.88
N ASP C 220 32.21 -29.09 9.76
CA ASP C 220 33.43 -29.34 10.52
C ASP C 220 33.52 -28.40 11.71
N ARG C 221 34.11 -28.90 12.80
CA ARG C 221 34.27 -28.14 14.03
C ARG C 221 35.66 -27.51 14.05
N VAL C 222 35.70 -26.18 14.14
CA VAL C 222 36.95 -25.44 14.06
C VAL C 222 37.10 -24.56 15.31
N LEU C 223 38.30 -24.04 15.49
CA LEU C 223 38.64 -23.12 16.58
C LEU C 223 39.21 -21.86 15.94
N VAL C 224 38.37 -20.83 15.82
CA VAL C 224 38.79 -19.60 15.15
C VAL C 224 39.27 -18.60 16.19
N THR C 225 40.04 -17.63 15.72
CA THR C 225 40.53 -16.54 16.54
C THR C 225 40.67 -15.29 15.68
N GLY C 226 39.99 -14.23 16.06
CA GLY C 226 40.06 -13.01 15.27
C GLY C 226 39.37 -11.86 15.97
N VAL C 227 39.25 -10.76 15.24
CA VAL C 227 38.66 -9.53 15.75
C VAL C 227 37.22 -9.43 15.27
N LEU C 228 36.30 -9.16 16.19
CA LEU C 228 34.88 -9.04 15.86
C LEU C 228 34.61 -7.61 15.40
N ARG C 229 34.40 -7.44 14.11
CA ARG C 229 34.06 -6.13 13.55
C ARG C 229 32.55 -6.00 13.42
N VAL C 230 32.11 -4.88 12.84
CA VAL C 230 30.69 -4.63 12.60
C VAL C 230 30.58 -3.70 11.40
N ILE C 231 29.44 -3.74 10.72
CA ILE C 231 29.25 -3.02 9.46
C ILE C 231 28.23 -1.90 9.67
N LEU C 232 28.07 -1.08 8.62
CA LEU C 232 27.17 0.06 8.65
C LEU C 232 26.16 -0.07 7.52
N GLU C 233 24.87 -0.13 7.89
CA GLU C 233 23.80 -0.13 6.91
C GLU C 233 23.31 1.31 6.73
N GLN C 234 22.19 1.50 6.03
CA GLN C 234 21.74 2.86 5.70
C GLN C 234 21.07 3.54 6.89
N ARG C 235 20.68 2.76 7.90
CA ARG C 235 20.02 3.34 9.07
C ARG C 235 21.04 4.09 9.93
N GLU C 236 20.64 5.29 10.37
CA GLU C 236 21.58 6.15 11.10
C GLU C 236 21.48 5.94 12.59
N LYS C 237 20.27 5.73 13.11
CA LYS C 237 20.09 5.55 14.55
C LYS C 237 20.56 4.17 14.99
N ARG C 238 20.23 3.14 14.21
CA ARG C 238 20.59 1.75 14.52
C ARG C 238 20.70 0.98 13.21
N PRO C 239 21.90 0.94 12.61
CA PRO C 239 22.09 0.16 11.38
C PRO C 239 22.07 -1.34 11.65
N ILE C 240 22.02 -2.12 10.58
CA ILE C 240 22.03 -3.57 10.67
C ILE C 240 23.40 -4.05 11.13
N PHE C 241 23.47 -4.54 12.37
CA PHE C 241 24.73 -5.01 12.95
C PHE C 241 24.93 -6.49 12.63
N LYS C 242 25.66 -6.73 11.54
CA LYS C 242 25.92 -8.08 11.07
C LYS C 242 26.91 -8.79 11.99
N LYS C 243 27.82 -8.01 12.60
CA LYS C 243 28.89 -8.48 13.48
C LYS C 243 29.79 -9.49 12.76
N ILE C 244 30.45 -9.02 11.72
CA ILE C 244 31.35 -9.85 10.92
C ILE C 244 32.64 -10.06 11.71
N LEU C 245 33.01 -11.33 11.92
CA LEU C 245 34.22 -11.68 12.66
C LEU C 245 35.39 -11.74 11.67
N GLU C 246 36.27 -10.74 11.74
CA GLU C 246 37.49 -10.73 10.92
C GLU C 246 38.44 -11.77 11.49
N VAL C 247 38.50 -12.93 10.83
CA VAL C 247 39.26 -14.07 11.36
C VAL C 247 40.75 -13.82 11.16
N ASN C 248 41.49 -13.73 12.27
CA ASN C 248 42.94 -13.60 12.23
C ASN C 248 43.62 -14.96 12.09
N HIS C 249 43.08 -15.99 12.74
CA HIS C 249 43.59 -17.34 12.63
C HIS C 249 42.43 -18.33 12.74
N ILE C 250 42.49 -19.38 11.94
CA ILE C 250 41.47 -20.44 11.97
C ILE C 250 42.18 -21.79 11.94
N GLU C 251 41.79 -22.68 12.84
CA GLU C 251 42.30 -24.04 12.88
C GLU C 251 41.19 -24.97 13.31
N GLN C 252 41.34 -26.26 13.00
CA GLN C 252 40.34 -27.24 13.39
C GLN C 252 40.44 -27.53 14.88
N LEU C 253 39.32 -27.95 15.47
CA LEU C 253 39.29 -28.26 16.89
C LEU C 253 40.05 -29.55 17.18
N SER C 254 40.72 -29.58 18.32
CA SER C 254 41.47 -30.77 18.71
C SER C 254 40.54 -31.87 19.16
N LYS C 255 41.10 -33.08 19.29
CA LYS C 255 40.30 -34.24 19.64
C LYS C 255 39.94 -34.24 21.12
N GLU C 256 40.74 -33.56 21.95
CA GLU C 256 40.48 -33.54 23.38
C GLU C 256 39.35 -32.59 23.73
N ILE C 257 39.15 -31.55 22.91
CA ILE C 257 38.14 -30.53 23.23
C ILE C 257 36.76 -30.98 22.73
N GLU C 258 36.71 -31.49 21.49
CA GLU C 258 35.41 -31.81 20.88
C GLU C 258 34.82 -33.11 21.44
N GLU C 259 35.63 -33.92 22.10
CA GLU C 259 35.10 -35.15 22.70
C GLU C 259 34.39 -34.83 24.01
N LEU C 260 33.63 -35.82 24.50
CA LEU C 260 32.93 -35.67 25.76
C LEU C 260 33.91 -35.76 26.92
N GLU C 261 33.57 -35.09 28.03
CA GLU C 261 34.46 -34.98 29.18
C GLU C 261 34.00 -35.94 30.26
N ILE C 262 34.85 -36.91 30.58
CA ILE C 262 34.57 -37.91 31.61
C ILE C 262 35.58 -37.71 32.74
N SER C 263 35.08 -37.63 33.98
CA SER C 263 35.96 -37.46 35.13
C SER C 263 36.70 -38.76 35.42
N PRO C 264 37.89 -38.70 36.02
CA PRO C 264 38.64 -39.93 36.33
C PRO C 264 38.00 -40.82 37.39
N GLU C 265 37.06 -40.29 38.19
CA GLU C 265 36.30 -41.12 39.12
C GLU C 265 35.05 -41.72 38.49
N ASP C 266 34.62 -41.20 37.32
CA ASP C 266 33.47 -41.76 36.63
C ASP C 266 33.90 -43.00 35.83
N GLU C 267 35.20 -43.16 35.59
CA GLU C 267 35.71 -44.30 34.83
C GLU C 267 35.51 -45.60 35.60
N GLN C 268 35.64 -45.56 36.93
CA GLN C 268 35.36 -46.74 37.73
C GLN C 268 33.86 -46.96 37.87
N LYS C 269 33.07 -45.89 37.80
CA LYS C 269 31.61 -46.04 37.85
C LYS C 269 31.05 -46.64 36.57
N ILE C 270 31.75 -46.45 35.45
CA ILE C 270 31.38 -47.13 34.21
C ILE C 270 31.67 -48.62 34.34
N ARG C 271 32.80 -48.98 34.94
CA ARG C 271 33.09 -50.38 35.22
C ARG C 271 32.17 -50.95 36.29
N GLU C 272 31.64 -50.10 37.17
CA GLU C 272 30.62 -50.54 38.11
C GLU C 272 29.31 -50.84 37.38
N LEU C 273 29.02 -50.08 36.32
CA LEU C 273 27.87 -50.41 35.48
C LEU C 273 28.14 -51.67 34.67
N ALA C 274 29.37 -51.85 34.20
CA ALA C 274 29.73 -53.03 33.43
C ALA C 274 29.91 -54.23 34.36
N LYS C 275 30.27 -55.37 33.76
CA LYS C 275 30.39 -56.71 34.36
C LYS C 275 29.24 -57.04 35.34
N ARG C 276 28.03 -56.66 34.93
CA ARG C 276 26.82 -56.90 35.71
C ARG C 276 26.04 -58.07 35.10
N LYS C 277 25.20 -58.70 35.91
CA LYS C 277 24.42 -59.83 35.43
C LYS C 277 23.26 -59.39 34.56
N ASP C 278 22.82 -58.14 34.70
CA ASP C 278 21.69 -57.62 33.95
C ASP C 278 21.97 -56.21 33.43
N ILE C 279 23.16 -55.98 32.87
CA ILE C 279 23.49 -54.68 32.29
C ILE C 279 22.69 -54.46 31.01
N VAL C 280 22.43 -55.55 30.27
CA VAL C 280 21.57 -55.47 29.10
C VAL C 280 20.13 -55.19 29.51
N ASP C 281 19.72 -55.74 30.65
CA ASP C 281 18.37 -55.48 31.16
C ASP C 281 18.25 -54.13 31.86
N ALA C 282 19.37 -53.56 32.30
CA ALA C 282 19.31 -52.28 32.99
C ALA C 282 19.21 -51.12 32.01
N ILE C 283 19.91 -51.20 30.88
CA ILE C 283 19.90 -50.09 29.94
C ILE C 283 18.69 -50.13 29.03
N VAL C 284 18.02 -51.29 28.92
CA VAL C 284 16.79 -51.34 28.13
C VAL C 284 15.63 -50.80 28.95
N ASP C 285 15.75 -50.79 30.28
CA ASP C 285 14.78 -50.12 31.12
C ASP C 285 15.10 -48.63 31.25
N SER C 286 16.33 -48.24 30.95
CA SER C 286 16.70 -46.82 31.01
C SER C 286 16.22 -46.06 29.79
N ILE C 287 16.09 -46.73 28.65
CA ILE C 287 15.55 -46.11 27.44
C ILE C 287 14.04 -45.97 27.63
N ALA C 288 13.57 -44.73 27.79
CA ALA C 288 12.17 -44.34 27.99
C ALA C 288 11.52 -45.08 29.15
N PRO C 289 11.84 -44.75 30.40
CA PRO C 289 11.24 -45.49 31.53
C PRO C 289 9.77 -45.16 31.76
N ALA C 290 9.30 -44.01 31.28
CA ALA C 290 7.89 -43.67 31.44
C ALA C 290 7.01 -44.45 30.46
N ILE C 291 7.56 -44.85 29.31
CA ILE C 291 6.80 -45.61 28.35
C ILE C 291 6.78 -47.08 28.76
N TRP C 292 5.59 -47.68 28.79
CA TRP C 292 5.41 -49.07 29.15
C TRP C 292 5.54 -49.95 27.92
N GLY C 293 6.12 -51.13 28.11
CA GLY C 293 6.26 -52.09 27.02
C GLY C 293 7.35 -51.69 26.04
N HIS C 294 7.22 -52.23 24.82
CA HIS C 294 8.17 -52.04 23.71
C HIS C 294 9.59 -52.45 24.11
N ARG C 295 9.71 -53.65 24.70
CA ARG C 295 11.02 -54.12 25.16
C ARG C 295 11.90 -54.49 23.97
N ILE C 296 11.31 -54.96 22.88
CA ILE C 296 12.08 -55.25 21.68
C ILE C 296 12.46 -53.95 20.98
N VAL C 297 11.62 -52.93 21.08
CA VAL C 297 11.89 -51.65 20.42
C VAL C 297 12.96 -50.88 21.18
N LYS C 298 12.91 -50.93 22.51
CA LYS C 298 13.94 -50.25 23.31
C LYS C 298 15.27 -50.99 23.24
N LYS C 299 15.24 -52.28 22.91
CA LYS C 299 16.48 -53.03 22.71
C LYS C 299 17.15 -52.63 21.41
N GLY C 300 16.36 -52.39 20.36
CA GLY C 300 16.93 -52.04 19.07
C GLY C 300 17.50 -50.64 19.03
N ILE C 301 16.90 -49.73 19.82
CA ILE C 301 17.45 -48.38 19.93
C ILE C 301 18.75 -48.40 20.72
N ALA C 302 18.81 -49.22 21.78
CA ALA C 302 20.01 -49.31 22.60
C ALA C 302 21.15 -49.99 21.85
N LEU C 303 20.83 -50.85 20.88
CA LEU C 303 21.86 -51.42 20.03
C LEU C 303 22.41 -50.38 19.06
N ALA C 304 21.55 -49.49 18.57
CA ALA C 304 22.00 -48.49 17.60
C ALA C 304 22.75 -47.35 18.28
N LEU C 305 22.56 -47.17 19.59
CA LEU C 305 23.28 -46.12 20.30
C LEU C 305 24.75 -46.50 20.47
N PHE C 306 25.03 -47.78 20.70
CA PHE C 306 26.42 -48.22 20.84
C PHE C 306 27.08 -48.43 19.47
N GLY C 307 26.33 -48.98 18.52
CA GLY C 307 26.80 -49.09 17.15
C GLY C 307 27.82 -50.21 16.95
N GLY C 308 28.26 -50.34 15.70
CA GLY C 308 29.24 -51.33 15.33
C GLY C 308 30.65 -50.78 15.22
N VAL C 309 31.57 -51.66 14.84
CA VAL C 309 32.98 -51.29 14.72
C VAL C 309 33.21 -50.60 13.39
N GLN C 310 33.99 -49.53 13.42
CA GLN C 310 34.32 -48.74 12.23
C GLN C 310 35.81 -48.78 12.01
N ARG C 311 36.25 -49.33 10.89
CA ARG C 311 37.66 -49.36 10.54
C ARG C 311 37.80 -49.29 9.02
N THR C 312 38.98 -48.86 8.58
CA THR C 312 39.24 -48.63 7.17
C THR C 312 39.75 -49.92 6.51
N LEU C 313 39.27 -50.16 5.29
CA LEU C 313 39.65 -51.30 4.47
C LEU C 313 40.81 -50.91 3.55
N PRO C 314 41.72 -51.85 3.25
CA PRO C 314 42.83 -51.53 2.34
C PRO C 314 42.42 -51.27 0.90
N ASP C 315 41.18 -51.61 0.52
CA ASP C 315 40.67 -51.29 -0.81
C ASP C 315 40.34 -49.81 -0.99
N GLY C 316 40.28 -49.03 0.10
CA GLY C 316 39.90 -47.65 0.04
C GLY C 316 38.49 -47.36 0.54
N THR C 317 37.63 -48.37 0.61
CA THR C 317 36.28 -48.17 1.09
C THR C 317 36.25 -48.16 2.63
N LYS C 318 35.08 -47.85 3.16
CA LYS C 318 34.88 -47.73 4.60
C LYS C 318 33.84 -48.74 5.07
N LEU C 319 34.15 -49.43 6.16
CA LEU C 319 33.24 -50.39 6.77
C LEU C 319 32.17 -49.63 7.55
N ARG C 320 30.92 -49.75 7.12
CA ARG C 320 29.82 -49.04 7.77
C ARG C 320 29.48 -49.70 9.10
N GLY C 321 29.47 -48.90 10.16
CA GLY C 321 29.12 -49.40 11.47
C GLY C 321 27.93 -48.70 12.11
N GLU C 322 27.13 -48.04 11.27
CA GLU C 322 25.97 -47.30 11.74
C GLU C 322 24.71 -48.08 11.38
N SER C 323 23.92 -48.43 12.40
CA SER C 323 22.69 -49.19 12.23
C SER C 323 21.50 -48.24 12.39
N HIS C 324 20.76 -48.04 11.31
CA HIS C 324 19.63 -47.12 11.30
C HIS C 324 18.35 -47.84 11.75
N VAL C 325 17.54 -47.13 12.54
CA VAL C 325 16.32 -47.68 13.12
C VAL C 325 15.14 -46.83 12.65
N LEU C 326 14.12 -47.49 12.10
CA LEU C 326 12.90 -46.83 11.68
C LEU C 326 11.74 -47.29 12.56
N LEU C 327 10.91 -46.35 12.98
CA LEU C 327 9.75 -46.64 13.86
C LEU C 327 8.49 -46.18 13.14
N VAL C 328 7.77 -47.13 12.54
CA VAL C 328 6.48 -46.85 11.93
C VAL C 328 5.39 -47.14 12.95
N GLY C 329 4.50 -46.19 13.16
CA GLY C 329 3.47 -46.32 14.18
C GLY C 329 2.30 -45.40 13.90
N ASP C 330 1.16 -45.73 14.52
CA ASP C 330 -0.06 -44.98 14.31
C ASP C 330 0.03 -43.59 14.96
N PRO C 331 -0.75 -42.62 14.49
CA PRO C 331 -0.81 -41.33 15.18
C PRO C 331 -1.44 -41.46 16.56
N GLY C 332 -0.83 -40.80 17.55
CA GLY C 332 -1.19 -40.96 18.94
C GLY C 332 -0.23 -41.84 19.72
N VAL C 333 0.52 -42.71 19.04
CA VAL C 333 1.54 -43.51 19.70
C VAL C 333 2.75 -42.63 20.01
N ALA C 334 3.43 -42.92 21.12
CA ALA C 334 4.47 -42.08 21.68
C ALA C 334 5.85 -42.33 21.08
N LYS C 335 5.92 -42.74 19.81
CA LYS C 335 7.20 -42.93 19.14
C LYS C 335 7.98 -41.62 18.98
N SER C 336 7.28 -40.48 18.96
CA SER C 336 7.96 -39.20 18.98
C SER C 336 8.38 -38.79 20.39
N GLN C 337 7.74 -39.36 21.41
CA GLN C 337 8.09 -39.04 22.78
C GLN C 337 9.37 -39.73 23.21
N LEU C 338 9.60 -40.96 22.73
CA LEU C 338 10.83 -41.68 23.06
C LEU C 338 12.03 -41.10 22.33
N LEU C 339 11.80 -40.38 21.22
CA LEU C 339 12.90 -39.70 20.55
C LEU C 339 13.38 -38.51 21.39
N ARG C 340 12.49 -37.91 22.18
CA ARG C 340 12.90 -36.89 23.13
C ARG C 340 13.66 -37.51 24.30
N TYR C 341 13.35 -38.75 24.64
CA TYR C 341 14.00 -39.42 25.77
C TYR C 341 15.42 -39.83 25.41
N VAL C 342 15.62 -40.33 24.19
CA VAL C 342 16.95 -40.76 23.78
C VAL C 342 17.83 -39.58 23.36
N ALA C 343 17.24 -38.39 23.21
CA ALA C 343 18.03 -37.22 22.86
C ALA C 343 18.86 -36.72 24.04
N ASN C 344 18.44 -37.02 25.27
CA ASN C 344 19.12 -36.49 26.44
C ASN C 344 20.35 -37.31 26.78
N LEU C 345 20.38 -38.59 26.40
CA LEU C 345 21.44 -39.50 26.81
C LEU C 345 22.38 -39.88 25.67
N ALA C 346 22.11 -39.44 24.44
CA ALA C 346 22.96 -39.79 23.31
C ALA C 346 23.95 -38.66 23.06
N PRO C 347 25.25 -38.97 22.93
CA PRO C 347 26.22 -37.91 22.61
C PRO C 347 26.09 -37.49 21.14
N ARG C 348 26.10 -36.17 20.93
CA ARG C 348 26.03 -35.53 19.60
C ARG C 348 24.75 -35.93 18.85
N ALA C 349 23.63 -35.67 19.50
CA ALA C 349 22.31 -36.01 18.95
C ALA C 349 21.53 -34.72 18.69
N ILE C 350 21.01 -34.60 17.47
CA ILE C 350 20.22 -33.45 17.07
C ILE C 350 18.79 -33.94 16.81
N TYR C 351 17.85 -33.48 17.62
CA TYR C 351 16.44 -33.81 17.40
C TYR C 351 15.86 -32.83 16.39
N THR C 352 15.47 -33.34 15.23
CA THR C 352 14.90 -32.52 14.17
C THR C 352 13.61 -33.15 13.67
N SER C 353 12.81 -32.35 12.98
CA SER C 353 11.60 -32.80 12.34
C SER C 353 11.83 -33.01 10.85
N GLY C 354 10.85 -33.64 10.20
CA GLY C 354 10.96 -33.86 8.76
C GLY C 354 10.73 -32.59 7.97
N LYS C 355 9.62 -31.90 8.25
CA LYS C 355 9.32 -30.63 7.58
C LYS C 355 9.87 -29.47 8.41
N SER C 356 11.19 -29.32 8.35
CA SER C 356 11.90 -28.25 9.03
C SER C 356 12.23 -27.17 8.01
N SER C 357 11.67 -25.98 8.20
CA SER C 357 11.88 -24.87 7.27
C SER C 357 13.30 -24.34 7.36
N SER C 358 14.14 -24.70 6.39
CA SER C 358 15.53 -24.26 6.37
C SER C 358 16.02 -24.32 4.94
N ALA C 359 17.26 -23.86 4.74
CA ALA C 359 17.86 -23.88 3.41
C ALA C 359 18.26 -25.29 3.00
N ALA C 360 18.62 -26.13 3.97
CA ALA C 360 19.01 -27.51 3.69
C ALA C 360 18.06 -28.51 4.34
N GLY C 361 17.78 -28.38 5.62
CA GLY C 361 16.89 -29.31 6.29
C GLY C 361 17.61 -30.58 6.67
N LEU C 362 17.20 -31.69 6.05
CA LEU C 362 17.83 -32.97 6.34
C LEU C 362 19.16 -33.12 5.60
N THR C 363 19.12 -32.98 4.28
CA THR C 363 20.32 -33.15 3.45
C THR C 363 20.86 -31.77 3.11
N ALA C 364 22.19 -31.64 3.11
CA ALA C 364 22.84 -30.38 2.78
C ALA C 364 22.64 -30.04 1.30
N ALA C 365 22.35 -28.77 1.04
CA ALA C 365 22.11 -28.30 -0.31
C ALA C 365 22.63 -26.88 -0.46
N ALA C 366 22.74 -26.45 -1.72
CA ALA C 366 23.21 -25.10 -2.01
C ALA C 366 22.04 -24.12 -2.01
N VAL C 367 22.35 -22.87 -1.66
CA VAL C 367 21.34 -21.82 -1.57
C VAL C 367 22.04 -20.49 -1.78
N ARG C 368 21.28 -19.48 -2.18
CA ARG C 368 21.82 -18.14 -2.34
C ARG C 368 21.78 -17.38 -1.02
N ASP C 369 22.84 -16.63 -0.76
CA ASP C 369 22.98 -15.93 0.51
C ASP C 369 22.14 -14.66 0.55
N GLU C 370 21.79 -14.22 1.76
CA GLU C 370 21.06 -12.97 1.93
C GLU C 370 22.00 -11.78 1.80
N PHE C 371 23.26 -11.95 2.20
CA PHE C 371 24.21 -10.84 2.17
C PHE C 371 24.60 -10.47 0.75
N THR C 372 24.95 -11.46 -0.08
CA THR C 372 25.33 -11.22 -1.46
C THR C 372 24.93 -12.43 -2.30
N GLY C 373 25.23 -12.34 -3.60
CA GLY C 373 24.76 -13.32 -4.57
C GLY C 373 25.62 -14.57 -4.68
N SER C 374 26.57 -14.78 -3.77
CA SER C 374 27.41 -15.97 -3.83
C SER C 374 26.62 -17.20 -3.39
N TRP C 375 26.84 -18.31 -4.08
CA TRP C 375 26.15 -19.55 -3.78
C TRP C 375 26.84 -20.23 -2.60
N VAL C 376 26.21 -20.18 -1.44
CA VAL C 376 26.73 -20.82 -0.25
C VAL C 376 26.14 -22.22 -0.14
N LEU C 377 26.81 -23.07 0.64
CA LEU C 377 26.37 -24.45 0.87
C LEU C 377 25.94 -24.56 2.33
N GLU C 378 24.64 -24.66 2.54
CA GLU C 378 24.10 -24.84 3.89
C GLU C 378 24.14 -26.32 4.27
N ALA C 379 24.68 -26.59 5.46
CA ALA C 379 24.81 -27.96 5.96
C ALA C 379 23.52 -28.38 6.65
N GLY C 380 23.02 -29.56 6.30
CA GLY C 380 21.81 -30.10 6.89
C GLY C 380 22.08 -30.77 8.22
N VAL C 381 21.07 -31.51 8.69
CA VAL C 381 21.17 -32.19 9.96
C VAL C 381 22.00 -33.46 9.83
N LEU C 382 22.18 -33.95 8.60
CA LEU C 382 23.00 -35.13 8.36
C LEU C 382 24.47 -34.80 8.23
N VAL C 383 24.86 -33.53 8.31
CA VAL C 383 26.26 -33.11 8.29
C VAL C 383 26.70 -32.57 9.64
N LEU C 384 25.81 -31.84 10.33
CA LEU C 384 26.15 -31.28 11.63
C LEU C 384 26.22 -32.34 12.72
N ALA C 385 25.59 -33.49 12.50
CA ALA C 385 25.64 -34.61 13.44
C ALA C 385 26.72 -35.61 13.08
N ASP C 386 27.83 -35.16 12.49
CA ASP C 386 28.89 -36.05 12.04
C ASP C 386 29.61 -36.69 13.23
N GLY C 387 29.52 -38.01 13.30
CA GLY C 387 30.03 -38.74 14.44
C GLY C 387 29.03 -38.93 15.57
N GLY C 388 27.76 -38.62 15.34
CA GLY C 388 26.75 -38.74 16.37
C GLY C 388 25.45 -39.32 15.87
N PHE C 389 24.33 -38.70 16.26
CA PHE C 389 23.00 -39.21 15.94
C PHE C 389 22.15 -38.10 15.34
N ALA C 390 21.23 -38.50 14.47
CA ALA C 390 20.32 -37.58 13.78
C ALA C 390 18.89 -38.07 14.01
N LEU C 391 18.25 -37.56 15.05
CA LEU C 391 16.90 -37.97 15.41
C LEU C 391 15.92 -37.18 14.54
N ILE C 392 15.36 -37.84 13.54
CA ILE C 392 14.50 -37.20 12.56
C ILE C 392 13.08 -37.70 12.78
N ASP C 393 12.24 -36.84 13.35
CA ASP C 393 10.82 -37.13 13.47
C ASP C 393 10.10 -36.78 12.17
N GLU C 394 9.01 -37.51 11.89
CA GLU C 394 8.18 -37.38 10.69
C GLU C 394 9.01 -37.56 9.42
N PHE C 395 9.55 -38.77 9.26
CA PHE C 395 10.46 -39.07 8.16
C PHE C 395 9.76 -39.13 6.81
N ASP C 396 8.43 -39.25 6.79
CA ASP C 396 7.70 -39.29 5.52
C ASP C 396 7.61 -37.90 4.90
N LYS C 397 7.50 -36.86 5.74
CA LYS C 397 7.32 -35.49 5.26
C LYS C 397 8.65 -34.80 5.00
N MET C 398 9.40 -35.35 4.05
CA MET C 398 10.67 -34.80 3.63
C MET C 398 10.51 -34.13 2.26
N SER C 399 11.41 -33.20 1.97
CA SER C 399 11.35 -32.48 0.70
C SER C 399 11.81 -33.38 -0.45
N ASP C 400 11.48 -32.95 -1.67
CA ASP C 400 11.79 -33.76 -2.85
C ASP C 400 13.28 -33.77 -3.15
N ARG C 401 14.00 -32.72 -2.77
CA ARG C 401 15.45 -32.71 -2.98
C ARG C 401 16.16 -33.60 -1.97
N ASP C 402 15.57 -33.81 -0.80
CA ASP C 402 16.19 -34.68 0.20
C ASP C 402 15.98 -36.15 -0.13
N ARG C 403 14.95 -36.46 -0.91
CA ARG C 403 14.68 -37.85 -1.27
C ARG C 403 15.70 -38.40 -2.27
N SER C 404 16.31 -37.52 -3.07
CA SER C 404 17.26 -37.98 -4.08
C SER C 404 18.63 -38.28 -3.49
N ALA C 405 18.95 -37.71 -2.33
CA ALA C 405 20.26 -37.89 -1.70
C ALA C 405 20.18 -38.56 -0.33
N ILE C 406 19.05 -39.18 0.01
CA ILE C 406 18.96 -39.88 1.28
C ILE C 406 19.55 -41.29 1.16
N HIS C 407 19.63 -41.83 -0.06
CA HIS C 407 20.20 -43.16 -0.24
C HIS C 407 21.72 -43.13 -0.12
N GLU C 408 22.35 -42.04 -0.56
CA GLU C 408 23.80 -41.91 -0.44
C GLU C 408 24.24 -41.52 0.97
N ALA C 409 23.32 -40.99 1.79
CA ALA C 409 23.67 -40.58 3.13
C ALA C 409 23.65 -41.75 4.13
N LEU C 410 22.82 -42.75 3.87
CA LEU C 410 22.70 -43.87 4.81
C LEU C 410 23.68 -44.99 4.50
N GLU C 411 23.98 -45.20 3.22
CA GLU C 411 24.90 -46.27 2.83
C GLU C 411 26.33 -45.75 2.65
N GLN C 412 26.52 -44.79 1.76
CA GLN C 412 27.85 -44.27 1.47
C GLN C 412 28.33 -43.26 2.51
N GLN C 413 27.43 -42.74 3.35
CA GLN C 413 27.71 -41.75 4.40
C GLN C 413 28.35 -40.47 3.85
N THR C 414 28.02 -40.10 2.60
CA THR C 414 28.53 -38.89 1.98
C THR C 414 27.37 -38.04 1.47
N ILE C 415 27.53 -36.73 1.52
CA ILE C 415 26.58 -35.79 0.93
C ILE C 415 27.26 -35.19 -0.30
N SER C 416 26.87 -35.66 -1.48
CA SER C 416 27.46 -35.21 -2.74
C SER C 416 26.49 -34.27 -3.42
N ILE C 417 26.90 -32.99 -3.55
CA ILE C 417 26.09 -31.97 -4.19
C ILE C 417 26.76 -31.57 -5.50
N SER C 418 26.06 -30.77 -6.30
CA SER C 418 26.59 -30.23 -7.54
C SER C 418 25.93 -28.87 -7.78
N LYS C 419 26.73 -27.81 -7.80
CA LYS C 419 26.21 -26.47 -7.99
C LYS C 419 27.10 -25.73 -8.97
N ALA C 420 26.83 -24.44 -9.14
CA ALA C 420 27.53 -23.59 -10.11
C ALA C 420 28.94 -23.31 -9.57
N GLY C 421 29.09 -22.75 -8.37
CA GLY C 421 30.38 -22.33 -7.86
C GLY C 421 30.92 -23.10 -6.67
N ILE C 422 30.10 -23.93 -6.02
CA ILE C 422 30.52 -24.67 -4.83
C ILE C 422 30.24 -26.15 -5.09
N THR C 423 31.22 -27.00 -4.82
CA THR C 423 31.09 -28.44 -4.97
C THR C 423 31.93 -29.12 -3.90
N ALA C 424 31.30 -29.96 -3.08
CA ALA C 424 31.99 -30.63 -2.00
C ALA C 424 31.27 -31.94 -1.69
N THR C 425 31.98 -32.85 -1.05
CA THR C 425 31.45 -34.14 -0.62
C THR C 425 31.54 -34.21 0.90
N LEU C 426 30.49 -33.75 1.58
CA LEU C 426 30.50 -33.67 3.03
C LEU C 426 30.28 -35.05 3.65
N ASN C 427 30.94 -35.29 4.77
CA ASN C 427 30.82 -36.55 5.50
C ASN C 427 29.51 -36.59 6.26
N SER C 428 28.84 -37.74 6.23
CA SER C 428 27.52 -37.93 6.82
C SER C 428 27.45 -39.24 7.59
N ARG C 429 28.45 -39.47 8.46
CA ARG C 429 28.49 -40.69 9.27
C ARG C 429 27.59 -40.57 10.50
N THR C 430 26.28 -40.53 10.23
CA THR C 430 25.27 -40.31 11.25
C THR C 430 24.41 -41.55 11.40
N THR C 431 24.11 -41.91 12.65
CA THR C 431 23.18 -43.00 12.94
C THR C 431 21.77 -42.41 13.03
N VAL C 432 20.96 -42.65 12.02
CA VAL C 432 19.63 -42.05 11.92
C VAL C 432 18.61 -42.95 12.59
N ILE C 433 17.92 -42.43 13.60
CA ILE C 433 16.83 -43.13 14.26
C ILE C 433 15.56 -42.36 13.90
N ALA C 434 14.88 -42.81 12.84
CA ALA C 434 13.75 -42.10 12.29
C ALA C 434 12.42 -42.66 12.78
N ALA C 435 11.38 -41.83 12.70
CA ALA C 435 10.04 -42.23 13.07
C ALA C 435 9.07 -41.60 12.08
N ALA C 436 8.27 -42.43 11.41
CA ALA C 436 7.40 -41.95 10.34
C ALA C 436 6.01 -42.53 10.51
N ASN C 437 5.00 -41.69 10.37
CA ASN C 437 3.62 -42.15 10.39
C ASN C 437 3.20 -42.62 8.99
N PRO C 438 2.24 -43.54 8.91
CA PRO C 438 1.74 -43.95 7.59
C PRO C 438 0.92 -42.84 6.94
N LYS C 439 0.85 -42.90 5.60
CA LYS C 439 0.11 -41.89 4.86
C LYS C 439 -1.40 -42.10 4.98
N PHE C 440 -1.83 -43.31 5.35
CA PHE C 440 -3.24 -43.58 5.58
C PHE C 440 -3.64 -43.16 6.98
N GLY C 441 -4.84 -43.56 7.40
CA GLY C 441 -5.30 -43.26 8.74
C GLY C 441 -4.58 -44.10 9.80
N ARG C 442 -4.40 -45.39 9.51
CA ARG C 442 -3.73 -46.29 10.42
C ARG C 442 -2.93 -47.31 9.62
N PHE C 443 -2.15 -48.12 10.33
CA PHE C 443 -1.37 -49.20 9.70
C PHE C 443 -2.17 -50.49 9.85
N ASN C 444 -2.64 -51.01 8.72
CA ASN C 444 -3.35 -52.28 8.73
C ASN C 444 -2.37 -53.43 8.86
N ARG C 445 -2.77 -54.47 9.60
CA ARG C 445 -1.89 -55.61 9.81
C ARG C 445 -1.81 -56.49 8.56
N HIS C 446 -2.91 -56.56 7.79
CA HIS C 446 -2.90 -57.38 6.58
C HIS C 446 -2.10 -56.71 5.47
N LYS C 447 -2.15 -55.38 5.41
CA LYS C 447 -1.37 -54.65 4.42
C LYS C 447 0.10 -54.57 4.85
N SER C 448 0.98 -54.52 3.86
CA SER C 448 2.41 -54.53 4.12
C SER C 448 2.94 -53.13 4.40
N LEU C 449 4.27 -53.05 4.55
CA LEU C 449 4.89 -51.77 4.91
C LEU C 449 5.01 -50.77 3.75
N PRO C 450 5.62 -51.10 2.58
CA PRO C 450 5.96 -50.00 1.64
C PRO C 450 4.78 -49.40 0.92
N GLU C 451 3.68 -50.14 0.74
CA GLU C 451 2.49 -49.55 0.13
C GLU C 451 1.68 -48.74 1.13
N GLN C 452 1.96 -48.84 2.43
CA GLN C 452 1.31 -48.04 3.45
C GLN C 452 2.19 -46.88 3.93
N LEU C 453 3.31 -46.62 3.26
CA LEU C 453 4.26 -45.61 3.70
C LEU C 453 4.65 -44.72 2.53
N ASP C 454 4.91 -43.45 2.82
CA ASP C 454 5.31 -42.50 1.78
C ASP C 454 6.80 -42.55 1.47
N LEU C 455 7.55 -43.40 2.17
CA LEU C 455 8.98 -43.53 1.91
C LEU C 455 9.21 -44.27 0.60
N PRO C 456 10.34 -44.04 -0.07
CA PRO C 456 10.67 -44.82 -1.28
C PRO C 456 10.95 -46.27 -0.94
N PRO C 457 10.74 -47.19 -1.88
CA PRO C 457 10.95 -48.62 -1.56
C PRO C 457 12.42 -48.98 -1.38
N THR C 458 13.33 -48.28 -2.05
CA THR C 458 14.75 -48.57 -1.89
C THR C 458 15.30 -48.02 -0.58
N LEU C 459 14.57 -47.10 0.07
CA LEU C 459 15.04 -46.52 1.32
C LEU C 459 14.90 -47.50 2.48
N LEU C 460 13.98 -48.46 2.38
CA LEU C 460 13.76 -49.40 3.47
C LEU C 460 14.88 -50.43 3.60
N SER C 461 15.72 -50.58 2.58
CA SER C 461 16.85 -51.49 2.67
C SER C 461 17.95 -50.95 3.58
N ARG C 462 18.11 -49.63 3.64
CA ARG C 462 19.19 -49.03 4.41
C ARG C 462 18.92 -49.02 5.91
N PHE C 463 17.68 -49.25 6.33
CA PHE C 463 17.36 -49.29 7.74
C PHE C 463 17.67 -50.67 8.31
N ASP C 464 18.45 -50.70 9.39
CA ASP C 464 18.82 -51.97 10.01
C ASP C 464 17.66 -52.58 10.79
N LEU C 465 16.92 -51.75 11.53
CA LEU C 465 15.84 -52.23 12.38
C LEU C 465 14.56 -51.46 12.04
N ILE C 466 13.47 -52.19 11.87
CA ILE C 466 12.15 -51.60 11.64
C ILE C 466 11.18 -52.25 12.61
N PHE C 467 10.60 -51.44 13.50
CA PHE C 467 9.66 -51.90 14.50
C PHE C 467 8.26 -51.39 14.22
N LEU C 468 7.27 -52.12 14.74
CA LEU C 468 5.87 -51.78 14.57
C LEU C 468 5.29 -51.37 15.91
N LEU C 469 4.70 -50.19 15.97
CA LEU C 469 4.07 -49.66 17.18
C LEU C 469 2.60 -49.44 16.87
N LEU C 470 1.81 -50.49 17.06
CA LEU C 470 0.38 -50.44 16.80
C LEU C 470 -0.40 -50.28 18.11
N ASP C 471 -1.49 -49.54 18.04
CA ASP C 471 -2.33 -49.29 19.20
C ASP C 471 -3.43 -50.35 19.27
N GLU C 472 -3.01 -51.56 19.60
CA GLU C 472 -3.91 -52.71 19.69
C GLU C 472 -4.50 -52.79 21.09
N PRO C 473 -5.81 -52.59 21.24
CA PRO C 473 -6.44 -52.67 22.57
C PRO C 473 -6.76 -54.11 22.93
N ASP C 474 -6.09 -54.62 23.97
CA ASP C 474 -6.38 -55.93 24.52
C ASP C 474 -6.76 -55.77 25.99
N GLU C 475 -7.40 -56.81 26.54
CA GLU C 475 -7.88 -56.73 27.92
C GLU C 475 -6.72 -56.83 28.91
N LYS C 476 -5.75 -57.70 28.63
CA LYS C 476 -4.64 -57.90 29.56
C LYS C 476 -3.58 -56.82 29.40
N VAL C 477 -3.47 -56.24 28.20
CA VAL C 477 -2.44 -55.23 27.96
C VAL C 477 -2.87 -53.88 28.52
N ASP C 478 -4.13 -53.49 28.28
CA ASP C 478 -4.61 -52.18 28.73
C ASP C 478 -4.81 -52.12 30.23
N ALA C 479 -4.87 -53.26 30.92
CA ALA C 479 -4.88 -53.24 32.37
C ALA C 479 -3.53 -52.79 32.93
N SER C 480 -2.45 -53.08 32.20
CA SER C 480 -1.12 -52.61 32.60
C SER C 480 -0.77 -51.27 31.96
N ILE C 481 -1.44 -50.91 30.86
CA ILE C 481 -1.27 -49.58 30.28
C ILE C 481 -1.86 -48.53 31.21
N ALA C 482 -3.08 -48.76 31.70
CA ALA C 482 -3.73 -47.81 32.59
C ALA C 482 -3.09 -47.79 33.96
N GLU C 483 -2.50 -48.91 34.37
CA GLU C 483 -1.84 -48.95 35.68
C GLU C 483 -0.52 -48.19 35.66
N HIS C 484 0.22 -48.28 34.56
CA HIS C 484 1.50 -47.58 34.47
C HIS C 484 1.31 -46.09 34.26
N ILE C 485 0.19 -45.70 33.62
CA ILE C 485 -0.11 -44.28 33.44
C ILE C 485 -0.52 -43.66 34.77
N LEU C 486 -1.29 -44.40 35.57
CA LEU C 486 -1.66 -43.92 36.90
C LEU C 486 -0.46 -43.93 37.84
N LYS C 487 0.51 -44.80 37.59
CA LYS C 487 1.71 -44.85 38.43
C LYS C 487 2.68 -43.72 38.07
N VAL C 488 2.79 -43.40 36.78
CA VAL C 488 3.69 -42.32 36.37
C VAL C 488 3.06 -40.96 36.64
N ARG C 489 1.74 -40.90 36.87
CA ARG C 489 1.10 -39.64 37.23
C ARG C 489 1.33 -39.30 38.70
N ARG C 490 1.26 -40.31 39.59
CA ARG C 490 1.45 -40.06 41.00
C ARG C 490 2.92 -39.79 41.34
N GLY C 491 3.84 -40.48 40.68
CA GLY C 491 5.25 -40.33 40.92
C GLY C 491 5.95 -41.47 41.61
N GLU C 492 5.48 -42.71 41.41
CA GLU C 492 6.15 -43.87 42.00
C GLU C 492 7.49 -44.12 41.31
N ALA C 493 8.49 -44.49 42.10
CA ALA C 493 9.86 -44.55 41.60
C ALA C 493 10.09 -45.74 40.67
N GLU C 494 9.14 -46.69 40.64
CA GLU C 494 9.27 -47.80 39.71
C GLU C 494 8.94 -47.41 38.27
N ALA C 495 8.41 -46.21 38.04
CA ALA C 495 7.97 -45.80 36.71
C ALA C 495 8.50 -44.45 36.25
N VAL C 496 9.20 -43.69 37.10
CA VAL C 496 9.64 -42.36 36.70
C VAL C 496 11.17 -42.30 36.56
N THR C 497 11.88 -43.15 37.32
CA THR C 497 13.32 -43.07 37.25
C THR C 497 13.92 -44.39 36.74
N PRO C 498 15.01 -44.34 36.00
CA PRO C 498 15.64 -45.56 35.51
C PRO C 498 16.58 -46.17 36.55
N LYS C 499 17.06 -47.37 36.23
CA LYS C 499 18.05 -48.02 37.07
C LYS C 499 19.42 -47.36 36.91
N ILE C 500 19.70 -46.78 35.76
CA ILE C 500 20.92 -46.03 35.49
C ILE C 500 20.51 -44.61 35.12
N PRO C 501 21.02 -43.58 35.79
CA PRO C 501 20.58 -42.20 35.49
C PRO C 501 21.12 -41.72 34.15
N TYR C 502 20.59 -40.57 33.73
CA TYR C 502 20.90 -40.05 32.39
C TYR C 502 22.32 -39.52 32.30
N ASP C 503 22.84 -38.98 33.41
CA ASP C 503 24.22 -38.48 33.40
C ASP C 503 25.23 -39.63 33.44
N LEU C 504 24.83 -40.79 33.96
CA LEU C 504 25.72 -41.94 33.98
C LEU C 504 25.59 -42.80 32.72
N LEU C 505 24.42 -42.77 32.08
CA LEU C 505 24.23 -43.57 30.87
C LEU C 505 24.86 -42.90 29.66
N LYS C 506 24.90 -41.56 29.64
CA LYS C 506 25.48 -40.84 28.52
C LYS C 506 26.99 -41.04 28.45
N LYS C 507 27.65 -41.07 29.61
CA LYS C 507 29.08 -41.36 29.62
C LYS C 507 29.36 -42.84 29.42
N TYR C 508 28.35 -43.69 29.63
CA TYR C 508 28.55 -45.12 29.44
C TYR C 508 28.58 -45.50 27.96
N ILE C 509 27.76 -44.84 27.14
CA ILE C 509 27.75 -45.12 25.72
C ILE C 509 28.97 -44.52 25.04
N ALA C 510 29.38 -43.32 25.45
CA ALA C 510 30.49 -42.64 24.78
C ALA C 510 31.83 -43.28 25.13
N TYR C 511 31.92 -43.92 26.29
CA TYR C 511 33.15 -44.65 26.64
C TYR C 511 33.28 -45.92 25.81
N ALA C 512 32.16 -46.57 25.51
CA ALA C 512 32.22 -47.79 24.69
C ALA C 512 32.46 -47.45 23.23
N ARG C 513 31.92 -46.33 22.75
CA ARG C 513 32.11 -45.94 21.36
C ARG C 513 33.52 -45.42 21.08
N LYS C 514 34.28 -45.09 22.11
CA LYS C 514 35.64 -44.56 21.95
C LYS C 514 36.71 -45.62 22.18
N ASN C 515 36.59 -46.41 23.23
CA ASN C 515 37.65 -47.35 23.62
C ASN C 515 37.31 -48.80 23.31
N VAL C 516 36.06 -49.22 23.49
CA VAL C 516 35.70 -50.62 23.31
C VAL C 516 35.51 -50.90 21.83
N HIS C 517 36.23 -51.91 21.32
CA HIS C 517 36.13 -52.33 19.92
C HIS C 517 36.17 -53.85 19.87
N PRO C 518 34.99 -54.49 19.79
CA PRO C 518 34.96 -55.95 19.82
C PRO C 518 35.35 -56.55 18.47
N VAL C 519 35.91 -57.76 18.53
CA VAL C 519 36.29 -58.51 17.34
C VAL C 519 35.50 -59.82 17.33
N LEU C 520 35.41 -60.42 16.14
CA LEU C 520 34.66 -61.65 15.98
C LEU C 520 35.47 -62.84 16.51
N SER C 521 34.74 -63.86 16.95
CA SER C 521 35.33 -65.08 17.47
C SER C 521 34.78 -66.28 16.72
N ARG C 522 35.40 -67.44 16.95
CA ARG C 522 35.00 -68.66 16.23
C ARG C 522 33.65 -69.18 16.72
N GLU C 523 33.30 -68.89 17.98
CA GLU C 523 31.99 -69.27 18.50
C GLU C 523 30.89 -68.43 17.84
N ALA C 524 31.19 -67.17 17.53
CA ALA C 524 30.24 -66.34 16.81
C ALA C 524 30.37 -66.52 15.30
N MET C 525 31.46 -67.12 14.84
CA MET C 525 31.61 -67.43 13.42
C MET C 525 30.65 -68.51 12.99
N GLU C 526 30.55 -69.58 13.79
CA GLU C 526 29.67 -70.70 13.43
C GLU C 526 28.22 -70.41 13.79
N GLU C 527 27.97 -69.43 14.67
CA GLU C 527 26.60 -69.14 15.09
C GLU C 527 25.86 -68.35 14.02
N ILE C 528 26.50 -67.30 13.49
CA ILE C 528 25.87 -66.49 12.45
C ILE C 528 25.82 -67.25 11.12
N LYS C 529 26.80 -68.12 10.87
CA LYS C 529 26.78 -68.91 9.65
C LYS C 529 25.70 -69.98 9.69
N ARG C 530 25.35 -70.46 10.88
CA ARG C 530 24.28 -71.44 11.00
C ARG C 530 22.91 -70.79 10.80
N TYR C 531 22.78 -69.53 11.22
CA TYR C 531 21.49 -68.84 11.07
C TYR C 531 21.26 -68.40 9.63
N TYR C 532 22.33 -68.05 8.91
CA TYR C 532 22.19 -67.64 7.52
C TYR C 532 21.92 -68.84 6.61
N VAL C 533 22.42 -70.01 6.99
CA VAL C 533 22.22 -71.21 6.18
C VAL C 533 20.81 -71.77 6.41
N LYS C 534 20.37 -71.82 7.66
CA LYS C 534 19.10 -72.47 8.01
C LYS C 534 17.91 -71.69 7.50
N MET C 535 18.04 -70.36 7.37
CA MET C 535 16.94 -69.56 6.84
C MET C 535 16.80 -69.75 5.34
N ARG C 536 17.92 -69.80 4.62
CA ARG C 536 17.86 -69.90 3.16
C ARG C 536 17.57 -71.32 2.71
N LYS C 537 18.20 -72.32 3.35
CA LYS C 537 17.98 -73.70 2.97
C LYS C 537 16.62 -74.20 3.46
N GLY C 538 16.18 -73.73 4.62
CA GLY C 538 14.95 -74.24 5.20
C GLY C 538 13.71 -73.74 4.47
N LEU C 539 13.59 -72.43 4.30
CA LEU C 539 12.41 -71.83 3.67
C LEU C 539 12.61 -71.89 2.16
N ARG C 540 11.87 -72.78 1.51
CA ARG C 540 11.88 -72.85 0.04
C ARG C 540 10.51 -73.38 -0.39
N ARG C 541 9.61 -72.47 -0.75
CA ARG C 541 8.27 -72.81 -1.17
C ARG C 541 8.22 -72.97 -2.69
N GLY C 542 7.08 -73.41 -3.21
CA GLY C 542 6.91 -73.59 -4.62
C GLY C 542 6.37 -72.36 -5.32
N ASP C 543 7.26 -71.59 -5.95
CA ASP C 543 6.90 -70.40 -6.71
C ASP C 543 7.18 -70.68 -8.19
N GLU C 544 6.14 -71.02 -8.93
CA GLU C 544 6.27 -71.33 -10.35
C GLU C 544 6.35 -70.04 -11.16
N ASP C 545 7.11 -70.10 -12.25
CA ASP C 545 7.26 -69.03 -13.24
C ASP C 545 7.81 -67.74 -12.60
N GLY C 546 9.04 -67.85 -12.10
CA GLY C 546 9.71 -66.68 -11.57
C GLY C 546 10.77 -67.05 -10.56
N VAL C 547 11.38 -66.00 -10.00
CA VAL C 547 12.43 -66.18 -9.01
C VAL C 547 11.80 -66.54 -7.67
N GLN C 548 12.39 -67.53 -6.98
CA GLN C 548 11.95 -67.94 -5.65
C GLN C 548 12.08 -66.79 -4.65
N PRO C 549 11.20 -66.75 -3.64
CA PRO C 549 11.30 -65.69 -2.62
C PRO C 549 12.56 -65.86 -1.76
N ILE C 550 13.16 -64.72 -1.43
CA ILE C 550 14.43 -64.69 -0.70
C ILE C 550 14.11 -64.44 0.77
N PRO C 551 14.44 -65.36 1.68
CA PRO C 551 14.18 -65.10 3.10
C PRO C 551 15.16 -64.12 3.72
N ILE C 552 16.42 -64.13 3.29
CA ILE C 552 17.44 -63.24 3.84
C ILE C 552 18.50 -63.00 2.78
N THR C 553 18.88 -61.73 2.62
CA THR C 553 19.90 -61.31 1.65
C THR C 553 21.18 -61.03 2.43
N ALA C 554 22.30 -60.89 1.71
CA ALA C 554 23.59 -60.60 2.33
C ALA C 554 23.64 -59.23 2.99
N ARG C 555 22.73 -58.32 2.62
CA ARG C 555 22.62 -57.04 3.33
C ARG C 555 22.14 -57.25 4.76
N GLN C 556 21.18 -58.16 4.96
CA GLN C 556 20.73 -58.49 6.30
C GLN C 556 21.77 -59.28 7.07
N LEU C 557 22.64 -60.01 6.37
CA LEU C 557 23.74 -60.70 7.04
C LEU C 557 24.77 -59.72 7.56
N GLU C 558 25.05 -58.66 6.78
CA GLU C 558 25.94 -57.61 7.26
C GLU C 558 25.26 -56.77 8.34
N ALA C 559 23.92 -56.71 8.31
CA ALA C 559 23.19 -55.95 9.33
C ALA C 559 23.23 -56.66 10.69
N LEU C 560 23.35 -57.98 10.70
CA LEU C 560 23.43 -58.71 11.96
C LEU C 560 24.82 -58.59 12.57
N ILE C 561 25.82 -58.29 11.75
CA ILE C 561 27.18 -58.09 12.24
C ILE C 561 27.26 -56.82 13.09
N ARG C 562 26.60 -55.75 12.64
CA ARG C 562 26.59 -54.50 13.40
C ARG C 562 25.80 -54.64 14.70
N LEU C 563 24.78 -55.49 14.71
CA LEU C 563 23.99 -55.68 15.93
C LEU C 563 24.68 -56.64 16.89
N SER C 564 25.48 -57.58 16.37
CA SER C 564 26.19 -58.49 17.25
C SER C 564 27.37 -57.81 17.94
N GLU C 565 28.06 -56.92 17.22
CA GLU C 565 29.16 -56.16 17.82
C GLU C 565 28.64 -55.08 18.76
N ALA C 566 27.38 -54.67 18.61
CA ALA C 566 26.81 -53.68 19.50
C ALA C 566 26.34 -54.31 20.82
N HIS C 567 25.97 -55.59 20.78
CA HIS C 567 25.56 -56.27 22.00
C HIS C 567 26.77 -56.57 22.89
N ALA C 568 27.95 -56.75 22.30
CA ALA C 568 29.17 -56.80 23.09
C ALA C 568 29.70 -55.43 23.43
N ARG C 569 29.19 -54.38 22.76
CA ARG C 569 29.61 -53.03 23.06
C ARG C 569 28.94 -52.51 24.33
N MET C 570 27.69 -52.90 24.57
CA MET C 570 26.94 -52.41 25.72
C MET C 570 27.35 -53.10 27.02
N ARG C 571 28.06 -54.23 26.97
CA ARG C 571 28.55 -54.90 28.15
C ARG C 571 30.06 -54.72 28.33
N LEU C 572 30.67 -53.85 27.51
CA LEU C 572 32.11 -53.50 27.57
C LEU C 572 33.00 -54.72 27.39
N SER C 573 32.76 -55.46 26.31
CA SER C 573 33.53 -56.65 25.98
C SER C 573 34.27 -56.44 24.67
N GLU C 574 35.51 -56.92 24.61
CA GLU C 574 36.34 -56.82 23.41
C GLU C 574 36.20 -58.02 22.49
N THR C 575 35.28 -58.93 22.79
CA THR C 575 35.00 -60.06 21.92
C THR C 575 33.52 -60.41 22.01
N VAL C 576 32.93 -60.78 20.87
CA VAL C 576 31.52 -61.15 20.83
C VAL C 576 31.40 -62.60 21.30
N THR C 577 30.44 -62.85 22.19
CA THR C 577 30.20 -64.17 22.72
C THR C 577 29.05 -64.81 21.91
N ARG C 578 28.77 -66.08 22.17
CA ARG C 578 27.61 -66.72 21.55
C ARG C 578 26.30 -66.13 22.06
N GLU C 579 26.30 -65.64 23.30
CA GLU C 579 25.13 -64.94 23.83
C GLU C 579 24.93 -63.59 23.16
N ASP C 580 26.03 -62.97 22.70
CA ASP C 580 25.93 -61.72 21.95
C ASP C 580 25.43 -61.97 20.54
N ALA C 581 25.79 -63.14 19.97
CA ALA C 581 25.30 -63.47 18.63
C ALA C 581 23.87 -63.99 18.66
N ARG C 582 23.47 -64.66 19.75
CA ARG C 582 22.10 -65.15 19.86
C ARG C 582 21.14 -64.00 20.13
N ALA C 583 21.61 -62.94 20.78
CA ALA C 583 20.76 -61.78 21.04
C ALA C 583 20.49 -60.99 19.78
N ALA C 584 21.50 -60.88 18.90
CA ALA C 584 21.31 -60.18 17.63
C ALA C 584 20.47 -60.98 16.65
N ILE C 585 20.40 -62.30 16.82
CA ILE C 585 19.57 -63.13 15.95
C ILE C 585 18.10 -63.00 16.30
N GLU C 586 17.78 -63.04 17.60
CA GLU C 586 16.39 -63.04 18.03
C GLU C 586 15.73 -61.67 17.86
N ILE C 587 16.51 -60.61 17.81
CA ILE C 587 15.96 -59.29 17.51
C ILE C 587 15.69 -59.17 16.01
N ILE C 588 16.61 -59.71 15.20
CA ILE C 588 16.43 -59.71 13.75
C ILE C 588 15.28 -60.65 13.35
N GLU C 589 15.16 -61.79 14.03
CA GLU C 589 14.08 -62.72 13.73
C GLU C 589 12.73 -62.18 14.19
N ALA C 590 12.72 -61.29 15.18
CA ALA C 590 11.47 -60.70 15.63
C ALA C 590 10.98 -59.61 14.69
N MET C 591 11.89 -58.78 14.18
CA MET C 591 11.47 -57.72 13.27
C MET C 591 11.15 -58.25 11.88
N MET C 592 11.69 -59.41 11.50
CA MET C 592 11.31 -60.04 10.23
C MET C 592 10.00 -60.79 10.34
N LYS C 593 9.47 -60.95 11.55
CA LYS C 593 8.14 -61.55 11.72
C LYS C 593 7.02 -60.51 11.66
N THR C 594 7.34 -59.25 11.37
CA THR C 594 6.35 -58.18 11.30
C THR C 594 6.17 -57.62 9.90
N ILE C 595 7.26 -57.39 9.17
CA ILE C 595 7.22 -56.77 7.85
C ILE C 595 7.58 -57.77 6.75
N ALA C 596 8.51 -58.68 7.04
CA ALA C 596 9.05 -59.53 5.98
C ALA C 596 8.11 -60.68 5.66
N VAL C 597 7.18 -61.00 6.55
CA VAL C 597 6.23 -62.08 6.30
C VAL C 597 5.19 -61.59 5.30
N ASP C 598 5.17 -62.20 4.13
CA ASP C 598 4.15 -61.95 3.11
C ASP C 598 3.75 -63.31 2.56
N GLU C 599 2.46 -63.65 2.73
CA GLU C 599 1.88 -64.96 2.40
C GLU C 599 2.61 -66.09 3.13
N GLU C 600 2.65 -65.98 4.46
CA GLU C 600 3.19 -66.96 5.41
C GLU C 600 4.65 -67.31 5.16
N GLY C 601 5.46 -66.37 4.65
CA GLY C 601 6.85 -66.66 4.39
C GLY C 601 7.74 -65.45 4.52
N ASN C 602 8.95 -65.64 5.05
CA ASN C 602 9.92 -64.56 5.19
C ASN C 602 10.38 -64.10 3.81
N LEU C 603 10.31 -62.79 3.57
CA LEU C 603 10.50 -62.22 2.25
C LEU C 603 11.05 -60.82 2.37
N ASP C 604 12.20 -60.57 1.75
CA ASP C 604 12.88 -59.28 1.85
C ASP C 604 12.13 -58.27 0.98
N VAL C 605 11.13 -57.63 1.61
CA VAL C 605 10.38 -56.56 0.96
C VAL C 605 10.97 -55.18 1.23
N SER C 606 12.20 -55.12 1.76
CA SER C 606 12.86 -53.84 1.93
C SER C 606 13.58 -53.41 0.65
N ILE C 607 13.75 -54.33 -0.31
CA ILE C 607 14.42 -53.99 -1.57
C ILE C 607 13.43 -53.37 -2.55
N LEU C 608 12.33 -54.08 -2.82
CA LEU C 608 11.29 -53.60 -3.72
C LEU C 608 10.00 -53.43 -2.93
N GLU C 609 9.09 -52.62 -3.47
CA GLU C 609 7.84 -52.31 -2.77
C GLU C 609 6.91 -53.52 -2.72
N VAL C 610 6.65 -54.12 -3.87
CA VAL C 610 5.75 -55.28 -3.92
C VAL C 610 6.50 -56.52 -3.45
N GLY C 611 5.74 -57.53 -3.04
CA GLY C 611 6.33 -58.79 -2.65
C GLY C 611 6.61 -59.69 -3.84
N LYS C 612 7.37 -60.75 -3.58
CA LYS C 612 7.67 -61.73 -4.63
C LYS C 612 6.44 -62.53 -5.01
N SER C 613 5.57 -62.83 -4.04
CA SER C 613 4.31 -63.50 -4.34
C SER C 613 3.36 -62.56 -5.05
N SER C 614 3.45 -61.27 -4.79
CA SER C 614 2.60 -60.30 -5.46
C SER C 614 3.13 -59.96 -6.85
N LYS C 615 4.43 -60.17 -7.07
CA LYS C 615 5.03 -59.81 -8.36
C LYS C 615 4.67 -60.83 -9.45
N LYS C 616 4.53 -62.10 -9.09
CA LYS C 616 4.20 -63.12 -10.09
C LYS C 616 2.75 -62.98 -10.55
N ILE C 617 1.84 -62.64 -9.64
CA ILE C 617 0.44 -62.50 -10.00
C ILE C 617 0.16 -61.14 -10.63
N ASN C 618 1.12 -60.22 -10.61
CA ASN C 618 0.93 -58.93 -11.27
C ASN C 618 1.54 -58.90 -12.66
N LYS C 619 2.58 -59.69 -12.90
CA LYS C 619 3.26 -59.65 -14.20
C LYS C 619 2.58 -60.55 -15.22
N ILE C 620 2.12 -61.74 -14.80
CA ILE C 620 1.41 -62.60 -15.73
C ILE C 620 -0.04 -62.15 -15.89
N GLU C 621 -0.53 -61.27 -15.01
CA GLU C 621 -1.79 -60.59 -15.27
C GLU C 621 -1.63 -59.57 -16.39
N LYS C 622 -0.46 -58.94 -16.48
CA LYS C 622 -0.16 -58.07 -17.62
C LYS C 622 0.14 -58.88 -18.87
N LEU C 623 0.57 -60.14 -18.71
CA LEU C 623 0.82 -60.98 -19.88
C LEU C 623 -0.48 -61.44 -20.52
N VAL C 624 -1.50 -61.70 -19.71
CA VAL C 624 -2.82 -62.01 -20.27
C VAL C 624 -3.56 -60.74 -20.67
N ASP C 625 -3.07 -59.57 -20.22
CA ASP C 625 -3.63 -58.31 -20.69
C ASP C 625 -2.96 -57.85 -21.97
N ILE C 626 -1.73 -58.32 -22.23
CA ILE C 626 -1.00 -57.93 -23.43
C ILE C 626 -1.60 -58.61 -24.65
N ILE C 627 -2.18 -59.80 -24.50
CA ILE C 627 -2.84 -60.47 -25.60
C ILE C 627 -4.28 -59.98 -25.73
N LYS C 628 -4.89 -59.58 -24.61
CA LYS C 628 -6.26 -59.10 -24.63
C LYS C 628 -6.37 -57.69 -25.18
N SER C 629 -5.28 -56.94 -25.17
CA SER C 629 -5.32 -55.56 -25.67
C SER C 629 -5.28 -55.53 -27.19
N LEU C 630 -4.61 -56.50 -27.81
CA LEU C 630 -4.38 -56.46 -29.24
C LEU C 630 -5.41 -57.24 -30.05
N GLU C 631 -6.21 -58.12 -29.43
CA GLU C 631 -7.23 -58.81 -30.22
C GLU C 631 -8.46 -57.96 -30.50
N SER C 632 -8.63 -56.85 -29.76
CA SER C 632 -9.67 -55.84 -29.99
C SER C 632 -11.08 -56.42 -29.90
N GLU C 633 -11.35 -57.13 -28.80
CA GLU C 633 -12.67 -57.72 -28.61
C GLU C 633 -13.68 -56.67 -28.13
N GLY C 634 -13.20 -55.64 -27.45
CA GLY C 634 -14.03 -54.54 -27.02
C GLY C 634 -14.04 -53.40 -28.01
N GLU C 635 -14.23 -52.18 -27.49
CA GLU C 635 -14.15 -51.01 -28.35
C GLU C 635 -12.70 -50.64 -28.63
N PHE C 636 -11.81 -50.88 -27.67
CA PHE C 636 -10.38 -50.69 -27.83
C PHE C 636 -9.59 -51.90 -27.36
N GLY C 637 -10.25 -53.04 -27.12
CA GLY C 637 -9.59 -54.22 -26.64
C GLY C 637 -9.43 -54.24 -25.13
N ALA C 638 -9.48 -55.46 -24.58
CA ALA C 638 -9.35 -55.76 -23.15
C ALA C 638 -10.32 -54.97 -22.27
N PRO C 639 -11.61 -55.33 -22.24
CA PRO C 639 -12.53 -54.69 -21.30
C PRO C 639 -12.25 -55.08 -19.86
N GLU C 640 -12.94 -54.41 -18.93
CA GLU C 640 -12.70 -54.56 -17.50
C GLU C 640 -13.09 -55.94 -17.00
N GLU C 641 -14.34 -56.35 -17.23
CA GLU C 641 -14.83 -57.62 -16.71
C GLU C 641 -14.29 -58.80 -17.51
N LYS C 642 -13.71 -58.55 -18.68
CA LYS C 642 -13.12 -59.62 -19.47
C LYS C 642 -11.85 -60.16 -18.82
N VAL C 643 -11.02 -59.27 -18.27
CA VAL C 643 -9.81 -59.72 -17.58
C VAL C 643 -10.07 -60.07 -16.12
N ILE C 644 -11.28 -59.80 -15.63
CA ILE C 644 -11.66 -60.27 -14.29
C ILE C 644 -11.95 -61.77 -14.34
N GLU C 645 -12.74 -62.21 -15.31
CA GLU C 645 -13.04 -63.63 -15.43
C GLU C 645 -11.84 -64.42 -15.95
N ALA C 646 -10.93 -63.76 -16.68
CA ALA C 646 -9.69 -64.40 -17.08
C ALA C 646 -8.65 -64.44 -15.96
N ALA C 647 -8.90 -63.74 -14.86
CA ALA C 647 -7.96 -63.74 -13.74
C ALA C 647 -8.09 -65.02 -12.92
N LYS C 648 -9.30 -65.60 -12.87
CA LYS C 648 -9.51 -66.78 -12.03
C LYS C 648 -8.93 -68.03 -12.69
N GLN C 649 -8.95 -68.13 -14.02
CA GLN C 649 -8.28 -69.26 -14.66
C GLN C 649 -6.76 -69.10 -14.63
N ALA C 650 -6.29 -67.86 -14.54
CA ALA C 650 -4.86 -67.58 -14.43
C ALA C 650 -4.37 -67.56 -12.99
N GLY C 651 -5.28 -67.66 -12.01
CA GLY C 651 -4.87 -67.67 -10.62
C GLY C 651 -4.44 -66.33 -10.07
N ILE C 652 -4.99 -65.23 -10.60
CA ILE C 652 -4.57 -63.91 -10.14
C ILE C 652 -5.28 -63.54 -8.84
N GLY C 653 -6.60 -63.65 -8.82
CA GLY C 653 -7.35 -63.31 -7.63
C GLY C 653 -8.85 -63.32 -7.91
N THR C 654 -9.59 -62.81 -6.93
CA THR C 654 -11.04 -62.80 -6.98
C THR C 654 -11.55 -61.55 -7.71
N LYS C 655 -12.83 -61.26 -7.51
CA LYS C 655 -13.46 -60.10 -8.13
C LYS C 655 -12.92 -58.80 -7.53
N ALA C 656 -12.75 -58.77 -6.21
CA ALA C 656 -12.29 -57.55 -5.55
C ALA C 656 -10.79 -57.38 -5.65
N ASP C 657 -10.05 -58.49 -5.67
CA ASP C 657 -8.59 -58.41 -5.65
C ASP C 657 -8.05 -58.03 -7.03
N ILE C 658 -8.73 -58.45 -8.09
CA ILE C 658 -8.24 -58.14 -9.44
C ILE C 658 -8.49 -56.68 -9.79
N GLU C 659 -9.56 -56.09 -9.25
CA GLU C 659 -9.78 -54.66 -9.46
C GLU C 659 -8.85 -53.83 -8.59
N LYS C 660 -8.45 -54.34 -7.42
CA LYS C 660 -7.58 -53.57 -6.54
C LYS C 660 -6.15 -53.55 -7.07
N LEU C 661 -5.73 -54.63 -7.74
CA LEU C 661 -4.44 -54.62 -8.41
C LEU C 661 -4.46 -53.70 -9.63
N LEU C 662 -5.55 -53.74 -10.40
CA LEU C 662 -5.59 -53.02 -11.67
C LEU C 662 -5.68 -51.51 -11.48
N ASN C 663 -6.09 -51.06 -10.30
CA ASN C 663 -6.01 -49.63 -9.98
C ASN C 663 -4.56 -49.21 -9.76
N GLU C 664 -3.72 -50.14 -9.30
CA GLU C 664 -2.30 -49.84 -9.13
C GLU C 664 -1.53 -49.95 -10.44
N LEU C 665 -2.14 -50.50 -11.49
CA LEU C 665 -1.52 -50.45 -12.81
C LEU C 665 -1.55 -49.04 -13.40
N LYS C 666 -2.45 -48.19 -12.90
CA LYS C 666 -2.53 -46.80 -13.33
C LYS C 666 -1.52 -45.91 -12.63
N SER C 667 -0.98 -46.35 -11.49
CA SER C 667 -0.08 -45.52 -10.72
C SER C 667 1.28 -45.38 -11.39
N ASP C 668 1.74 -46.45 -12.05
CA ASP C 668 3.05 -46.45 -12.70
C ASP C 668 2.98 -46.47 -14.21
N GLY C 669 1.83 -46.80 -14.81
CA GLY C 669 1.65 -46.70 -16.23
C GLY C 669 1.95 -47.93 -17.06
N ARG C 670 1.93 -49.12 -16.46
CA ARG C 670 2.12 -50.34 -17.23
C ARG C 670 0.88 -50.64 -18.08
N VAL C 671 -0.30 -50.62 -17.45
CA VAL C 671 -1.57 -50.79 -18.13
C VAL C 671 -2.39 -49.54 -17.84
N TYR C 672 -2.86 -48.87 -18.89
CA TYR C 672 -3.59 -47.61 -18.76
C TYR C 672 -5.04 -47.77 -19.20
N GLU C 673 -5.89 -46.85 -18.76
CA GLU C 673 -7.28 -46.76 -19.20
C GLU C 673 -7.53 -45.49 -19.98
N PRO C 674 -7.79 -45.57 -21.29
CA PRO C 674 -8.32 -44.39 -22.00
C PRO C 674 -9.80 -44.18 -21.73
N ARG C 675 -10.56 -45.25 -21.50
CA ARG C 675 -11.99 -45.18 -21.24
C ARG C 675 -12.30 -45.93 -19.95
N ALA C 676 -13.44 -45.63 -19.36
CA ALA C 676 -13.87 -46.26 -18.11
C ALA C 676 -14.40 -47.65 -18.40
N GLY C 677 -13.56 -48.66 -18.15
CA GLY C 677 -13.94 -50.05 -18.31
C GLY C 677 -13.21 -50.80 -19.39
N PHE C 678 -12.17 -50.21 -19.99
CA PHE C 678 -11.41 -50.84 -21.07
C PHE C 678 -9.93 -50.55 -20.83
N TYR C 679 -9.14 -51.60 -20.67
CA TYR C 679 -7.72 -51.48 -20.36
C TYR C 679 -6.88 -51.60 -21.63
N ARG C 680 -5.72 -50.95 -21.61
CA ARG C 680 -4.73 -51.08 -22.67
C ARG C 680 -3.35 -51.10 -22.05
N VAL C 681 -2.49 -51.98 -22.57
CA VAL C 681 -1.13 -52.11 -22.08
C VAL C 681 -0.24 -51.13 -22.85
N ILE C 682 0.74 -50.54 -22.16
CA ILE C 682 1.65 -49.59 -22.78
C ILE C 682 2.65 -50.34 -23.66
N MET D 1 -18.44 71.08 14.80
CA MET D 1 -17.28 70.26 14.44
C MET D 1 -16.58 69.77 15.70
N ASP D 2 -16.74 70.49 16.79
CA ASP D 2 -16.14 70.13 18.08
C ASP D 2 -16.93 68.97 18.67
N ARG D 3 -16.23 67.92 19.08
CA ARG D 3 -16.86 66.71 19.59
C ARG D 3 -17.13 66.76 21.10
N GLU D 4 -16.67 67.79 21.79
CA GLU D 4 -17.00 67.93 23.21
C GLU D 4 -18.45 68.35 23.39
N GLU D 5 -18.97 69.13 22.44
CA GLU D 5 -20.35 69.58 22.46
C GLU D 5 -21.24 68.81 21.50
N MET D 6 -20.65 68.00 20.61
CA MET D 6 -21.45 67.22 19.68
C MET D 6 -22.19 66.09 20.37
N ILE D 7 -21.64 65.59 21.47
CA ILE D 7 -22.35 64.58 22.26
C ILE D 7 -23.50 65.22 23.04
N ALA D 8 -23.40 66.52 23.35
CA ALA D 8 -24.51 67.21 23.99
C ALA D 8 -25.62 67.50 23.00
N ARG D 9 -25.26 67.76 21.73
CA ARG D 9 -26.28 67.93 20.69
C ARG D 9 -26.92 66.60 20.34
N PHE D 10 -26.17 65.49 20.47
CA PHE D 10 -26.77 64.18 20.30
C PHE D 10 -27.59 63.77 21.51
N ALA D 11 -27.36 64.40 22.66
CA ALA D 11 -28.13 64.07 23.86
C ALA D 11 -29.53 64.65 23.78
N LYS D 12 -29.70 65.75 23.04
CA LYS D 12 -31.04 66.30 22.84
C LYS D 12 -31.86 65.43 21.90
N PHE D 13 -31.19 64.68 21.01
CA PHE D 13 -31.90 63.79 20.10
C PHE D 13 -32.12 62.41 20.73
N LEU D 14 -31.10 61.86 21.38
CA LEU D 14 -31.21 60.52 21.95
C LEU D 14 -31.71 60.57 23.38
N ARG D 29 -35.16 57.16 18.01
CA ARG D 29 -34.01 56.30 18.27
C ARG D 29 -33.91 55.95 19.76
N LEU D 30 -34.77 56.57 20.57
CA LEU D 30 -34.75 56.32 22.00
C LEU D 30 -35.49 55.03 22.33
N LYS D 31 -36.58 54.74 21.61
CA LYS D 31 -37.35 53.53 21.88
C LYS D 31 -36.62 52.27 21.39
N ASP D 32 -35.73 52.41 20.42
CA ASP D 32 -34.99 51.26 19.93
C ASP D 32 -33.91 50.82 20.91
N LEU D 33 -33.43 51.74 21.75
CA LEU D 33 -32.37 51.42 22.69
C LEU D 33 -32.86 50.63 23.90
N LEU D 34 -34.14 50.75 24.25
CA LEU D 34 -34.66 50.02 25.41
C LEU D 34 -34.83 48.54 25.11
N THR D 35 -35.09 48.19 23.85
CA THR D 35 -35.26 46.80 23.47
C THR D 35 -33.99 46.17 22.93
N VAL D 36 -32.94 46.95 22.70
CA VAL D 36 -31.68 46.43 22.16
C VAL D 36 -30.57 46.62 23.16
N THR D 37 -30.91 46.91 24.41
CA THR D 37 -29.89 46.97 25.45
C THR D 37 -29.24 45.63 25.82
N PRO D 38 -29.81 44.43 25.53
CA PRO D 38 -28.92 43.26 25.52
C PRO D 38 -28.14 43.12 24.22
N LYS D 39 -28.65 43.69 23.12
CA LYS D 39 -27.99 43.59 21.84
C LYS D 39 -26.77 44.52 21.79
N ARG D 40 -25.94 44.31 20.76
CA ARG D 40 -24.69 45.03 20.61
C ARG D 40 -24.69 45.99 19.43
N SER D 41 -25.88 46.41 18.97
CA SER D 41 -25.98 47.35 17.87
C SER D 41 -27.28 48.13 17.99
N LEU D 42 -27.23 49.42 17.68
CA LEU D 42 -28.38 50.31 17.74
C LEU D 42 -28.63 50.88 16.35
N ALA D 43 -29.75 50.50 15.74
CA ALA D 43 -30.12 51.00 14.42
C ALA D 43 -30.78 52.37 14.58
N ILE D 44 -30.12 53.40 14.06
CA ILE D 44 -30.60 54.77 14.15
C ILE D 44 -30.96 55.26 12.76
N ASP D 45 -32.19 55.72 12.59
CA ASP D 45 -32.65 56.25 11.31
C ASP D 45 -32.22 57.71 11.17
N TRP D 46 -31.78 58.06 9.96
CA TRP D 46 -31.33 59.43 9.72
C TRP D 46 -32.48 60.40 9.57
N ALA D 47 -33.68 59.90 9.24
CA ALA D 47 -34.84 60.78 9.14
C ALA D 47 -35.27 61.30 10.50
N HIS D 48 -35.02 60.53 11.56
CA HIS D 48 -35.22 61.05 12.92
C HIS D 48 -34.16 62.09 13.26
N LEU D 49 -32.94 61.91 12.75
CA LEU D 49 -31.89 62.89 12.99
C LEU D 49 -32.02 64.11 12.09
N ASN D 50 -32.65 63.95 10.92
CA ASN D 50 -32.82 65.08 10.01
C ASN D 50 -33.85 66.07 10.52
N SER D 51 -34.82 65.61 11.29
CA SER D 51 -35.82 66.52 11.86
C SER D 51 -35.22 67.34 13.00
N PHE D 52 -34.27 66.77 13.75
CA PHE D 52 -33.67 67.50 14.85
C PHE D 52 -32.61 68.48 14.35
N ASP D 53 -31.69 68.00 13.50
CA ASP D 53 -30.62 68.86 13.00
C ASP D 53 -30.24 68.37 11.60
N PRO D 54 -30.53 69.14 10.55
CA PRO D 54 -30.12 68.72 9.20
C PRO D 54 -28.63 68.83 8.95
N GLU D 55 -27.94 69.71 9.69
CA GLU D 55 -26.50 69.83 9.54
C GLU D 55 -25.78 68.65 10.19
N LEU D 56 -26.37 68.08 11.24
CA LEU D 56 -25.76 66.93 11.90
C LEU D 56 -25.91 65.66 11.05
N ALA D 57 -27.06 65.50 10.40
CA ALA D 57 -27.25 64.35 9.52
C ALA D 57 -26.39 64.46 8.26
N ASP D 58 -26.10 65.69 7.82
CA ASP D 58 -25.18 65.87 6.71
C ASP D 58 -23.73 65.70 7.14
N GLU D 59 -23.45 65.87 8.43
CA GLU D 59 -22.10 65.66 8.94
C GLU D 59 -21.75 64.19 9.06
N LEU D 60 -22.76 63.30 9.03
CA LEU D 60 -22.48 61.87 8.96
C LEU D 60 -21.87 61.49 7.62
N LEU D 61 -22.33 62.11 6.54
CA LEU D 61 -21.84 61.77 5.21
C LEU D 61 -20.53 62.50 4.88
N ASN D 62 -20.28 63.64 5.52
CA ASN D 62 -19.09 64.43 5.23
C ASN D 62 -17.91 64.06 6.12
N ASN D 63 -18.14 63.91 7.43
CA ASN D 63 -17.10 63.57 8.40
C ASN D 63 -17.57 62.30 9.11
N PRO D 64 -17.40 61.12 8.49
CA PRO D 64 -17.90 59.90 9.11
C PRO D 64 -16.99 59.30 10.16
N GLU D 65 -15.75 59.81 10.29
CA GLU D 65 -14.81 59.21 11.22
C GLU D 65 -15.12 59.61 12.67
N GLU D 66 -15.33 60.90 12.90
CA GLU D 66 -15.48 61.38 14.28
C GLU D 66 -16.94 61.51 14.70
N ALA D 67 -17.87 61.60 13.74
CA ALA D 67 -19.28 61.80 14.10
C ALA D 67 -19.90 60.51 14.61
N ILE D 68 -19.48 59.37 14.07
CA ILE D 68 -19.95 58.07 14.56
C ILE D 68 -19.33 57.78 15.93
N ALA D 69 -18.10 58.26 16.15
CA ALA D 69 -17.46 58.10 17.45
C ALA D 69 -18.15 58.92 18.53
N SER D 70 -18.68 60.09 18.17
CA SER D 70 -19.48 60.85 19.13
C SER D 70 -20.87 60.24 19.30
N ALA D 71 -21.38 59.61 18.25
CA ALA D 71 -22.64 58.88 18.37
C ALA D 71 -22.44 57.60 19.18
N GLU D 72 -21.25 57.02 19.12
CA GLU D 72 -20.91 55.90 20.01
C GLU D 72 -20.79 56.36 21.45
N ASP D 73 -20.35 57.60 21.67
CA ASP D 73 -20.19 58.12 23.02
C ASP D 73 -21.55 58.47 23.62
N ALA D 74 -22.46 59.00 22.80
CA ALA D 74 -23.72 59.54 23.29
C ALA D 74 -24.69 58.43 23.73
N ILE D 75 -24.47 57.20 23.26
CA ILE D 75 -25.27 56.07 23.74
C ILE D 75 -24.94 55.77 25.20
N GLN D 76 -23.65 55.88 25.56
CA GLN D 76 -23.24 55.63 26.93
C GLN D 76 -23.64 56.76 27.89
N ILE D 77 -23.95 57.95 27.38
CA ILE D 77 -24.40 59.03 28.25
C ILE D 77 -25.83 58.78 28.71
N VAL D 78 -26.71 58.43 27.78
CA VAL D 78 -28.09 58.12 28.15
C VAL D 78 -28.21 56.75 28.81
N LEU D 79 -27.19 55.90 28.69
CA LEU D 79 -27.18 54.66 29.46
C LEU D 79 -26.78 54.90 30.91
N ARG D 80 -26.06 55.99 31.18
CA ARG D 80 -25.72 56.39 32.54
C ARG D 80 -26.54 57.59 33.00
N GLU D 81 -27.67 57.86 32.34
CA GLU D 81 -28.52 58.98 32.72
C GLU D 81 -29.31 58.64 33.97
N PRO D 82 -29.62 59.62 34.81
CA PRO D 82 -30.41 59.35 36.04
C PRO D 82 -31.83 58.86 35.77
N PRO D 83 -32.52 59.24 34.64
CA PRO D 83 -33.74 58.48 34.31
C PRO D 83 -33.47 57.07 33.79
N LEU D 84 -32.40 56.89 33.00
CA LEU D 84 -32.21 55.65 32.27
C LEU D 84 -30.89 54.95 32.63
N LEU D 85 -30.60 54.82 33.91
CA LEU D 85 -29.35 54.20 34.33
C LEU D 85 -29.42 52.68 34.17
N VAL D 86 -28.40 52.12 33.51
CA VAL D 86 -28.24 50.69 33.33
C VAL D 86 -26.79 50.34 33.63
N GLU D 87 -26.43 49.08 33.39
CA GLU D 87 -25.04 48.67 33.48
C GLU D 87 -24.24 49.31 32.35
N ARG D 88 -23.05 49.83 32.69
CA ARG D 88 -22.22 50.53 31.73
C ARG D 88 -21.69 49.56 30.67
N GLU D 89 -22.17 49.72 29.44
CA GLU D 89 -21.83 48.83 28.33
C GLU D 89 -21.17 49.67 27.25
N PHE D 90 -19.84 49.60 27.17
CA PHE D 90 -19.11 50.33 26.13
C PHE D 90 -19.26 49.68 24.76
N LYS D 91 -19.71 48.43 24.70
CA LYS D 91 -19.93 47.72 23.44
C LYS D 91 -21.32 48.12 22.92
N VAL D 92 -21.38 49.30 22.31
CA VAL D 92 -22.60 49.83 21.70
C VAL D 92 -22.23 50.36 20.31
N HIS D 93 -22.73 49.68 19.28
CA HIS D 93 -22.44 50.09 17.92
C HIS D 93 -23.43 51.15 17.46
N ALA D 94 -22.92 52.26 16.94
CA ALA D 94 -23.75 53.36 16.45
C ALA D 94 -24.03 53.13 14.98
N ARG D 95 -25.00 52.28 14.69
CA ARG D 95 -25.35 51.94 13.31
C ARG D 95 -26.35 52.94 12.75
N PHE D 96 -26.26 53.17 11.44
CA PHE D 96 -27.15 54.09 10.73
C PHE D 96 -27.63 53.38 9.46
N TYR D 97 -28.87 52.92 9.48
CA TYR D 97 -29.41 52.15 8.36
C TYR D 97 -29.81 53.07 7.21
N ASN D 98 -30.65 54.06 7.49
CA ASN D 98 -31.18 54.92 6.44
C ASN D 98 -30.22 56.06 6.13
N LEU D 99 -30.04 56.33 4.84
CA LEU D 99 -29.32 57.49 4.34
C LEU D 99 -30.10 58.04 3.15
N PRO D 100 -30.05 59.36 2.90
CA PRO D 100 -30.85 59.93 1.80
C PRO D 100 -30.27 59.72 0.40
N LYS D 101 -29.28 58.84 0.24
CA LYS D 101 -28.73 58.55 -1.07
C LYS D 101 -28.32 57.09 -1.14
N THR D 102 -28.68 56.43 -2.23
CA THR D 102 -28.32 55.05 -2.50
C THR D 102 -27.50 55.01 -3.78
N LEU D 103 -26.31 54.41 -3.70
CA LEU D 103 -25.37 54.44 -4.81
C LEU D 103 -25.68 53.34 -5.82
N LEU D 104 -24.76 53.14 -6.77
CA LEU D 104 -24.94 52.21 -7.87
C LEU D 104 -23.74 51.26 -7.96
N VAL D 105 -23.63 50.54 -9.09
CA VAL D 105 -22.53 49.60 -9.27
C VAL D 105 -21.19 50.34 -9.36
N LYS D 106 -21.10 51.34 -10.23
CA LYS D 106 -19.86 52.08 -10.43
C LYS D 106 -19.91 53.49 -9.85
N GLU D 107 -20.81 53.73 -8.89
CA GLU D 107 -20.89 55.06 -8.28
C GLU D 107 -19.79 55.27 -7.25
N LEU D 108 -19.17 54.20 -6.77
CA LEU D 108 -18.06 54.33 -5.83
C LEU D 108 -16.82 54.86 -6.55
N GLY D 109 -16.22 55.89 -5.97
CA GLY D 109 -15.06 56.50 -6.57
C GLY D 109 -14.19 57.18 -5.54
N SER D 110 -13.32 58.06 -6.03
CA SER D 110 -12.40 58.76 -5.15
C SER D 110 -13.08 59.93 -4.44
N GLU D 111 -14.22 60.39 -4.95
CA GLU D 111 -14.94 61.47 -4.30
C GLU D 111 -15.63 60.98 -3.02
N HIS D 112 -15.94 59.70 -2.94
CA HIS D 112 -16.57 59.11 -1.77
C HIS D 112 -15.56 58.49 -0.80
N ILE D 113 -14.27 58.79 -0.96
CA ILE D 113 -13.26 58.34 0.00
C ILE D 113 -13.45 59.10 1.30
N ASN D 114 -13.53 58.35 2.40
CA ASN D 114 -13.85 58.86 3.75
C ASN D 114 -15.19 59.59 3.77
N LYS D 115 -16.22 58.95 3.21
CA LYS D 115 -17.58 59.48 3.18
C LYS D 115 -18.55 58.33 3.39
N LEU D 116 -19.55 58.54 4.25
CA LEU D 116 -20.54 57.51 4.52
C LEU D 116 -21.50 57.38 3.34
N ILE D 117 -21.44 56.24 2.65
CA ILE D 117 -22.24 55.99 1.46
C ILE D 117 -23.08 54.74 1.68
N GLN D 118 -24.05 54.54 0.78
CA GLN D 118 -24.94 53.39 0.82
C GLN D 118 -24.97 52.74 -0.55
N VAL D 119 -24.38 51.54 -0.64
CA VAL D 119 -24.31 50.79 -1.89
C VAL D 119 -25.09 49.49 -1.73
N GLU D 120 -26.02 49.24 -2.64
CA GLU D 120 -26.81 48.03 -2.65
C GLU D 120 -26.20 47.02 -3.62
N GLY D 121 -26.33 45.73 -3.29
CA GLY D 121 -25.78 44.70 -4.14
C GLY D 121 -26.03 43.33 -3.57
N ILE D 122 -25.31 42.36 -4.11
CA ILE D 122 -25.38 40.96 -3.70
C ILE D 122 -24.00 40.55 -3.22
N ILE D 123 -23.93 39.55 -2.34
CA ILE D 123 -22.65 39.08 -1.84
C ILE D 123 -22.21 37.86 -2.65
N THR D 124 -21.07 37.99 -3.33
CA THR D 124 -20.55 36.92 -4.18
C THR D 124 -19.56 36.03 -3.45
N ARG D 125 -18.67 36.61 -2.65
CA ARG D 125 -17.65 35.86 -1.92
C ARG D 125 -17.65 36.33 -0.48
N VAL D 126 -17.35 35.41 0.45
CA VAL D 126 -17.27 35.73 1.86
C VAL D 126 -16.05 35.01 2.44
N SER D 127 -15.57 35.49 3.57
CA SER D 127 -14.44 34.90 4.28
C SER D 127 -14.93 34.19 5.53
N GLU D 128 -14.03 33.40 6.11
CA GLU D 128 -14.35 32.66 7.32
C GLU D 128 -14.31 33.56 8.55
N VAL D 129 -14.75 33.01 9.68
CA VAL D 129 -14.72 33.75 10.94
C VAL D 129 -13.29 33.80 11.44
N LYS D 130 -12.68 34.99 11.40
CA LYS D 130 -11.30 35.17 11.78
C LYS D 130 -11.19 36.25 12.86
N PRO D 131 -10.25 36.11 13.79
CA PRO D 131 -10.01 37.19 14.76
C PRO D 131 -9.09 38.24 14.19
N PHE D 132 -9.30 39.49 14.64
CA PHE D 132 -8.47 40.60 14.24
C PHE D 132 -7.80 41.22 15.47
N VAL D 133 -6.59 41.74 15.27
CA VAL D 133 -5.84 42.42 16.33
C VAL D 133 -6.28 43.88 16.32
N GLU D 134 -7.31 44.18 17.11
CA GLU D 134 -7.78 45.55 17.26
C GLU D 134 -6.78 46.38 18.06
N LYS D 135 -6.52 45.96 19.30
CA LYS D 135 -5.47 46.56 20.12
C LYS D 135 -4.24 45.67 20.02
N ALA D 136 -3.21 46.17 19.34
CA ALA D 136 -2.00 45.40 19.05
C ALA D 136 -0.94 45.79 20.07
N VAL D 137 -0.82 45.00 21.13
CA VAL D 137 0.19 45.22 22.16
C VAL D 137 1.51 44.62 21.68
N PHE D 138 2.57 45.42 21.70
CA PHE D 138 3.88 44.99 21.25
C PHE D 138 4.84 44.99 22.43
N VAL D 139 5.43 43.82 22.72
CA VAL D 139 6.43 43.69 23.76
C VAL D 139 7.76 43.35 23.12
N CYS D 140 8.84 43.61 23.85
CA CYS D 140 10.19 43.42 23.33
C CYS D 140 10.84 42.20 23.98
N ARG D 141 11.72 41.56 23.22
CA ARG D 141 12.41 40.37 23.73
C ARG D 141 13.63 40.74 24.57
N ASP D 142 14.33 41.81 24.20
CA ASP D 142 15.57 42.16 24.88
C ASP D 142 15.32 42.97 26.15
N CYS D 143 14.48 44.00 26.07
CA CYS D 143 14.17 44.82 27.24
C CYS D 143 12.80 44.49 27.81
N GLY D 144 11.77 44.52 26.98
CA GLY D 144 10.41 44.29 27.43
C GLY D 144 9.52 45.51 27.49
N ASN D 145 9.58 46.40 26.50
CA ASN D 145 8.78 47.61 26.49
C ASN D 145 7.32 47.26 26.25
N GLU D 146 6.45 47.62 27.20
CA GLU D 146 5.02 47.31 27.11
C GLU D 146 4.36 48.39 26.27
N MET D 147 4.49 48.26 24.96
CA MET D 147 3.94 49.24 24.03
C MET D 147 2.54 48.82 23.58
N VAL D 148 1.72 49.83 23.28
CA VAL D 148 0.35 49.62 22.84
C VAL D 148 0.11 50.46 21.59
N ARG D 149 -0.61 49.88 20.62
CA ARG D 149 -0.97 50.59 19.39
C ARG D 149 -2.25 49.98 18.86
N LEU D 150 -3.29 50.81 18.72
CA LEU D 150 -4.58 50.34 18.21
C LEU D 150 -4.52 50.30 16.69
N GLN D 151 -4.63 49.09 16.14
CA GLN D 151 -4.59 48.90 14.68
C GLN D 151 -5.99 48.94 14.12
N ARG D 152 -6.16 49.69 13.03
CA ARG D 152 -7.47 49.84 12.40
C ARG D 152 -7.78 48.64 11.51
N PRO D 153 -9.05 48.23 11.41
CA PRO D 153 -9.38 47.12 10.51
C PRO D 153 -9.30 47.48 9.05
N TYR D 154 -9.39 48.77 8.70
CA TYR D 154 -9.29 49.21 7.33
C TYR D 154 -7.86 49.51 6.88
N GLU D 155 -6.87 49.14 7.69
CA GLU D 155 -5.48 49.39 7.38
C GLU D 155 -4.78 48.08 7.04
N ASN D 156 -3.69 48.16 6.29
CA ASN D 156 -2.93 46.97 5.93
C ASN D 156 -2.17 46.46 7.15
N LEU D 157 -1.68 45.23 7.02
CA LEU D 157 -0.98 44.58 8.13
C LEU D 157 0.40 45.20 8.31
N VAL D 158 0.61 45.83 9.48
CA VAL D 158 1.76 46.68 9.72
C VAL D 158 2.51 46.16 10.95
N LYS D 159 3.83 46.37 10.95
CA LYS D 159 4.71 45.99 12.04
C LYS D 159 5.55 47.20 12.44
N PRO D 160 5.70 47.46 13.74
CA PRO D 160 6.56 48.57 14.18
C PRO D 160 8.02 48.27 13.92
N ALA D 161 8.76 49.31 13.51
CA ALA D 161 10.14 49.11 13.05
C ALA D 161 11.09 48.90 14.22
N LYS D 162 11.21 49.92 15.09
CA LYS D 162 12.20 49.89 16.15
C LYS D 162 11.48 50.01 17.50
N CYS D 163 12.23 49.81 18.58
CA CYS D 163 11.68 50.03 19.91
C CYS D 163 11.74 51.51 20.26
N ASP D 164 10.87 51.90 21.20
CA ASP D 164 10.89 53.27 21.72
C ASP D 164 11.96 53.47 22.79
N ALA D 165 12.47 52.39 23.37
CA ALA D 165 13.49 52.49 24.42
C ALA D 165 14.90 52.35 23.87
N CYS D 166 15.20 51.23 23.22
CA CYS D 166 16.54 50.97 22.70
C CYS D 166 16.62 50.92 21.18
N GLY D 167 15.50 50.76 20.49
CA GLY D 167 15.51 50.71 19.04
C GLY D 167 16.06 49.41 18.48
N SER D 168 15.34 48.31 18.68
CA SER D 168 15.73 47.00 18.19
C SER D 168 14.60 46.41 17.36
N ARG D 169 14.90 45.30 16.68
CA ARG D 169 13.91 44.63 15.86
C ARG D 169 13.17 43.52 16.59
N ASN D 170 13.34 43.41 17.91
CA ASN D 170 12.71 42.31 18.66
C ASN D 170 11.34 42.66 19.21
N ILE D 171 10.78 43.82 18.84
CA ILE D 171 9.45 44.18 19.30
C ILE D 171 8.41 43.37 18.51
N GLU D 172 7.77 42.43 19.19
CA GLU D 172 6.80 41.53 18.57
C GLU D 172 5.45 41.65 19.27
N LEU D 173 4.42 41.18 18.57
CA LEU D 173 3.06 41.22 19.09
C LEU D 173 2.78 40.00 19.96
N ASP D 174 2.47 40.24 21.23
CA ASP D 174 2.06 39.17 22.14
C ASP D 174 0.54 39.10 22.16
N VAL D 175 0.01 37.88 22.14
CA VAL D 175 -1.43 37.68 22.03
C VAL D 175 -2.14 37.63 23.38
N ASP D 176 -1.39 37.62 24.48
CA ASP D 176 -2.01 37.50 25.80
C ASP D 176 -2.64 38.83 26.23
N LYS D 177 -1.86 39.91 26.18
CA LYS D 177 -2.34 41.22 26.61
C LYS D 177 -3.02 42.00 25.49
N SER D 178 -3.18 41.41 24.31
CA SER D 178 -3.78 42.10 23.17
C SER D 178 -5.26 41.75 23.08
N ARG D 179 -6.10 42.78 22.95
CA ARG D 179 -7.53 42.58 22.78
C ARG D 179 -7.85 42.27 21.33
N PHE D 180 -8.88 41.45 21.11
CA PHE D 180 -9.25 40.98 19.80
C PHE D 180 -10.65 41.47 19.41
N LEU D 181 -10.98 41.28 18.14
CA LEU D 181 -12.25 41.72 17.59
C LEU D 181 -12.58 40.84 16.40
N ASN D 182 -13.86 40.49 16.25
CA ASN D 182 -14.28 39.56 15.22
C ASN D 182 -14.22 40.20 13.84
N PHE D 183 -13.68 39.47 12.87
CA PHE D 183 -13.40 40.02 11.55
C PHE D 183 -13.95 39.10 10.47
N GLN D 184 -14.52 39.71 9.44
CA GLN D 184 -15.01 38.99 8.27
C GLN D 184 -15.01 39.95 7.09
N SER D 185 -14.58 39.45 5.93
CA SER D 185 -14.54 40.23 4.71
C SER D 185 -15.41 39.58 3.65
N PHE D 186 -16.14 40.41 2.91
CA PHE D 186 -17.00 39.93 1.85
C PHE D 186 -16.92 40.86 0.64
N ARG D 187 -17.05 40.27 -0.55
CA ARG D 187 -16.96 41.01 -1.80
C ARG D 187 -18.35 41.51 -2.17
N LEU D 188 -18.50 42.83 -2.29
CA LEU D 188 -19.77 43.44 -2.66
C LEU D 188 -19.79 43.74 -4.15
N GLN D 189 -19.91 42.67 -4.93
CA GLN D 189 -20.16 42.79 -6.37
C GLN D 189 -21.65 42.99 -6.56
N ASP D 190 -22.05 44.15 -7.07
CA ASP D 190 -23.45 44.55 -7.05
C ASP D 190 -24.28 43.77 -8.07
N ARG D 191 -25.58 44.04 -8.06
CA ARG D 191 -26.52 43.25 -8.84
C ARG D 191 -26.38 43.55 -10.32
N PRO D 192 -26.21 42.54 -11.18
CA PRO D 192 -26.09 42.74 -12.63
C PRO D 192 -27.44 42.79 -13.36
N GLU D 193 -28.35 43.62 -12.85
CA GLU D 193 -29.66 43.79 -13.46
C GLU D 193 -29.67 44.96 -14.43
N SER D 194 -28.73 44.93 -15.38
CA SER D 194 -28.54 45.94 -16.43
C SER D 194 -28.31 47.34 -15.85
N LEU D 195 -27.63 47.42 -14.71
CA LEU D 195 -27.34 48.71 -14.11
C LEU D 195 -26.15 49.37 -14.81
N LYS D 196 -26.17 50.72 -14.81
CA LYS D 196 -25.18 51.58 -15.46
C LYS D 196 -25.04 51.26 -16.95
N GLY D 197 -26.17 51.01 -17.60
CA GLY D 197 -26.19 50.77 -19.03
C GLY D 197 -25.65 49.42 -19.43
N GLY D 198 -25.71 48.43 -18.55
CA GLY D 198 -25.16 47.12 -18.87
C GLY D 198 -23.65 47.08 -18.89
N GLN D 199 -23.00 47.89 -18.07
CA GLN D 199 -21.55 47.96 -18.02
C GLN D 199 -21.02 46.78 -17.19
N MET D 200 -19.71 46.54 -17.29
CA MET D 200 -19.03 45.51 -16.52
C MET D 200 -19.11 45.82 -15.03
N PRO D 201 -19.59 44.88 -14.21
CA PRO D 201 -19.76 45.18 -12.78
C PRO D 201 -18.43 45.24 -12.05
N ARG D 202 -18.27 46.30 -11.26
CA ARG D 202 -17.08 46.50 -10.43
C ARG D 202 -17.40 46.12 -8.99
N PHE D 203 -16.48 45.40 -8.36
CA PHE D 203 -16.66 44.90 -7.01
C PHE D 203 -15.80 45.70 -6.03
N VAL D 204 -16.36 45.99 -4.86
CA VAL D 204 -15.67 46.69 -3.80
C VAL D 204 -15.75 45.81 -2.56
N ASP D 205 -14.61 45.23 -2.16
CA ASP D 205 -14.59 44.35 -1.00
C ASP D 205 -14.79 45.15 0.29
N ALA D 206 -15.61 44.61 1.18
CA ALA D 206 -15.93 45.27 2.44
C ALA D 206 -15.38 44.43 3.59
N ILE D 207 -15.48 44.99 4.80
CA ILE D 207 -15.04 44.31 6.02
C ILE D 207 -16.17 44.40 7.04
N LEU D 208 -16.41 43.30 7.75
CA LEU D 208 -17.45 43.28 8.77
C LEU D 208 -16.84 43.47 10.16
N LEU D 209 -17.68 43.92 11.09
CA LEU D 209 -17.24 44.23 12.44
C LEU D 209 -17.58 43.07 13.38
N ASP D 210 -17.40 43.29 14.68
CA ASP D 210 -17.64 42.25 15.67
C ASP D 210 -19.14 41.95 15.82
N ASP D 211 -19.96 43.01 15.88
CA ASP D 211 -21.40 42.80 15.99
C ASP D 211 -22.06 42.56 14.63
N LEU D 212 -21.33 42.78 13.54
CA LEU D 212 -21.87 42.59 12.20
C LEU D 212 -21.35 41.33 11.52
N VAL D 213 -20.65 40.46 12.25
CA VAL D 213 -20.12 39.24 11.65
C VAL D 213 -21.26 38.24 11.47
N ASP D 214 -21.20 37.49 10.35
CA ASP D 214 -22.20 36.49 9.95
C ASP D 214 -23.62 37.07 9.83
N ALA D 215 -23.72 38.35 9.49
CA ALA D 215 -25.02 38.99 9.35
C ALA D 215 -25.69 38.63 8.04
N ALA D 216 -24.92 38.24 7.02
CA ALA D 216 -25.48 37.84 5.75
C ALA D 216 -24.58 36.79 5.13
N LEU D 217 -25.21 35.83 4.47
CA LEU D 217 -24.63 34.71 3.75
C LEU D 217 -24.26 35.16 2.33
N PRO D 218 -23.30 34.50 1.67
CA PRO D 218 -23.00 34.86 0.28
C PRO D 218 -24.12 34.45 -0.66
N GLY D 219 -24.71 35.44 -1.33
CA GLY D 219 -25.75 35.21 -2.29
C GLY D 219 -27.12 35.78 -1.98
N ASP D 220 -27.21 36.83 -1.16
CA ASP D 220 -28.48 37.48 -0.87
C ASP D 220 -28.40 38.96 -1.22
N ARG D 221 -29.57 39.54 -1.49
CA ARG D 221 -29.65 40.95 -1.86
C ARG D 221 -29.57 41.78 -0.58
N VAL D 222 -28.52 42.60 -0.48
CA VAL D 222 -28.18 43.29 0.75
C VAL D 222 -28.10 44.79 0.49
N LEU D 223 -28.64 45.57 1.44
CA LEU D 223 -28.54 47.02 1.44
C LEU D 223 -27.61 47.39 2.60
N VAL D 224 -26.35 47.62 2.28
CA VAL D 224 -25.30 47.82 3.28
C VAL D 224 -24.67 49.19 3.08
N THR D 225 -24.43 49.89 4.18
CA THR D 225 -23.73 51.16 4.19
C THR D 225 -22.30 50.97 4.67
N GLY D 226 -21.48 51.98 4.45
CA GLY D 226 -20.11 51.92 4.89
C GLY D 226 -19.34 53.17 4.50
N VAL D 227 -18.08 53.19 4.93
CA VAL D 227 -17.15 54.29 4.67
C VAL D 227 -16.04 53.75 3.79
N LEU D 228 -15.90 54.32 2.60
CA LEU D 228 -14.86 53.88 1.68
C LEU D 228 -13.51 54.47 2.06
N ARG D 229 -12.52 53.60 2.29
CA ARG D 229 -11.19 54.01 2.69
C ARG D 229 -10.16 53.30 1.82
N VAL D 230 -8.89 53.67 2.00
CA VAL D 230 -7.82 53.22 1.12
C VAL D 230 -6.83 52.35 1.90
N ILE D 231 -6.13 51.49 1.17
CA ILE D 231 -5.09 50.63 1.71
C ILE D 231 -3.83 50.79 0.86
N LEU D 232 -2.71 51.12 1.50
CA LEU D 232 -1.42 51.17 0.83
C LEU D 232 -0.99 49.75 0.46
N GLU D 233 -0.88 49.47 -0.83
CA GLU D 233 -0.56 48.13 -1.31
C GLU D 233 0.64 48.08 -2.24
N GLN D 234 0.86 49.13 -3.04
CA GLN D 234 1.88 49.11 -4.08
C GLN D 234 2.86 50.27 -3.88
N ARG D 235 3.82 50.35 -4.79
CA ARG D 235 4.86 51.37 -4.69
C ARG D 235 4.41 52.68 -5.32
N GLU D 236 3.75 52.60 -6.47
CA GLU D 236 3.29 53.80 -7.16
C GLU D 236 2.14 54.45 -6.41
N LYS D 237 2.16 55.79 -6.34
CA LYS D 237 1.21 56.50 -5.49
C LYS D 237 -0.19 56.50 -6.10
N ARG D 238 -0.28 56.45 -7.43
CA ARG D 238 -1.60 56.48 -8.06
C ARG D 238 -2.30 55.13 -7.99
N PRO D 239 -1.62 54.00 -8.15
CA PRO D 239 -2.31 52.70 -8.17
C PRO D 239 -2.35 51.97 -6.83
N ILE D 240 -1.79 52.55 -5.76
CA ILE D 240 -1.80 51.90 -4.44
C ILE D 240 -3.08 52.36 -3.75
N PHE D 241 -4.16 51.65 -4.04
CA PHE D 241 -5.46 51.94 -3.44
C PHE D 241 -6.31 50.69 -3.49
N LYS D 242 -7.02 50.43 -2.39
CA LYS D 242 -7.98 49.34 -2.31
C LYS D 242 -9.26 49.90 -1.73
N LYS D 243 -10.34 49.88 -2.53
CA LYS D 243 -11.62 50.46 -2.13
C LYS D 243 -12.28 49.52 -1.12
N ILE D 244 -11.90 49.70 0.14
CA ILE D 244 -12.38 48.87 1.24
C ILE D 244 -13.46 49.64 1.99
N LEU D 245 -14.66 49.04 2.06
CA LEU D 245 -15.81 49.69 2.67
C LEU D 245 -15.91 49.24 4.12
N GLU D 246 -15.61 50.14 5.05
CA GLU D 246 -15.74 49.86 6.48
C GLU D 246 -17.22 49.90 6.85
N VAL D 247 -17.82 48.73 7.02
CA VAL D 247 -19.27 48.62 7.15
C VAL D 247 -19.73 49.14 8.51
N ASN D 248 -20.66 50.09 8.48
CA ASN D 248 -21.29 50.63 9.69
C ASN D 248 -22.59 49.93 10.03
N HIS D 249 -23.40 49.57 9.02
CA HIS D 249 -24.64 48.85 9.23
C HIS D 249 -24.92 47.99 8.03
N ILE D 250 -25.43 46.78 8.28
CA ILE D 250 -25.78 45.83 7.23
C ILE D 250 -27.19 45.30 7.49
N GLU D 251 -28.04 45.35 6.46
CA GLU D 251 -29.40 44.86 6.57
C GLU D 251 -29.85 44.39 5.19
N GLN D 252 -30.94 43.61 5.18
CA GLN D 252 -31.40 43.01 3.94
C GLN D 252 -32.07 44.04 3.04
N LEU D 253 -32.00 43.81 1.73
CA LEU D 253 -32.66 44.68 0.78
C LEU D 253 -34.15 44.43 0.78
N SER D 254 -34.92 45.50 0.63
CA SER D 254 -36.38 45.39 0.61
C SER D 254 -36.85 44.80 -0.71
N LYS D 255 -38.03 44.15 -0.67
CA LYS D 255 -38.53 43.44 -1.84
C LYS D 255 -39.06 44.40 -2.92
N GLU D 256 -39.31 45.66 -2.55
CA GLU D 256 -39.82 46.61 -3.54
C GLU D 256 -38.74 47.02 -4.54
N ILE D 257 -37.50 47.15 -4.07
CA ILE D 257 -36.41 47.46 -4.99
C ILE D 257 -35.95 46.21 -5.72
N GLU D 258 -36.17 45.03 -5.10
CA GLU D 258 -35.78 43.78 -5.74
C GLU D 258 -36.71 43.43 -6.88
N GLU D 259 -38.02 43.48 -6.65
CA GLU D 259 -38.98 43.14 -7.68
C GLU D 259 -39.13 44.29 -8.68
N LEU D 260 -39.69 43.96 -9.84
CA LEU D 260 -39.88 44.94 -10.90
C LEU D 260 -41.17 45.73 -10.68
N GLU D 261 -41.16 46.97 -11.17
CA GLU D 261 -42.32 47.85 -11.06
C GLU D 261 -43.27 47.54 -12.20
N ILE D 262 -44.33 46.79 -11.90
CA ILE D 262 -45.33 46.41 -12.90
C ILE D 262 -46.55 47.31 -12.77
N SER D 263 -46.39 48.43 -12.06
CA SER D 263 -47.51 49.37 -11.92
C SER D 263 -47.84 50.15 -13.20
N PRO D 264 -46.92 50.48 -14.12
CA PRO D 264 -47.39 50.93 -15.44
C PRO D 264 -47.95 49.81 -16.29
N GLU D 265 -47.53 48.57 -16.05
CA GLU D 265 -48.01 47.42 -16.82
C GLU D 265 -49.16 46.70 -16.14
N ASP D 266 -49.88 47.37 -15.25
CA ASP D 266 -50.96 46.70 -14.53
C ASP D 266 -52.24 46.63 -15.35
N GLU D 267 -52.55 47.71 -16.08
CA GLU D 267 -53.82 47.74 -16.82
C GLU D 267 -53.74 46.95 -18.12
N GLN D 268 -52.52 46.63 -18.58
CA GLN D 268 -52.40 45.85 -19.81
C GLN D 268 -52.56 44.36 -19.53
N LYS D 269 -52.11 43.89 -18.37
CA LYS D 269 -52.12 42.45 -18.11
C LYS D 269 -53.50 41.95 -17.70
N ILE D 270 -54.32 42.83 -17.11
CA ILE D 270 -55.69 42.45 -16.76
C ILE D 270 -56.55 42.42 -18.01
N ARG D 271 -56.25 43.29 -18.98
CA ARG D 271 -56.98 43.28 -20.24
C ARG D 271 -56.63 42.07 -21.10
N GLU D 272 -55.48 41.44 -20.83
CA GLU D 272 -55.12 40.22 -21.55
C GLU D 272 -55.93 39.02 -21.05
N LEU D 273 -56.46 39.09 -19.84
CA LEU D 273 -57.35 38.03 -19.35
C LEU D 273 -58.72 38.08 -20.03
N ALA D 274 -59.08 39.23 -20.61
CA ALA D 274 -60.33 39.32 -21.36
C ALA D 274 -60.28 38.49 -22.64
N LYS D 275 -59.10 38.36 -23.24
CA LYS D 275 -58.94 37.51 -24.41
C LYS D 275 -58.85 36.05 -23.97
N ARG D 276 -59.54 35.17 -24.71
CA ARG D 276 -59.54 33.75 -24.38
C ARG D 276 -58.25 33.05 -24.78
N LYS D 277 -57.41 33.69 -25.60
CA LYS D 277 -56.17 33.10 -26.08
C LYS D 277 -54.97 33.48 -25.22
N ASP D 278 -55.16 33.71 -23.92
CA ASP D 278 -54.07 34.13 -23.04
C ASP D 278 -53.07 33.01 -22.80
N ILE D 279 -53.51 31.75 -22.95
CA ILE D 279 -52.60 30.62 -22.78
C ILE D 279 -51.63 30.54 -23.95
N VAL D 280 -52.14 30.67 -25.17
CA VAL D 280 -51.28 30.55 -26.35
C VAL D 280 -50.49 31.84 -26.58
N ASP D 281 -50.88 32.94 -25.92
CA ASP D 281 -50.19 34.21 -26.14
C ASP D 281 -48.87 34.25 -25.37
N ALA D 282 -48.85 33.72 -24.16
CA ALA D 282 -47.65 33.73 -23.32
C ALA D 282 -46.72 32.54 -23.59
N ILE D 283 -46.90 31.84 -24.72
CA ILE D 283 -46.03 30.72 -25.09
C ILE D 283 -45.21 31.05 -26.33
N VAL D 284 -45.87 31.51 -27.40
CA VAL D 284 -45.16 31.89 -28.62
C VAL D 284 -44.44 33.21 -28.46
N ASP D 285 -44.78 34.00 -27.44
CA ASP D 285 -44.05 35.23 -27.15
C ASP D 285 -43.00 35.05 -26.06
N SER D 286 -43.08 33.96 -25.29
CA SER D 286 -42.03 33.66 -24.32
C SER D 286 -40.73 33.26 -25.03
N ILE D 287 -40.85 32.56 -26.16
CA ILE D 287 -39.72 32.28 -27.03
C ILE D 287 -39.83 33.18 -28.25
N ALA D 288 -38.80 33.17 -29.07
CA ALA D 288 -38.85 33.92 -30.31
C ALA D 288 -39.72 33.18 -31.32
N PRO D 289 -40.48 33.88 -32.16
CA PRO D 289 -41.28 33.18 -33.18
C PRO D 289 -40.47 32.62 -34.34
N ALA D 290 -39.16 32.92 -34.40
CA ALA D 290 -38.33 32.45 -35.51
C ALA D 290 -38.00 30.96 -35.36
N ILE D 291 -38.24 30.37 -34.19
CA ILE D 291 -37.94 28.96 -33.99
C ILE D 291 -38.92 28.09 -34.77
N TRP D 292 -40.22 28.29 -34.53
CA TRP D 292 -41.33 27.60 -35.20
C TRP D 292 -41.24 26.08 -35.04
N GLY D 293 -40.83 25.66 -33.85
CA GLY D 293 -40.68 24.24 -33.56
C GLY D 293 -40.67 24.02 -32.06
N HIS D 294 -40.87 22.74 -31.70
CA HIS D 294 -40.96 22.27 -30.31
C HIS D 294 -42.05 23.02 -29.55
N ARG D 295 -43.29 22.85 -30.01
CA ARG D 295 -44.43 23.53 -29.39
C ARG D 295 -44.74 22.96 -28.02
N ILE D 296 -44.54 21.65 -27.85
CA ILE D 296 -44.76 21.02 -26.55
C ILE D 296 -43.62 21.36 -25.59
N VAL D 297 -42.45 21.68 -26.14
CA VAL D 297 -41.35 22.16 -25.30
C VAL D 297 -41.48 23.66 -25.08
N LYS D 298 -42.16 24.37 -25.98
CA LYS D 298 -42.46 25.78 -25.74
C LYS D 298 -43.49 25.94 -24.64
N LYS D 299 -44.39 24.96 -24.50
CA LYS D 299 -45.28 24.94 -23.35
C LYS D 299 -44.54 24.54 -22.08
N GLY D 300 -43.49 23.72 -22.21
CA GLY D 300 -42.74 23.30 -21.03
C GLY D 300 -41.87 24.41 -20.47
N ILE D 301 -41.32 25.26 -21.34
CA ILE D 301 -40.52 26.38 -20.86
C ILE D 301 -41.44 27.50 -20.36
N ALA D 302 -42.69 27.54 -20.82
CA ALA D 302 -43.63 28.53 -20.33
C ALA D 302 -44.13 28.17 -18.93
N LEU D 303 -44.32 26.87 -18.67
CA LEU D 303 -44.74 26.45 -17.34
C LEU D 303 -43.59 26.50 -16.35
N ALA D 304 -42.35 26.49 -16.84
CA ALA D 304 -41.19 26.58 -15.95
C ALA D 304 -41.00 28.01 -15.44
N LEU D 305 -41.35 29.01 -16.25
CA LEU D 305 -41.20 30.39 -15.82
C LEU D 305 -42.27 30.76 -14.79
N PHE D 306 -43.53 30.46 -15.07
CA PHE D 306 -44.61 30.64 -14.11
C PHE D 306 -44.66 29.43 -13.17
N GLY D 307 -43.75 29.44 -12.20
CA GLY D 307 -43.62 28.32 -11.30
C GLY D 307 -44.77 28.21 -10.32
N GLY D 308 -44.82 27.06 -9.64
CA GLY D 308 -45.85 26.81 -8.67
C GLY D 308 -45.66 27.64 -7.40
N VAL D 309 -46.64 27.51 -6.50
CA VAL D 309 -46.62 28.27 -5.26
C VAL D 309 -45.56 27.70 -4.33
N GLN D 310 -44.71 28.57 -3.80
CA GLN D 310 -43.66 28.18 -2.85
C GLN D 310 -44.13 28.35 -1.42
N ARG D 311 -45.23 27.68 -1.08
CA ARG D 311 -45.80 27.80 0.25
C ARG D 311 -44.95 27.04 1.27
N THR D 312 -45.06 27.46 2.53
CA THR D 312 -44.35 26.84 3.64
C THR D 312 -45.33 25.91 4.36
N LEU D 313 -45.00 24.62 4.37
CA LEU D 313 -45.82 23.67 5.11
C LEU D 313 -45.60 23.88 6.61
N PRO D 314 -46.61 23.66 7.45
CA PRO D 314 -46.47 23.91 8.88
C PRO D 314 -45.55 22.90 9.55
N ASP D 315 -45.11 23.28 10.76
CA ASP D 315 -44.22 22.49 11.63
C ASP D 315 -42.89 22.17 10.94
N GLY D 316 -42.28 23.19 10.34
CA GLY D 316 -40.94 23.08 9.79
C GLY D 316 -40.81 22.24 8.54
N THR D 317 -41.44 22.68 7.45
CA THR D 317 -41.31 21.99 6.16
C THR D 317 -41.54 23.02 5.06
N LYS D 318 -41.27 22.59 3.83
CA LYS D 318 -41.41 23.46 2.67
C LYS D 318 -41.85 22.63 1.47
N LEU D 319 -42.53 23.29 0.55
CA LEU D 319 -43.03 22.66 -0.67
C LEU D 319 -42.26 23.19 -1.87
N ARG D 320 -41.83 22.29 -2.75
CA ARG D 320 -41.08 22.67 -3.94
C ARG D 320 -42.03 23.22 -4.99
N GLY D 321 -41.86 24.49 -5.35
CA GLY D 321 -42.70 25.11 -6.36
C GLY D 321 -41.94 25.47 -7.62
N GLU D 322 -40.86 24.74 -7.90
CA GLU D 322 -40.01 24.98 -9.05
C GLU D 322 -40.00 23.76 -9.96
N SER D 323 -40.20 24.00 -11.25
CA SER D 323 -40.28 22.93 -12.25
C SER D 323 -39.04 23.03 -13.14
N HIS D 324 -38.02 22.25 -12.81
CA HIS D 324 -36.80 22.21 -13.61
C HIS D 324 -37.04 21.41 -14.88
N VAL D 325 -36.86 22.03 -16.03
CA VAL D 325 -37.08 21.40 -17.33
C VAL D 325 -35.73 20.97 -17.89
N LEU D 326 -35.58 19.67 -18.13
CA LEU D 326 -34.37 19.15 -18.75
C LEU D 326 -34.53 19.16 -20.26
N LEU D 327 -33.72 19.97 -20.94
CA LEU D 327 -33.77 20.11 -22.40
C LEU D 327 -32.61 19.42 -23.09
N VAL D 328 -32.22 18.24 -22.58
CA VAL D 328 -31.10 17.51 -23.18
C VAL D 328 -31.51 16.94 -24.53
N GLY D 329 -30.52 16.66 -25.37
CA GLY D 329 -30.80 16.15 -26.70
C GLY D 329 -29.62 16.37 -27.61
N ASP D 330 -29.92 16.40 -28.91
CA ASP D 330 -28.90 16.57 -29.93
C ASP D 330 -28.38 18.01 -29.92
N PRO D 331 -27.05 18.20 -30.01
CA PRO D 331 -26.48 19.57 -30.05
C PRO D 331 -26.86 20.41 -31.26
N GLY D 332 -27.47 19.81 -32.29
CA GLY D 332 -27.84 20.57 -33.47
C GLY D 332 -29.00 21.51 -33.23
N VAL D 333 -30.11 20.99 -32.70
CA VAL D 333 -31.29 21.79 -32.41
C VAL D 333 -31.32 22.25 -30.97
N ALA D 334 -31.11 21.34 -30.01
CA ALA D 334 -30.95 21.74 -28.63
C ALA D 334 -29.58 22.37 -28.42
N LYS D 335 -29.42 23.01 -27.25
CA LYS D 335 -28.24 23.81 -26.89
C LYS D 335 -27.99 24.92 -27.91
N SER D 336 -29.07 25.49 -28.45
CA SER D 336 -29.00 26.48 -29.52
C SER D 336 -30.21 27.40 -29.39
N GLN D 337 -29.97 28.60 -28.84
CA GLN D 337 -30.89 29.74 -28.79
C GLN D 337 -32.14 29.55 -27.92
N LEU D 338 -32.33 28.36 -27.35
CA LEU D 338 -33.45 28.17 -26.44
C LEU D 338 -33.12 28.73 -25.05
N LEU D 339 -31.84 28.85 -24.74
CA LEU D 339 -31.42 29.33 -23.43
C LEU D 339 -31.09 30.82 -23.44
N ARG D 340 -31.14 31.47 -24.60
CA ARG D 340 -30.75 32.87 -24.71
C ARG D 340 -31.96 33.81 -24.74
N TYR D 341 -33.05 33.40 -25.39
CA TYR D 341 -34.23 34.27 -25.47
C TYR D 341 -34.98 34.29 -24.14
N VAL D 342 -34.92 33.18 -23.41
CA VAL D 342 -35.56 33.10 -22.09
C VAL D 342 -34.79 33.95 -21.07
N ALA D 343 -33.46 34.01 -21.20
CA ALA D 343 -32.64 34.72 -20.22
C ALA D 343 -32.84 36.23 -20.31
N ASN D 344 -33.22 36.74 -21.49
CA ASN D 344 -33.51 38.15 -21.63
C ASN D 344 -34.93 38.49 -21.17
N LEU D 345 -35.82 37.50 -21.12
CA LEU D 345 -37.21 37.74 -20.74
C LEU D 345 -37.42 37.51 -19.24
N ALA D 346 -36.90 36.40 -18.73
CA ALA D 346 -37.11 36.02 -17.33
C ALA D 346 -36.27 36.90 -16.41
N PRO D 347 -36.80 37.29 -15.26
CA PRO D 347 -36.02 38.12 -14.33
C PRO D 347 -34.96 37.30 -13.61
N ARG D 348 -33.82 37.96 -13.36
CA ARG D 348 -32.67 37.41 -12.63
C ARG D 348 -32.11 36.15 -13.27
N ALA D 349 -32.15 36.08 -14.60
CA ALA D 349 -31.67 34.91 -15.34
C ALA D 349 -30.25 35.18 -15.83
N ILE D 350 -29.31 34.33 -15.41
CA ILE D 350 -27.90 34.49 -15.73
C ILE D 350 -27.49 33.31 -16.60
N TYR D 351 -26.91 33.60 -17.77
CA TYR D 351 -26.41 32.54 -18.65
C TYR D 351 -25.11 31.99 -18.10
N THR D 352 -25.05 30.66 -17.94
CA THR D 352 -23.87 30.00 -17.40
C THR D 352 -23.69 28.68 -18.16
N SER D 353 -22.44 28.30 -18.40
CA SER D 353 -22.13 27.02 -19.02
C SER D 353 -21.68 26.05 -17.94
N GLY D 354 -21.63 24.77 -18.30
CA GLY D 354 -21.29 23.75 -17.32
C GLY D 354 -19.82 23.79 -16.94
N LYS D 355 -18.94 23.95 -17.91
CA LYS D 355 -17.52 24.15 -17.67
C LYS D 355 -17.24 25.65 -17.75
N SER D 356 -16.48 26.16 -16.78
CA SER D 356 -16.20 27.59 -16.69
C SER D 356 -14.82 27.80 -16.09
N SER D 357 -14.28 29.00 -16.33
CA SER D 357 -12.99 29.35 -15.75
C SER D 357 -13.12 29.70 -14.27
N SER D 358 -14.32 30.02 -13.82
CA SER D 358 -14.54 30.33 -12.41
C SER D 358 -14.48 29.05 -11.58
N ALA D 359 -14.01 29.19 -10.34
CA ALA D 359 -13.87 28.03 -9.47
C ALA D 359 -15.22 27.55 -8.95
N ALA D 360 -16.17 28.48 -8.81
CA ALA D 360 -17.50 28.11 -8.33
C ALA D 360 -18.29 27.37 -9.41
N GLY D 361 -18.49 28.02 -10.56
CA GLY D 361 -19.23 27.41 -11.64
C GLY D 361 -20.72 27.37 -11.39
N LEU D 362 -21.27 26.17 -11.21
CA LEU D 362 -22.70 26.04 -10.99
C LEU D 362 -23.05 26.24 -9.52
N THR D 363 -22.55 25.37 -8.65
CA THR D 363 -22.81 25.45 -7.22
C THR D 363 -21.75 26.31 -6.54
N ALA D 364 -21.89 26.47 -5.23
CA ALA D 364 -20.98 27.29 -4.45
C ALA D 364 -19.78 26.44 -4.04
N ALA D 365 -18.67 26.61 -4.74
CA ALA D 365 -17.43 25.89 -4.45
C ALA D 365 -16.51 26.79 -3.64
N ALA D 366 -15.89 26.23 -2.61
CA ALA D 366 -15.03 27.01 -1.74
C ALA D 366 -13.67 27.22 -2.39
N VAL D 367 -13.02 28.33 -2.03
CA VAL D 367 -11.69 28.67 -2.51
C VAL D 367 -10.80 28.89 -1.30
N ARG D 368 -9.56 28.40 -1.37
CA ARG D 368 -8.65 28.54 -0.23
C ARG D 368 -7.81 29.80 -0.33
N ASP D 369 -7.66 30.36 -1.54
CA ASP D 369 -6.75 31.49 -1.73
C ASP D 369 -7.38 32.79 -1.27
N GLU D 370 -6.72 33.43 -0.30
CA GLU D 370 -7.13 34.74 0.20
C GLU D 370 -5.88 35.54 0.55
N PHE D 371 -6.09 36.79 0.95
CA PHE D 371 -4.99 37.59 1.47
C PHE D 371 -4.62 37.13 2.89
N THR D 372 -5.55 36.46 3.56
CA THR D 372 -5.24 35.77 4.81
C THR D 372 -4.85 34.32 4.59
N GLY D 373 -5.51 33.62 3.66
CA GLY D 373 -5.26 32.21 3.44
C GLY D 373 -6.32 31.29 3.99
N SER D 374 -7.38 31.82 4.59
CA SER D 374 -8.46 30.98 5.09
C SER D 374 -9.32 30.48 3.95
N TRP D 375 -10.09 29.43 4.21
CA TRP D 375 -10.96 28.84 3.20
C TRP D 375 -12.19 29.71 2.95
N VAL D 376 -12.14 30.53 1.90
CA VAL D 376 -13.25 31.40 1.54
C VAL D 376 -14.33 30.60 0.85
N LEU D 377 -15.52 31.18 0.72
CA LEU D 377 -16.63 30.54 0.01
C LEU D 377 -17.08 31.47 -1.11
N GLU D 378 -16.90 31.01 -2.36
CA GLU D 378 -17.35 31.74 -3.53
C GLU D 378 -18.68 31.18 -3.98
N ALA D 379 -19.73 31.99 -3.93
CA ALA D 379 -21.07 31.53 -4.25
C ALA D 379 -21.22 31.33 -5.74
N GLY D 380 -21.84 30.21 -6.13
CA GLY D 380 -22.08 29.90 -7.52
C GLY D 380 -23.25 30.68 -8.09
N VAL D 381 -23.56 30.36 -9.36
CA VAL D 381 -24.60 31.09 -10.05
C VAL D 381 -25.99 30.62 -9.60
N LEU D 382 -26.08 29.42 -9.02
CA LEU D 382 -27.37 28.97 -8.48
C LEU D 382 -27.68 29.67 -7.17
N VAL D 383 -26.67 30.17 -6.48
CA VAL D 383 -26.91 30.90 -5.23
C VAL D 383 -27.17 32.37 -5.52
N LEU D 384 -26.54 32.91 -6.57
CA LEU D 384 -26.75 34.29 -6.99
C LEU D 384 -28.02 34.48 -7.82
N ALA D 385 -28.87 33.46 -7.92
CA ALA D 385 -30.10 33.52 -8.69
C ALA D 385 -31.31 33.21 -7.80
N ASP D 386 -31.37 33.87 -6.64
CA ASP D 386 -32.51 33.71 -5.74
C ASP D 386 -33.78 34.23 -6.38
N GLY D 387 -34.65 33.31 -6.79
CA GLY D 387 -35.82 33.65 -7.57
C GLY D 387 -35.58 33.76 -9.05
N GLY D 388 -34.37 33.44 -9.52
CA GLY D 388 -34.02 33.56 -10.93
C GLY D 388 -34.07 32.23 -11.66
N PHE D 389 -33.49 32.24 -12.86
CA PHE D 389 -33.50 31.07 -13.74
C PHE D 389 -32.09 30.88 -14.29
N ALA D 390 -31.37 29.92 -13.73
CA ALA D 390 -30.02 29.61 -14.19
C ALA D 390 -30.13 28.58 -15.31
N LEU D 391 -30.26 29.09 -16.54
CA LEU D 391 -30.35 28.22 -17.71
C LEU D 391 -28.94 27.71 -18.03
N ILE D 392 -28.62 26.54 -17.46
CA ILE D 392 -27.28 26.00 -17.62
C ILE D 392 -27.17 25.27 -18.95
N ASP D 393 -26.15 25.64 -19.73
CA ASP D 393 -25.80 24.95 -20.95
C ASP D 393 -24.64 24.01 -20.68
N GLU D 394 -24.62 22.90 -21.42
CA GLU D 394 -23.61 21.84 -21.33
C GLU D 394 -23.52 21.27 -19.91
N PHE D 395 -24.64 20.70 -19.46
CA PHE D 395 -24.74 20.17 -18.10
C PHE D 395 -23.98 18.86 -17.93
N ASP D 396 -23.53 18.24 -19.02
CA ASP D 396 -22.78 16.99 -18.91
C ASP D 396 -21.35 17.24 -18.45
N LYS D 397 -20.73 18.32 -18.90
CA LYS D 397 -19.36 18.65 -18.53
C LYS D 397 -19.33 19.60 -17.33
N MET D 398 -19.93 19.15 -16.23
CA MET D 398 -19.97 19.92 -15.01
C MET D 398 -18.80 19.55 -14.10
N SER D 399 -18.62 20.34 -13.05
CA SER D 399 -17.55 20.09 -12.09
C SER D 399 -17.89 18.91 -11.21
N ASP D 400 -16.86 18.15 -10.83
CA ASP D 400 -17.07 17.00 -9.96
C ASP D 400 -17.38 17.44 -8.53
N ARG D 401 -16.83 18.59 -8.12
CA ARG D 401 -17.19 19.14 -6.81
C ARG D 401 -18.60 19.70 -6.82
N ASP D 402 -19.05 20.20 -7.98
CA ASP D 402 -20.42 20.70 -8.09
C ASP D 402 -21.43 19.56 -8.14
N ARG D 403 -21.00 18.38 -8.57
CA ARG D 403 -21.91 17.24 -8.68
C ARG D 403 -22.32 16.69 -7.32
N SER D 404 -21.51 16.90 -6.28
CA SER D 404 -21.87 16.43 -4.95
C SER D 404 -22.94 17.30 -4.31
N ALA D 405 -23.10 18.54 -4.78
CA ALA D 405 -24.09 19.46 -4.23
C ALA D 405 -25.19 19.82 -5.22
N ILE D 406 -25.20 19.23 -6.41
CA ILE D 406 -26.26 19.53 -7.36
C ILE D 406 -27.51 18.71 -7.06
N HIS D 407 -27.38 17.66 -6.24
CA HIS D 407 -28.54 16.87 -5.87
C HIS D 407 -29.35 17.57 -4.79
N GLU D 408 -28.68 18.24 -3.85
CA GLU D 408 -29.38 18.95 -2.79
C GLU D 408 -30.03 20.23 -3.32
N ALA D 409 -29.46 20.81 -4.38
CA ALA D 409 -29.99 22.06 -4.92
C ALA D 409 -31.27 21.85 -5.73
N LEU D 410 -31.56 20.61 -6.12
CA LEU D 410 -32.73 20.31 -6.93
C LEU D 410 -33.81 19.55 -6.17
N GLU D 411 -33.61 19.29 -4.88
CA GLU D 411 -34.64 18.62 -4.07
C GLU D 411 -34.94 19.43 -2.82
N GLN D 412 -34.07 20.38 -2.50
CA GLN D 412 -34.22 21.20 -1.31
C GLN D 412 -34.00 22.69 -1.58
N GLN D 413 -33.44 23.04 -2.76
CA GLN D 413 -33.04 24.40 -3.14
C GLN D 413 -32.05 25.01 -2.14
N THR D 414 -31.20 24.16 -1.56
CA THR D 414 -30.15 24.59 -0.65
C THR D 414 -28.85 23.90 -1.03
N ILE D 415 -27.74 24.59 -0.78
CA ILE D 415 -26.40 24.05 -1.04
C ILE D 415 -25.63 24.12 0.28
N SER D 416 -25.53 22.98 0.97
CA SER D 416 -24.76 22.90 2.20
C SER D 416 -23.31 22.61 1.85
N ILE D 417 -22.43 23.60 2.04
CA ILE D 417 -21.04 23.45 1.62
C ILE D 417 -20.26 22.60 2.61
N SER D 418 -20.53 22.77 3.92
CA SER D 418 -19.85 22.09 5.04
C SER D 418 -18.33 22.16 4.94
N LYS D 419 -17.79 23.31 4.53
CA LYS D 419 -16.37 23.46 4.30
C LYS D 419 -15.67 23.97 5.57
N ALA D 420 -14.39 24.27 5.44
CA ALA D 420 -13.60 24.77 6.56
C ALA D 420 -13.94 26.24 6.83
N GLY D 421 -14.43 26.52 8.04
CA GLY D 421 -14.79 27.86 8.44
C GLY D 421 -16.21 28.26 8.14
N ILE D 422 -16.79 27.80 7.03
CA ILE D 422 -18.17 28.13 6.68
C ILE D 422 -19.00 26.85 6.68
N THR D 423 -19.87 26.71 7.68
CA THR D 423 -20.73 25.54 7.80
C THR D 423 -22.19 25.83 7.47
N ALA D 424 -22.56 27.09 7.28
CA ALA D 424 -23.94 27.43 6.98
C ALA D 424 -24.27 27.11 5.53
N THR D 425 -25.50 26.68 5.29
CA THR D 425 -25.93 26.31 3.95
C THR D 425 -26.25 27.57 3.13
N LEU D 426 -26.32 27.38 1.82
CA LEU D 426 -26.60 28.46 0.88
C LEU D 426 -27.85 28.08 0.08
N ASN D 427 -28.91 28.85 0.25
CA ASN D 427 -30.18 28.56 -0.43
C ASN D 427 -30.08 28.89 -1.91
N SER D 428 -30.48 27.93 -2.75
CA SER D 428 -30.40 28.14 -4.19
C SER D 428 -31.57 28.98 -4.69
N ARG D 429 -32.80 28.45 -4.54
CA ARG D 429 -34.06 29.09 -4.95
C ARG D 429 -34.04 29.50 -6.44
N THR D 430 -33.53 28.60 -7.28
CA THR D 430 -33.35 28.91 -8.69
C THR D 430 -33.90 27.77 -9.53
N THR D 431 -34.97 28.06 -10.27
CA THR D 431 -35.50 27.09 -11.21
C THR D 431 -34.59 27.01 -12.43
N VAL D 432 -33.77 25.97 -12.49
CA VAL D 432 -32.74 25.83 -13.52
C VAL D 432 -33.36 25.09 -14.70
N ILE D 433 -33.03 25.53 -15.91
CA ILE D 433 -33.40 24.81 -17.13
C ILE D 433 -32.10 24.29 -17.72
N ALA D 434 -31.77 23.05 -17.35
CA ALA D 434 -30.50 22.46 -17.74
C ALA D 434 -30.65 21.68 -19.05
N ALA D 435 -29.54 21.56 -19.77
CA ALA D 435 -29.50 20.89 -21.05
C ALA D 435 -28.07 20.46 -21.33
N ALA D 436 -27.91 19.30 -21.95
CA ALA D 436 -26.58 18.69 -22.05
C ALA D 436 -26.45 17.89 -23.34
N ASN D 437 -25.21 17.77 -23.82
CA ASN D 437 -24.91 16.85 -24.91
C ASN D 437 -24.93 15.41 -24.39
N PRO D 438 -25.20 14.44 -25.25
CA PRO D 438 -24.98 13.04 -24.87
C PRO D 438 -23.49 12.74 -24.79
N LYS D 439 -23.15 11.78 -23.92
CA LYS D 439 -21.74 11.43 -23.74
C LYS D 439 -21.19 10.68 -24.94
N PHE D 440 -22.05 9.91 -25.62
CA PHE D 440 -21.64 9.15 -26.79
C PHE D 440 -21.86 9.90 -28.09
N GLY D 441 -23.00 10.59 -28.20
CA GLY D 441 -23.32 11.32 -29.42
C GLY D 441 -24.25 10.56 -30.33
N ARG D 442 -25.25 11.26 -30.88
CA ARG D 442 -26.29 10.71 -31.78
C ARG D 442 -27.03 9.55 -31.12
N PHE D 443 -27.65 9.86 -29.99
CA PHE D 443 -28.39 8.87 -29.21
C PHE D 443 -29.76 8.62 -29.84
N ASN D 444 -30.43 7.58 -29.35
CA ASN D 444 -31.73 7.19 -29.89
C ASN D 444 -32.49 6.48 -28.77
N ARG D 445 -33.77 6.18 -29.04
CA ARG D 445 -34.62 5.56 -28.03
C ARG D 445 -34.38 4.05 -27.91
N HIS D 446 -33.52 3.47 -28.75
CA HIS D 446 -33.19 2.06 -28.62
C HIS D 446 -32.36 1.79 -27.36
N LYS D 447 -31.56 2.77 -26.95
CA LYS D 447 -30.85 2.71 -25.67
C LYS D 447 -31.66 3.44 -24.61
N SER D 448 -31.42 3.08 -23.35
CA SER D 448 -32.14 3.70 -22.25
C SER D 448 -31.66 5.13 -22.04
N LEU D 449 -32.56 5.98 -21.56
CA LEU D 449 -32.26 7.41 -21.47
C LEU D 449 -31.25 7.78 -20.38
N PRO D 450 -31.39 7.40 -19.09
CA PRO D 450 -30.44 7.93 -18.10
C PRO D 450 -29.08 7.25 -18.10
N GLU D 451 -28.91 6.13 -18.80
CA GLU D 451 -27.63 5.46 -18.85
C GLU D 451 -26.70 6.00 -19.93
N GLN D 452 -27.25 6.50 -21.03
CA GLN D 452 -26.44 6.99 -22.14
C GLN D 452 -26.02 8.44 -21.98
N LEU D 453 -26.31 9.07 -20.84
CA LEU D 453 -25.90 10.44 -20.58
C LEU D 453 -24.94 10.47 -19.40
N ASP D 454 -24.30 11.63 -19.23
CA ASP D 454 -23.40 11.84 -18.09
C ASP D 454 -24.20 12.00 -16.80
N LEU D 455 -25.46 12.42 -16.89
CA LEU D 455 -26.27 12.62 -15.71
C LEU D 455 -26.64 11.28 -15.08
N PRO D 456 -26.62 11.18 -13.74
CA PRO D 456 -27.03 9.94 -13.10
C PRO D 456 -28.54 9.74 -13.21
N PRO D 457 -29.02 8.50 -13.08
CA PRO D 457 -30.48 8.28 -13.12
C PRO D 457 -31.22 8.88 -11.92
N THR D 458 -30.55 9.02 -10.78
CA THR D 458 -31.19 9.66 -9.64
C THR D 458 -31.26 11.17 -9.80
N LEU D 459 -30.43 11.74 -10.67
CA LEU D 459 -30.46 13.18 -10.88
C LEU D 459 -31.52 13.58 -11.90
N LEU D 460 -31.80 12.71 -12.88
CA LEU D 460 -32.82 13.01 -13.87
C LEU D 460 -34.23 12.92 -13.31
N SER D 461 -34.40 12.25 -12.16
CA SER D 461 -35.70 12.25 -11.49
C SER D 461 -35.98 13.57 -10.79
N ARG D 462 -34.95 14.37 -10.52
CA ARG D 462 -35.16 15.69 -9.95
C ARG D 462 -35.79 16.65 -10.96
N PHE D 463 -35.50 16.46 -12.24
CA PHE D 463 -36.11 17.29 -13.28
C PHE D 463 -37.56 16.87 -13.49
N ASP D 464 -38.46 17.84 -13.49
CA ASP D 464 -39.88 17.54 -13.65
C ASP D 464 -40.22 17.20 -15.09
N LEU D 465 -39.53 17.82 -16.05
CA LEU D 465 -39.81 17.63 -17.46
C LEU D 465 -38.51 17.34 -18.20
N ILE D 466 -38.49 16.26 -18.97
CA ILE D 466 -37.33 15.86 -19.77
C ILE D 466 -37.79 15.82 -21.22
N PHE D 467 -37.45 16.85 -21.98
CA PHE D 467 -37.77 16.91 -23.40
C PHE D 467 -36.57 16.46 -24.22
N LEU D 468 -36.85 15.88 -25.39
CA LEU D 468 -35.84 15.42 -26.31
C LEU D 468 -35.93 16.21 -27.61
N LEU D 469 -34.79 16.71 -28.08
CA LEU D 469 -34.70 17.49 -29.30
C LEU D 469 -33.69 16.85 -30.24
N LEU D 470 -34.08 16.66 -31.49
CA LEU D 470 -33.20 16.05 -32.48
C LEU D 470 -33.61 16.53 -33.87
N ASP D 471 -32.62 16.58 -34.76
CA ASP D 471 -32.85 17.01 -36.14
C ASP D 471 -33.40 15.80 -36.89
N GLU D 472 -34.71 15.63 -36.86
CA GLU D 472 -35.36 14.51 -37.53
C GLU D 472 -35.39 14.75 -39.04
N PRO D 473 -35.28 13.68 -39.84
CA PRO D 473 -35.24 13.84 -41.30
C PRO D 473 -36.61 13.87 -41.97
N ASP D 474 -37.66 14.14 -41.21
CA ASP D 474 -39.01 14.17 -41.75
C ASP D 474 -39.19 15.34 -42.72
N GLU D 475 -40.15 15.18 -43.66
CA GLU D 475 -40.32 16.10 -44.77
C GLU D 475 -40.80 17.49 -44.33
N LYS D 476 -41.88 17.54 -43.54
CA LYS D 476 -42.47 18.82 -43.17
C LYS D 476 -41.63 19.52 -42.10
N VAL D 477 -40.97 18.75 -41.23
CA VAL D 477 -40.17 19.32 -40.17
C VAL D 477 -38.92 19.99 -40.73
N ASP D 478 -38.32 19.39 -41.77
CA ASP D 478 -37.22 20.05 -42.47
C ASP D 478 -37.73 21.23 -43.28
N ALA D 479 -38.98 21.18 -43.73
CA ALA D 479 -39.51 22.26 -44.57
C ALA D 479 -39.91 23.46 -43.71
N SER D 480 -40.53 23.21 -42.55
CA SER D 480 -41.05 24.29 -41.72
C SER D 480 -39.94 25.13 -41.11
N ILE D 481 -38.77 24.51 -40.87
CA ILE D 481 -37.61 25.28 -40.46
C ILE D 481 -37.03 26.04 -41.66
N ALA D 482 -37.08 25.40 -42.84
CA ALA D 482 -36.52 26.03 -44.04
C ALA D 482 -37.39 27.19 -44.52
N GLU D 483 -38.70 27.12 -44.32
CA GLU D 483 -39.56 28.25 -44.71
C GLU D 483 -39.45 29.40 -43.73
N HIS D 484 -39.30 29.11 -42.43
CA HIS D 484 -39.40 30.16 -41.42
C HIS D 484 -38.08 30.88 -41.20
N ILE D 485 -36.95 30.17 -41.35
CA ILE D 485 -35.65 30.81 -41.17
C ILE D 485 -35.31 31.71 -42.34
N LEU D 486 -35.94 31.49 -43.50
CA LEU D 486 -35.67 32.33 -44.66
C LEU D 486 -36.51 33.61 -44.61
N LYS D 487 -37.76 33.52 -44.13
CA LYS D 487 -38.59 34.71 -44.03
C LYS D 487 -38.20 35.61 -42.86
N VAL D 488 -37.58 35.07 -41.81
CA VAL D 488 -37.14 35.91 -40.71
C VAL D 488 -35.85 36.63 -41.08
N ARG D 489 -35.13 36.14 -42.08
CA ARG D 489 -33.97 36.87 -42.58
C ARG D 489 -34.40 38.08 -43.40
N ARG D 490 -35.48 37.95 -44.19
CA ARG D 490 -36.00 39.06 -44.96
C ARG D 490 -36.69 40.11 -44.10
N GLY D 491 -37.23 39.73 -42.94
CA GLY D 491 -37.77 40.70 -42.00
C GLY D 491 -39.24 40.98 -42.16
N GLU D 492 -40.06 39.94 -42.24
CA GLU D 492 -41.51 40.10 -42.21
C GLU D 492 -41.99 40.22 -40.77
N ALA D 493 -43.05 41.01 -40.56
CA ALA D 493 -43.54 41.26 -39.21
C ALA D 493 -44.36 40.09 -38.68
N GLU D 494 -44.90 39.26 -39.57
CA GLU D 494 -45.70 38.12 -39.13
C GLU D 494 -44.84 37.01 -38.56
N ALA D 495 -43.55 36.99 -38.90
CA ALA D 495 -42.65 35.96 -38.39
C ALA D 495 -41.68 36.48 -37.34
N VAL D 496 -41.63 37.79 -37.11
CA VAL D 496 -40.69 38.38 -36.18
C VAL D 496 -41.40 39.04 -35.00
N THR D 497 -42.42 39.84 -35.27
CA THR D 497 -43.10 40.56 -34.19
C THR D 497 -44.10 39.65 -33.49
N PRO D 498 -44.00 39.46 -32.18
CA PRO D 498 -44.96 38.63 -31.47
C PRO D 498 -46.27 39.37 -31.23
N LYS D 499 -47.20 38.67 -30.56
CA LYS D 499 -48.50 39.25 -30.27
C LYS D 499 -48.40 40.31 -29.17
N ILE D 500 -47.85 39.93 -28.02
CA ILE D 500 -47.60 40.88 -26.95
C ILE D 500 -46.12 41.26 -26.98
N PRO D 501 -45.74 42.47 -26.55
CA PRO D 501 -44.32 42.83 -26.56
C PRO D 501 -43.53 42.06 -25.53
N TYR D 502 -42.21 42.01 -25.74
CA TYR D 502 -41.33 41.28 -24.83
C TYR D 502 -41.20 41.98 -23.49
N ASP D 503 -41.28 43.31 -23.48
CA ASP D 503 -41.26 44.05 -22.23
C ASP D 503 -42.56 43.90 -21.47
N LEU D 504 -43.67 43.65 -22.17
CA LEU D 504 -44.94 43.43 -21.50
C LEU D 504 -45.01 42.05 -20.85
N LEU D 505 -44.46 41.04 -21.54
CA LEU D 505 -44.44 39.69 -20.98
C LEU D 505 -43.41 39.56 -19.86
N LYS D 506 -42.34 40.35 -19.91
CA LYS D 506 -41.35 40.34 -18.83
C LYS D 506 -41.92 40.94 -17.56
N LYS D 507 -42.85 41.89 -17.71
CA LYS D 507 -43.58 42.39 -16.55
C LYS D 507 -44.72 41.46 -16.16
N TYR D 508 -45.16 40.61 -17.08
CA TYR D 508 -46.25 39.68 -16.78
C TYR D 508 -45.77 38.52 -15.92
N ILE D 509 -44.47 38.19 -16.00
CA ILE D 509 -43.93 37.08 -15.23
C ILE D 509 -43.74 37.48 -13.77
N ALA D 510 -43.15 38.66 -13.53
CA ALA D 510 -42.81 39.06 -12.16
C ALA D 510 -44.05 39.50 -11.40
N TYR D 511 -45.09 39.96 -12.11
CA TYR D 511 -46.30 40.40 -11.44
C TYR D 511 -47.19 39.22 -11.05
N ALA D 512 -47.19 38.16 -11.85
CA ALA D 512 -48.06 37.02 -11.58
C ALA D 512 -47.55 36.20 -10.40
N ARG D 513 -46.24 36.22 -10.17
CA ARG D 513 -45.68 35.44 -9.08
C ARG D 513 -45.87 36.12 -7.72
N LYS D 514 -46.19 37.40 -7.72
CA LYS D 514 -46.31 38.12 -6.46
C LYS D 514 -47.72 38.04 -5.88
N ASN D 515 -48.73 38.35 -6.67
CA ASN D 515 -50.09 38.52 -6.12
C ASN D 515 -50.90 37.22 -6.16
N VAL D 516 -51.10 36.67 -7.34
CA VAL D 516 -52.04 35.55 -7.49
C VAL D 516 -51.35 34.25 -7.14
N HIS D 517 -52.10 33.32 -6.56
CA HIS D 517 -51.61 32.00 -6.17
C HIS D 517 -52.69 30.95 -6.41
N PRO D 518 -52.41 29.94 -7.25
CA PRO D 518 -53.45 28.93 -7.53
C PRO D 518 -53.62 27.96 -6.37
N VAL D 519 -54.87 27.74 -5.98
CA VAL D 519 -55.22 26.79 -4.94
C VAL D 519 -56.05 25.68 -5.57
N LEU D 520 -56.00 24.50 -4.94
CA LEU D 520 -56.67 23.33 -5.51
C LEU D 520 -58.18 23.40 -5.27
N SER D 521 -58.93 22.86 -6.22
CA SER D 521 -60.37 22.79 -6.17
C SER D 521 -60.83 21.33 -6.17
N ARG D 522 -62.13 21.13 -6.02
CA ARG D 522 -62.66 19.78 -5.92
C ARG D 522 -62.74 19.10 -7.28
N GLU D 523 -63.09 19.85 -8.32
CA GLU D 523 -63.23 19.25 -9.64
C GLU D 523 -61.88 19.01 -10.30
N ALA D 524 -60.84 19.71 -9.86
CA ALA D 524 -59.52 19.55 -10.47
C ALA D 524 -58.82 18.30 -9.94
N MET D 525 -59.03 17.97 -8.66
CA MET D 525 -58.37 16.81 -8.08
C MET D 525 -58.97 15.50 -8.59
N GLU D 526 -60.23 15.54 -9.02
CA GLU D 526 -60.89 14.32 -9.51
C GLU D 526 -60.32 13.89 -10.85
N GLU D 527 -59.88 14.86 -11.67
CA GLU D 527 -59.28 14.54 -12.96
C GLU D 527 -57.91 13.91 -12.81
N ILE D 528 -57.21 14.22 -11.72
CA ILE D 528 -55.91 13.60 -11.47
C ILE D 528 -56.08 12.17 -10.96
N LYS D 529 -57.23 11.86 -10.35
CA LYS D 529 -57.48 10.49 -9.89
C LYS D 529 -57.69 9.54 -11.06
N ARG D 530 -58.32 10.01 -12.13
CA ARG D 530 -58.56 9.14 -13.28
C ARG D 530 -57.30 8.94 -14.10
N TYR D 531 -56.37 9.90 -14.06
CA TYR D 531 -55.14 9.74 -14.83
C TYR D 531 -54.13 8.87 -14.09
N TYR D 532 -54.07 8.98 -12.76
CA TYR D 532 -53.06 8.25 -12.00
C TYR D 532 -53.36 6.75 -11.98
N VAL D 533 -54.61 6.39 -11.75
CA VAL D 533 -54.98 4.98 -11.63
C VAL D 533 -54.94 4.29 -12.99
N LYS D 534 -55.11 5.07 -14.06
CA LYS D 534 -55.08 4.48 -15.40
C LYS D 534 -53.66 4.14 -15.83
N MET D 535 -52.67 4.91 -15.35
CA MET D 535 -51.31 4.70 -15.81
C MET D 535 -50.61 3.54 -15.10
N ARG D 536 -51.23 3.00 -14.05
CA ARG D 536 -50.61 1.91 -13.29
C ARG D 536 -51.59 0.80 -12.92
N LYS D 537 -52.62 0.58 -13.72
CA LYS D 537 -53.44 -0.63 -13.62
C LYS D 537 -53.01 -1.60 -14.71
N GLY D 538 -52.02 -2.43 -14.40
CA GLY D 538 -51.49 -3.34 -15.41
C GLY D 538 -50.34 -2.77 -16.22
N LEU D 539 -50.35 -1.46 -16.46
CA LEU D 539 -49.21 -0.82 -17.10
C LEU D 539 -48.05 -0.64 -16.13
N ARG D 540 -48.34 -0.72 -14.82
CA ARG D 540 -47.28 -0.76 -13.83
C ARG D 540 -46.50 -2.06 -13.91
N ARG D 541 -47.21 -3.19 -13.90
CA ARG D 541 -46.58 -4.50 -13.94
C ARG D 541 -45.93 -4.76 -15.31
N GLY D 542 -46.53 -4.24 -16.38
CA GLY D 542 -45.97 -4.40 -17.71
C GLY D 542 -44.68 -3.64 -17.92
N ASP D 543 -44.56 -2.46 -17.29
CA ASP D 543 -43.38 -1.64 -17.48
C ASP D 543 -42.18 -2.16 -16.68
N GLU D 544 -42.40 -2.44 -15.39
CA GLU D 544 -41.29 -2.90 -14.57
C GLU D 544 -41.04 -4.40 -14.77
N ASP D 545 -39.83 -4.83 -14.45
CA ASP D 545 -39.45 -6.24 -14.52
C ASP D 545 -39.11 -6.79 -13.14
N GLY D 546 -39.58 -6.14 -12.08
CA GLY D 546 -39.27 -6.50 -10.72
C GLY D 546 -38.25 -5.61 -10.05
N VAL D 547 -37.29 -5.08 -10.82
CA VAL D 547 -36.27 -4.19 -10.30
C VAL D 547 -36.26 -2.91 -11.10
N GLN D 548 -37.01 -2.89 -12.21
CA GLN D 548 -37.08 -1.71 -13.05
C GLN D 548 -37.92 -0.63 -12.38
N PRO D 549 -37.62 0.65 -12.63
CA PRO D 549 -38.35 1.73 -11.96
C PRO D 549 -39.78 1.87 -12.48
N ILE D 550 -40.60 2.52 -11.67
CA ILE D 550 -42.03 2.72 -11.93
C ILE D 550 -42.17 3.94 -12.85
N PRO D 551 -43.08 3.91 -13.85
CA PRO D 551 -43.28 5.09 -14.70
C PRO D 551 -43.79 6.33 -13.98
N ILE D 552 -44.77 6.16 -13.08
CA ILE D 552 -45.33 7.28 -12.33
C ILE D 552 -45.36 6.91 -10.85
N THR D 553 -44.78 7.76 -10.01
CA THR D 553 -44.64 7.49 -8.59
C THR D 553 -45.21 8.68 -7.82
N ALA D 554 -45.01 8.72 -6.49
CA ALA D 554 -45.51 9.85 -5.72
C ALA D 554 -44.70 11.11 -5.99
N ARG D 555 -43.42 10.94 -6.35
CA ARG D 555 -42.61 12.10 -6.74
C ARG D 555 -43.03 12.62 -8.12
N GLN D 556 -43.52 11.73 -8.98
CA GLN D 556 -44.02 12.15 -10.29
C GLN D 556 -45.33 12.92 -10.16
N LEU D 557 -46.09 12.67 -9.09
CA LEU D 557 -47.30 13.44 -8.84
C LEU D 557 -46.98 14.87 -8.45
N GLU D 558 -45.85 15.11 -7.78
CA GLU D 558 -45.44 16.46 -7.43
C GLU D 558 -45.06 17.25 -8.68
N ALA D 559 -44.59 16.56 -9.73
CA ALA D 559 -44.32 17.23 -10.99
C ALA D 559 -45.59 17.55 -11.76
N LEU D 560 -46.71 16.90 -11.44
CA LEU D 560 -47.95 17.16 -12.16
C LEU D 560 -48.72 18.32 -11.55
N ILE D 561 -48.83 18.37 -10.22
CA ILE D 561 -49.59 19.43 -9.58
C ILE D 561 -48.82 20.75 -9.60
N ARG D 562 -47.50 20.70 -9.80
CA ARG D 562 -46.75 21.91 -10.02
C ARG D 562 -47.06 22.51 -11.39
N LEU D 563 -47.24 21.65 -12.40
CA LEU D 563 -47.63 22.12 -13.73
C LEU D 563 -49.11 22.48 -13.77
N SER D 564 -49.91 21.98 -12.84
CA SER D 564 -51.31 22.38 -12.75
C SER D 564 -51.43 23.82 -12.26
N GLU D 565 -50.64 24.19 -11.25
CA GLU D 565 -50.59 25.59 -10.81
C GLU D 565 -49.82 26.46 -11.79
N ALA D 566 -48.99 25.86 -12.65
CA ALA D 566 -48.26 26.62 -13.66
C ALA D 566 -49.17 27.06 -14.79
N HIS D 567 -50.11 26.20 -15.18
CA HIS D 567 -51.05 26.55 -16.24
C HIS D 567 -52.08 27.57 -15.76
N ALA D 568 -52.40 27.56 -14.47
CA ALA D 568 -53.33 28.54 -13.93
C ALA D 568 -52.65 29.87 -13.62
N ARG D 569 -51.32 29.86 -13.46
CA ARG D 569 -50.60 31.11 -13.24
C ARG D 569 -50.55 31.96 -14.50
N MET D 570 -50.55 31.30 -15.67
CA MET D 570 -50.63 32.02 -16.93
C MET D 570 -52.02 32.65 -17.12
N ARG D 571 -53.05 32.00 -16.57
CA ARG D 571 -54.39 32.58 -16.60
C ARG D 571 -54.61 33.58 -15.48
N LEU D 572 -53.89 33.44 -14.35
CA LEU D 572 -54.05 34.22 -13.12
C LEU D 572 -55.48 34.20 -12.60
N SER D 573 -56.13 33.04 -12.64
CA SER D 573 -57.54 32.96 -12.24
C SER D 573 -57.69 32.56 -10.78
N GLU D 574 -56.58 32.22 -10.13
CA GLU D 574 -56.41 31.88 -8.70
C GLU D 574 -56.99 30.52 -8.34
N THR D 575 -57.77 29.89 -9.21
CA THR D 575 -58.32 28.56 -8.97
C THR D 575 -57.97 27.67 -10.15
N VAL D 576 -57.72 26.40 -9.86
CA VAL D 576 -57.49 25.42 -10.91
C VAL D 576 -58.81 24.70 -11.18
N THR D 577 -58.98 24.22 -12.41
CA THR D 577 -60.19 23.55 -12.83
C THR D 577 -59.85 22.20 -13.44
N ARG D 578 -60.89 21.52 -13.94
CA ARG D 578 -60.69 20.21 -14.56
C ARG D 578 -60.02 20.35 -15.91
N GLU D 579 -60.37 21.39 -16.68
CA GLU D 579 -59.72 21.61 -17.97
C GLU D 579 -58.33 22.19 -17.78
N ASP D 580 -58.09 22.86 -16.66
CA ASP D 580 -56.75 23.36 -16.36
C ASP D 580 -55.81 22.23 -15.97
N ALA D 581 -56.31 21.27 -15.20
CA ALA D 581 -55.50 20.11 -14.84
C ALA D 581 -55.32 19.17 -16.03
N ARG D 582 -56.27 19.19 -16.97
CA ARG D 582 -56.15 18.37 -18.17
C ARG D 582 -55.05 18.90 -19.08
N ALA D 583 -54.77 20.20 -19.03
CA ALA D 583 -53.64 20.75 -19.76
C ALA D 583 -52.32 20.31 -19.16
N ALA D 584 -52.30 19.99 -17.86
CA ALA D 584 -51.12 19.46 -17.23
C ALA D 584 -50.96 17.96 -17.45
N ILE D 585 -51.99 17.29 -17.96
CA ILE D 585 -51.91 15.86 -18.19
C ILE D 585 -51.08 15.55 -19.44
N GLU D 586 -51.36 16.28 -20.53
CA GLU D 586 -50.73 15.96 -21.81
C GLU D 586 -49.26 16.35 -21.84
N ILE D 587 -48.87 17.35 -21.04
CA ILE D 587 -47.47 17.75 -21.02
C ILE D 587 -46.65 16.81 -20.12
N ILE D 588 -47.29 16.19 -19.13
CA ILE D 588 -46.62 15.17 -18.32
C ILE D 588 -46.44 13.90 -19.14
N GLU D 589 -47.44 13.56 -19.97
CA GLU D 589 -47.34 12.41 -20.86
C GLU D 589 -46.27 12.60 -21.93
N ALA D 590 -46.01 13.85 -22.32
CA ALA D 590 -44.96 14.11 -23.30
C ALA D 590 -43.57 13.91 -22.70
N MET D 591 -43.44 14.11 -21.39
CA MET D 591 -42.16 13.88 -20.74
C MET D 591 -41.89 12.38 -20.60
N MET D 592 -42.95 11.56 -20.53
CA MET D 592 -42.76 10.12 -20.42
C MET D 592 -42.54 9.48 -21.79
N LYS D 593 -43.29 9.92 -22.80
CA LYS D 593 -43.14 9.33 -24.13
C LYS D 593 -41.90 9.85 -24.84
N THR D 594 -41.65 11.15 -24.76
CA THR D 594 -40.46 11.74 -25.39
C THR D 594 -39.71 12.61 -24.39
N MET E 1 6.70 82.09 -18.96
CA MET E 1 5.79 83.22 -19.22
C MET E 1 5.27 83.81 -17.92
N ASP E 2 4.53 84.90 -18.04
CA ASP E 2 3.98 85.56 -16.87
C ASP E 2 2.76 84.80 -16.36
N ARG E 3 2.36 85.14 -15.12
CA ARG E 3 1.23 84.46 -14.50
C ARG E 3 -0.10 85.03 -15.00
N GLU E 4 -0.26 86.35 -14.88
CA GLU E 4 -1.52 86.99 -15.24
C GLU E 4 -1.63 87.32 -16.72
N GLU E 5 -0.59 87.03 -17.52
CA GLU E 5 -0.67 87.30 -18.96
C GLU E 5 -1.54 86.27 -19.66
N MET E 6 -1.38 84.99 -19.32
CA MET E 6 -2.21 83.95 -19.92
C MET E 6 -3.57 83.86 -19.25
N ILE E 7 -3.72 84.40 -18.04
CA ILE E 7 -5.01 84.37 -17.35
C ILE E 7 -5.94 85.43 -17.92
N ALA E 8 -5.40 86.60 -18.25
CA ALA E 8 -6.24 87.67 -18.80
C ALA E 8 -6.59 87.40 -20.26
N ARG E 9 -5.71 86.71 -20.99
CA ARG E 9 -5.98 86.40 -22.39
C ARG E 9 -7.01 85.29 -22.54
N PHE E 10 -7.00 84.31 -21.64
CA PHE E 10 -7.98 83.22 -21.71
C PHE E 10 -9.34 83.65 -21.20
N ALA E 11 -9.39 84.61 -20.28
CA ALA E 11 -10.68 85.09 -19.77
C ALA E 11 -11.39 85.98 -20.78
N LYS E 12 -10.65 86.62 -21.68
CA LYS E 12 -11.28 87.45 -22.69
C LYS E 12 -11.94 86.60 -23.77
N PHE E 13 -11.30 85.51 -24.18
CA PHE E 13 -11.88 84.63 -25.19
C PHE E 13 -12.93 83.71 -24.59
N LEU E 14 -12.64 83.16 -23.41
CA LEU E 14 -13.59 82.26 -22.74
C LEU E 14 -13.51 82.43 -21.22
N ILE E 27 -18.45 83.35 -20.17
CA ILE E 27 -18.71 83.23 -21.60
C ILE E 27 -19.73 82.14 -21.85
N ASN E 28 -19.97 81.84 -23.14
CA ASN E 28 -20.94 80.80 -23.50
C ASN E 28 -20.36 79.40 -23.30
N ARG E 29 -19.02 79.27 -23.32
CA ARG E 29 -18.40 77.97 -23.09
C ARG E 29 -18.48 77.58 -21.61
N LEU E 30 -18.45 78.55 -20.71
CA LEU E 30 -18.56 78.28 -19.29
C LEU E 30 -20.01 78.32 -18.78
N LYS E 31 -20.93 78.83 -19.59
CA LYS E 31 -22.34 78.84 -19.19
C LYS E 31 -22.95 77.45 -19.28
N ASP E 32 -22.57 76.68 -20.31
CA ASP E 32 -23.04 75.31 -20.42
C ASP E 32 -22.34 74.40 -19.41
N LEU E 33 -21.10 74.72 -19.04
CA LEU E 33 -20.41 73.95 -18.02
C LEU E 33 -20.93 74.26 -16.63
N LEU E 34 -21.57 75.42 -16.45
CA LEU E 34 -22.14 75.76 -15.15
C LEU E 34 -23.43 75.01 -14.90
N THR E 35 -24.09 74.55 -15.97
CA THR E 35 -25.33 73.79 -15.82
C THR E 35 -25.05 72.38 -15.32
N VAL E 36 -23.94 71.78 -15.76
CA VAL E 36 -23.55 70.44 -15.34
C VAL E 36 -22.22 70.60 -14.59
N THR E 37 -22.31 70.74 -13.26
CA THR E 37 -21.12 70.88 -12.45
C THR E 37 -20.32 69.58 -12.35
N PRO E 38 -20.92 68.40 -12.46
CA PRO E 38 -20.13 67.16 -12.33
C PRO E 38 -19.26 66.85 -13.53
N LYS E 39 -19.48 67.51 -14.66
CA LYS E 39 -18.66 67.27 -15.84
C LYS E 39 -17.27 67.89 -15.66
N ARG E 40 -17.22 69.20 -15.39
CA ARG E 40 -15.99 69.97 -15.14
C ARG E 40 -15.02 69.88 -16.32
N SER E 41 -15.54 70.15 -17.51
CA SER E 41 -14.74 70.11 -18.72
C SER E 41 -15.34 71.06 -19.75
N LEU E 42 -14.60 71.29 -20.82
CA LEU E 42 -15.03 72.17 -21.90
C LEU E 42 -14.46 71.66 -23.21
N ALA E 43 -15.31 71.61 -24.24
CA ALA E 43 -14.90 71.12 -25.56
C ALA E 43 -14.27 72.28 -26.33
N ILE E 44 -13.01 72.56 -26.02
CA ILE E 44 -12.29 73.63 -26.69
C ILE E 44 -11.84 73.17 -28.07
N ASP E 45 -11.72 74.12 -28.99
CA ASP E 45 -11.30 73.86 -30.35
C ASP E 45 -10.08 74.71 -30.68
N TRP E 46 -9.21 74.18 -31.54
CA TRP E 46 -8.02 74.94 -31.95
C TRP E 46 -8.37 76.06 -32.92
N ALA E 47 -9.38 75.84 -33.75
CA ALA E 47 -9.79 76.87 -34.72
C ALA E 47 -10.56 78.00 -34.05
N HIS E 48 -11.20 77.73 -32.91
CA HIS E 48 -11.92 78.77 -32.20
C HIS E 48 -10.97 79.69 -31.45
N LEU E 49 -9.90 79.13 -30.89
CA LEU E 49 -8.93 79.94 -30.18
C LEU E 49 -8.01 80.70 -31.13
N ASN E 50 -7.71 80.13 -32.29
CA ASN E 50 -6.81 80.79 -33.24
C ASN E 50 -7.51 81.94 -33.95
N SER E 51 -8.85 81.92 -33.99
CA SER E 51 -9.59 83.02 -34.59
C SER E 51 -9.54 84.27 -33.72
N PHE E 52 -9.40 84.11 -32.40
CA PHE E 52 -9.28 85.25 -31.51
C PHE E 52 -7.82 85.66 -31.34
N ASP E 53 -6.95 84.69 -31.10
CA ASP E 53 -5.52 84.96 -30.94
C ASP E 53 -4.70 83.77 -31.44
N PRO E 54 -3.90 83.95 -32.49
CA PRO E 54 -3.11 82.82 -32.99
C PRO E 54 -1.92 82.48 -32.13
N GLU E 55 -1.43 83.43 -31.32
CA GLU E 55 -0.30 83.14 -30.44
C GLU E 55 -0.72 82.35 -29.22
N LEU E 56 -2.02 82.41 -28.87
CA LEU E 56 -2.49 81.68 -27.70
C LEU E 56 -2.62 80.19 -27.98
N ALA E 57 -2.91 79.83 -29.24
CA ALA E 57 -3.04 78.42 -29.60
C ALA E 57 -1.68 77.75 -29.70
N ASP E 58 -0.67 78.49 -30.18
CA ASP E 58 0.66 77.92 -30.32
C ASP E 58 1.39 77.86 -28.98
N GLU E 59 0.96 78.67 -28.00
CA GLU E 59 1.63 78.67 -26.70
C GLU E 59 1.25 77.44 -25.88
N LEU E 60 0.03 76.93 -26.08
CA LEU E 60 -0.42 75.76 -25.33
C LEU E 60 0.22 74.47 -25.87
N LEU E 61 0.56 74.45 -27.16
CA LEU E 61 1.16 73.25 -27.73
C LEU E 61 2.62 73.13 -27.36
N ASN E 62 3.32 74.27 -27.27
CA ASN E 62 4.75 74.24 -26.96
C ASN E 62 5.01 73.99 -25.48
N ASN E 63 4.10 74.45 -24.61
CA ASN E 63 4.28 74.29 -23.16
C ASN E 63 2.90 74.07 -22.53
N PRO E 64 2.47 72.82 -22.42
CA PRO E 64 1.18 72.53 -21.78
C PRO E 64 1.24 72.21 -20.29
N GLU E 65 2.39 72.41 -19.65
CA GLU E 65 2.52 72.05 -18.24
C GLU E 65 1.87 73.09 -17.34
N GLU E 66 2.32 74.35 -17.43
CA GLU E 66 1.83 75.40 -16.57
C GLU E 66 0.95 76.43 -17.27
N ALA E 67 0.94 76.46 -18.61
CA ALA E 67 0.07 77.39 -19.31
C ALA E 67 -1.38 76.91 -19.28
N ILE E 68 -1.59 75.60 -19.34
CA ILE E 68 -2.93 75.05 -19.23
C ILE E 68 -3.45 75.10 -17.80
N ALA E 69 -2.54 75.11 -16.81
CA ALA E 69 -2.97 75.25 -15.42
C ALA E 69 -3.40 76.68 -15.12
N SER E 70 -2.72 77.65 -15.73
CA SER E 70 -3.15 79.04 -15.57
C SER E 70 -4.40 79.32 -16.39
N ALA E 71 -4.60 78.59 -17.49
CA ALA E 71 -5.83 78.69 -18.25
C ALA E 71 -7.00 78.07 -17.51
N GLU E 72 -6.74 77.00 -16.75
CA GLU E 72 -7.79 76.44 -15.88
C GLU E 72 -8.08 77.36 -14.71
N ASP E 73 -7.06 78.10 -14.25
CA ASP E 73 -7.30 79.12 -13.22
C ASP E 73 -7.96 80.36 -13.81
N ALA E 74 -7.81 80.56 -15.12
CA ALA E 74 -8.49 81.68 -15.77
C ALA E 74 -9.99 81.43 -15.86
N ILE E 75 -10.39 80.17 -16.04
CA ILE E 75 -11.80 79.81 -15.98
C ILE E 75 -12.29 79.88 -14.54
N GLN E 76 -11.41 79.63 -13.57
CA GLN E 76 -11.78 79.80 -12.17
C GLN E 76 -11.83 81.27 -11.78
N ILE E 77 -11.03 82.11 -12.43
CA ILE E 77 -11.07 83.54 -12.16
C ILE E 77 -12.34 84.17 -12.74
N VAL E 78 -12.85 83.60 -13.82
CA VAL E 78 -14.12 84.04 -14.37
C VAL E 78 -15.28 83.58 -13.49
N LEU E 79 -15.10 82.45 -12.80
CA LEU E 79 -16.10 81.95 -11.87
C LEU E 79 -15.99 82.59 -10.48
N ARG E 80 -14.87 83.26 -10.18
CA ARG E 80 -14.70 83.93 -8.90
C ARG E 80 -14.73 85.44 -9.03
N GLU E 81 -15.37 85.97 -10.07
CA GLU E 81 -15.45 87.40 -10.26
C GLU E 81 -16.51 88.01 -9.35
N PRO E 82 -16.62 89.34 -9.33
CA PRO E 82 -17.64 89.99 -8.49
C PRO E 82 -19.03 89.80 -9.07
N PRO E 83 -19.17 89.91 -10.39
CA PRO E 83 -20.50 89.67 -10.99
C PRO E 83 -20.90 88.21 -10.99
N LEU E 84 -19.98 87.31 -11.34
CA LEU E 84 -20.23 85.87 -11.35
C LEU E 84 -19.32 85.24 -10.30
N LEU E 85 -19.91 84.94 -9.14
CA LEU E 85 -19.17 84.35 -8.01
C LEU E 85 -19.60 82.91 -7.74
N VAL E 86 -19.96 82.16 -8.78
CA VAL E 86 -20.38 80.78 -8.61
C VAL E 86 -19.14 79.90 -8.42
N GLU E 87 -19.09 79.19 -7.31
CA GLU E 87 -17.94 78.33 -6.99
C GLU E 87 -18.12 76.93 -7.57
N ARG E 88 -18.21 76.87 -8.89
CA ARG E 88 -18.37 75.63 -9.62
C ARG E 88 -17.41 75.62 -10.80
N GLU E 89 -17.21 74.41 -11.35
CA GLU E 89 -16.33 74.15 -12.49
C GLU E 89 -14.90 74.61 -12.23
N PHE E 90 -14.28 74.06 -11.18
CA PHE E 90 -12.90 74.39 -10.87
C PHE E 90 -11.94 73.77 -11.87
N LYS E 91 -12.09 72.47 -12.11
CA LYS E 91 -11.30 71.79 -13.13
C LYS E 91 -11.98 71.92 -14.49
N VAL E 92 -11.15 71.94 -15.53
CA VAL E 92 -11.64 72.11 -16.89
C VAL E 92 -10.66 71.43 -17.84
N HIS E 93 -11.19 70.85 -18.92
CA HIS E 93 -10.38 70.21 -19.94
C HIS E 93 -9.75 71.32 -20.80
N ALA E 94 -8.55 71.74 -20.40
CA ALA E 94 -7.86 72.80 -21.11
C ALA E 94 -7.29 72.32 -22.44
N ARG E 95 -7.09 71.02 -22.60
CA ARG E 95 -6.65 70.46 -23.87
C ARG E 95 -7.80 70.51 -24.87
N PHE E 96 -7.54 71.10 -26.03
CA PHE E 96 -8.56 71.28 -27.05
C PHE E 96 -8.85 69.96 -27.75
N TYR E 97 -10.10 69.78 -28.19
CA TYR E 97 -10.47 68.58 -28.93
C TYR E 97 -9.87 68.62 -30.33
N ASN E 98 -10.06 69.71 -31.04
CA ASN E 98 -9.44 69.89 -32.35
C ASN E 98 -7.96 70.23 -32.18
N LEU E 99 -7.13 69.64 -33.03
CA LEU E 99 -5.70 69.85 -32.97
C LEU E 99 -5.14 70.14 -34.36
N PRO E 100 -4.04 70.89 -34.43
CA PRO E 100 -3.45 71.16 -35.76
C PRO E 100 -2.70 69.97 -36.32
N LYS E 101 -2.16 69.10 -35.47
CA LYS E 101 -1.45 67.91 -35.91
C LYS E 101 -1.80 66.75 -34.99
N THR E 102 -2.05 65.58 -35.59
CA THR E 102 -2.40 64.38 -34.85
C THR E 102 -1.30 63.35 -35.05
N LEU E 103 -0.48 63.15 -34.01
CA LEU E 103 0.61 62.21 -34.09
C LEU E 103 0.10 60.77 -33.94
N LEU E 104 0.97 59.82 -34.25
CA LEU E 104 0.66 58.41 -34.17
C LEU E 104 1.67 57.69 -33.27
N VAL E 105 1.39 56.43 -32.97
CA VAL E 105 2.29 55.64 -32.14
C VAL E 105 3.53 55.25 -32.93
N LYS E 106 3.40 55.06 -34.24
CA LYS E 106 4.54 54.71 -35.07
C LYS E 106 5.43 55.91 -35.36
N GLU E 107 4.85 57.10 -35.45
CA GLU E 107 5.60 58.32 -35.69
C GLU E 107 5.95 59.07 -34.41
N LEU E 108 5.88 58.41 -33.26
CA LEU E 108 6.20 59.07 -32.00
C LEU E 108 7.70 59.17 -31.81
N GLY E 109 8.15 60.29 -31.23
CA GLY E 109 9.56 60.51 -31.00
C GLY E 109 9.78 61.26 -29.71
N SER E 110 11.06 61.45 -29.39
CA SER E 110 11.46 62.16 -28.18
C SER E 110 11.45 63.67 -28.33
N GLU E 111 11.20 64.18 -29.53
CA GLU E 111 11.17 65.63 -29.75
C GLU E 111 9.86 66.27 -29.32
N HIS E 112 8.82 65.47 -29.05
CA HIS E 112 7.53 65.99 -28.61
C HIS E 112 7.29 65.76 -27.12
N ILE E 113 8.36 65.58 -26.33
CA ILE E 113 8.19 65.38 -24.89
C ILE E 113 7.88 66.71 -24.23
N ASN E 114 7.10 66.64 -23.14
CA ASN E 114 6.64 67.80 -22.35
C ASN E 114 5.88 68.80 -23.23
N LYS E 115 5.01 68.29 -24.09
CA LYS E 115 4.23 69.13 -25.00
C LYS E 115 2.87 68.49 -25.21
N LEU E 116 1.96 69.27 -25.79
CA LEU E 116 0.60 68.82 -26.06
C LEU E 116 0.53 68.20 -27.44
N ILE E 117 0.16 66.92 -27.51
CA ILE E 117 0.05 66.19 -28.76
C ILE E 117 -1.19 65.30 -28.71
N GLN E 118 -1.67 64.94 -29.88
CA GLN E 118 -2.83 64.07 -30.03
C GLN E 118 -2.39 62.75 -30.64
N VAL E 119 -2.64 61.65 -29.92
CA VAL E 119 -2.24 60.31 -30.34
C VAL E 119 -3.49 59.54 -30.74
N GLU E 120 -3.45 58.91 -31.91
CA GLU E 120 -4.55 58.11 -32.42
C GLU E 120 -4.14 56.64 -32.47
N GLY E 121 -5.07 55.76 -32.11
CA GLY E 121 -4.78 54.34 -32.12
C GLY E 121 -5.92 53.56 -31.48
N ILE E 122 -5.58 52.35 -31.03
CA ILE E 122 -6.54 51.46 -30.39
C ILE E 122 -6.04 51.12 -29.00
N ILE E 123 -6.98 50.82 -28.10
CA ILE E 123 -6.68 50.48 -26.72
C ILE E 123 -6.59 48.96 -26.60
N THR E 124 -5.59 48.48 -25.86
CA THR E 124 -5.38 47.04 -25.65
C THR E 124 -5.51 46.62 -24.19
N ARG E 125 -5.08 47.46 -23.26
CA ARG E 125 -5.15 47.16 -21.84
C ARG E 125 -5.98 48.23 -21.12
N VAL E 126 -6.61 47.83 -20.03
CA VAL E 126 -7.43 48.73 -19.22
C VAL E 126 -7.35 48.26 -17.77
N SER E 127 -6.93 49.16 -16.88
CA SER E 127 -6.80 48.83 -15.46
C SER E 127 -8.06 49.24 -14.70
N GLU E 128 -8.12 48.82 -13.44
CA GLU E 128 -9.25 49.13 -12.58
C GLU E 128 -9.16 50.57 -12.08
N VAL E 129 -10.33 51.18 -11.86
CA VAL E 129 -10.39 52.57 -11.38
C VAL E 129 -10.04 52.58 -9.90
N LYS E 130 -8.86 53.09 -9.57
CA LYS E 130 -8.40 53.18 -8.20
C LYS E 130 -8.13 54.63 -7.81
N PRO E 131 -8.12 54.94 -6.51
CA PRO E 131 -7.88 56.33 -6.09
C PRO E 131 -6.41 56.69 -6.18
N PHE E 132 -6.13 57.88 -6.70
CA PHE E 132 -4.77 58.38 -6.84
C PHE E 132 -4.46 59.36 -5.72
N VAL E 133 -3.34 59.13 -5.04
CA VAL E 133 -2.93 60.00 -3.94
C VAL E 133 -2.20 61.21 -4.53
N GLU E 134 -2.79 62.39 -4.39
CA GLU E 134 -2.21 63.62 -4.88
C GLU E 134 -2.19 64.66 -3.76
N LYS E 135 -1.10 65.42 -3.70
CA LYS E 135 -0.83 66.42 -2.66
C LYS E 135 -0.92 65.82 -1.25
N ALA E 136 -0.12 64.77 -1.04
CA ALA E 136 -0.13 64.04 0.22
C ALA E 136 0.51 64.85 1.33
N VAL E 137 -0.29 65.25 2.33
CA VAL E 137 0.21 66.00 3.48
C VAL E 137 0.77 65.01 4.50
N PHE E 138 1.71 65.49 5.31
CA PHE E 138 2.35 64.66 6.32
C PHE E 138 2.49 65.47 7.60
N VAL E 139 1.87 65.00 8.68
CA VAL E 139 1.92 65.65 9.98
C VAL E 139 2.35 64.61 11.00
N CYS E 140 3.37 64.92 11.79
CA CYS E 140 3.88 64.02 12.81
C CYS E 140 3.14 64.19 14.12
N ARG E 141 3.27 63.19 14.99
CA ARG E 141 2.64 63.22 16.30
C ARG E 141 3.58 63.74 17.38
N ASP E 142 4.87 63.46 17.25
CA ASP E 142 5.83 63.91 18.26
C ASP E 142 6.33 65.32 17.97
N CYS E 143 6.48 65.67 16.70
CA CYS E 143 6.97 66.98 16.30
C CYS E 143 5.87 67.91 15.80
N GLY E 144 4.99 67.42 14.93
CA GLY E 144 3.92 68.24 14.41
C GLY E 144 4.37 69.23 13.37
N ASN E 145 5.04 68.76 12.33
CA ASN E 145 5.53 69.59 11.24
C ASN E 145 4.53 69.56 10.10
N GLU E 146 3.95 70.71 9.78
CA GLU E 146 2.97 70.82 8.71
C GLU E 146 3.69 71.00 7.38
N MET E 147 3.67 69.97 6.55
CA MET E 147 4.34 70.00 5.26
C MET E 147 3.64 69.03 4.32
N VAL E 148 3.52 69.44 3.06
CA VAL E 148 2.88 68.63 2.03
C VAL E 148 3.91 68.25 0.98
N ARG E 149 3.84 67.00 0.52
CA ARG E 149 4.75 66.47 -0.49
C ARG E 149 3.93 65.98 -1.67
N LEU E 150 4.18 66.55 -2.85
CA LEU E 150 3.44 66.15 -4.05
C LEU E 150 3.93 64.79 -4.55
N GLN E 151 2.98 63.93 -4.89
CA GLN E 151 3.27 62.60 -5.40
C GLN E 151 2.70 62.45 -6.80
N ARG E 152 3.49 61.86 -7.68
CA ARG E 152 3.10 61.63 -9.07
C ARG E 152 2.67 60.19 -9.28
N PRO E 153 2.18 59.86 -10.48
CA PRO E 153 1.76 58.47 -10.72
C PRO E 153 2.94 57.52 -10.91
N TYR E 154 4.04 58.00 -11.48
CA TYR E 154 5.21 57.15 -11.67
C TYR E 154 6.13 57.17 -10.45
N GLU E 155 5.99 58.16 -9.58
CA GLU E 155 6.84 58.27 -8.40
C GLU E 155 6.45 57.21 -7.36
N ASN E 156 7.43 56.78 -6.58
CA ASN E 156 7.24 55.76 -5.57
C ASN E 156 7.92 56.18 -4.28
N LEU E 157 7.17 56.12 -3.17
CA LEU E 157 7.64 56.43 -1.81
C LEU E 157 8.21 57.84 -1.71
N VAL E 158 7.38 58.82 -2.09
CA VAL E 158 7.75 60.23 -2.02
C VAL E 158 7.46 60.71 -0.61
N LYS E 159 8.45 60.59 0.28
CA LYS E 159 8.31 61.01 1.67
C LYS E 159 9.68 61.41 2.19
N PRO E 160 9.74 62.33 3.15
CA PRO E 160 11.04 62.74 3.70
C PRO E 160 11.57 61.74 4.71
N ALA E 161 12.90 61.72 4.83
CA ALA E 161 13.53 60.82 5.79
C ALA E 161 13.38 61.32 7.22
N LYS E 162 13.31 62.64 7.41
CA LYS E 162 13.17 63.21 8.74
C LYS E 162 12.42 64.53 8.63
N CYS E 163 11.91 65.01 9.76
CA CYS E 163 11.18 66.26 9.79
C CYS E 163 12.15 67.44 9.72
N ASP E 164 11.60 68.59 9.29
CA ASP E 164 12.41 69.80 9.19
C ASP E 164 12.52 70.57 10.49
N ALA E 165 11.69 70.23 11.49
CA ALA E 165 11.70 70.91 12.77
C ALA E 165 12.54 70.19 13.82
N CYS E 166 12.26 68.92 14.08
CA CYS E 166 12.98 68.15 15.07
C CYS E 166 13.57 66.85 14.53
N GLY E 167 13.34 66.54 13.25
CA GLY E 167 13.86 65.31 12.68
C GLY E 167 13.15 64.05 13.12
N SER E 168 11.83 64.10 13.21
CA SER E 168 11.07 62.92 13.63
C SER E 168 10.99 61.90 12.51
N ARG E 169 10.97 60.63 12.89
CA ARG E 169 10.89 59.53 11.93
C ARG E 169 9.50 58.93 11.82
N ASN E 170 8.63 59.17 12.79
CA ASN E 170 7.27 58.63 12.77
C ASN E 170 6.34 59.67 12.14
N ILE E 171 6.41 59.76 10.83
CA ILE E 171 5.58 60.69 10.06
C ILE E 171 4.35 59.94 9.56
N GLU E 172 3.18 60.55 9.73
CA GLU E 172 1.91 59.95 9.34
C GLU E 172 1.26 60.80 8.25
N LEU E 173 0.63 60.13 7.30
CA LEU E 173 -0.06 60.79 6.19
C LEU E 173 -1.51 61.04 6.55
N ASP E 174 -2.06 62.11 5.99
CA ASP E 174 -3.45 62.51 6.21
C ASP E 174 -4.22 62.29 4.92
N VAL E 175 -5.09 61.29 4.90
CA VAL E 175 -5.87 61.01 3.70
C VAL E 175 -7.02 62.00 3.55
N ASP E 176 -7.51 62.54 4.66
CA ASP E 176 -8.59 63.51 4.59
C ASP E 176 -8.09 64.87 4.13
N LYS E 177 -6.89 65.25 4.55
CA LYS E 177 -6.34 66.55 4.15
C LYS E 177 -5.84 66.53 2.71
N SER E 178 -5.42 65.36 2.22
CA SER E 178 -4.93 65.24 0.86
C SER E 178 -6.10 65.14 -0.12
N ARG E 179 -5.77 65.17 -1.40
CA ARG E 179 -6.75 65.08 -2.48
C ARG E 179 -6.70 63.69 -3.10
N PHE E 180 -7.87 63.08 -3.27
CA PHE E 180 -8.00 61.75 -3.86
C PHE E 180 -8.74 61.87 -5.18
N LEU E 181 -8.07 61.52 -6.27
CA LEU E 181 -8.64 61.58 -7.60
C LEU E 181 -8.63 60.18 -8.23
N ASN E 182 -9.46 60.02 -9.26
CA ASN E 182 -9.56 58.74 -9.94
C ASN E 182 -8.32 58.49 -10.80
N PHE E 183 -7.96 57.23 -10.93
CA PHE E 183 -6.80 56.82 -11.71
C PHE E 183 -7.12 55.56 -12.49
N GLN E 184 -6.60 55.49 -13.72
CA GLN E 184 -6.81 54.33 -14.58
C GLN E 184 -5.65 54.25 -15.56
N SER E 185 -5.11 53.05 -15.73
CA SER E 185 -4.00 52.81 -16.64
C SER E 185 -4.49 52.14 -17.91
N PHE E 186 -4.09 52.67 -19.06
CA PHE E 186 -4.49 52.13 -20.35
C PHE E 186 -3.30 52.13 -21.29
N ARG E 187 -3.27 51.14 -22.17
CA ARG E 187 -2.21 51.00 -23.16
C ARG E 187 -2.77 51.27 -24.54
N LEU E 188 -2.15 52.19 -25.27
CA LEU E 188 -2.57 52.59 -26.61
C LEU E 188 -1.63 51.96 -27.63
N GLN E 189 -2.18 51.15 -28.51
CA GLN E 189 -1.41 50.47 -29.56
C GLN E 189 -1.77 51.07 -30.92
N ASP E 190 -1.05 50.62 -31.95
CA ASP E 190 -1.30 51.09 -33.30
C ASP E 190 -2.55 50.44 -33.87
N ARG E 191 -3.27 51.20 -34.68
CA ARG E 191 -4.49 50.69 -35.29
C ARG E 191 -4.15 49.73 -36.42
N PRO E 192 -4.81 48.57 -36.51
CA PRO E 192 -4.48 47.61 -37.58
C PRO E 192 -5.11 47.96 -38.93
N GLU E 193 -6.00 48.96 -38.99
CA GLU E 193 -6.62 49.33 -40.25
C GLU E 193 -5.65 50.11 -41.13
N SER E 194 -5.01 51.14 -40.58
CA SER E 194 -4.06 51.94 -41.34
C SER E 194 -2.69 51.28 -41.44
N LEU E 195 -2.42 50.23 -40.66
CA LEU E 195 -1.14 49.56 -40.70
C LEU E 195 -1.07 48.67 -41.95
N LYS E 196 -0.08 48.92 -42.80
CA LYS E 196 0.09 48.15 -44.03
C LYS E 196 0.94 46.91 -43.75
N GLY E 197 1.34 46.23 -44.83
CA GLY E 197 2.14 45.03 -44.68
C GLY E 197 3.59 45.37 -44.35
N GLY E 198 4.18 44.55 -43.49
CA GLY E 198 5.55 44.74 -43.06
C GLY E 198 5.71 45.91 -42.12
N GLN E 199 4.92 45.92 -41.05
CA GLN E 199 4.95 47.00 -40.06
C GLN E 199 4.90 46.39 -38.67
N MET E 200 5.75 46.90 -37.77
CA MET E 200 5.78 46.43 -36.39
C MET E 200 5.07 47.45 -35.50
N PRO E 201 3.94 47.10 -34.89
CA PRO E 201 3.23 48.09 -34.07
C PRO E 201 3.89 48.25 -32.71
N ARG E 202 3.98 49.50 -32.25
CA ARG E 202 4.57 49.84 -30.96
C ARG E 202 3.47 50.21 -29.98
N PHE E 203 3.70 49.88 -28.71
CA PHE E 203 2.75 50.14 -27.64
C PHE E 203 3.25 51.28 -26.76
N VAL E 204 2.31 52.08 -26.28
CA VAL E 204 2.60 53.21 -25.40
C VAL E 204 1.56 53.25 -24.30
N ASP E 205 2.00 53.22 -23.04
CA ASP E 205 1.10 53.22 -21.91
C ASP E 205 0.70 54.64 -21.56
N ALA E 206 -0.59 54.83 -21.28
CA ALA E 206 -1.15 56.12 -20.90
C ALA E 206 -1.78 55.99 -19.52
N ILE E 207 -2.25 57.13 -19.00
CA ILE E 207 -2.88 57.19 -17.69
C ILE E 207 -4.14 58.03 -17.80
N LEU E 208 -5.26 57.49 -17.32
CA LEU E 208 -6.52 58.21 -17.27
C LEU E 208 -6.76 58.74 -15.86
N LEU E 209 -7.31 59.95 -15.78
CA LEU E 209 -7.48 60.62 -14.49
C LEU E 209 -8.95 60.87 -14.21
N ASP E 210 -9.24 61.65 -13.17
CA ASP E 210 -10.62 62.01 -12.82
C ASP E 210 -11.26 62.83 -13.92
N ASP E 211 -12.55 62.57 -14.16
CA ASP E 211 -13.42 63.05 -15.22
C ASP E 211 -12.97 62.58 -16.61
N LEU E 212 -12.04 61.63 -16.71
CA LEU E 212 -11.62 61.06 -17.98
C LEU E 212 -11.46 59.55 -17.94
N VAL E 213 -11.53 58.92 -16.77
CA VAL E 213 -11.36 57.48 -16.68
C VAL E 213 -12.63 56.77 -17.13
N ASP E 214 -12.49 55.48 -17.45
CA ASP E 214 -13.54 54.59 -17.95
C ASP E 214 -14.19 55.15 -19.22
N ALA E 215 -13.34 55.67 -20.10
CA ALA E 215 -13.78 56.26 -21.36
C ALA E 215 -14.02 55.20 -22.43
N ALA E 216 -13.14 54.20 -22.52
CA ALA E 216 -13.28 53.15 -23.52
C ALA E 216 -12.62 51.88 -22.98
N LEU E 217 -13.16 50.74 -23.41
CA LEU E 217 -12.65 49.44 -23.02
C LEU E 217 -11.68 48.91 -24.06
N PRO E 218 -11.06 47.76 -23.80
CA PRO E 218 -10.11 47.21 -24.77
C PRO E 218 -10.85 46.54 -25.94
N GLY E 219 -10.36 46.81 -27.14
CA GLY E 219 -10.94 46.25 -28.35
C GLY E 219 -11.54 47.25 -29.31
N ASP E 220 -11.41 48.56 -29.04
CA ASP E 220 -11.96 49.59 -29.90
C ASP E 220 -10.95 50.73 -30.04
N ARG E 221 -10.98 51.38 -31.20
CA ARG E 221 -10.09 52.50 -31.45
C ARG E 221 -10.61 53.75 -30.74
N VAL E 222 -9.74 54.37 -29.95
CA VAL E 222 -10.10 55.56 -29.18
C VAL E 222 -9.02 56.62 -29.38
N LEU E 223 -9.43 57.87 -29.40
CA LEU E 223 -8.50 58.99 -29.56
C LEU E 223 -7.99 59.44 -28.19
N VAL E 224 -6.76 59.93 -28.17
CA VAL E 224 -6.12 60.39 -26.94
C VAL E 224 -5.44 61.72 -27.20
N THR E 225 -5.57 62.65 -26.27
CA THR E 225 -4.94 63.96 -26.39
C THR E 225 -4.56 64.46 -25.00
N GLY E 226 -3.44 65.15 -24.93
CA GLY E 226 -2.96 65.68 -23.66
C GLY E 226 -1.47 65.92 -23.71
N VAL E 227 -0.87 66.03 -22.53
CA VAL E 227 0.56 66.30 -22.40
C VAL E 227 1.31 64.97 -22.34
N LEU E 228 2.38 64.86 -23.11
CA LEU E 228 3.21 63.66 -23.14
C LEU E 228 4.39 63.85 -22.19
N ARG E 229 4.37 63.14 -21.07
CA ARG E 229 5.41 63.24 -20.07
C ARG E 229 6.38 62.06 -20.20
N VAL E 230 7.35 62.01 -19.30
CA VAL E 230 8.36 60.95 -19.28
C VAL E 230 8.82 60.74 -17.85
N ILE E 231 9.50 59.61 -17.63
CA ILE E 231 10.03 59.32 -16.30
C ILE E 231 11.25 60.20 -16.02
N LEU E 232 11.50 60.43 -14.74
CA LEU E 232 12.63 61.27 -14.35
C LEU E 232 13.94 60.51 -14.54
N GLU E 233 14.91 61.18 -15.17
CA GLU E 233 16.22 60.60 -15.44
C GLU E 233 17.24 61.20 -14.47
N GLN E 234 17.83 60.35 -13.64
CA GLN E 234 18.82 60.80 -12.68
C GLN E 234 20.17 61.02 -13.37
N ARG E 235 21.06 61.70 -12.66
CA ARG E 235 22.39 61.99 -13.19
C ARG E 235 23.26 60.74 -13.13
N GLU E 236 24.13 60.59 -14.13
CA GLU E 236 25.08 59.48 -14.28
C GLU E 236 24.38 58.12 -14.30
N LYS E 237 23.23 58.04 -14.96
CA LYS E 237 22.46 56.81 -15.06
C LYS E 237 22.04 56.58 -16.51
N ARG E 238 21.44 55.41 -16.75
CA ARG E 238 20.99 55.09 -18.09
C ARG E 238 19.71 55.84 -18.41
N PRO E 239 19.35 55.99 -19.68
CA PRO E 239 18.12 56.70 -20.03
C PRO E 239 16.89 55.83 -19.76
N ILE E 240 15.90 56.42 -19.08
CA ILE E 240 14.68 55.68 -18.74
C ILE E 240 13.80 55.58 -19.97
N PHE E 241 13.43 54.35 -20.33
CA PHE E 241 12.57 54.12 -21.48
C PHE E 241 11.08 54.23 -21.15
N LYS E 242 10.73 54.44 -19.88
CA LYS E 242 9.34 54.55 -19.48
C LYS E 242 8.80 55.92 -19.84
N LYS E 243 7.72 55.94 -20.62
CA LYS E 243 7.08 57.18 -21.06
C LYS E 243 5.58 57.06 -20.84
N ILE E 244 5.01 58.02 -20.13
CA ILE E 244 3.58 58.04 -19.80
C ILE E 244 2.96 59.24 -20.49
N LEU E 245 1.82 59.00 -21.15
CA LEU E 245 1.08 60.05 -21.86
C LEU E 245 -0.10 60.46 -21.00
N GLU E 246 -0.02 61.64 -20.40
CA GLU E 246 -1.08 62.15 -19.53
C GLU E 246 -2.21 62.69 -20.40
N VAL E 247 -3.21 61.84 -20.63
CA VAL E 247 -4.37 62.24 -21.42
C VAL E 247 -5.29 63.09 -20.56
N ASN E 248 -5.68 64.25 -21.09
CA ASN E 248 -6.55 65.19 -20.38
C ASN E 248 -7.91 65.31 -21.05
N HIS E 249 -7.95 65.60 -22.34
CA HIS E 249 -9.21 65.77 -23.05
C HIS E 249 -9.77 64.41 -23.45
N ILE E 250 -11.04 64.18 -23.13
CA ILE E 250 -11.72 62.94 -23.46
C ILE E 250 -12.51 63.17 -24.75
N GLU E 251 -12.08 62.52 -25.83
CA GLU E 251 -12.73 62.67 -27.12
C GLU E 251 -12.64 61.35 -27.87
N GLN E 252 -13.64 61.09 -28.72
CA GLN E 252 -13.71 59.87 -29.53
C GLN E 252 -13.84 60.29 -30.99
N LEU E 253 -12.70 60.50 -31.65
CA LEU E 253 -12.67 60.90 -33.05
C LEU E 253 -11.68 60.08 -33.87
N SER E 254 -11.12 59.01 -33.30
CA SER E 254 -10.17 58.19 -34.05
C SER E 254 -10.89 57.29 -35.05
N LYS E 255 -12.17 57.02 -34.82
CA LYS E 255 -12.94 56.20 -35.76
C LYS E 255 -13.26 56.99 -37.02
N GLU E 256 -13.47 58.29 -36.89
CA GLU E 256 -13.76 59.12 -38.07
C GLU E 256 -12.49 59.48 -38.82
N ILE E 257 -11.32 59.30 -38.20
CA ILE E 257 -10.06 59.64 -38.86
C ILE E 257 -9.60 58.50 -39.76
N GLU E 258 -9.99 57.27 -39.43
CA GLU E 258 -9.53 56.09 -40.15
C GLU E 258 -10.63 55.44 -40.98
N GLU E 259 -11.78 55.13 -40.36
CA GLU E 259 -12.83 54.43 -41.08
C GLU E 259 -13.60 55.36 -42.02
N LEU E 260 -13.88 56.59 -41.58
CA LEU E 260 -14.61 57.55 -42.41
C LEU E 260 -13.66 58.14 -43.44
N GLU E 261 -13.83 57.75 -44.70
CA GLU E 261 -12.99 58.23 -45.78
C GLU E 261 -13.84 58.44 -47.02
N ILE E 262 -13.52 59.49 -47.78
CA ILE E 262 -14.25 59.81 -49.00
C ILE E 262 -13.72 58.94 -50.14
N SER E 263 -14.64 58.31 -50.87
CA SER E 263 -14.30 57.44 -51.99
C SER E 263 -14.79 58.09 -53.28
N PRO E 264 -13.91 58.78 -54.00
CA PRO E 264 -14.34 59.41 -55.27
C PRO E 264 -14.45 58.42 -56.43
N GLU E 265 -13.98 57.18 -56.26
CA GLU E 265 -14.07 56.18 -57.31
C GLU E 265 -15.40 55.41 -57.28
N ASP E 266 -16.36 55.84 -56.46
CA ASP E 266 -17.65 55.16 -56.42
C ASP E 266 -18.46 55.44 -57.67
N GLU E 267 -18.25 56.59 -58.30
CA GLU E 267 -18.90 56.89 -59.58
C GLU E 267 -18.30 56.04 -60.69
N GLN E 268 -16.99 55.77 -60.62
CA GLN E 268 -16.37 54.89 -61.60
C GLN E 268 -16.65 53.43 -61.29
N LYS E 269 -17.01 53.11 -60.04
CA LYS E 269 -17.34 51.74 -59.69
C LYS E 269 -18.71 51.34 -60.18
N ILE E 270 -19.57 52.31 -60.49
CA ILE E 270 -20.89 52.00 -61.04
C ILE E 270 -20.78 51.54 -62.48
N ARG E 271 -19.76 52.01 -63.20
CA ARG E 271 -19.56 51.55 -64.58
C ARG E 271 -18.96 50.16 -64.61
N GLU E 272 -18.11 49.84 -63.63
CA GLU E 272 -17.51 48.51 -63.58
C GLU E 272 -18.50 47.46 -63.09
N LEU E 273 -19.40 47.83 -62.17
CA LEU E 273 -20.38 46.88 -61.66
C LEU E 273 -21.55 46.66 -62.61
N ALA E 274 -21.74 47.55 -63.58
CA ALA E 274 -22.83 47.39 -64.54
C ALA E 274 -22.52 46.36 -65.61
N LYS E 275 -21.25 45.99 -65.77
CA LYS E 275 -20.86 45.00 -66.78
C LYS E 275 -21.07 43.60 -66.23
N ARG E 276 -20.69 42.59 -67.02
CA ARG E 276 -20.84 41.20 -66.64
C ARG E 276 -19.54 40.66 -66.08
N LYS E 277 -19.67 39.53 -65.35
CA LYS E 277 -18.56 38.81 -64.70
C LYS E 277 -17.81 39.71 -63.72
N ASP E 278 -18.55 40.51 -62.96
CA ASP E 278 -17.93 41.40 -61.98
C ASP E 278 -17.46 40.65 -60.75
N ILE E 279 -18.13 39.54 -60.41
CA ILE E 279 -17.72 38.75 -59.25
C ILE E 279 -16.47 37.94 -59.57
N VAL E 280 -16.38 37.46 -60.81
CA VAL E 280 -15.19 36.71 -61.23
C VAL E 280 -13.99 37.62 -61.48
N ASP E 281 -14.23 38.89 -61.78
CA ASP E 281 -13.12 39.82 -61.97
C ASP E 281 -12.50 40.22 -60.64
N ALA E 282 -13.32 40.33 -59.59
CA ALA E 282 -12.79 40.67 -58.28
C ALA E 282 -12.08 39.49 -57.62
N ILE E 283 -12.47 38.26 -57.99
CA ILE E 283 -11.81 37.09 -57.42
C ILE E 283 -10.44 36.89 -58.05
N VAL E 284 -10.29 37.25 -59.33
CA VAL E 284 -9.00 37.14 -60.00
C VAL E 284 -8.06 38.26 -59.64
N ASP E 285 -8.57 39.37 -59.11
CA ASP E 285 -7.74 40.51 -58.73
C ASP E 285 -7.33 40.50 -57.27
N SER E 286 -8.17 39.98 -56.38
CA SER E 286 -7.85 39.91 -54.96
C SER E 286 -6.91 38.76 -54.61
N ILE E 287 -6.69 37.84 -55.53
CA ILE E 287 -5.79 36.71 -55.31
C ILE E 287 -4.65 36.77 -56.31
N ALA E 288 -3.52 36.17 -55.95
CA ALA E 288 -2.35 36.16 -56.81
C ALA E 288 -2.57 35.20 -57.97
N PRO E 289 -2.23 35.61 -59.20
CA PRO E 289 -2.41 34.70 -60.35
C PRO E 289 -1.35 33.62 -60.45
N ALA E 290 -0.27 33.73 -59.68
CA ALA E 290 0.74 32.67 -59.66
C ALA E 290 0.21 31.43 -58.96
N ILE E 291 -0.55 31.62 -57.88
CA ILE E 291 -1.18 30.49 -57.20
C ILE E 291 -2.40 30.06 -58.01
N TRP E 292 -2.33 28.87 -58.60
CA TRP E 292 -3.41 28.38 -59.44
C TRP E 292 -3.71 26.93 -59.08
N GLY E 293 -4.84 26.44 -59.57
CA GLY E 293 -5.28 25.08 -59.30
C GLY E 293 -6.59 24.99 -58.54
N HIS E 294 -7.13 26.10 -58.04
CA HIS E 294 -8.38 26.09 -57.29
C HIS E 294 -9.18 27.33 -57.66
N ARG E 295 -10.41 27.12 -58.15
CA ARG E 295 -11.29 28.21 -58.53
C ARG E 295 -12.46 28.37 -57.58
N ILE E 296 -13.14 27.28 -57.24
CA ILE E 296 -14.26 27.36 -56.29
C ILE E 296 -13.77 27.49 -54.87
N VAL E 297 -12.55 27.04 -54.57
CA VAL E 297 -12.00 27.18 -53.22
C VAL E 297 -11.60 28.61 -52.95
N LYS E 298 -11.06 29.29 -53.97
CA LYS E 298 -10.69 30.70 -53.81
C LYS E 298 -11.91 31.60 -53.90
N LYS E 299 -13.00 31.12 -54.48
CA LYS E 299 -14.21 31.92 -54.56
C LYS E 299 -14.91 32.04 -53.21
N GLY E 300 -14.74 31.03 -52.35
CA GLY E 300 -15.32 31.11 -51.01
C GLY E 300 -14.58 32.08 -50.12
N ILE E 301 -13.27 32.21 -50.30
CA ILE E 301 -12.49 33.17 -49.53
C ILE E 301 -12.69 34.58 -50.06
N ALA E 302 -12.95 34.70 -51.37
CA ALA E 302 -13.20 36.01 -51.95
C ALA E 302 -14.59 36.52 -51.57
N LEU E 303 -15.55 35.61 -51.43
CA LEU E 303 -16.90 36.01 -51.00
C LEU E 303 -16.94 36.33 -49.51
N ALA E 304 -15.99 35.77 -48.74
CA ALA E 304 -15.95 36.03 -47.31
C ALA E 304 -15.33 37.38 -46.96
N LEU E 305 -14.76 38.09 -47.93
CA LEU E 305 -14.20 39.41 -47.66
C LEU E 305 -15.28 40.46 -47.47
N PHE E 306 -16.49 40.22 -47.99
CA PHE E 306 -17.61 41.14 -47.82
C PHE E 306 -18.61 40.50 -46.86
N GLY E 307 -19.01 41.26 -45.84
CA GLY E 307 -19.92 40.75 -44.84
C GLY E 307 -21.36 40.77 -45.31
N GLY E 308 -22.24 40.39 -44.40
CA GLY E 308 -23.67 40.35 -44.69
C GLY E 308 -24.43 41.52 -44.12
N VAL E 309 -25.64 41.27 -43.63
CA VAL E 309 -26.49 42.30 -43.04
C VAL E 309 -26.70 41.95 -41.58
N GLN E 310 -26.19 42.79 -40.69
CA GLN E 310 -26.30 42.60 -39.24
C GLN E 310 -27.24 43.68 -38.71
N ARG E 311 -28.49 43.30 -38.47
CA ARG E 311 -29.51 44.21 -37.96
C ARG E 311 -29.97 43.76 -36.58
N THR E 312 -30.42 44.72 -35.78
CA THR E 312 -30.89 44.44 -34.43
C THR E 312 -32.38 44.13 -34.44
N LEU E 313 -32.81 43.35 -33.46
CA LEU E 313 -34.21 42.98 -33.30
C LEU E 313 -34.55 43.00 -31.81
N PRO E 314 -35.82 42.79 -31.46
CA PRO E 314 -36.20 42.84 -30.05
C PRO E 314 -35.79 41.56 -29.32
N ASP E 315 -35.77 41.66 -27.98
CA ASP E 315 -35.46 40.58 -27.05
C ASP E 315 -34.05 40.00 -27.28
N GLY E 316 -33.12 40.83 -27.74
CA GLY E 316 -31.75 40.39 -27.95
C GLY E 316 -31.57 39.43 -29.10
N THR E 317 -32.40 39.54 -30.13
CA THR E 317 -32.33 38.67 -31.30
C THR E 317 -31.39 39.28 -32.34
N LYS E 318 -30.43 38.48 -32.80
CA LYS E 318 -29.47 38.94 -33.81
C LYS E 318 -28.98 37.73 -34.59
N LEU E 319 -28.42 38.01 -35.77
CA LEU E 319 -27.90 36.97 -36.64
C LEU E 319 -26.62 37.49 -37.29
N ARG E 320 -25.51 36.79 -37.06
CA ARG E 320 -24.24 37.19 -37.64
C ARG E 320 -24.16 36.82 -39.11
N GLY E 321 -23.53 37.68 -39.89
CA GLY E 321 -23.38 37.45 -41.32
C GLY E 321 -21.93 37.33 -41.75
N GLU E 322 -21.06 36.94 -40.82
CA GLU E 322 -19.64 36.78 -41.10
C GLU E 322 -19.35 35.30 -41.34
N SER E 323 -18.94 34.97 -42.56
CA SER E 323 -18.63 33.59 -42.93
C SER E 323 -17.16 33.32 -42.65
N HIS E 324 -16.88 32.34 -41.81
CA HIS E 324 -15.53 31.97 -41.42
C HIS E 324 -15.08 30.78 -42.25
N VAL E 325 -14.02 30.97 -43.04
CA VAL E 325 -13.46 29.92 -43.88
C VAL E 325 -12.23 29.35 -43.18
N LEU E 326 -12.24 28.04 -42.95
CA LEU E 326 -11.14 27.35 -42.28
C LEU E 326 -10.74 26.14 -43.10
N LEU E 327 -9.44 26.00 -43.36
CA LEU E 327 -8.90 24.90 -44.13
C LEU E 327 -8.00 24.04 -43.24
N VAL E 328 -8.26 22.73 -43.24
CA VAL E 328 -7.49 21.79 -42.45
C VAL E 328 -7.02 20.65 -43.35
N GLY E 329 -5.93 20.03 -42.96
CA GLY E 329 -5.36 18.94 -43.74
C GLY E 329 -4.66 19.38 -45.00
N ASP E 330 -4.08 20.59 -45.00
CA ASP E 330 -3.40 21.09 -46.18
C ASP E 330 -2.01 20.46 -46.30
N PRO E 331 -1.34 20.66 -47.43
CA PRO E 331 -0.01 20.08 -47.62
C PRO E 331 1.07 20.91 -46.92
N GLY E 332 2.31 20.46 -47.09
CA GLY E 332 3.42 21.18 -46.49
C GLY E 332 3.71 22.49 -47.18
N VAL E 333 3.77 22.47 -48.51
CA VAL E 333 3.95 23.66 -49.33
C VAL E 333 2.61 23.93 -50.01
N ALA E 334 1.78 24.75 -49.38
CA ALA E 334 0.45 25.05 -49.87
C ALA E 334 0.35 26.50 -50.29
N LYS E 335 -0.49 26.77 -51.29
CA LYS E 335 -0.70 28.13 -51.76
C LYS E 335 -1.65 28.93 -50.88
N SER E 336 -2.30 28.30 -49.90
CA SER E 336 -3.21 29.02 -49.03
C SER E 336 -2.44 29.91 -48.05
N GLN E 337 -1.19 29.53 -47.73
CA GLN E 337 -0.37 30.38 -46.88
C GLN E 337 0.09 31.62 -47.63
N LEU E 338 0.37 31.49 -48.92
CA LEU E 338 0.70 32.65 -49.73
C LEU E 338 -0.56 33.47 -50.04
N LEU E 339 -1.73 32.81 -50.08
CA LEU E 339 -2.97 33.53 -50.28
C LEU E 339 -3.44 34.20 -49.00
N ARG E 340 -2.89 33.78 -47.85
CA ARG E 340 -3.21 34.43 -46.60
C ARG E 340 -2.61 35.83 -46.52
N TYR E 341 -1.47 36.04 -47.19
CA TYR E 341 -0.94 37.38 -47.32
C TYR E 341 -1.77 38.22 -48.29
N VAL E 342 -2.39 37.57 -49.27
CA VAL E 342 -3.30 38.26 -50.17
C VAL E 342 -4.68 38.42 -49.54
N ALA E 343 -4.95 37.68 -48.46
CA ALA E 343 -6.23 37.80 -47.75
C ALA E 343 -6.28 39.02 -46.85
N ASN E 344 -5.16 39.74 -46.69
CA ASN E 344 -5.12 40.95 -45.87
C ASN E 344 -5.61 42.19 -46.61
N LEU E 345 -6.17 42.04 -47.82
CA LEU E 345 -6.67 43.19 -48.55
C LEU E 345 -7.98 43.70 -47.98
N ALA E 346 -8.67 42.88 -47.18
CA ALA E 346 -9.90 43.32 -46.53
C ALA E 346 -9.57 44.32 -45.42
N PRO E 347 -10.48 45.23 -45.11
CA PRO E 347 -10.19 46.26 -44.11
C PRO E 347 -10.25 45.70 -42.70
N ARG E 348 -9.47 46.35 -41.81
CA ARG E 348 -9.36 46.02 -40.38
C ARG E 348 -8.95 44.58 -40.16
N ALA E 349 -7.97 44.12 -40.93
CA ALA E 349 -7.47 42.76 -40.84
C ALA E 349 -6.12 42.73 -40.14
N ILE E 350 -5.85 41.64 -39.44
CA ILE E 350 -4.60 41.44 -38.71
C ILE E 350 -4.04 40.08 -39.09
N TYR E 351 -2.89 40.07 -39.75
CA TYR E 351 -2.24 38.83 -40.20
C TYR E 351 -1.28 38.37 -39.11
N THR E 352 -1.78 37.55 -38.19
CA THR E 352 -0.99 37.00 -37.10
C THR E 352 -1.35 35.53 -36.94
N SER E 353 -0.40 34.74 -36.43
CA SER E 353 -0.62 33.32 -36.26
C SER E 353 -1.47 33.05 -35.02
N GLY E 354 -1.78 31.78 -34.81
CA GLY E 354 -2.54 31.39 -33.63
C GLY E 354 -1.76 31.54 -32.34
N LYS E 355 -0.47 31.26 -32.40
CA LYS E 355 0.44 31.52 -31.27
C LYS E 355 0.75 33.02 -31.27
N SER E 356 0.03 33.76 -30.43
CA SER E 356 0.15 35.22 -30.40
C SER E 356 1.37 35.72 -29.64
N SER E 357 2.15 34.80 -29.03
CA SER E 357 3.36 35.11 -28.26
C SER E 357 3.07 36.07 -27.11
N SER E 358 1.94 35.85 -26.43
CA SER E 358 1.54 36.69 -25.31
C SER E 358 0.68 35.85 -24.37
N ALA E 359 0.47 36.39 -23.16
CA ALA E 359 -0.36 35.71 -22.17
C ALA E 359 -1.84 35.78 -22.52
N ALA E 360 -2.26 36.78 -23.29
CA ALA E 360 -3.66 36.90 -23.65
C ALA E 360 -4.05 35.94 -24.76
N GLY E 361 -3.21 35.82 -25.78
CA GLY E 361 -3.50 34.93 -26.90
C GLY E 361 -4.40 35.60 -27.93
N LEU E 362 -5.20 34.76 -28.58
CA LEU E 362 -6.14 35.26 -29.58
C LEU E 362 -7.33 35.96 -28.91
N THR E 363 -7.82 35.40 -27.81
CA THR E 363 -8.93 36.00 -27.09
C THR E 363 -8.42 36.94 -26.00
N ALA E 364 -9.36 37.58 -25.31
CA ALA E 364 -9.01 38.49 -24.24
C ALA E 364 -8.76 37.73 -22.94
N ALA E 365 -7.79 38.22 -22.17
CA ALA E 365 -7.43 37.60 -20.90
C ALA E 365 -6.81 38.66 -20.00
N ALA E 366 -6.63 38.28 -18.74
CA ALA E 366 -6.03 39.16 -17.74
C ALA E 366 -4.55 38.84 -17.61
N VAL E 367 -3.70 39.84 -17.82
CA VAL E 367 -2.25 39.68 -17.74
C VAL E 367 -1.72 40.65 -16.69
N ARG E 368 -0.73 40.19 -15.93
CA ARG E 368 -0.12 41.04 -14.91
C ARG E 368 0.82 42.05 -15.56
N ASP E 369 0.77 43.29 -15.08
CA ASP E 369 1.58 44.38 -15.60
C ASP E 369 2.69 44.72 -14.61
N GLU E 370 3.86 45.07 -15.12
CA GLU E 370 4.99 45.41 -14.26
C GLU E 370 5.06 46.91 -13.95
N PHE E 371 4.50 47.75 -14.83
CA PHE E 371 4.50 49.19 -14.56
C PHE E 371 3.47 49.55 -13.51
N THR E 372 2.25 49.03 -13.65
CA THR E 372 1.18 49.23 -12.67
C THR E 372 0.87 47.91 -12.03
N GLY E 373 0.87 47.88 -10.69
CA GLY E 373 0.65 46.64 -9.96
C GLY E 373 -0.79 46.17 -9.97
N SER E 374 -1.74 47.03 -10.36
CA SER E 374 -3.14 46.64 -10.40
C SER E 374 -3.40 45.70 -11.57
N TRP E 375 -4.50 44.97 -11.46
CA TRP E 375 -4.87 43.99 -12.48
C TRP E 375 -5.46 44.69 -13.69
N VAL E 376 -4.97 44.33 -14.88
CA VAL E 376 -5.44 44.89 -16.14
C VAL E 376 -6.00 43.77 -17.00
N LEU E 377 -6.78 44.14 -18.00
CA LEU E 377 -7.40 43.20 -18.92
C LEU E 377 -6.85 43.46 -20.32
N GLU E 378 -6.16 42.47 -20.87
CA GLU E 378 -5.56 42.59 -22.20
C GLU E 378 -6.57 42.18 -23.27
N ALA E 379 -6.23 42.50 -24.52
CA ALA E 379 -7.07 42.19 -25.66
C ALA E 379 -6.22 41.56 -26.75
N GLY E 380 -6.71 40.46 -27.32
CA GLY E 380 -6.00 39.73 -28.35
C GLY E 380 -6.37 40.21 -29.75
N VAL E 381 -6.15 39.33 -30.71
CA VAL E 381 -6.44 39.66 -32.10
C VAL E 381 -7.92 39.57 -32.40
N LEU E 382 -8.69 38.82 -31.61
CA LEU E 382 -10.12 38.67 -31.84
C LEU E 382 -10.94 39.83 -31.29
N VAL E 383 -10.35 40.69 -30.46
CA VAL E 383 -11.04 41.81 -29.86
C VAL E 383 -10.65 43.13 -30.52
N LEU E 384 -9.36 43.29 -30.84
CA LEU E 384 -8.89 44.54 -31.43
C LEU E 384 -9.29 44.66 -32.90
N ALA E 385 -9.60 43.54 -33.55
CA ALA E 385 -10.02 43.53 -34.95
C ALA E 385 -11.53 43.41 -35.10
N ASP E 386 -12.30 44.02 -34.20
CA ASP E 386 -13.75 43.96 -34.28
C ASP E 386 -14.26 44.81 -35.43
N GLY E 387 -15.28 44.30 -36.13
CA GLY E 387 -15.83 44.96 -37.28
C GLY E 387 -15.10 44.68 -38.58
N GLY E 388 -14.05 43.87 -38.56
CA GLY E 388 -13.32 43.55 -39.77
C GLY E 388 -13.03 42.08 -39.92
N PHE E 389 -11.75 41.72 -40.11
CA PHE E 389 -11.34 40.34 -40.26
C PHE E 389 -10.15 40.06 -39.35
N ALA E 390 -9.85 38.77 -39.19
CA ALA E 390 -8.70 38.35 -38.38
C ALA E 390 -8.18 37.03 -38.97
N LEU E 391 -7.16 37.14 -39.81
CA LEU E 391 -6.58 35.96 -40.45
C LEU E 391 -5.60 35.28 -39.51
N ILE E 392 -5.70 33.96 -39.41
CA ILE E 392 -4.83 33.16 -38.56
C ILE E 392 -4.08 32.18 -39.45
N ASP E 393 -2.75 32.21 -39.39
CA ASP E 393 -1.94 31.31 -40.21
C ASP E 393 -1.94 29.90 -39.67
N GLU E 394 -2.02 29.73 -38.35
CA GLU E 394 -2.04 28.42 -37.70
C GLU E 394 -3.25 28.37 -36.77
N PHE E 395 -4.37 27.86 -37.31
CA PHE E 395 -5.59 27.77 -36.52
C PHE E 395 -5.51 26.63 -35.51
N ASP E 396 -4.73 25.59 -35.83
CA ASP E 396 -4.61 24.47 -34.91
C ASP E 396 -3.70 24.80 -33.74
N LYS E 397 -2.64 25.57 -33.99
CA LYS E 397 -1.71 25.94 -32.93
C LYS E 397 -2.32 27.05 -32.08
N MET E 398 -2.81 26.67 -30.90
CA MET E 398 -3.44 27.62 -29.99
C MET E 398 -3.32 27.10 -28.57
N SER E 399 -3.38 28.02 -27.60
CA SER E 399 -3.28 27.63 -26.20
C SER E 399 -4.59 27.00 -25.73
N ASP E 400 -4.51 26.26 -24.62
CA ASP E 400 -5.70 25.62 -24.06
C ASP E 400 -6.62 26.64 -23.41
N ARG E 401 -6.05 27.72 -22.87
CA ARG E 401 -6.86 28.77 -22.28
C ARG E 401 -7.57 29.59 -23.35
N ASP E 402 -6.92 29.77 -24.50
CA ASP E 402 -7.54 30.49 -25.61
C ASP E 402 -8.60 29.65 -26.31
N ARG E 403 -8.46 28.32 -26.24
CA ARG E 403 -9.45 27.44 -26.85
C ARG E 403 -10.76 27.39 -26.06
N SER E 404 -10.71 27.70 -24.76
CA SER E 404 -11.92 27.71 -23.95
C SER E 404 -12.80 28.93 -24.23
N ALA E 405 -12.22 30.00 -24.76
CA ALA E 405 -12.97 31.19 -25.11
C ALA E 405 -13.26 31.32 -26.61
N ILE E 406 -12.65 30.47 -27.44
CA ILE E 406 -12.88 30.54 -28.87
C ILE E 406 -14.24 29.96 -29.25
N HIS E 407 -14.82 29.12 -28.40
CA HIS E 407 -16.15 28.56 -28.68
C HIS E 407 -17.25 29.60 -28.52
N GLU E 408 -17.03 30.64 -27.71
CA GLU E 408 -18.00 31.71 -27.53
C GLU E 408 -17.67 32.96 -28.32
N ALA E 409 -16.41 33.11 -28.75
CA ALA E 409 -16.02 34.30 -29.49
C ALA E 409 -16.55 34.26 -30.93
N LEU E 410 -16.56 33.08 -31.54
CA LEU E 410 -17.04 32.93 -32.90
C LEU E 410 -18.53 32.62 -32.99
N GLU E 411 -19.19 32.31 -31.87
CA GLU E 411 -20.60 31.97 -31.86
C GLU E 411 -21.46 33.08 -31.28
N GLN E 412 -21.15 33.55 -30.08
CA GLN E 412 -21.95 34.58 -29.41
C GLN E 412 -21.45 35.98 -29.70
N GLN E 413 -20.44 36.13 -30.57
CA GLN E 413 -19.84 37.41 -30.97
C GLN E 413 -19.31 38.21 -29.78
N THR E 414 -18.79 37.52 -28.77
CA THR E 414 -18.25 38.15 -27.59
C THR E 414 -17.22 37.23 -26.96
N ILE E 415 -16.15 37.82 -26.42
CA ILE E 415 -15.10 37.02 -25.80
C ILE E 415 -15.56 36.46 -24.46
N SER E 416 -16.43 37.20 -23.75
CA SER E 416 -17.01 36.82 -22.46
C SER E 416 -15.93 36.54 -21.41
N ILE E 417 -14.99 37.48 -21.28
CA ILE E 417 -13.91 37.34 -20.32
C ILE E 417 -14.46 37.65 -18.93
N SER E 418 -14.48 36.63 -18.06
CA SER E 418 -14.97 36.79 -16.70
C SER E 418 -14.03 36.25 -15.65
N LYS E 419 -12.82 35.81 -16.02
CA LYS E 419 -11.87 35.30 -15.05
C LYS E 419 -11.19 36.42 -14.28
N ALA E 420 -11.22 37.64 -14.82
CA ALA E 420 -10.59 38.77 -14.15
C ALA E 420 -11.41 39.32 -13.00
N GLY E 421 -12.67 38.91 -12.85
CA GLY E 421 -13.54 39.38 -11.80
C GLY E 421 -14.38 40.59 -12.16
N ILE E 422 -14.00 41.33 -13.20
CA ILE E 422 -14.78 42.49 -13.61
C ILE E 422 -15.87 42.16 -14.62
N THR E 423 -15.75 41.02 -15.31
CA THR E 423 -16.69 40.54 -16.35
C THR E 423 -16.88 41.59 -17.45
N ALA E 424 -15.79 41.86 -18.16
CA ALA E 424 -15.79 42.90 -19.18
C ALA E 424 -16.62 42.51 -20.41
N THR E 425 -16.49 41.26 -20.85
CA THR E 425 -17.19 40.67 -22.01
C THR E 425 -16.96 41.49 -23.28
N LEU E 426 -15.70 41.49 -23.72
CA LEU E 426 -15.32 42.23 -24.92
C LEU E 426 -15.90 41.58 -26.16
N ASN E 427 -16.29 42.42 -27.13
CA ASN E 427 -16.91 41.93 -28.35
C ASN E 427 -15.87 41.31 -29.27
N SER E 428 -16.24 40.20 -29.91
CA SER E 428 -15.37 39.49 -30.85
C SER E 428 -16.17 39.27 -32.13
N ARG E 429 -16.13 40.25 -33.02
CA ARG E 429 -16.82 40.20 -34.31
C ARG E 429 -15.78 40.36 -35.41
N THR E 430 -15.21 39.25 -35.85
CA THR E 430 -14.18 39.25 -36.89
C THR E 430 -14.39 38.05 -37.79
N THR E 431 -14.51 38.30 -39.09
CA THR E 431 -14.64 37.24 -40.08
C THR E 431 -13.27 36.58 -40.25
N VAL E 432 -13.07 35.47 -39.55
CA VAL E 432 -11.76 34.82 -39.49
C VAL E 432 -11.62 33.88 -40.67
N ILE E 433 -10.73 34.22 -41.61
CA ILE E 433 -10.36 33.32 -42.69
C ILE E 433 -9.02 32.68 -42.33
N ALA E 434 -9.07 31.52 -41.69
CA ALA E 434 -7.90 30.89 -41.11
C ALA E 434 -7.55 29.61 -41.87
N ALA E 435 -6.45 28.99 -41.45
CA ALA E 435 -5.99 27.73 -42.01
C ALA E 435 -5.20 26.99 -40.94
N ALA E 436 -5.19 25.66 -41.05
CA ALA E 436 -4.52 24.83 -40.06
C ALA E 436 -3.81 23.69 -40.76
N ASN E 437 -2.53 23.50 -40.44
CA ASN E 437 -1.76 22.40 -41.01
C ASN E 437 -2.09 21.10 -40.28
N PRO E 438 -1.97 19.97 -40.98
CA PRO E 438 -2.27 18.68 -40.33
C PRO E 438 -1.14 18.23 -39.43
N LYS E 439 -1.48 17.33 -38.50
CA LYS E 439 -0.48 16.80 -37.58
C LYS E 439 0.43 15.79 -38.25
N PHE E 440 -0.07 15.10 -39.28
CA PHE E 440 0.73 14.12 -40.01
C PHE E 440 1.38 14.78 -41.22
N GLY E 441 2.28 14.03 -41.87
CA GLY E 441 2.98 14.53 -43.04
C GLY E 441 2.14 14.53 -44.30
N ARG E 442 1.13 13.67 -44.38
CA ARG E 442 0.27 13.58 -45.55
C ARG E 442 -1.19 13.54 -45.11
N PHE E 443 -2.07 13.92 -46.03
CA PHE E 443 -3.51 13.94 -45.78
C PHE E 443 -4.18 12.82 -46.56
N ASN E 444 -5.18 12.19 -45.94
CA ASN E 444 -5.91 11.09 -46.55
C ASN E 444 -7.40 11.36 -46.48
N ARG E 445 -8.13 10.77 -47.44
CA ARG E 445 -9.58 10.95 -47.48
C ARG E 445 -10.32 10.03 -46.52
N HIS E 446 -9.64 9.05 -45.93
CA HIS E 446 -10.29 8.15 -45.00
C HIS E 446 -10.53 8.81 -43.65
N LYS E 447 -9.55 9.58 -43.17
CA LYS E 447 -9.69 10.27 -41.89
C LYS E 447 -10.58 11.49 -42.03
N SER E 448 -11.32 11.78 -40.96
CA SER E 448 -12.23 12.91 -40.95
C SER E 448 -11.48 14.20 -40.63
N LEU E 449 -12.21 15.31 -40.64
CA LEU E 449 -11.60 16.61 -40.33
C LEU E 449 -11.29 16.76 -38.85
N PRO E 450 -12.10 16.24 -37.93
CA PRO E 450 -11.76 16.37 -36.50
C PRO E 450 -10.65 15.44 -36.06
N GLU E 451 -10.50 14.28 -36.72
CA GLU E 451 -9.44 13.36 -36.34
C GLU E 451 -8.08 13.84 -36.85
N GLN E 452 -8.07 14.56 -37.97
CA GLN E 452 -6.84 15.08 -38.55
C GLN E 452 -6.53 16.51 -38.11
N LEU E 453 -7.04 16.93 -36.95
CA LEU E 453 -6.80 18.27 -36.45
C LEU E 453 -6.72 18.23 -34.94
N ASP E 454 -6.04 19.22 -34.36
CA ASP E 454 -5.89 19.30 -32.92
C ASP E 454 -7.05 20.04 -32.25
N LEU E 455 -7.80 20.82 -33.02
CA LEU E 455 -8.91 21.57 -32.45
C LEU E 455 -10.11 20.66 -32.21
N PRO E 456 -11.09 21.12 -31.44
CA PRO E 456 -12.26 20.28 -31.17
C PRO E 456 -13.22 20.31 -32.34
N PRO E 457 -14.24 19.44 -32.33
CA PRO E 457 -15.19 19.42 -33.46
C PRO E 457 -16.24 20.51 -33.40
N THR E 458 -16.35 21.23 -32.27
CA THR E 458 -17.33 22.30 -32.18
C THR E 458 -16.92 23.52 -32.99
N LEU E 459 -15.62 23.72 -33.19
CA LEU E 459 -15.14 24.86 -33.98
C LEU E 459 -15.21 24.60 -35.48
N LEU E 460 -15.25 23.34 -35.90
CA LEU E 460 -15.32 23.03 -37.32
C LEU E 460 -16.73 23.18 -37.87
N SER E 461 -17.75 22.93 -37.04
CA SER E 461 -19.12 23.06 -37.50
C SER E 461 -19.56 24.53 -37.53
N ARG E 462 -18.86 25.38 -36.78
CA ARG E 462 -19.21 26.80 -36.76
C ARG E 462 -18.75 27.50 -38.04
N PHE E 463 -17.79 26.92 -38.75
CA PHE E 463 -17.31 27.51 -39.99
C PHE E 463 -18.33 27.32 -41.10
N ASP E 464 -18.61 28.39 -41.85
CA ASP E 464 -19.59 28.31 -42.92
C ASP E 464 -19.04 27.55 -44.13
N LEU E 465 -17.75 27.65 -44.39
CA LEU E 465 -17.13 26.98 -45.52
C LEU E 465 -15.83 26.32 -45.07
N ILE E 466 -15.65 25.06 -45.46
CA ILE E 466 -14.45 24.29 -45.13
C ILE E 466 -13.93 23.66 -46.40
N PHE E 467 -12.71 24.02 -46.79
CA PHE E 467 -12.10 23.53 -48.01
C PHE E 467 -10.82 22.76 -47.69
N LEU E 468 -10.49 21.80 -48.54
CA LEU E 468 -9.27 21.01 -48.40
C LEU E 468 -8.68 20.79 -49.79
N LEU E 469 -7.48 21.33 -50.01
CA LEU E 469 -6.81 21.26 -51.29
C LEU E 469 -5.72 20.19 -51.27
N LEU E 470 -5.56 19.50 -52.40
CA LEU E 470 -4.56 18.47 -52.54
C LEU E 470 -4.22 18.30 -54.02
N ASP E 471 -2.95 18.05 -54.31
CA ASP E 471 -2.47 17.87 -55.67
C ASP E 471 -2.60 16.40 -56.08
N GLU E 472 -2.42 16.16 -57.38
CA GLU E 472 -2.50 14.81 -57.90
C GLU E 472 -1.23 14.04 -57.58
N PRO E 473 -1.33 12.75 -57.27
CA PRO E 473 -0.13 11.97 -56.94
C PRO E 473 0.72 11.65 -58.15
N ASP E 474 0.08 11.33 -59.27
CA ASP E 474 0.80 10.98 -60.48
C ASP E 474 1.39 12.22 -61.13
N GLU E 475 2.64 12.13 -61.56
CA GLU E 475 3.34 13.26 -62.17
C GLU E 475 2.97 13.48 -63.62
N LYS E 476 2.18 12.59 -64.23
CA LYS E 476 1.78 12.77 -65.62
C LYS E 476 0.74 13.88 -65.76
N VAL E 477 -0.07 14.11 -64.73
CA VAL E 477 -1.08 15.14 -64.77
C VAL E 477 -0.81 16.27 -63.78
N ASP E 478 -0.02 16.04 -62.74
CA ASP E 478 0.26 17.08 -61.75
C ASP E 478 1.45 17.93 -62.16
N ALA E 479 2.59 17.28 -62.44
CA ALA E 479 3.82 18.01 -62.76
C ALA E 479 3.77 18.67 -64.13
N SER E 480 2.87 18.25 -65.01
CA SER E 480 2.77 18.85 -66.34
C SER E 480 1.96 20.15 -66.33
N ILE E 481 1.33 20.49 -65.20
CA ILE E 481 0.49 21.68 -65.12
C ILE E 481 0.96 22.57 -63.98
N ALA E 482 1.73 22.01 -63.05
CA ALA E 482 2.22 22.79 -61.91
C ALA E 482 3.39 23.67 -62.32
N GLU E 483 4.45 23.05 -62.85
CA GLU E 483 5.64 23.79 -63.26
C GLU E 483 5.46 24.49 -64.61
N HIS E 484 4.41 24.16 -65.36
CA HIS E 484 4.18 24.82 -66.64
C HIS E 484 3.65 26.24 -66.44
N ILE E 485 2.84 26.45 -65.40
CA ILE E 485 2.31 27.78 -65.12
C ILE E 485 3.19 28.57 -64.14
N LEU E 486 4.35 28.05 -63.77
CA LEU E 486 5.25 28.71 -62.85
C LEU E 486 6.60 29.05 -63.45
N LYS E 487 7.08 28.26 -64.41
CA LYS E 487 8.37 28.54 -65.04
C LYS E 487 8.27 29.70 -66.01
N VAL E 488 7.19 29.77 -66.78
CA VAL E 488 7.01 30.88 -67.72
C VAL E 488 6.41 32.09 -67.01
N ARG E 489 6.00 31.93 -65.75
CA ARG E 489 5.40 33.05 -65.02
C ARG E 489 6.44 34.03 -64.51
N ARG E 490 7.73 33.66 -64.53
CA ARG E 490 8.79 34.53 -64.05
C ARG E 490 8.98 35.71 -65.01
N GLY E 491 8.59 36.90 -64.57
CA GLY E 491 8.68 38.08 -65.42
C GLY E 491 7.65 38.12 -66.53
N GLU E 492 6.42 37.72 -66.22
CA GLU E 492 5.35 37.70 -67.23
C GLU E 492 4.02 37.95 -66.54
N ALA E 493 2.96 37.91 -67.34
CA ALA E 493 1.61 38.16 -66.81
C ALA E 493 1.00 36.93 -66.16
N GLU E 494 1.66 35.77 -66.26
CA GLU E 494 1.10 34.55 -65.67
C GLU E 494 1.20 34.55 -64.16
N ALA E 495 2.17 35.28 -63.61
CA ALA E 495 2.30 35.34 -62.15
C ALA E 495 1.30 36.32 -61.54
N VAL E 496 1.05 37.43 -62.24
CA VAL E 496 0.12 38.46 -61.76
C VAL E 496 -0.57 39.06 -62.97
N THR E 497 -1.90 39.01 -62.99
CA THR E 497 -2.71 39.59 -64.07
C THR E 497 -3.98 40.19 -63.48
N PRO E 498 -3.84 41.15 -62.56
CA PRO E 498 -5.03 41.76 -61.94
C PRO E 498 -5.62 42.83 -62.84
N LYS E 499 -6.92 42.71 -63.13
CA LYS E 499 -7.60 43.72 -63.93
C LYS E 499 -7.82 45.00 -63.12
N ILE E 500 -7.99 44.85 -61.81
CA ILE E 500 -8.15 45.98 -60.90
C ILE E 500 -7.05 45.87 -59.84
N PRO E 501 -6.63 46.97 -59.22
CA PRO E 501 -5.56 46.89 -58.22
C PRO E 501 -6.07 46.35 -56.91
N TYR E 502 -5.12 46.02 -56.03
CA TYR E 502 -5.48 45.51 -54.71
C TYR E 502 -6.01 46.63 -53.82
N ASP E 503 -5.44 47.83 -53.95
CA ASP E 503 -5.95 48.98 -53.20
C ASP E 503 -7.26 49.48 -53.79
N LEU E 504 -7.46 49.29 -55.10
CA LEU E 504 -8.72 49.68 -55.72
C LEU E 504 -9.84 48.72 -55.34
N LEU E 505 -9.52 47.43 -55.20
CA LEU E 505 -10.52 46.46 -54.77
C LEU E 505 -10.83 46.62 -53.29
N LYS E 506 -9.87 47.10 -52.50
CA LYS E 506 -10.12 47.34 -51.08
C LYS E 506 -11.00 48.57 -50.87
N LYS E 507 -10.97 49.52 -51.82
CA LYS E 507 -11.82 50.70 -51.70
C LYS E 507 -13.28 50.35 -52.00
N TYR E 508 -13.51 49.37 -52.88
CA TYR E 508 -14.86 48.94 -53.18
C TYR E 508 -15.46 48.09 -52.07
N ILE E 509 -14.63 47.52 -51.19
CA ILE E 509 -15.14 46.71 -50.09
C ILE E 509 -15.71 47.61 -49.00
N ALA E 510 -15.20 48.83 -48.87
CA ALA E 510 -15.71 49.74 -47.85
C ALA E 510 -17.06 50.33 -48.25
N TYR E 511 -17.30 50.50 -49.54
CA TYR E 511 -18.59 51.05 -49.99
C TYR E 511 -19.68 50.00 -49.98
N ALA E 512 -19.30 48.72 -50.11
CA ALA E 512 -20.29 47.65 -50.16
C ALA E 512 -20.68 47.16 -48.77
N ARG E 513 -19.74 47.23 -47.82
CA ARG E 513 -20.02 46.72 -46.48
C ARG E 513 -20.80 47.73 -45.66
N LYS E 514 -20.52 49.02 -45.83
CA LYS E 514 -21.15 50.05 -45.02
C LYS E 514 -22.43 50.60 -45.64
N ASN E 515 -22.40 50.93 -46.93
CA ASN E 515 -23.55 51.57 -47.56
C ASN E 515 -24.51 50.58 -48.21
N VAL E 516 -23.99 49.57 -48.91
CA VAL E 516 -24.84 48.62 -49.63
C VAL E 516 -25.38 47.60 -48.64
N HIS E 517 -26.66 47.27 -48.78
CA HIS E 517 -27.32 46.28 -47.94
C HIS E 517 -28.35 45.54 -48.79
N PRO E 518 -28.00 44.38 -49.32
CA PRO E 518 -28.94 43.66 -50.20
C PRO E 518 -29.90 42.79 -49.41
N VAL E 519 -30.97 42.39 -50.08
CA VAL E 519 -32.00 41.54 -49.51
C VAL E 519 -32.49 40.58 -50.58
N LEU E 520 -32.71 39.33 -50.20
CA LEU E 520 -33.19 38.32 -51.14
C LEU E 520 -34.71 38.39 -51.26
N SER E 521 -35.22 37.79 -52.34
CA SER E 521 -36.64 37.78 -52.63
C SER E 521 -37.27 36.45 -52.20
N ARG E 522 -38.58 36.34 -52.45
CA ARG E 522 -39.29 35.10 -52.14
C ARG E 522 -38.91 33.98 -53.08
N GLU E 523 -38.59 34.29 -54.34
CA GLU E 523 -38.14 33.26 -55.26
C GLU E 523 -36.72 32.80 -54.93
N ALA E 524 -35.89 33.70 -54.40
CA ALA E 524 -34.55 33.31 -53.97
C ALA E 524 -34.60 32.54 -52.65
N MET E 525 -35.58 32.84 -51.79
CA MET E 525 -35.74 32.07 -50.56
C MET E 525 -36.31 30.69 -50.84
N GLU E 526 -37.09 30.56 -51.92
CA GLU E 526 -37.62 29.25 -52.30
C GLU E 526 -36.55 28.36 -52.92
N GLU E 527 -35.47 28.94 -53.46
CA GLU E 527 -34.39 28.15 -54.01
C GLU E 527 -33.55 27.52 -52.91
N ILE E 528 -33.37 28.24 -51.80
CA ILE E 528 -32.59 27.72 -50.69
C ILE E 528 -33.42 26.75 -49.85
N LYS E 529 -34.75 26.93 -49.83
CA LYS E 529 -35.59 26.06 -49.03
C LYS E 529 -35.85 24.73 -49.72
N ARG E 530 -36.00 24.74 -51.05
CA ARG E 530 -36.27 23.52 -51.77
C ARG E 530 -35.02 22.66 -51.92
N TYR E 531 -33.86 23.30 -52.05
CA TYR E 531 -32.61 22.54 -52.19
C TYR E 531 -32.18 21.91 -50.88
N TYR E 532 -32.53 22.54 -49.76
CA TYR E 532 -32.20 21.96 -48.45
C TYR E 532 -33.16 20.83 -48.11
N VAL E 533 -34.38 20.86 -48.64
CA VAL E 533 -35.36 19.82 -48.36
C VAL E 533 -35.25 18.66 -49.33
N LYS E 534 -34.73 18.88 -50.53
CA LYS E 534 -34.57 17.79 -51.49
C LYS E 534 -33.40 16.89 -51.12
N MET E 535 -32.29 17.49 -50.68
CA MET E 535 -31.13 16.72 -50.24
C MET E 535 -31.36 16.03 -48.90
N ARG E 536 -32.32 16.52 -48.11
CA ARG E 536 -32.61 15.89 -46.82
C ARG E 536 -33.29 14.54 -47.01
N LYS E 537 -34.02 14.37 -48.11
CA LYS E 537 -34.69 13.12 -48.43
C LYS E 537 -33.86 12.22 -49.33
N GLY E 538 -32.83 12.75 -50.00
CA GLY E 538 -31.99 11.92 -50.84
C GLY E 538 -31.03 11.05 -50.04
N LEU E 539 -30.66 11.50 -48.84
CA LEU E 539 -29.76 10.74 -47.97
C LEU E 539 -30.47 10.21 -46.73
N ARG E 540 -31.79 10.32 -46.68
CA ARG E 540 -32.53 9.82 -45.52
C ARG E 540 -32.68 8.30 -45.60
N ARG E 541 -32.49 7.65 -44.46
CA ARG E 541 -32.61 6.20 -44.36
C ARG E 541 -32.96 5.84 -42.92
N GLY E 542 -33.03 4.54 -42.66
CA GLY E 542 -33.30 4.06 -41.32
C GLY E 542 -32.10 3.39 -40.69
N ASP E 543 -31.64 3.92 -39.56
CA ASP E 543 -30.48 3.38 -38.86
C ASP E 543 -30.93 2.34 -37.84
N GLU E 544 -30.31 1.16 -37.89
CA GLU E 544 -30.64 0.09 -36.96
C GLU E 544 -29.98 0.37 -35.62
N ASP E 545 -30.82 0.47 -34.57
CA ASP E 545 -30.40 0.73 -33.19
C ASP E 545 -29.60 2.03 -33.07
N GLY E 546 -30.06 3.05 -33.80
CA GLY E 546 -29.38 4.33 -33.77
C GLY E 546 -30.13 5.36 -34.56
N VAL E 547 -29.51 6.53 -34.72
CA VAL E 547 -30.09 7.66 -35.43
C VAL E 547 -29.40 7.81 -36.78
N GLN E 548 -30.18 8.07 -37.81
CA GLN E 548 -29.62 8.24 -39.14
C GLN E 548 -28.94 9.60 -39.26
N PRO E 549 -27.92 9.72 -40.11
CA PRO E 549 -27.22 11.01 -40.25
C PRO E 549 -28.03 11.98 -41.10
N ILE E 550 -28.17 13.20 -40.61
CA ILE E 550 -28.90 14.23 -41.36
C ILE E 550 -28.01 14.76 -42.48
N PRO E 551 -28.56 15.07 -43.66
CA PRO E 551 -27.70 15.58 -44.74
C PRO E 551 -27.26 17.03 -44.51
N ILE E 552 -28.17 17.88 -44.04
CA ILE E 552 -27.87 19.28 -43.77
C ILE E 552 -28.59 19.67 -42.49
N THR E 553 -27.83 20.14 -41.50
CA THR E 553 -28.38 20.54 -40.21
C THR E 553 -29.03 21.90 -40.31
N ALA E 554 -29.80 22.25 -39.27
CA ALA E 554 -30.45 23.56 -39.24
C ALA E 554 -29.47 24.69 -38.99
N ARG E 555 -28.34 24.42 -38.33
CA ARG E 555 -27.32 25.45 -38.15
C ARG E 555 -26.59 25.72 -39.46
N GLN E 556 -26.47 24.71 -40.32
CA GLN E 556 -25.86 24.90 -41.63
C GLN E 556 -26.79 25.63 -42.60
N LEU E 557 -28.10 25.64 -42.32
CA LEU E 557 -29.02 26.39 -43.16
C LEU E 557 -28.87 27.89 -42.97
N GLU E 558 -28.45 28.32 -41.78
CA GLU E 558 -28.16 29.73 -41.56
C GLU E 558 -26.88 30.16 -42.25
N ALA E 559 -25.94 29.24 -42.49
CA ALA E 559 -24.74 29.55 -43.24
C ALA E 559 -24.98 29.56 -44.74
N LEU E 560 -26.06 28.92 -45.21
CA LEU E 560 -26.38 28.97 -46.63
C LEU E 560 -26.94 30.34 -47.00
N ILE E 561 -27.62 31.01 -46.06
CA ILE E 561 -28.09 32.36 -46.31
C ILE E 561 -26.96 33.37 -46.15
N ARG E 562 -25.92 33.01 -45.39
CA ARG E 562 -24.76 33.89 -45.27
C ARG E 562 -23.93 33.89 -46.54
N LEU E 563 -23.87 32.76 -47.24
CA LEU E 563 -23.18 32.72 -48.52
C LEU E 563 -24.01 33.38 -49.62
N SER E 564 -25.33 33.41 -49.45
CA SER E 564 -26.19 34.10 -50.41
C SER E 564 -26.17 35.60 -50.19
N GLU E 565 -26.07 36.05 -48.94
CA GLU E 565 -25.99 37.47 -48.64
C GLU E 565 -24.63 38.06 -49.01
N ALA E 566 -23.58 37.25 -49.04
CA ALA E 566 -22.26 37.71 -49.47
C ALA E 566 -22.17 37.86 -50.97
N HIS E 567 -22.80 36.96 -51.72
CA HIS E 567 -22.82 37.09 -53.17
C HIS E 567 -23.79 38.17 -53.63
N ALA E 568 -24.79 38.49 -52.80
CA ALA E 568 -25.73 39.57 -53.15
C ALA E 568 -25.12 40.94 -52.90
N ARG E 569 -24.06 41.01 -52.10
CA ARG E 569 -23.38 42.28 -51.88
C ARG E 569 -22.61 42.74 -53.11
N MET E 570 -22.18 41.81 -53.96
CA MET E 570 -21.54 42.14 -55.23
C MET E 570 -22.50 42.15 -56.39
N ARG E 571 -23.80 41.94 -56.14
CA ARG E 571 -24.82 41.94 -57.17
C ARG E 571 -25.57 43.27 -57.25
N LEU E 572 -24.93 44.36 -56.79
CA LEU E 572 -25.43 45.73 -56.79
C LEU E 572 -26.76 45.88 -56.06
N SER E 573 -26.91 45.13 -54.96
CA SER E 573 -28.09 45.16 -54.08
C SER E 573 -29.38 44.84 -54.84
N GLU E 574 -29.36 43.75 -55.60
CA GLU E 574 -30.50 43.33 -56.39
C GLU E 574 -31.55 42.70 -55.46
N THR E 575 -32.83 43.00 -55.72
CA THR E 575 -33.89 42.42 -54.91
C THR E 575 -34.10 40.95 -55.25
N VAL E 576 -34.10 40.62 -56.53
CA VAL E 576 -34.25 39.24 -56.98
C VAL E 576 -32.86 38.61 -56.99
N THR E 577 -32.53 37.89 -55.91
CA THR E 577 -31.23 37.26 -55.76
C THR E 577 -31.22 35.80 -56.19
N ARG E 578 -32.03 35.43 -57.18
CA ARG E 578 -32.08 34.04 -57.63
C ARG E 578 -30.85 33.68 -58.45
N GLU E 579 -30.18 34.68 -59.03
CA GLU E 579 -28.98 34.42 -59.81
C GLU E 579 -27.79 34.09 -58.91
N ASP E 580 -27.75 34.70 -57.72
CA ASP E 580 -26.66 34.46 -56.78
C ASP E 580 -26.94 33.33 -55.80
N ALA E 581 -28.21 32.95 -55.63
CA ALA E 581 -28.54 31.88 -54.70
C ALA E 581 -28.19 30.51 -55.25
N ARG E 582 -28.09 30.37 -56.58
CA ARG E 582 -27.72 29.08 -57.16
C ARG E 582 -26.25 28.79 -56.96
N ALA E 583 -25.40 29.81 -57.12
CA ALA E 583 -23.97 29.62 -56.90
C ALA E 583 -23.62 29.56 -55.42
N ALA E 584 -24.46 30.09 -54.54
CA ALA E 584 -24.19 30.02 -53.11
C ALA E 584 -24.44 28.62 -52.57
N ILE E 585 -25.49 27.95 -53.07
CA ILE E 585 -25.75 26.58 -52.65
C ILE E 585 -24.80 25.61 -53.34
N GLU E 586 -24.33 25.95 -54.55
CA GLU E 586 -23.38 25.09 -55.24
C GLU E 586 -22.00 25.16 -54.62
N ILE E 587 -21.66 26.30 -54.00
CA ILE E 587 -20.38 26.43 -53.31
C ILE E 587 -20.41 25.63 -52.00
N ILE E 588 -21.58 25.56 -51.36
CA ILE E 588 -21.71 24.75 -50.17
C ILE E 588 -21.82 23.27 -50.52
N GLU E 589 -22.34 22.96 -51.71
CA GLU E 589 -22.43 21.56 -52.13
C GLU E 589 -21.06 21.01 -52.50
N ALA E 590 -20.16 21.88 -52.98
CA ALA E 590 -18.80 21.45 -53.28
C ALA E 590 -18.01 21.18 -52.01
N MET E 591 -18.29 21.92 -50.94
CA MET E 591 -17.65 21.65 -49.66
C MET E 591 -18.26 20.42 -49.00
N MET E 592 -19.56 20.18 -49.22
CA MET E 592 -20.23 19.02 -48.67
C MET E 592 -19.99 17.75 -49.49
N LYS E 593 -19.37 17.86 -50.66
CA LYS E 593 -19.10 16.68 -51.47
C LYS E 593 -17.96 15.87 -50.88
N THR E 594 -17.01 16.53 -50.23
CA THR E 594 -15.86 15.87 -49.61
C THR E 594 -15.93 15.91 -48.09
N ILE E 595 -16.12 17.09 -47.50
CA ILE E 595 -16.21 17.22 -46.05
C ILE E 595 -17.64 16.94 -45.60
N ALA E 596 -17.75 16.29 -44.44
CA ALA E 596 -19.02 15.86 -43.82
C ALA E 596 -19.85 15.01 -44.77
N VAL E 597 -19.18 14.09 -45.47
CA VAL E 597 -19.82 13.18 -46.43
C VAL E 597 -19.43 11.73 -46.15
N ASP E 598 -19.24 11.38 -44.87
CA ASP E 598 -18.73 10.07 -44.45
C ASP E 598 -19.60 8.89 -44.86
N GLU E 599 -20.81 8.80 -44.32
CA GLU E 599 -21.70 7.71 -44.72
C GLU E 599 -22.46 8.08 -45.99
N GLU E 600 -23.37 9.06 -45.89
CA GLU E 600 -23.99 9.66 -47.06
C GLU E 600 -24.39 11.08 -46.68
N GLY E 601 -23.52 12.05 -46.95
CA GLY E 601 -23.72 13.42 -46.51
C GLY E 601 -23.81 13.55 -45.00
N ASN E 602 -23.04 12.74 -44.28
CA ASN E 602 -23.15 12.64 -42.83
C ASN E 602 -22.51 13.87 -42.18
N LEU E 603 -23.36 14.75 -41.65
CA LEU E 603 -22.90 15.95 -40.96
C LEU E 603 -22.53 15.70 -39.50
N ASP E 604 -22.57 14.45 -39.04
CA ASP E 604 -22.19 14.15 -37.67
C ASP E 604 -20.67 14.24 -37.48
N VAL E 605 -19.92 14.07 -38.58
CA VAL E 605 -18.47 14.19 -38.51
C VAL E 605 -18.04 15.65 -38.38
N SER E 606 -18.91 16.59 -38.76
CA SER E 606 -18.58 18.00 -38.59
C SER E 606 -18.99 18.51 -37.21
N ILE E 607 -20.11 18.02 -36.68
CA ILE E 607 -20.59 18.46 -35.38
C ILE E 607 -20.00 17.63 -34.23
N LEU E 608 -19.42 16.48 -34.51
CA LEU E 608 -18.83 15.62 -33.49
C LEU E 608 -17.57 14.98 -34.03
N GLU E 609 -16.71 14.52 -33.11
CA GLU E 609 -15.46 13.90 -33.51
C GLU E 609 -15.69 12.53 -34.14
N VAL E 610 -16.71 11.82 -33.70
CA VAL E 610 -17.06 10.51 -34.25
C VAL E 610 -18.23 10.68 -35.20
N GLY E 611 -18.19 9.95 -36.32
CA GLY E 611 -19.25 10.02 -37.30
C GLY E 611 -20.46 9.19 -36.94
N LYS E 612 -21.37 9.07 -37.90
CA LYS E 612 -22.57 8.27 -37.70
C LYS E 612 -22.24 6.78 -37.73
N SER E 613 -21.52 6.35 -38.76
CA SER E 613 -21.13 4.95 -38.85
C SER E 613 -20.00 4.62 -37.87
N SER E 614 -19.23 5.63 -37.46
CA SER E 614 -18.17 5.40 -36.49
C SER E 614 -18.73 5.19 -35.09
N LYS E 615 -19.88 5.80 -34.79
CA LYS E 615 -20.53 5.60 -33.50
C LYS E 615 -21.48 4.41 -33.51
N LYS E 616 -22.03 4.05 -34.67
CA LYS E 616 -22.90 2.88 -34.75
C LYS E 616 -22.09 1.59 -34.66
N ILE E 617 -20.89 1.59 -35.25
CA ILE E 617 -20.01 0.43 -35.14
C ILE E 617 -19.41 0.34 -33.74
N ASN E 618 -19.22 1.49 -33.08
CA ASN E 618 -18.75 1.48 -31.70
C ASN E 618 -19.85 1.03 -30.76
N LYS E 619 -21.11 1.34 -31.10
CA LYS E 619 -22.24 0.82 -30.34
C LYS E 619 -22.44 -0.67 -30.60
N ILE E 620 -22.12 -1.13 -31.81
CA ILE E 620 -22.15 -2.56 -32.08
C ILE E 620 -20.98 -3.26 -31.41
N GLU E 621 -19.85 -2.57 -31.27
CA GLU E 621 -18.74 -3.13 -30.50
C GLU E 621 -19.02 -3.08 -29.01
N LYS E 622 -19.89 -2.17 -28.57
CA LYS E 622 -20.28 -2.12 -27.16
C LYS E 622 -21.22 -3.27 -26.81
N LEU E 623 -21.95 -3.80 -27.79
CA LEU E 623 -22.81 -4.94 -27.55
C LEU E 623 -22.00 -6.20 -27.35
N VAL E 624 -20.83 -6.30 -28.01
CA VAL E 624 -19.94 -7.43 -27.83
C VAL E 624 -19.01 -7.26 -26.64
N ASP E 625 -18.98 -6.08 -26.02
CA ASP E 625 -18.12 -5.80 -24.89
C ASP E 625 -18.87 -5.76 -23.57
N ILE E 626 -20.05 -5.14 -23.53
CA ILE E 626 -20.79 -5.01 -22.29
C ILE E 626 -21.55 -6.29 -21.96
N ILE E 627 -21.63 -7.22 -22.91
CA ILE E 627 -22.27 -8.50 -22.64
C ILE E 627 -21.40 -9.38 -21.75
N LYS E 628 -20.08 -9.17 -21.79
CA LYS E 628 -19.16 -9.92 -20.95
C LYS E 628 -18.13 -9.01 -20.29
N SER E 629 -18.52 -7.80 -19.92
CA SER E 629 -17.58 -6.88 -19.28
C SER E 629 -17.29 -7.27 -17.84
N LEU E 630 -18.26 -7.90 -17.17
CA LEU E 630 -18.04 -8.33 -15.79
C LEU E 630 -17.46 -9.74 -15.72
N GLU E 631 -17.76 -10.59 -16.71
CA GLU E 631 -17.24 -11.95 -16.74
C GLU E 631 -15.81 -11.93 -17.26
N SER E 632 -14.85 -12.22 -16.39
CA SER E 632 -13.44 -12.21 -16.74
C SER E 632 -13.08 -13.56 -17.37
N GLU E 633 -13.23 -13.62 -18.71
CA GLU E 633 -12.90 -14.84 -19.43
C GLU E 633 -11.40 -15.00 -19.58
N GLY E 634 -10.68 -13.89 -19.78
CA GLY E 634 -9.24 -13.94 -19.90
C GLY E 634 -8.54 -13.26 -18.74
N GLU E 635 -7.69 -12.27 -19.04
CA GLU E 635 -7.03 -11.51 -17.98
C GLU E 635 -8.02 -10.59 -17.28
N PHE E 636 -8.99 -10.04 -18.01
CA PHE E 636 -10.03 -9.20 -17.45
C PHE E 636 -11.34 -9.51 -18.17
N GLY E 637 -12.36 -8.70 -17.87
CA GLY E 637 -13.64 -8.89 -18.55
C GLY E 637 -13.57 -8.37 -19.98
N ALA E 638 -14.35 -9.03 -20.86
CA ALA E 638 -14.42 -8.80 -22.31
C ALA E 638 -13.05 -8.86 -22.96
N PRO E 639 -12.48 -10.05 -23.14
CA PRO E 639 -11.13 -10.15 -23.71
C PRO E 639 -11.10 -9.73 -25.17
N GLU E 640 -9.95 -9.20 -25.59
CA GLU E 640 -9.82 -8.62 -26.92
C GLU E 640 -9.82 -9.70 -27.99
N GLU E 641 -9.30 -10.88 -27.66
CA GLU E 641 -9.35 -11.99 -28.61
C GLU E 641 -10.76 -12.54 -28.76
N LYS E 642 -11.56 -12.48 -27.69
CA LYS E 642 -12.94 -12.94 -27.75
C LYS E 642 -13.83 -11.89 -28.41
N VAL E 643 -13.53 -10.61 -28.17
CA VAL E 643 -14.34 -9.53 -28.74
C VAL E 643 -14.06 -9.35 -30.23
N ILE E 644 -12.88 -9.74 -30.70
CA ILE E 644 -12.58 -9.64 -32.13
C ILE E 644 -13.34 -10.69 -32.91
N GLU E 645 -13.52 -11.87 -32.31
CA GLU E 645 -14.30 -12.92 -32.95
C GLU E 645 -15.79 -12.61 -32.89
N ALA E 646 -16.22 -11.90 -31.85
CA ALA E 646 -17.63 -11.51 -31.74
C ALA E 646 -17.97 -10.36 -32.67
N ALA E 647 -16.99 -9.51 -32.99
CA ALA E 647 -17.26 -8.38 -33.87
C ALA E 647 -17.14 -8.78 -35.34
N LYS E 648 -16.25 -9.73 -35.65
CA LYS E 648 -16.10 -10.17 -37.03
C LYS E 648 -17.26 -11.06 -37.46
N GLN E 649 -17.82 -11.84 -36.54
CA GLN E 649 -18.97 -12.68 -36.87
C GLN E 649 -20.24 -11.87 -37.01
N ALA E 650 -20.37 -10.80 -36.23
CA ALA E 650 -21.56 -9.94 -36.31
C ALA E 650 -21.45 -8.89 -37.40
N GLY E 651 -20.29 -8.73 -38.03
CA GLY E 651 -20.12 -7.74 -39.07
C GLY E 651 -19.76 -6.35 -38.61
N ILE E 652 -19.21 -6.21 -37.40
CA ILE E 652 -18.84 -4.89 -36.90
C ILE E 652 -17.54 -4.42 -37.55
N GLY E 653 -16.54 -5.30 -37.59
CA GLY E 653 -15.27 -4.94 -38.18
C GLY E 653 -14.32 -6.13 -38.15
N THR E 654 -13.24 -5.99 -38.92
CA THR E 654 -12.22 -7.02 -38.99
C THR E 654 -11.27 -6.91 -37.80
N LYS E 655 -10.20 -7.72 -37.86
CA LYS E 655 -9.19 -7.69 -36.80
C LYS E 655 -8.37 -6.41 -36.83
N ALA E 656 -8.09 -5.89 -38.02
CA ALA E 656 -7.37 -4.62 -38.11
C ALA E 656 -8.30 -3.44 -37.85
N ASP E 657 -9.60 -3.62 -38.12
CA ASP E 657 -10.55 -2.53 -37.89
C ASP E 657 -10.92 -2.41 -36.42
N ILE E 658 -10.99 -3.53 -35.70
CA ILE E 658 -11.31 -3.48 -34.28
C ILE E 658 -10.10 -3.01 -33.48
N GLU E 659 -8.90 -3.24 -33.99
CA GLU E 659 -7.70 -2.76 -33.32
C GLU E 659 -7.56 -1.25 -33.46
N LYS E 660 -8.07 -0.68 -34.55
CA LYS E 660 -8.08 0.78 -34.68
C LYS E 660 -9.17 1.41 -33.83
N LEU E 661 -10.21 0.64 -33.52
CA LEU E 661 -11.29 1.12 -32.66
C LEU E 661 -11.04 0.83 -31.20
N LEU E 662 -10.14 -0.10 -30.87
CA LEU E 662 -9.82 -0.36 -29.47
C LEU E 662 -8.96 0.77 -28.90
N ASN E 663 -7.97 1.22 -29.67
CA ASN E 663 -7.15 2.36 -29.26
C ASN E 663 -7.91 3.68 -29.35
N GLU E 664 -8.94 3.76 -30.19
CA GLU E 664 -9.74 4.98 -30.26
C GLU E 664 -10.64 5.11 -29.04
N LEU E 665 -11.07 3.98 -28.47
CA LEU E 665 -11.86 4.03 -27.24
C LEU E 665 -11.01 4.38 -26.04
N LYS E 666 -9.72 4.04 -26.07
CA LYS E 666 -8.82 4.40 -24.97
C LYS E 666 -8.46 5.88 -25.03
N SER E 667 -8.39 6.44 -26.24
CA SER E 667 -8.10 7.87 -26.38
C SER E 667 -9.31 8.71 -26.02
N ASP E 668 -10.50 8.30 -26.48
CA ASP E 668 -11.71 9.03 -26.17
C ASP E 668 -12.19 8.81 -24.74
N GLY E 669 -11.79 7.70 -24.12
CA GLY E 669 -12.18 7.41 -22.77
C GLY E 669 -13.42 6.56 -22.62
N ARG E 670 -13.70 5.69 -23.59
CA ARG E 670 -14.87 4.81 -23.54
C ARG E 670 -14.55 3.42 -23.03
N VAL E 671 -13.45 2.81 -23.51
CA VAL E 671 -13.04 1.48 -23.09
C VAL E 671 -11.53 1.48 -22.95
N TYR E 672 -11.04 1.02 -21.79
CA TYR E 672 -9.63 0.94 -21.50
C TYR E 672 -9.17 -0.51 -21.57
N GLU E 673 -7.89 -0.73 -21.23
CA GLU E 673 -7.33 -2.07 -21.26
C GLU E 673 -6.35 -2.25 -20.10
N PRO E 674 -6.63 -3.16 -19.17
CA PRO E 674 -5.65 -3.41 -18.08
C PRO E 674 -4.38 -4.09 -18.57
N ARG E 675 -4.53 -5.17 -19.34
CA ARG E 675 -3.39 -5.92 -19.88
C ARG E 675 -3.64 -6.18 -21.36
N ALA E 676 -2.65 -6.80 -22.00
CA ALA E 676 -2.77 -7.13 -23.42
C ALA E 676 -3.70 -8.33 -23.60
N GLY E 677 -4.69 -8.17 -24.48
CA GLY E 677 -5.65 -9.21 -24.75
C GLY E 677 -6.96 -9.09 -23.99
N PHE E 678 -7.18 -7.99 -23.28
CA PHE E 678 -8.41 -7.79 -22.52
C PHE E 678 -8.73 -6.31 -22.49
N TYR E 679 -9.92 -5.95 -22.97
CA TYR E 679 -10.36 -4.55 -23.02
C TYR E 679 -11.66 -4.42 -22.24
N ARG E 680 -11.62 -3.66 -21.14
CA ARG E 680 -12.77 -3.47 -20.29
C ARG E 680 -13.36 -2.08 -20.51
N VAL E 681 -14.68 -1.99 -20.41
CA VAL E 681 -15.39 -0.72 -20.61
C VAL E 681 -15.17 0.16 -19.37
N ILE E 682 -14.86 1.42 -19.59
CA ILE E 682 -14.63 2.36 -18.51
C ILE E 682 -15.96 2.83 -17.93
N MET F 1 62.40 1.93 -19.84
CA MET F 1 61.54 0.76 -19.77
C MET F 1 60.10 1.12 -20.08
N ASP F 2 59.81 1.26 -21.38
CA ASP F 2 58.47 1.57 -21.85
C ASP F 2 58.21 0.76 -23.12
N ARG F 3 57.19 1.16 -23.88
CA ARG F 3 56.87 0.48 -25.12
C ARG F 3 57.95 0.69 -26.17
N GLU F 4 58.37 1.94 -26.37
CA GLU F 4 59.30 2.27 -27.46
C GLU F 4 60.73 1.83 -27.18
N GLU F 5 61.07 1.52 -25.93
CA GLU F 5 62.42 1.07 -25.62
C GLU F 5 62.64 -0.38 -26.01
N MET F 6 61.65 -1.23 -25.75
CA MET F 6 61.80 -2.65 -26.02
C MET F 6 61.43 -3.05 -27.44
N ILE F 7 61.00 -2.09 -28.28
CA ILE F 7 60.72 -2.39 -29.69
C ILE F 7 62.00 -2.77 -30.42
N ALA F 8 63.09 -2.06 -30.13
CA ALA F 8 64.39 -2.44 -30.68
C ALA F 8 64.90 -3.73 -30.04
N ARG F 9 64.42 -4.07 -28.85
CA ARG F 9 64.85 -5.30 -28.20
C ARG F 9 64.13 -6.52 -28.78
N PHE F 10 62.84 -6.38 -29.11
CA PHE F 10 62.15 -7.49 -29.77
C PHE F 10 62.57 -7.64 -31.23
N ALA F 11 62.90 -6.52 -31.88
CA ALA F 11 63.34 -6.59 -33.28
C ALA F 11 64.73 -7.19 -33.40
N LYS F 12 65.57 -7.02 -32.37
CA LYS F 12 66.86 -7.70 -32.35
C LYS F 12 66.68 -9.19 -32.07
N PHE F 13 65.63 -9.57 -31.35
CA PHE F 13 65.36 -10.97 -31.08
C PHE F 13 64.86 -11.69 -32.33
N LEU F 14 64.03 -11.03 -33.14
CA LEU F 14 63.49 -11.63 -34.36
C LEU F 14 64.57 -11.73 -35.43
N ILE F 27 67.95 -16.70 -39.02
CA ILE F 27 67.97 -17.71 -37.96
C ILE F 27 66.65 -18.48 -37.93
N ASN F 28 66.45 -19.29 -36.89
CA ASN F 28 65.26 -20.15 -36.82
C ASN F 28 64.01 -19.33 -36.52
N ARG F 29 64.17 -18.20 -35.84
CA ARG F 29 63.02 -17.32 -35.59
C ARG F 29 62.58 -16.63 -36.87
N LEU F 30 63.54 -16.24 -37.71
CA LEU F 30 63.20 -15.61 -38.99
C LEU F 30 62.74 -16.64 -40.02
N LYS F 31 63.12 -17.91 -39.84
CA LYS F 31 62.78 -18.93 -40.83
C LYS F 31 61.29 -19.27 -40.81
N ASP F 32 60.68 -19.28 -39.62
CA ASP F 32 59.24 -19.51 -39.54
C ASP F 32 58.45 -18.24 -39.80
N LEU F 33 59.13 -17.09 -39.88
CA LEU F 33 58.44 -15.82 -40.08
C LEU F 33 57.95 -15.66 -41.51
N LEU F 34 58.55 -16.39 -42.46
CA LEU F 34 58.09 -16.32 -43.84
C LEU F 34 56.75 -17.01 -44.02
N THR F 35 56.44 -18.01 -43.18
CA THR F 35 55.12 -18.62 -43.18
C THR F 35 54.10 -17.79 -42.42
N VAL F 36 54.55 -16.76 -41.69
CA VAL F 36 53.66 -15.91 -40.90
C VAL F 36 53.06 -14.78 -41.74
N THR F 37 53.69 -14.43 -42.86
CA THR F 37 53.20 -13.34 -43.71
C THR F 37 51.80 -13.53 -44.32
N PRO F 38 51.24 -14.73 -44.47
CA PRO F 38 49.77 -14.81 -44.63
C PRO F 38 49.00 -15.15 -43.38
N LYS F 39 49.63 -15.19 -42.20
CA LYS F 39 48.99 -15.65 -40.97
C LYS F 39 48.82 -14.48 -40.00
N ARG F 40 47.76 -14.53 -39.20
CA ARG F 40 47.50 -13.50 -38.21
C ARG F 40 48.03 -13.85 -36.82
N SER F 41 49.00 -14.76 -36.73
CA SER F 41 49.55 -15.18 -35.43
C SER F 41 50.99 -15.64 -35.62
N LEU F 42 51.88 -15.18 -34.74
CA LEU F 42 53.27 -15.59 -34.73
C LEU F 42 53.55 -16.34 -33.43
N ALA F 43 53.94 -17.60 -33.55
CA ALA F 43 54.25 -18.41 -32.38
C ALA F 43 55.66 -18.09 -31.89
N ILE F 44 55.76 -17.55 -30.68
CA ILE F 44 57.02 -17.15 -30.08
C ILE F 44 57.26 -18.01 -28.84
N ASP F 45 58.49 -18.49 -28.70
CA ASP F 45 58.88 -19.31 -27.55
C ASP F 45 59.52 -18.43 -26.49
N TRP F 46 59.25 -18.75 -25.22
CA TRP F 46 59.84 -17.98 -24.11
C TRP F 46 61.26 -18.42 -23.84
N ALA F 47 61.60 -19.69 -24.11
CA ALA F 47 62.95 -20.17 -23.87
C ALA F 47 63.94 -19.57 -24.85
N HIS F 48 63.48 -19.25 -26.06
CA HIS F 48 64.33 -18.53 -27.01
C HIS F 48 64.46 -17.06 -26.61
N LEU F 49 63.41 -16.50 -26.02
CA LEU F 49 63.46 -15.11 -25.55
C LEU F 49 64.28 -15.00 -24.27
N ASN F 50 64.26 -16.04 -23.43
CA ASN F 50 65.05 -16.00 -22.20
C ASN F 50 66.53 -16.20 -22.49
N SER F 51 66.85 -16.98 -23.53
CA SER F 51 68.24 -17.16 -23.92
C SER F 51 68.80 -15.92 -24.60
N PHE F 52 67.93 -15.08 -25.17
CA PHE F 52 68.38 -13.82 -25.76
C PHE F 52 68.72 -12.82 -24.68
N ASP F 53 67.75 -12.49 -23.83
CA ASP F 53 67.97 -11.61 -22.69
C ASP F 53 66.97 -11.94 -21.59
N PRO F 54 67.44 -12.20 -20.36
CA PRO F 54 66.50 -12.57 -19.29
C PRO F 54 65.72 -11.40 -18.72
N GLU F 55 66.17 -10.17 -18.94
CA GLU F 55 65.45 -9.01 -18.41
C GLU F 55 64.19 -8.72 -19.21
N LEU F 56 64.22 -8.96 -20.52
CA LEU F 56 63.03 -8.75 -21.34
C LEU F 56 62.01 -9.86 -21.10
N ALA F 57 62.48 -11.08 -20.83
CA ALA F 57 61.57 -12.20 -20.59
C ALA F 57 60.92 -12.11 -19.22
N ASP F 58 61.65 -11.58 -18.22
CA ASP F 58 61.08 -11.46 -16.88
C ASP F 58 60.10 -10.29 -16.82
N GLU F 59 60.36 -9.22 -17.57
CA GLU F 59 59.45 -8.08 -17.61
C GLU F 59 58.19 -8.38 -18.41
N LEU F 60 58.23 -9.37 -19.31
CA LEU F 60 57.04 -9.73 -20.07
C LEU F 60 56.03 -10.46 -19.21
N LEU F 61 56.48 -11.11 -18.13
CA LEU F 61 55.55 -11.75 -17.21
C LEU F 61 55.02 -10.78 -16.17
N ASN F 62 55.75 -9.69 -15.90
CA ASN F 62 55.32 -8.74 -14.88
C ASN F 62 54.34 -7.73 -15.44
N ASN F 63 54.64 -7.13 -16.59
CA ASN F 63 53.76 -6.16 -17.25
C ASN F 63 53.40 -6.77 -18.61
N PRO F 64 52.39 -7.64 -18.66
CA PRO F 64 52.14 -8.43 -19.87
C PRO F 64 51.34 -7.72 -20.95
N GLU F 65 50.53 -6.73 -20.58
CA GLU F 65 49.59 -6.15 -21.54
C GLU F 65 50.31 -5.25 -22.54
N GLU F 66 51.25 -4.43 -22.06
CA GLU F 66 51.99 -3.56 -22.97
C GLU F 66 53.10 -4.32 -23.71
N ALA F 67 53.59 -5.42 -23.13
CA ALA F 67 54.67 -6.18 -23.76
C ALA F 67 54.16 -6.95 -24.97
N ILE F 68 52.89 -7.35 -24.94
CA ILE F 68 52.29 -7.99 -26.10
C ILE F 68 52.06 -6.96 -27.22
N ALA F 69 51.60 -5.77 -26.84
CA ALA F 69 51.33 -4.73 -27.84
C ALA F 69 52.61 -4.12 -28.39
N SER F 70 53.67 -4.07 -27.58
CA SER F 70 54.94 -3.58 -28.09
C SER F 70 55.62 -4.60 -28.98
N ALA F 71 55.34 -5.89 -28.76
CA ALA F 71 55.93 -6.93 -29.61
C ALA F 71 55.29 -6.93 -30.99
N GLU F 72 53.97 -6.74 -31.05
CA GLU F 72 53.27 -6.72 -32.34
C GLU F 72 53.63 -5.49 -33.16
N ASP F 73 53.96 -4.39 -32.49
CA ASP F 73 54.49 -3.23 -33.19
C ASP F 73 55.93 -3.47 -33.64
N ALA F 74 56.67 -4.28 -32.88
CA ALA F 74 58.04 -4.59 -33.25
C ALA F 74 58.11 -5.62 -34.37
N ILE F 75 57.07 -6.45 -34.50
CA ILE F 75 56.96 -7.34 -35.67
C ILE F 75 56.69 -6.51 -36.92
N GLN F 76 55.94 -5.41 -36.78
CA GLN F 76 55.52 -4.62 -37.92
C GLN F 76 56.70 -3.90 -38.59
N ILE F 77 57.69 -3.48 -37.79
CA ILE F 77 58.88 -2.88 -38.39
C ILE F 77 59.83 -3.95 -38.89
N VAL F 78 59.65 -5.21 -38.48
CA VAL F 78 60.48 -6.29 -39.00
C VAL F 78 59.95 -6.75 -40.36
N LEU F 79 58.62 -6.85 -40.50
CA LEU F 79 58.02 -7.19 -41.78
C LEU F 79 58.00 -6.03 -42.76
N ARG F 80 58.50 -4.85 -42.38
CA ARG F 80 58.71 -3.75 -43.30
C ARG F 80 60.19 -3.42 -43.48
N GLU F 81 61.07 -4.37 -43.15
CA GLU F 81 62.51 -4.16 -43.27
C GLU F 81 62.92 -4.22 -44.74
N PRO F 82 64.09 -3.66 -45.09
CA PRO F 82 64.62 -3.83 -46.45
C PRO F 82 64.97 -5.28 -46.79
N PRO F 83 65.25 -6.19 -45.82
CA PRO F 83 65.13 -7.62 -46.17
C PRO F 83 63.75 -8.06 -46.63
N LEU F 84 62.72 -7.90 -45.80
CA LEU F 84 61.38 -8.39 -46.13
C LEU F 84 60.38 -7.26 -45.94
N LEU F 85 59.66 -6.92 -47.01
CA LEU F 85 58.68 -5.85 -46.99
C LEU F 85 57.29 -6.42 -47.21
N VAL F 86 56.44 -6.34 -46.19
CA VAL F 86 55.05 -6.78 -46.25
C VAL F 86 54.16 -5.56 -46.10
N GLU F 87 53.12 -5.47 -46.93
CA GLU F 87 52.26 -4.29 -46.97
C GLU F 87 51.10 -4.47 -45.98
N ARG F 88 51.20 -3.78 -44.84
CA ARG F 88 50.13 -3.63 -43.85
C ARG F 88 49.68 -4.97 -43.27
N GLU F 89 50.65 -5.69 -42.71
CA GLU F 89 50.36 -6.93 -41.97
C GLU F 89 50.21 -6.66 -40.48
N PHE F 90 49.30 -5.76 -40.12
CA PHE F 90 49.13 -5.33 -38.74
C PHE F 90 48.22 -6.26 -37.93
N LYS F 91 47.71 -7.32 -38.53
CA LYS F 91 46.87 -8.27 -37.81
C LYS F 91 47.68 -9.41 -37.19
N VAL F 92 49.01 -9.29 -37.14
CA VAL F 92 49.83 -10.33 -36.53
C VAL F 92 49.72 -10.23 -35.01
N HIS F 93 49.61 -11.39 -34.36
CA HIS F 93 49.48 -11.47 -32.91
C HIS F 93 50.71 -12.19 -32.35
N ALA F 94 51.34 -11.57 -31.35
CA ALA F 94 52.53 -12.15 -30.71
C ALA F 94 52.07 -13.11 -29.61
N ARG F 95 51.86 -14.36 -30.01
CA ARG F 95 51.38 -15.40 -29.11
C ARG F 95 52.56 -16.17 -28.53
N PHE F 96 52.61 -16.25 -27.20
CA PHE F 96 53.68 -16.94 -26.49
C PHE F 96 53.13 -18.28 -25.99
N TYR F 97 53.40 -19.34 -26.76
CA TYR F 97 52.83 -20.64 -26.45
C TYR F 97 53.59 -21.34 -25.32
N ASN F 98 54.91 -21.16 -25.27
CA ASN F 98 55.71 -21.80 -24.25
C ASN F 98 55.93 -20.85 -23.07
N LEU F 99 55.84 -21.40 -21.86
CA LEU F 99 56.09 -20.68 -20.62
C LEU F 99 56.95 -21.58 -19.73
N PRO F 100 57.75 -20.98 -18.82
CA PRO F 100 58.67 -21.83 -18.04
C PRO F 100 57.99 -22.73 -17.02
N LYS F 101 56.99 -22.23 -16.31
CA LYS F 101 56.31 -23.02 -15.29
C LYS F 101 54.81 -22.92 -15.50
N THR F 102 54.14 -24.07 -15.55
CA THR F 102 52.69 -24.12 -15.68
C THR F 102 52.06 -24.24 -14.31
N LEU F 103 50.78 -23.88 -14.23
CA LEU F 103 50.04 -23.88 -12.97
C LEU F 103 48.77 -24.71 -13.11
N LEU F 104 48.10 -24.90 -11.99
CA LEU F 104 46.83 -25.61 -11.95
C LEU F 104 45.67 -24.62 -11.89
N VAL F 105 44.45 -25.14 -12.08
CA VAL F 105 43.26 -24.31 -12.01
C VAL F 105 42.93 -23.97 -10.57
N LYS F 106 43.09 -24.91 -9.64
CA LYS F 106 42.80 -24.65 -8.23
C LYS F 106 43.91 -23.87 -7.55
N GLU F 107 45.08 -23.75 -8.18
CA GLU F 107 46.18 -22.98 -7.62
C GLU F 107 46.12 -21.50 -8.00
N LEU F 108 45.18 -21.11 -8.85
CA LEU F 108 45.06 -19.71 -9.24
C LEU F 108 44.41 -18.90 -8.14
N GLY F 109 44.98 -17.73 -7.86
CA GLY F 109 44.47 -16.87 -6.81
C GLY F 109 44.63 -15.39 -7.13
N SER F 110 44.79 -14.58 -6.08
CA SER F 110 44.92 -13.14 -6.25
C SER F 110 46.35 -12.69 -6.49
N GLU F 111 47.32 -13.62 -6.43
CA GLU F 111 48.72 -13.28 -6.67
C GLU F 111 49.10 -13.36 -8.14
N HIS F 112 48.15 -13.68 -9.03
CA HIS F 112 48.42 -13.78 -10.46
C HIS F 112 47.61 -12.78 -11.27
N ILE F 113 47.09 -11.73 -10.64
CA ILE F 113 46.30 -10.73 -11.34
C ILE F 113 47.24 -9.86 -12.18
N ASN F 114 46.87 -9.68 -13.46
CA ASN F 114 47.65 -8.94 -14.46
C ASN F 114 49.06 -9.51 -14.61
N LYS F 115 49.16 -10.84 -14.61
CA LYS F 115 50.41 -11.55 -14.84
C LYS F 115 50.18 -12.63 -15.88
N LEU F 116 51.16 -12.82 -16.77
CA LEU F 116 51.06 -13.86 -17.79
C LEU F 116 51.29 -15.23 -17.15
N ILE F 117 50.27 -16.07 -17.18
CA ILE F 117 50.30 -17.37 -16.53
C ILE F 117 50.04 -18.45 -17.58
N GLN F 118 50.28 -19.70 -17.18
CA GLN F 118 50.00 -20.87 -18.01
C GLN F 118 49.32 -21.92 -17.15
N VAL F 119 48.11 -22.31 -17.53
CA VAL F 119 47.33 -23.30 -16.79
C VAL F 119 46.87 -24.39 -17.74
N GLU F 120 46.80 -25.62 -17.24
CA GLU F 120 46.28 -26.75 -18.00
C GLU F 120 45.00 -27.24 -17.35
N GLY F 121 44.20 -27.94 -18.15
CA GLY F 121 42.93 -28.44 -17.66
C GLY F 121 42.08 -28.94 -18.82
N ILE F 122 40.87 -29.37 -18.46
CA ILE F 122 39.93 -29.91 -19.43
C ILE F 122 38.78 -28.91 -19.61
N ILE F 123 38.40 -28.68 -20.86
CA ILE F 123 37.33 -27.73 -21.17
C ILE F 123 36.00 -28.43 -20.99
N THR F 124 35.19 -27.95 -20.05
CA THR F 124 33.89 -28.52 -19.76
C THR F 124 32.73 -27.69 -20.29
N ARG F 125 33.01 -26.54 -20.91
CA ARG F 125 31.96 -25.65 -21.38
C ARG F 125 32.53 -24.79 -22.50
N VAL F 126 31.78 -24.69 -23.59
CA VAL F 126 32.10 -23.79 -24.69
C VAL F 126 30.86 -22.97 -25.00
N SER F 127 31.08 -21.80 -25.60
CA SER F 127 29.99 -20.87 -25.90
C SER F 127 29.88 -20.66 -27.41
N GLU F 128 28.81 -19.98 -27.81
CA GLU F 128 28.59 -19.65 -29.20
C GLU F 128 29.48 -18.48 -29.62
N VAL F 129 29.84 -18.46 -30.90
CA VAL F 129 30.64 -17.36 -31.43
C VAL F 129 29.77 -16.12 -31.57
N LYS F 130 30.26 -15.00 -31.02
CA LYS F 130 29.52 -13.75 -31.00
C LYS F 130 30.35 -12.65 -31.66
N PRO F 131 29.71 -11.75 -32.41
CA PRO F 131 30.44 -10.57 -32.91
C PRO F 131 30.58 -9.53 -31.80
N PHE F 132 31.83 -9.11 -31.58
CA PHE F 132 32.13 -8.12 -30.56
C PHE F 132 32.83 -6.92 -31.18
N VAL F 133 32.27 -5.74 -30.99
CA VAL F 133 32.84 -4.51 -31.55
C VAL F 133 33.99 -4.06 -30.66
N GLU F 134 35.20 -4.06 -31.22
CA GLU F 134 36.37 -3.60 -30.47
C GLU F 134 36.51 -2.09 -30.47
N LYS F 135 36.13 -1.43 -31.57
CA LYS F 135 36.18 0.02 -31.69
C LYS F 135 34.75 0.54 -31.79
N ALA F 136 34.20 0.98 -30.66
CA ALA F 136 32.82 1.44 -30.60
C ALA F 136 32.79 2.96 -30.65
N VAL F 137 32.09 3.50 -31.65
CA VAL F 137 31.85 4.93 -31.75
C VAL F 137 30.40 5.20 -31.37
N PHE F 138 30.11 6.43 -30.96
CA PHE F 138 28.78 6.81 -30.47
C PHE F 138 28.46 8.21 -30.99
N VAL F 139 27.60 8.29 -31.99
CA VAL F 139 27.14 9.56 -32.54
C VAL F 139 25.80 9.88 -31.90
N CYS F 140 25.70 11.05 -31.29
CA CYS F 140 24.46 11.46 -30.63
C CYS F 140 23.41 11.85 -31.65
N ARG F 141 22.15 11.93 -31.19
CA ARG F 141 21.04 12.21 -32.09
C ARG F 141 20.97 13.70 -32.43
N ASP F 142 21.31 14.57 -31.49
CA ASP F 142 21.12 15.99 -31.70
C ASP F 142 22.31 16.62 -32.42
N CYS F 143 23.53 16.21 -32.08
CA CYS F 143 24.71 16.80 -32.72
C CYS F 143 25.23 15.93 -33.85
N GLY F 144 25.53 14.66 -33.57
CA GLY F 144 25.95 13.73 -34.60
C GLY F 144 27.44 13.48 -34.68
N ASN F 145 28.21 13.81 -33.65
CA ASN F 145 29.65 13.60 -33.63
C ASN F 145 29.95 12.29 -32.91
N GLU F 146 30.79 11.45 -33.52
CA GLU F 146 31.14 10.16 -32.94
C GLU F 146 32.13 10.32 -31.80
N MET F 147 32.12 9.35 -30.89
CA MET F 147 33.07 9.29 -29.77
C MET F 147 33.73 7.92 -29.81
N VAL F 148 34.93 7.85 -30.37
CA VAL F 148 35.64 6.59 -30.53
C VAL F 148 36.24 6.18 -29.18
N ARG F 149 36.28 4.88 -28.93
CA ARG F 149 36.81 4.31 -27.70
C ARG F 149 37.12 2.84 -27.93
N LEU F 150 38.18 2.36 -27.28
CA LEU F 150 38.53 0.95 -27.38
C LEU F 150 37.63 0.12 -26.45
N GLN F 151 37.31 -1.09 -26.91
CA GLN F 151 36.45 -1.99 -26.14
C GLN F 151 37.15 -3.33 -26.01
N ARG F 152 37.35 -3.76 -24.76
CA ARG F 152 38.00 -5.01 -24.39
C ARG F 152 36.99 -6.15 -24.39
N PRO F 153 37.40 -7.35 -24.83
CA PRO F 153 36.42 -8.44 -25.00
C PRO F 153 35.88 -8.99 -23.70
N TYR F 154 36.66 -8.96 -22.62
CA TYR F 154 36.16 -9.44 -21.33
C TYR F 154 35.24 -8.44 -20.66
N GLU F 155 35.32 -7.17 -21.03
CA GLU F 155 34.49 -6.13 -20.43
C GLU F 155 33.12 -6.08 -21.09
N ASN F 156 32.23 -5.28 -20.49
CA ASN F 156 30.89 -5.07 -21.01
C ASN F 156 30.89 -3.82 -21.89
N LEU F 157 29.84 -3.66 -22.69
CA LEU F 157 29.69 -2.47 -23.53
C LEU F 157 29.43 -1.25 -22.66
N VAL F 158 30.33 -0.26 -22.76
CA VAL F 158 30.26 0.94 -21.95
C VAL F 158 29.89 2.11 -22.85
N LYS F 159 29.25 3.13 -22.28
CA LYS F 159 28.80 4.30 -23.00
C LYS F 159 29.29 5.56 -22.29
N PRO F 160 29.86 6.51 -23.03
CA PRO F 160 30.19 7.80 -22.41
C PRO F 160 28.94 8.64 -22.22
N ALA F 161 28.75 9.11 -20.99
CA ALA F 161 27.58 9.92 -20.65
C ALA F 161 27.76 11.39 -21.01
N LYS F 162 28.94 11.80 -21.50
CA LYS F 162 29.21 13.18 -21.82
C LYS F 162 29.73 13.24 -23.25
N CYS F 163 28.98 13.93 -24.11
CA CYS F 163 29.31 14.00 -25.52
C CYS F 163 30.51 14.90 -25.75
N ASP F 164 31.21 14.67 -26.86
CA ASP F 164 32.46 15.35 -27.13
C ASP F 164 32.26 16.80 -27.54
N ALA F 165 31.09 17.15 -28.07
CA ALA F 165 30.84 18.50 -28.58
C ALA F 165 29.88 19.29 -27.71
N CYS F 166 28.73 18.72 -27.34
CA CYS F 166 27.73 19.43 -26.57
C CYS F 166 27.52 18.91 -25.16
N GLY F 167 27.88 17.66 -24.89
CA GLY F 167 27.66 17.08 -23.58
C GLY F 167 26.22 16.67 -23.35
N SER F 168 25.72 15.75 -24.17
CA SER F 168 24.35 15.27 -24.09
C SER F 168 24.34 13.79 -23.74
N ARG F 169 23.22 13.33 -23.19
CA ARG F 169 23.03 11.93 -22.81
C ARG F 169 22.33 11.12 -23.89
N ASN F 170 22.30 11.60 -25.13
CA ASN F 170 21.63 10.93 -26.23
C ASN F 170 22.59 10.15 -27.12
N ILE F 171 23.63 9.55 -26.55
CA ILE F 171 24.61 8.80 -27.34
C ILE F 171 23.98 7.49 -27.80
N GLU F 172 24.19 7.16 -29.07
CA GLU F 172 23.60 5.96 -29.67
C GLU F 172 24.66 5.28 -30.54
N LEU F 173 24.53 3.96 -30.66
CA LEU F 173 25.49 3.15 -31.41
C LEU F 173 24.89 2.70 -32.73
N ASP F 174 25.69 2.81 -33.79
CA ASP F 174 25.33 2.31 -35.11
C ASP F 174 26.26 1.15 -35.46
N VAL F 175 25.72 0.15 -36.15
CA VAL F 175 26.49 -1.06 -36.41
C VAL F 175 27.32 -0.94 -37.68
N ASP F 176 27.16 0.15 -38.43
CA ASP F 176 27.86 0.28 -39.70
C ASP F 176 29.31 0.72 -39.49
N LYS F 177 29.53 1.73 -38.66
CA LYS F 177 30.88 2.27 -38.47
C LYS F 177 31.70 1.38 -37.55
N SER F 178 31.08 0.82 -36.51
CA SER F 178 31.80 0.00 -35.55
C SER F 178 32.16 -1.35 -36.14
N ARG F 179 33.46 -1.66 -36.13
CA ARG F 179 33.97 -2.92 -36.66
C ARG F 179 33.90 -3.99 -35.58
N PHE F 180 33.32 -5.14 -35.92
CA PHE F 180 33.12 -6.22 -34.98
C PHE F 180 34.25 -7.25 -35.11
N LEU F 181 34.36 -8.10 -34.10
CA LEU F 181 35.37 -9.15 -34.08
C LEU F 181 34.73 -10.43 -33.55
N ASN F 182 35.27 -11.58 -33.98
CA ASN F 182 34.77 -12.86 -33.51
C ASN F 182 35.17 -13.09 -32.05
N PHE F 183 34.19 -13.41 -31.23
CA PHE F 183 34.39 -13.57 -29.80
C PHE F 183 33.77 -14.88 -29.33
N GLN F 184 34.52 -15.60 -28.49
CA GLN F 184 34.06 -16.85 -27.91
C GLN F 184 34.64 -16.98 -26.52
N SER F 185 33.92 -17.73 -25.67
CA SER F 185 34.34 -17.94 -24.29
C SER F 185 34.24 -19.43 -23.96
N PHE F 186 35.07 -19.85 -23.02
CA PHE F 186 35.07 -21.24 -22.57
C PHE F 186 35.49 -21.30 -21.11
N ARG F 187 35.04 -22.35 -20.44
CA ARG F 187 35.34 -22.58 -19.03
C ARG F 187 36.40 -23.65 -18.91
N LEU F 188 37.47 -23.34 -18.18
CA LEU F 188 38.57 -24.27 -17.96
C LEU F 188 38.48 -24.82 -16.55
N GLN F 189 38.30 -26.14 -16.45
CA GLN F 189 38.24 -26.84 -15.17
C GLN F 189 39.44 -27.76 -15.05
N ASP F 190 39.82 -28.06 -13.81
CA ASP F 190 40.98 -28.89 -13.55
C ASP F 190 40.70 -30.35 -13.91
N ARG F 191 41.74 -31.06 -14.34
CA ARG F 191 41.61 -32.47 -14.65
C ARG F 191 41.40 -33.27 -13.37
N PRO F 192 40.57 -34.32 -13.41
CA PRO F 192 40.31 -35.09 -12.17
C PRO F 192 41.50 -35.88 -11.68
N GLU F 193 42.46 -36.20 -12.56
CA GLU F 193 43.64 -36.95 -12.15
C GLU F 193 44.74 -36.04 -11.60
N SER F 194 44.61 -34.72 -11.77
CA SER F 194 45.63 -33.81 -11.28
C SER F 194 45.48 -33.56 -9.78
N LEU F 195 44.30 -33.14 -9.35
CA LEU F 195 44.06 -32.85 -7.94
C LEU F 195 43.83 -34.13 -7.17
N LYS F 196 43.79 -34.00 -5.84
CA LYS F 196 43.59 -35.16 -4.99
C LYS F 196 42.13 -35.61 -5.06
N GLY F 197 41.92 -36.92 -5.04
CA GLY F 197 40.59 -37.47 -5.10
C GLY F 197 39.79 -37.23 -3.83
N GLY F 198 38.79 -36.36 -3.91
CA GLY F 198 38.01 -35.94 -2.76
C GLY F 198 38.06 -34.46 -2.49
N GLN F 199 38.86 -33.71 -3.24
CA GLN F 199 38.93 -32.25 -3.10
C GLN F 199 37.84 -31.59 -3.94
N MET F 200 37.85 -30.26 -3.93
CA MET F 200 36.87 -29.48 -4.68
C MET F 200 37.48 -29.06 -6.02
N PRO F 201 36.93 -29.48 -7.15
CA PRO F 201 37.46 -29.02 -8.44
C PRO F 201 37.07 -27.56 -8.70
N ARG F 202 38.07 -26.76 -9.03
CA ARG F 202 37.89 -25.34 -9.28
C ARG F 202 37.78 -25.07 -10.78
N PHE F 203 37.12 -23.96 -11.12
CA PHE F 203 36.91 -23.56 -12.49
C PHE F 203 37.36 -22.12 -12.69
N VAL F 204 37.86 -21.83 -13.88
CA VAL F 204 38.30 -20.49 -14.26
C VAL F 204 37.72 -20.19 -15.64
N ASP F 205 36.93 -19.12 -15.72
CA ASP F 205 36.36 -18.71 -17.00
C ASP F 205 37.43 -18.06 -17.88
N ALA F 206 37.29 -18.26 -19.18
CA ALA F 206 38.26 -17.76 -20.15
C ALA F 206 37.55 -17.30 -21.40
N ILE F 207 38.24 -16.47 -22.18
CA ILE F 207 37.71 -15.91 -23.43
C ILE F 207 38.67 -16.24 -24.56
N LEU F 208 38.19 -16.09 -25.79
CA LEU F 208 39.02 -16.40 -26.95
C LEU F 208 39.24 -15.14 -27.76
N LEU F 209 40.45 -14.61 -27.73
CA LEU F 209 40.75 -13.40 -28.46
C LEU F 209 40.69 -13.68 -29.96
N ASP F 210 40.77 -12.64 -30.77
CA ASP F 210 40.73 -12.81 -32.21
C ASP F 210 41.75 -13.87 -32.60
N ASP F 211 41.39 -14.73 -33.55
CA ASP F 211 42.30 -15.78 -34.00
C ASP F 211 42.52 -16.83 -32.91
N LEU F 212 41.54 -17.00 -32.02
CA LEU F 212 41.64 -18.01 -30.97
C LEU F 212 40.29 -18.67 -30.83
N VAL F 213 39.23 -17.98 -31.22
CA VAL F 213 37.88 -18.54 -31.16
C VAL F 213 37.83 -19.84 -31.94
N ASP F 214 37.01 -20.78 -31.46
CA ASP F 214 36.86 -22.08 -32.14
C ASP F 214 38.17 -22.87 -32.14
N ALA F 215 39.04 -22.58 -31.19
CA ALA F 215 40.33 -23.27 -31.13
C ALA F 215 40.18 -24.74 -30.74
N ALA F 216 39.37 -25.02 -29.73
CA ALA F 216 39.22 -26.40 -29.27
C ALA F 216 37.77 -26.72 -28.89
N LEU F 217 37.46 -28.01 -28.80
CA LEU F 217 36.12 -28.42 -28.43
C LEU F 217 36.05 -28.84 -26.97
N PRO F 218 34.87 -28.73 -26.35
CA PRO F 218 34.72 -29.08 -24.93
C PRO F 218 34.91 -30.58 -24.71
N GLY F 219 35.81 -30.90 -23.79
CA GLY F 219 36.06 -32.28 -23.41
C GLY F 219 37.46 -32.81 -23.66
N ASP F 220 38.43 -31.95 -23.96
CA ASP F 220 39.81 -32.39 -24.15
C ASP F 220 40.75 -31.62 -23.23
N ARG F 221 41.95 -32.17 -23.05
CA ARG F 221 42.96 -31.54 -22.23
C ARG F 221 43.78 -30.56 -23.08
N VAL F 222 43.86 -29.31 -22.62
CA VAL F 222 44.55 -28.25 -23.34
C VAL F 222 45.53 -27.56 -22.40
N LEU F 223 46.57 -26.98 -22.99
CA LEU F 223 47.56 -26.18 -22.28
C LEU F 223 47.42 -24.74 -22.76
N VAL F 224 46.55 -23.99 -22.10
CA VAL F 224 46.30 -22.61 -22.48
C VAL F 224 47.20 -21.68 -21.66
N THR F 225 47.38 -20.47 -22.16
CA THR F 225 48.10 -19.43 -21.44
C THR F 225 47.37 -18.11 -21.61
N GLY F 226 47.63 -17.18 -20.71
CA GLY F 226 46.98 -15.89 -20.75
C GLY F 226 47.24 -15.10 -19.49
N VAL F 227 46.36 -14.14 -19.23
CA VAL F 227 46.46 -13.26 -18.08
C VAL F 227 45.19 -13.35 -17.25
N LEU F 228 45.33 -13.21 -15.94
CA LEU F 228 44.20 -13.25 -15.03
C LEU F 228 43.78 -11.82 -14.70
N ARG F 229 42.48 -11.55 -14.86
CA ARG F 229 41.94 -10.21 -14.63
C ARG F 229 40.59 -10.34 -13.93
N VAL F 230 39.96 -9.20 -13.67
CA VAL F 230 38.78 -9.13 -12.82
C VAL F 230 37.65 -8.43 -13.55
N ILE F 231 36.46 -8.47 -12.96
CA ILE F 231 35.30 -7.83 -13.55
C ILE F 231 34.58 -7.08 -12.45
N LEU F 232 34.34 -5.79 -12.66
CA LEU F 232 33.69 -4.98 -11.62
C LEU F 232 32.21 -5.29 -11.52
N GLU F 233 31.73 -5.43 -10.28
CA GLU F 233 30.31 -5.69 -10.07
C GLU F 233 29.58 -4.39 -9.81
N GLN F 234 30.32 -3.30 -9.68
CA GLN F 234 29.72 -2.00 -9.44
C GLN F 234 28.85 -2.03 -8.19
N ARG F 235 29.10 -2.99 -7.31
CA ARG F 235 28.33 -3.11 -6.07
C ARG F 235 29.14 -3.91 -5.08
N GLU F 236 29.76 -3.24 -4.11
CA GLU F 236 30.62 -3.93 -3.15
C GLU F 236 31.44 -4.98 -3.88
N LYS F 237 32.00 -4.60 -5.02
CA LYS F 237 32.80 -5.54 -5.81
C LYS F 237 34.15 -5.75 -5.17
N ARG F 238 34.52 -4.85 -4.26
CA ARG F 238 35.81 -4.96 -3.58
C ARG F 238 36.18 -6.42 -3.31
N PRO F 239 35.26 -7.20 -2.73
CA PRO F 239 35.58 -8.62 -2.53
C PRO F 239 34.89 -9.54 -3.54
N ILE F 240 34.10 -8.99 -4.46
CA ILE F 240 33.46 -9.82 -5.46
C ILE F 240 34.00 -9.43 -6.84
N PHE F 241 34.72 -10.35 -7.47
CA PHE F 241 35.21 -10.16 -8.83
C PHE F 241 35.10 -11.48 -9.58
N LYS F 242 34.85 -11.40 -10.87
CA LYS F 242 34.79 -12.58 -11.73
C LYS F 242 36.12 -12.76 -12.44
N LYS F 243 36.82 -13.84 -12.12
CA LYS F 243 38.14 -14.09 -12.71
C LYS F 243 38.00 -14.59 -14.14
N ILE F 244 38.54 -13.82 -15.08
CA ILE F 244 38.52 -14.15 -16.50
C ILE F 244 39.96 -14.32 -16.97
N LEU F 245 40.20 -15.39 -17.72
CA LEU F 245 41.51 -15.70 -18.28
C LEU F 245 41.52 -15.25 -19.74
N GLU F 246 42.05 -14.06 -19.99
CA GLU F 246 42.18 -13.55 -21.36
C GLU F 246 43.27 -14.34 -22.06
N VAL F 247 42.86 -15.31 -22.88
CA VAL F 247 43.78 -16.29 -23.44
C VAL F 247 44.60 -15.64 -24.55
N ASN F 248 45.92 -15.66 -24.40
CA ASN F 248 46.81 -15.17 -25.45
C ASN F 248 47.04 -16.23 -26.51
N HIS F 249 47.30 -17.47 -26.09
CA HIS F 249 47.48 -18.58 -27.01
C HIS F 249 46.86 -19.83 -26.40
N ILE F 250 46.23 -20.65 -27.24
CA ILE F 250 45.62 -21.90 -26.80
C ILE F 250 46.32 -23.05 -27.52
N GLU F 251 46.72 -24.06 -26.75
CA GLU F 251 47.46 -25.19 -27.28
C GLU F 251 46.91 -26.47 -26.67
N GLN F 252 46.80 -27.51 -27.48
CA GLN F 252 46.37 -28.81 -27.00
C GLN F 252 47.46 -29.44 -26.14
N LEU F 253 47.05 -30.07 -25.05
CA LEU F 253 48.00 -30.73 -24.16
C LEU F 253 48.55 -31.99 -24.82
N SER F 254 49.86 -32.19 -24.69
CA SER F 254 50.51 -33.32 -25.34
C SER F 254 50.16 -34.63 -24.65
N LYS F 255 50.40 -35.74 -25.35
CA LYS F 255 50.10 -37.05 -24.78
C LYS F 255 51.11 -37.45 -23.72
N GLU F 256 52.31 -36.86 -23.74
CA GLU F 256 53.29 -37.15 -22.70
C GLU F 256 52.92 -36.47 -21.39
N ILE F 257 52.25 -35.32 -21.46
CA ILE F 257 51.80 -34.65 -20.24
C ILE F 257 50.60 -35.35 -19.65
N GLU F 258 49.75 -35.95 -20.49
CA GLU F 258 48.62 -36.73 -20.01
C GLU F 258 49.01 -38.15 -19.63
N GLU F 259 50.24 -38.56 -19.92
CA GLU F 259 50.70 -39.90 -19.62
C GLU F 259 50.96 -40.06 -18.12
N LEU F 260 50.50 -41.19 -17.56
CA LEU F 260 50.71 -41.52 -16.17
C LEU F 260 52.19 -41.82 -15.91
N GLU F 261 52.58 -41.70 -14.63
CA GLU F 261 53.99 -41.82 -14.25
C GLU F 261 54.32 -43.31 -14.14
N ILE F 262 54.66 -43.89 -15.30
CA ILE F 262 55.18 -45.25 -15.34
C ILE F 262 56.71 -45.16 -15.43
N SER F 263 57.38 -45.33 -14.29
CA SER F 263 58.84 -45.26 -14.21
C SER F 263 59.46 -46.50 -14.85
N PRO F 264 60.67 -46.40 -15.41
CA PRO F 264 61.37 -47.63 -15.85
C PRO F 264 61.70 -48.58 -14.72
N GLU F 265 61.91 -48.05 -13.51
CA GLU F 265 62.00 -48.90 -12.33
C GLU F 265 60.65 -49.55 -12.04
N ASP F 266 59.57 -48.80 -12.21
CA ASP F 266 58.23 -49.36 -12.08
C ASP F 266 57.90 -50.29 -13.23
N GLU F 267 58.51 -50.04 -14.41
CA GLU F 267 58.30 -50.92 -15.55
C GLU F 267 58.94 -52.28 -15.34
N GLN F 268 60.03 -52.32 -14.55
CA GLN F 268 60.70 -53.58 -14.26
C GLN F 268 59.85 -54.44 -13.33
N LYS F 269 59.04 -53.80 -12.47
CA LYS F 269 58.09 -54.55 -11.65
C LYS F 269 56.94 -55.09 -12.50
N ILE F 270 56.64 -54.40 -13.59
CA ILE F 270 55.60 -54.86 -14.51
C ILE F 270 56.09 -56.07 -15.29
N ARG F 271 57.36 -56.05 -15.71
CA ARG F 271 57.92 -57.17 -16.46
C ARG F 271 58.11 -58.39 -15.56
N GLU F 272 58.37 -58.18 -14.27
CA GLU F 272 58.42 -59.29 -13.33
C GLU F 272 57.03 -59.81 -13.03
N LEU F 273 56.02 -58.97 -13.19
CA LEU F 273 54.64 -59.42 -13.01
C LEU F 273 54.14 -60.16 -14.24
N ALA F 274 54.73 -59.89 -15.41
CA ALA F 274 54.25 -60.49 -16.64
C ALA F 274 54.82 -61.89 -16.85
N LYS F 275 55.97 -62.18 -16.25
CA LYS F 275 56.61 -63.47 -16.47
C LYS F 275 56.02 -64.58 -15.61
N ARG F 276 55.11 -64.22 -14.71
CA ARG F 276 54.47 -65.21 -13.86
C ARG F 276 53.36 -65.94 -14.61
N LYS F 277 53.32 -67.25 -14.48
CA LYS F 277 52.30 -68.03 -15.16
C LYS F 277 50.91 -67.62 -14.67
N ASP F 278 50.76 -67.46 -13.37
CA ASP F 278 49.47 -67.05 -12.82
C ASP F 278 49.27 -65.55 -12.93
N ILE F 279 49.25 -65.03 -14.16
CA ILE F 279 49.04 -63.60 -14.36
C ILE F 279 47.56 -63.24 -14.50
N VAL F 280 46.86 -63.86 -15.44
CA VAL F 280 45.46 -63.53 -15.68
C VAL F 280 44.59 -63.84 -14.46
N ASP F 281 44.75 -65.03 -13.89
CA ASP F 281 43.98 -65.38 -12.71
C ASP F 281 44.31 -64.39 -11.61
N ALA F 282 45.57 -64.00 -11.52
CA ALA F 282 45.98 -63.01 -10.52
C ALA F 282 45.30 -61.67 -10.78
N ILE F 283 44.86 -61.43 -12.01
CA ILE F 283 44.13 -60.20 -12.32
C ILE F 283 42.72 -60.27 -11.73
N VAL F 284 42.04 -61.41 -11.92
CA VAL F 284 40.65 -61.52 -11.53
C VAL F 284 40.50 -61.65 -10.01
N ASP F 285 41.58 -61.99 -9.31
CA ASP F 285 41.53 -62.02 -7.85
C ASP F 285 41.84 -60.65 -7.26
N SER F 286 42.48 -59.78 -8.03
CA SER F 286 42.91 -58.48 -7.56
C SER F 286 42.02 -57.33 -8.02
N ILE F 287 41.00 -57.61 -8.83
CA ILE F 287 40.12 -56.55 -9.33
C ILE F 287 39.18 -56.08 -8.22
N ALA F 288 38.50 -57.02 -7.56
CA ALA F 288 37.51 -56.70 -6.53
C ALA F 288 37.46 -57.83 -5.51
N PRO F 289 38.24 -57.73 -4.45
CA PRO F 289 38.04 -58.61 -3.29
C PRO F 289 36.83 -58.17 -2.49
N ALA F 290 36.55 -58.94 -1.43
CA ALA F 290 35.40 -58.87 -0.50
C ALA F 290 34.07 -59.16 -1.20
N ILE F 291 34.08 -59.61 -2.46
CA ILE F 291 32.88 -60.05 -3.15
C ILE F 291 33.11 -61.48 -3.63
N TRP F 292 32.44 -62.44 -2.98
CA TRP F 292 32.69 -63.84 -3.27
C TRP F 292 32.08 -64.25 -4.59
N GLY F 293 32.76 -65.13 -5.31
CA GLY F 293 32.25 -65.63 -6.57
C GLY F 293 32.46 -64.67 -7.72
N HIS F 294 31.61 -64.80 -8.74
CA HIS F 294 31.59 -63.97 -9.95
C HIS F 294 32.91 -63.98 -10.70
N ARG F 295 33.56 -65.14 -10.81
CA ARG F 295 34.89 -65.23 -11.42
C ARG F 295 34.83 -65.00 -12.92
N ILE F 296 33.70 -65.33 -13.54
CA ILE F 296 33.49 -65.00 -14.94
C ILE F 296 33.26 -63.51 -15.10
N VAL F 297 32.63 -62.89 -14.10
CA VAL F 297 32.36 -61.46 -14.15
C VAL F 297 33.63 -60.66 -13.89
N LYS F 298 34.55 -61.22 -13.09
CA LYS F 298 35.84 -60.57 -12.87
C LYS F 298 36.67 -60.57 -14.14
N LYS F 299 36.56 -61.63 -14.95
CA LYS F 299 37.29 -61.68 -16.21
C LYS F 299 36.69 -60.73 -17.23
N GLY F 300 35.36 -60.53 -17.18
CA GLY F 300 34.72 -59.60 -18.09
C GLY F 300 35.08 -58.16 -17.83
N ILE F 301 35.35 -57.81 -16.57
CA ILE F 301 35.90 -56.50 -16.27
C ILE F 301 37.36 -56.44 -16.69
N ALA F 302 38.08 -57.56 -16.58
CA ALA F 302 39.49 -57.62 -16.95
C ALA F 302 39.68 -57.47 -18.46
N LEU F 303 38.75 -58.01 -19.25
CA LEU F 303 38.79 -57.77 -20.69
C LEU F 303 38.28 -56.37 -21.05
N ALA F 304 37.62 -55.68 -20.11
CA ALA F 304 37.18 -54.31 -20.36
C ALA F 304 38.20 -53.28 -19.91
N LEU F 305 38.98 -53.60 -18.86
CA LEU F 305 40.02 -52.67 -18.41
C LEU F 305 41.17 -52.61 -19.40
N PHE F 306 41.60 -53.76 -19.91
CA PHE F 306 42.59 -53.83 -20.98
C PHE F 306 41.82 -53.70 -22.30
N GLY F 307 41.96 -52.54 -22.95
CA GLY F 307 41.25 -52.33 -24.19
C GLY F 307 41.86 -53.10 -25.34
N GLY F 308 41.02 -53.47 -26.30
CA GLY F 308 41.51 -54.17 -27.48
C GLY F 308 42.25 -53.22 -28.40
N VAL F 309 43.21 -53.78 -29.15
CA VAL F 309 43.99 -52.98 -30.07
C VAL F 309 43.20 -52.73 -31.34
N GLN F 310 43.19 -51.48 -31.80
CA GLN F 310 42.47 -51.08 -33.00
C GLN F 310 43.41 -51.00 -34.18
N ARG F 311 42.85 -50.78 -35.36
CA ARG F 311 43.62 -50.68 -36.60
C ARG F 311 43.32 -49.33 -37.25
N THR F 312 44.39 -48.58 -37.55
CA THR F 312 44.25 -47.24 -38.13
C THR F 312 44.08 -47.33 -39.66
N LEU F 313 42.94 -47.88 -40.06
CA LEU F 313 42.61 -47.97 -41.47
C LEU F 313 42.23 -46.58 -42.00
N PRO F 314 42.56 -46.30 -43.29
CA PRO F 314 42.30 -44.95 -43.84
C PRO F 314 40.82 -44.62 -44.02
N ASP F 315 40.04 -45.56 -44.55
CA ASP F 315 38.64 -45.26 -44.85
C ASP F 315 37.78 -45.30 -43.59
N GLY F 316 37.70 -46.45 -42.94
CA GLY F 316 36.87 -46.59 -41.75
C GLY F 316 37.55 -47.42 -40.71
N THR F 317 37.32 -47.06 -39.45
CA THR F 317 37.93 -47.78 -38.33
C THR F 317 37.24 -49.13 -38.13
N LYS F 318 38.05 -50.19 -38.13
CA LYS F 318 37.49 -51.54 -38.07
C LYS F 318 36.96 -51.86 -36.67
N LEU F 319 37.84 -51.86 -35.68
CA LEU F 319 37.46 -52.15 -34.29
C LEU F 319 37.54 -50.87 -33.47
N ARG F 320 36.54 -50.67 -32.59
CA ARG F 320 36.48 -49.44 -31.82
C ARG F 320 37.53 -49.39 -30.72
N GLY F 321 38.05 -50.54 -30.32
CA GLY F 321 39.08 -50.60 -29.29
C GLY F 321 38.58 -50.59 -27.87
N GLU F 322 37.29 -50.42 -27.65
CA GLU F 322 36.70 -50.39 -26.32
C GLU F 322 35.70 -51.53 -26.17
N SER F 323 35.79 -52.23 -25.05
CA SER F 323 34.91 -53.37 -24.74
C SER F 323 33.89 -52.92 -23.70
N HIS F 324 32.67 -52.66 -24.14
CA HIS F 324 31.61 -52.22 -23.24
C HIS F 324 30.96 -53.42 -22.59
N VAL F 325 30.87 -53.40 -21.26
CA VAL F 325 30.29 -54.49 -20.48
C VAL F 325 29.09 -53.96 -19.72
N LEU F 326 28.14 -54.85 -19.44
CA LEU F 326 26.91 -54.51 -18.73
C LEU F 326 26.73 -55.48 -17.57
N LEU F 327 26.74 -54.95 -16.35
CA LEU F 327 26.52 -55.76 -15.15
C LEU F 327 25.06 -55.59 -14.71
N VAL F 328 24.17 -56.24 -15.45
CA VAL F 328 22.74 -56.19 -15.19
C VAL F 328 22.39 -57.32 -14.24
N GLY F 329 21.31 -57.14 -13.48
CA GLY F 329 20.87 -58.20 -12.59
C GLY F 329 19.96 -57.67 -11.51
N ASP F 330 19.76 -58.50 -10.49
CA ASP F 330 18.86 -58.16 -9.40
C ASP F 330 19.48 -57.07 -8.52
N PRO F 331 18.65 -56.20 -7.94
CA PRO F 331 19.17 -55.22 -6.99
C PRO F 331 19.63 -55.89 -5.70
N GLY F 332 20.83 -55.53 -5.26
CA GLY F 332 21.37 -56.03 -4.01
C GLY F 332 22.26 -57.25 -4.13
N VAL F 333 22.92 -57.40 -5.28
CA VAL F 333 23.95 -58.42 -5.46
C VAL F 333 25.32 -57.76 -5.65
N ALA F 334 25.49 -56.56 -5.08
CA ALA F 334 26.73 -55.77 -5.06
C ALA F 334 27.26 -55.45 -6.45
N LYS F 335 26.38 -55.17 -7.42
CA LYS F 335 26.86 -54.77 -8.74
C LYS F 335 27.34 -53.32 -8.73
N SER F 336 26.75 -52.48 -7.86
CA SER F 336 27.23 -51.12 -7.73
C SER F 336 28.51 -51.07 -6.91
N GLN F 337 28.69 -52.04 -6.01
CA GLN F 337 29.95 -52.14 -5.28
C GLN F 337 31.08 -52.66 -6.17
N LEU F 338 30.73 -53.39 -7.24
CA LEU F 338 31.73 -53.82 -8.20
C LEU F 338 32.26 -52.64 -9.01
N LEU F 339 31.43 -51.61 -9.18
CA LEU F 339 31.89 -50.41 -9.88
C LEU F 339 32.77 -49.56 -8.97
N ARG F 340 32.50 -49.57 -7.66
CA ARG F 340 33.30 -48.77 -6.74
C ARG F 340 34.68 -49.39 -6.51
N TYR F 341 34.83 -50.69 -6.75
CA TYR F 341 36.13 -51.32 -6.59
C TYR F 341 37.01 -51.12 -7.81
N VAL F 342 36.42 -50.88 -8.98
CA VAL F 342 37.17 -50.65 -10.21
C VAL F 342 37.32 -49.18 -10.53
N ALA F 343 36.81 -48.28 -9.67
CA ALA F 343 36.92 -46.85 -9.93
C ALA F 343 38.36 -46.36 -9.68
N ASN F 344 38.92 -46.73 -8.53
CA ASN F 344 40.30 -46.35 -8.24
C ASN F 344 41.30 -47.24 -8.97
N LEU F 345 40.87 -48.41 -9.44
CA LEU F 345 41.77 -49.32 -10.13
C LEU F 345 42.01 -48.87 -11.57
N ALA F 346 40.95 -48.51 -12.27
CA ALA F 346 41.07 -48.14 -13.67
C ALA F 346 41.58 -46.70 -13.79
N PRO F 347 42.56 -46.44 -14.66
CA PRO F 347 43.01 -45.05 -14.85
C PRO F 347 41.99 -44.26 -15.65
N ARG F 348 41.76 -43.01 -15.19
CA ARG F 348 40.78 -42.08 -15.75
C ARG F 348 39.38 -42.68 -15.76
N ALA F 349 38.91 -43.04 -14.57
CA ALA F 349 37.60 -43.67 -14.38
C ALA F 349 36.74 -42.75 -13.53
N ILE F 350 35.76 -42.11 -14.16
CA ILE F 350 34.83 -41.22 -13.47
C ILE F 350 33.56 -42.01 -13.19
N TYR F 351 33.27 -42.21 -11.91
CA TYR F 351 32.11 -43.01 -11.48
C TYR F 351 30.96 -42.08 -11.15
N THR F 352 29.97 -42.02 -12.04
CA THR F 352 28.74 -41.28 -11.82
C THR F 352 27.56 -42.25 -11.80
N SER F 353 26.38 -41.71 -11.55
CA SER F 353 25.15 -42.48 -11.48
C SER F 353 24.22 -42.11 -12.61
N GLY F 354 23.16 -42.91 -12.78
CA GLY F 354 22.17 -42.64 -13.81
C GLY F 354 21.26 -41.48 -13.49
N LYS F 355 21.15 -41.10 -12.21
CA LYS F 355 20.35 -39.94 -11.80
C LYS F 355 21.18 -38.67 -11.91
N SER F 356 21.54 -38.33 -13.14
CA SER F 356 22.34 -37.14 -13.43
C SER F 356 21.42 -35.93 -13.39
N SER F 357 21.41 -35.23 -12.26
CA SER F 357 20.57 -34.06 -12.09
C SER F 357 21.10 -32.84 -12.82
N SER F 358 22.34 -32.88 -13.30
CA SER F 358 22.86 -31.79 -14.12
C SER F 358 22.20 -31.80 -15.49
N ALA F 359 22.15 -30.62 -16.11
CA ALA F 359 21.49 -30.50 -17.40
C ALA F 359 22.34 -31.05 -18.54
N ALA F 360 23.64 -31.26 -18.28
CA ALA F 360 24.49 -31.89 -19.29
C ALA F 360 24.17 -33.38 -19.41
N GLY F 361 24.23 -34.10 -18.30
CA GLY F 361 23.89 -35.51 -18.30
C GLY F 361 25.07 -36.40 -18.64
N LEU F 362 24.76 -37.53 -19.26
CA LEU F 362 25.80 -38.47 -19.66
C LEU F 362 26.54 -37.97 -20.90
N THR F 363 25.81 -37.42 -21.87
CA THR F 363 26.38 -36.92 -23.10
C THR F 363 26.46 -35.40 -23.06
N ALA F 364 26.83 -34.80 -24.19
CA ALA F 364 26.90 -33.36 -24.30
C ALA F 364 25.50 -32.78 -24.47
N ALA F 365 25.33 -31.53 -24.03
CA ALA F 365 24.03 -30.89 -24.07
C ALA F 365 24.20 -29.38 -24.10
N ALA F 366 23.39 -28.71 -24.92
CA ALA F 366 23.34 -27.25 -24.91
C ALA F 366 22.33 -26.80 -23.86
N VAL F 367 22.77 -25.96 -22.93
CA VAL F 367 21.99 -25.64 -21.74
C VAL F 367 21.30 -24.29 -21.85
N ARG F 368 22.06 -23.26 -22.25
CA ARG F 368 21.55 -21.90 -22.53
C ARG F 368 20.87 -21.26 -21.32
N ASP F 369 21.62 -21.13 -20.22
CA ASP F 369 21.14 -20.46 -19.01
C ASP F 369 22.28 -19.62 -18.40
N GLU F 370 23.01 -18.91 -19.25
CA GLU F 370 24.21 -18.23 -18.78
C GLU F 370 24.02 -16.72 -18.69
N PHE F 371 25.11 -16.01 -18.41
CA PHE F 371 25.04 -14.57 -18.18
C PHE F 371 24.77 -13.81 -19.48
N THR F 372 25.29 -14.32 -20.60
CA THR F 372 25.00 -13.69 -21.89
C THR F 372 23.61 -14.07 -22.40
N GLY F 373 23.23 -15.33 -22.26
CA GLY F 373 21.97 -15.82 -22.77
C GLY F 373 22.06 -16.58 -24.07
N SER F 374 23.25 -16.69 -24.66
CA SER F 374 23.41 -17.44 -25.90
C SER F 374 23.53 -18.93 -25.59
N TRP F 375 23.60 -19.72 -26.66
CA TRP F 375 23.70 -21.17 -26.51
C TRP F 375 25.09 -21.56 -26.03
N VAL F 376 25.14 -22.37 -24.97
CA VAL F 376 26.38 -22.80 -24.35
C VAL F 376 26.38 -24.32 -24.29
N LEU F 377 27.42 -24.94 -24.86
CA LEU F 377 27.52 -26.39 -24.92
C LEU F 377 28.41 -26.89 -23.79
N GLU F 378 27.85 -27.71 -22.90
CA GLU F 378 28.58 -28.34 -21.82
C GLU F 378 28.75 -29.82 -22.10
N ALA F 379 29.81 -30.41 -21.55
CA ALA F 379 30.14 -31.80 -21.80
C ALA F 379 29.69 -32.69 -20.65
N GLY F 380 29.33 -33.93 -20.98
CA GLY F 380 28.93 -34.91 -20.01
C GLY F 380 30.09 -35.77 -19.53
N VAL F 381 29.74 -36.88 -18.89
CA VAL F 381 30.76 -37.77 -18.33
C VAL F 381 31.44 -38.57 -19.45
N LEU F 382 30.71 -38.84 -20.54
CA LEU F 382 31.30 -39.58 -21.65
C LEU F 382 32.24 -38.73 -22.49
N VAL F 383 32.25 -37.42 -22.29
CA VAL F 383 33.19 -36.55 -23.01
C VAL F 383 34.33 -36.13 -22.10
N LEU F 384 34.07 -35.88 -20.82
CA LEU F 384 35.10 -35.46 -19.88
C LEU F 384 36.01 -36.60 -19.46
N ALA F 385 35.63 -37.86 -19.71
CA ALA F 385 36.46 -39.01 -19.40
C ALA F 385 37.06 -39.62 -20.66
N ASP F 386 37.43 -38.79 -21.62
CA ASP F 386 37.98 -39.26 -22.89
C ASP F 386 39.37 -39.85 -22.69
N GLY F 387 39.64 -40.96 -23.37
CA GLY F 387 40.88 -41.68 -23.14
C GLY F 387 40.91 -42.43 -21.83
N GLY F 388 39.74 -42.78 -21.30
CA GLY F 388 39.66 -43.45 -20.00
C GLY F 388 38.42 -44.29 -19.91
N PHE F 389 37.74 -44.23 -18.77
CA PHE F 389 36.58 -45.07 -18.49
C PHE F 389 35.41 -44.23 -18.03
N ALA F 390 34.21 -44.64 -18.43
CA ALA F 390 32.97 -43.97 -18.07
C ALA F 390 32.12 -44.97 -17.29
N LEU F 391 32.13 -44.84 -15.96
CA LEU F 391 31.43 -45.76 -15.06
C LEU F 391 30.06 -45.17 -14.75
N ILE F 392 29.02 -45.79 -15.29
CA ILE F 392 27.66 -45.28 -15.19
C ILE F 392 26.85 -46.28 -14.37
N ASP F 393 26.64 -45.99 -13.09
CA ASP F 393 25.73 -46.78 -12.28
C ASP F 393 24.29 -46.41 -12.61
N GLU F 394 23.40 -47.39 -12.47
CA GLU F 394 21.97 -47.29 -12.81
C GLU F 394 21.77 -46.83 -14.26
N PHE F 395 22.25 -47.65 -15.19
CA PHE F 395 22.24 -47.30 -16.60
C PHE F 395 20.85 -47.35 -17.22
N ASP F 396 19.91 -48.09 -16.63
CA ASP F 396 18.60 -48.27 -17.24
C ASP F 396 17.74 -47.03 -17.06
N LYS F 397 18.00 -46.23 -16.04
CA LYS F 397 17.28 -44.97 -15.80
C LYS F 397 18.19 -43.81 -16.19
N MET F 398 17.86 -43.17 -17.31
CA MET F 398 18.58 -41.97 -17.75
C MET F 398 17.61 -41.06 -18.48
N SER F 399 18.11 -39.90 -18.88
CA SER F 399 17.28 -38.90 -19.54
C SER F 399 16.97 -39.32 -20.97
N ASP F 400 15.93 -38.68 -21.54
CA ASP F 400 15.55 -38.97 -22.91
C ASP F 400 16.55 -38.36 -23.90
N ARG F 401 17.21 -37.27 -23.52
CA ARG F 401 18.25 -36.70 -24.37
C ARG F 401 19.49 -37.58 -24.39
N ASP F 402 19.85 -38.16 -23.23
CA ASP F 402 20.99 -39.07 -23.17
C ASP F 402 20.65 -40.41 -23.81
N ARG F 403 19.37 -40.76 -23.91
CA ARG F 403 18.97 -42.01 -24.54
C ARG F 403 19.18 -41.98 -26.05
N SER F 404 18.99 -40.83 -26.67
CA SER F 404 19.14 -40.72 -28.11
C SER F 404 20.59 -40.64 -28.55
N ALA F 405 21.46 -40.10 -27.70
CA ALA F 405 22.87 -39.91 -28.03
C ALA F 405 23.77 -41.03 -27.53
N ILE F 406 23.21 -42.07 -26.92
CA ILE F 406 24.03 -43.15 -26.39
C ILE F 406 24.36 -44.16 -27.49
N HIS F 407 23.65 -44.11 -28.62
CA HIS F 407 23.90 -45.07 -29.69
C HIS F 407 25.13 -44.67 -30.50
N GLU F 408 25.29 -43.37 -30.78
CA GLU F 408 26.45 -42.90 -31.53
C GLU F 408 27.68 -42.76 -30.65
N ALA F 409 27.52 -42.71 -29.33
CA ALA F 409 28.64 -42.53 -28.43
C ALA F 409 29.38 -43.83 -28.13
N LEU F 410 28.77 -44.98 -28.39
CA LEU F 410 29.38 -46.27 -28.11
C LEU F 410 29.96 -46.94 -29.35
N GLU F 411 29.29 -46.87 -30.49
CA GLU F 411 29.77 -47.50 -31.70
C GLU F 411 30.75 -46.62 -32.45
N GLN F 412 30.32 -45.43 -32.87
CA GLN F 412 31.19 -44.50 -33.60
C GLN F 412 32.11 -43.71 -32.68
N GLN F 413 31.85 -43.71 -31.37
CA GLN F 413 32.63 -43.02 -30.33
C GLN F 413 32.70 -41.50 -30.55
N THR F 414 31.74 -40.93 -31.27
CA THR F 414 31.67 -39.49 -31.51
C THR F 414 30.29 -39.00 -31.13
N ILE F 415 30.23 -37.83 -30.50
CA ILE F 415 28.98 -37.19 -30.10
C ILE F 415 28.85 -35.88 -30.85
N SER F 416 27.82 -35.78 -31.69
CA SER F 416 27.50 -34.55 -32.41
C SER F 416 26.24 -33.97 -31.81
N ILE F 417 26.34 -32.75 -31.27
CA ILE F 417 25.19 -32.14 -30.59
C ILE F 417 24.15 -31.67 -31.61
N SER F 418 24.61 -31.24 -32.79
CA SER F 418 23.78 -30.80 -33.92
C SER F 418 22.79 -29.70 -33.53
N LYS F 419 23.25 -28.77 -32.70
CA LYS F 419 22.41 -27.69 -32.19
C LYS F 419 22.43 -26.50 -33.14
N ALA F 420 21.47 -25.60 -32.96
CA ALA F 420 21.40 -24.41 -33.79
C ALA F 420 22.48 -23.41 -33.43
N GLY F 421 22.94 -23.41 -32.18
CA GLY F 421 23.98 -22.51 -31.75
C GLY F 421 25.38 -23.05 -31.98
N ILE F 422 25.63 -24.27 -31.50
CA ILE F 422 26.94 -24.90 -31.61
C ILE F 422 26.80 -26.16 -32.44
N THR F 423 27.62 -26.28 -33.48
CA THR F 423 27.68 -27.47 -34.32
C THR F 423 29.11 -28.01 -34.21
N ALA F 424 29.27 -29.10 -33.45
CA ALA F 424 30.58 -29.67 -33.22
C ALA F 424 30.42 -31.16 -32.96
N THR F 425 31.55 -31.87 -33.06
CA THR F 425 31.60 -33.32 -32.86
C THR F 425 32.58 -33.61 -31.73
N LEU F 426 32.08 -34.22 -30.66
CA LEU F 426 32.88 -34.52 -29.48
C LEU F 426 33.18 -36.02 -29.46
N ASN F 427 34.47 -36.36 -29.39
CA ASN F 427 34.89 -37.76 -29.46
C ASN F 427 34.75 -38.42 -28.09
N SER F 428 33.81 -39.35 -27.97
CA SER F 428 33.61 -40.11 -26.75
C SER F 428 34.26 -41.50 -26.89
N ARG F 429 35.59 -41.51 -26.79
CA ARG F 429 36.38 -42.74 -26.88
C ARG F 429 36.57 -43.28 -25.47
N THR F 430 35.49 -43.77 -24.88
CA THR F 430 35.48 -44.27 -23.52
C THR F 430 35.10 -45.74 -23.50
N THR F 431 35.56 -46.44 -22.48
CA THR F 431 35.14 -47.81 -22.20
C THR F 431 34.11 -47.76 -21.08
N VAL F 432 32.86 -48.08 -21.41
CA VAL F 432 31.74 -47.92 -20.49
C VAL F 432 31.52 -49.22 -19.74
N ILE F 433 31.66 -49.16 -18.42
CA ILE F 433 31.34 -50.28 -17.53
C ILE F 433 30.11 -49.85 -16.74
N ALA F 434 28.94 -50.34 -17.16
CA ALA F 434 27.67 -49.88 -16.63
C ALA F 434 26.92 -51.02 -15.94
N ALA F 435 26.10 -50.66 -14.96
CA ALA F 435 25.22 -51.58 -14.26
C ALA F 435 23.78 -51.10 -14.40
N ALA F 436 22.86 -52.04 -14.57
CA ALA F 436 21.45 -51.71 -14.80
C ALA F 436 20.58 -52.46 -13.79
N ASN F 437 19.30 -52.11 -13.77
CA ASN F 437 18.31 -52.64 -12.86
C ASN F 437 17.15 -53.18 -13.68
N PRO F 438 16.36 -54.12 -13.12
CA PRO F 438 15.17 -54.58 -13.85
C PRO F 438 14.11 -53.51 -13.94
N LYS F 439 13.43 -53.46 -15.09
CA LYS F 439 12.42 -52.43 -15.33
C LYS F 439 11.14 -52.74 -14.56
N PHE F 440 10.65 -53.97 -14.66
CA PHE F 440 9.43 -54.39 -13.98
C PHE F 440 9.74 -55.56 -13.05
N GLY F 441 9.69 -55.30 -11.75
CA GLY F 441 9.91 -56.33 -10.75
C GLY F 441 11.33 -56.85 -10.69
N ARG F 442 11.51 -58.15 -10.93
CA ARG F 442 12.81 -58.79 -10.92
C ARG F 442 13.01 -59.56 -12.22
N PHE F 443 14.20 -60.14 -12.36
CA PHE F 443 14.60 -60.84 -13.59
C PHE F 443 14.21 -62.31 -13.49
N ASN F 444 13.03 -62.65 -13.99
CA ASN F 444 12.64 -64.06 -14.04
C ASN F 444 13.32 -64.74 -15.22
N ARG F 445 13.64 -66.03 -15.06
CA ARG F 445 14.37 -66.76 -16.09
C ARG F 445 13.47 -67.34 -17.18
N HIS F 446 12.15 -67.15 -17.09
CA HIS F 446 11.23 -67.70 -18.07
C HIS F 446 10.88 -66.72 -19.18
N LYS F 447 11.46 -65.52 -19.19
CA LYS F 447 11.16 -64.52 -20.21
C LYS F 447 12.47 -63.98 -20.77
N SER F 448 12.34 -63.12 -21.77
CA SER F 448 13.50 -62.59 -22.47
C SER F 448 14.18 -61.50 -21.66
N LEU F 449 15.49 -61.32 -21.92
CA LEU F 449 16.25 -60.30 -21.20
C LEU F 449 16.03 -58.89 -21.74
N PRO F 450 15.97 -58.63 -23.07
CA PRO F 450 15.59 -57.27 -23.50
C PRO F 450 14.13 -56.91 -23.22
N GLU F 451 13.26 -57.90 -23.01
CA GLU F 451 11.87 -57.60 -22.68
C GLU F 451 11.69 -57.15 -21.24
N GLN F 452 12.69 -57.37 -20.38
CA GLN F 452 12.63 -56.95 -18.99
C GLN F 452 13.42 -55.67 -18.72
N LEU F 453 13.99 -55.06 -19.75
CA LEU F 453 14.83 -53.88 -19.59
C LEU F 453 14.22 -52.70 -20.32
N ASP F 454 14.42 -51.50 -19.77
CA ASP F 454 13.96 -50.28 -20.41
C ASP F 454 14.91 -49.80 -21.50
N LEU F 455 16.08 -50.40 -21.62
CA LEU F 455 17.01 -50.06 -22.68
C LEU F 455 16.49 -50.57 -24.02
N PRO F 456 16.83 -49.91 -25.13
CA PRO F 456 16.43 -50.41 -26.44
C PRO F 456 17.15 -51.69 -26.78
N PRO F 457 16.57 -52.53 -27.65
CA PRO F 457 17.25 -53.78 -28.03
C PRO F 457 18.49 -53.56 -28.88
N THR F 458 18.59 -52.42 -29.59
CA THR F 458 19.81 -52.13 -30.33
C THR F 458 20.90 -51.61 -29.41
N LEU F 459 20.54 -51.19 -28.19
CA LEU F 459 21.55 -50.75 -27.23
C LEU F 459 22.20 -51.95 -26.54
N LEU F 460 21.45 -53.03 -26.31
CA LEU F 460 22.00 -54.22 -25.69
C LEU F 460 22.93 -54.99 -26.62
N SER F 461 22.79 -54.81 -27.93
CA SER F 461 23.72 -55.41 -28.88
C SER F 461 25.03 -54.64 -28.98
N ARG F 462 25.08 -53.41 -28.44
CA ARG F 462 26.31 -52.64 -28.46
C ARG F 462 27.29 -53.10 -27.39
N PHE F 463 26.78 -53.58 -26.26
CA PHE F 463 27.63 -54.09 -25.21
C PHE F 463 28.22 -55.43 -25.59
N ASP F 464 29.52 -55.60 -25.36
CA ASP F 464 30.21 -56.82 -25.75
C ASP F 464 29.92 -57.98 -24.81
N LEU F 465 29.74 -57.70 -23.52
CA LEU F 465 29.49 -58.72 -22.52
C LEU F 465 28.35 -58.28 -21.60
N ILE F 466 27.34 -59.13 -21.46
CA ILE F 466 26.20 -58.86 -20.58
C ILE F 466 26.16 -60.00 -19.56
N PHE F 467 26.63 -59.72 -18.35
CA PHE F 467 26.64 -60.70 -17.27
C PHE F 467 25.37 -60.53 -16.42
N LEU F 468 24.61 -61.61 -16.29
CA LEU F 468 23.36 -61.60 -15.53
C LEU F 468 23.64 -62.02 -14.09
N LEU F 469 23.38 -61.12 -13.15
CA LEU F 469 23.74 -61.31 -11.75
C LEU F 469 22.47 -61.52 -10.92
N LEU F 470 22.12 -62.77 -10.66
CA LEU F 470 21.02 -63.12 -9.78
C LEU F 470 21.52 -63.85 -8.54
N ASP F 471 20.88 -63.58 -7.41
CA ASP F 471 21.17 -64.26 -6.16
C ASP F 471 20.35 -65.54 -6.09
N GLU F 472 21.04 -66.68 -6.08
CA GLU F 472 20.38 -67.98 -6.05
C GLU F 472 20.72 -68.69 -4.75
N PRO F 473 19.73 -69.21 -4.02
CA PRO F 473 20.02 -69.92 -2.77
C PRO F 473 20.60 -71.31 -3.05
N ASP F 474 21.64 -71.65 -2.30
CA ASP F 474 22.33 -72.92 -2.46
C ASP F 474 22.97 -73.29 -1.13
N GLU F 475 23.18 -74.59 -0.90
CA GLU F 475 23.68 -75.08 0.37
C GLU F 475 25.15 -74.70 0.57
N LYS F 476 26.02 -75.16 -0.32
CA LYS F 476 27.45 -74.93 -0.14
C LYS F 476 27.87 -73.51 -0.55
N VAL F 477 27.06 -72.84 -1.37
CA VAL F 477 27.41 -71.49 -1.81
C VAL F 477 27.16 -70.48 -0.70
N ASP F 478 25.98 -70.54 -0.08
CA ASP F 478 25.65 -69.59 0.98
C ASP F 478 26.44 -69.86 2.26
N ALA F 479 26.93 -71.08 2.43
CA ALA F 479 27.83 -71.36 3.54
C ALA F 479 29.21 -70.75 3.29
N SER F 480 29.62 -70.63 2.03
CA SER F 480 30.89 -70.00 1.71
C SER F 480 30.75 -68.49 1.59
N ILE F 481 29.56 -68.02 1.25
CA ILE F 481 29.30 -66.57 1.21
C ILE F 481 29.29 -66.00 2.62
N ALA F 482 28.63 -66.69 3.56
CA ALA F 482 28.58 -66.23 4.94
C ALA F 482 29.94 -66.35 5.62
N GLU F 483 30.78 -67.28 5.15
CA GLU F 483 32.14 -67.36 5.66
C GLU F 483 33.01 -66.25 5.09
N HIS F 484 32.75 -65.84 3.85
CA HIS F 484 33.57 -64.82 3.20
C HIS F 484 33.26 -63.42 3.73
N ILE F 485 31.98 -63.12 3.92
CA ILE F 485 31.57 -61.78 4.37
C ILE F 485 31.98 -61.56 5.83
N LEU F 486 31.85 -62.60 6.66
CA LEU F 486 32.27 -62.52 8.05
C LEU F 486 33.79 -62.45 8.20
N LYS F 487 34.54 -62.89 7.18
CA LYS F 487 35.98 -62.75 7.20
C LYS F 487 36.42 -61.33 6.81
N VAL F 488 35.55 -60.59 6.13
CA VAL F 488 35.87 -59.21 5.75
C VAL F 488 35.85 -58.29 6.97
N ARG F 489 34.87 -58.49 7.87
CA ARG F 489 34.74 -57.65 9.05
C ARG F 489 35.86 -57.88 10.05
N ARG F 490 36.50 -59.06 10.00
CA ARG F 490 37.65 -59.32 10.85
C ARG F 490 38.93 -58.67 10.34
N GLY F 491 38.99 -58.33 9.05
CA GLY F 491 40.19 -57.73 8.49
C GLY F 491 41.31 -58.71 8.24
N GLU F 492 40.98 -59.94 7.83
CA GLU F 492 41.98 -60.95 7.56
C GLU F 492 42.62 -60.72 6.20
N ALA F 493 43.90 -61.08 6.07
CA ALA F 493 44.65 -60.78 4.86
C ALA F 493 44.26 -61.68 3.70
N GLU F 494 43.67 -62.85 3.99
CA GLU F 494 43.32 -63.78 2.93
C GLU F 494 42.01 -63.42 2.24
N ALA F 495 41.27 -62.44 2.74
CA ALA F 495 39.96 -62.11 2.21
C ALA F 495 39.88 -60.76 1.51
N VAL F 496 40.56 -59.73 2.02
CA VAL F 496 40.44 -58.39 1.45
C VAL F 496 41.74 -57.87 0.86
N THR F 497 42.90 -58.38 1.24
CA THR F 497 44.16 -57.89 0.67
C THR F 497 44.51 -58.72 -0.55
N PRO F 498 44.57 -58.13 -1.74
CA PRO F 498 44.86 -58.91 -2.94
C PRO F 498 46.35 -59.22 -3.06
N LYS F 499 46.67 -60.08 -4.03
CA LYS F 499 48.06 -60.43 -4.28
C LYS F 499 48.81 -59.28 -4.95
N ILE F 500 48.23 -58.71 -6.00
CA ILE F 500 48.81 -57.57 -6.69
C ILE F 500 48.30 -56.30 -6.01
N PRO F 501 49.19 -55.37 -5.63
CA PRO F 501 48.72 -54.13 -4.99
C PRO F 501 48.01 -53.22 -5.98
N TYR F 502 47.22 -52.29 -5.44
CA TYR F 502 46.40 -51.44 -6.28
C TYR F 502 47.21 -50.36 -6.99
N ASP F 503 48.29 -49.89 -6.38
CA ASP F 503 49.13 -48.88 -7.04
C ASP F 503 49.99 -49.50 -8.12
N LEU F 504 50.33 -50.78 -8.00
CA LEU F 504 51.07 -51.46 -9.05
C LEU F 504 50.15 -51.90 -10.17
N LEU F 505 48.90 -52.24 -9.85
CA LEU F 505 47.97 -52.68 -10.88
C LEU F 505 47.41 -51.51 -11.68
N LYS F 506 47.40 -50.31 -11.09
CA LYS F 506 46.93 -49.13 -11.81
C LYS F 506 47.92 -48.74 -12.90
N LYS F 507 49.21 -48.95 -12.66
CA LYS F 507 50.22 -48.74 -13.70
C LYS F 507 50.38 -49.95 -14.61
N TYR F 508 49.85 -51.10 -14.22
CA TYR F 508 49.92 -52.28 -15.07
C TYR F 508 48.98 -52.18 -16.25
N ILE F 509 47.81 -51.56 -16.05
CA ILE F 509 46.86 -51.39 -17.15
C ILE F 509 47.28 -50.20 -18.01
N ALA F 510 47.87 -49.18 -17.39
CA ALA F 510 48.30 -47.99 -18.13
C ALA F 510 49.50 -48.29 -19.02
N TYR F 511 50.35 -49.23 -18.60
CA TYR F 511 51.49 -49.62 -19.45
C TYR F 511 51.04 -50.50 -20.61
N ALA F 512 50.00 -51.31 -20.40
CA ALA F 512 49.55 -52.22 -21.44
C ALA F 512 48.81 -51.49 -22.55
N ARG F 513 47.97 -50.51 -22.20
CA ARG F 513 47.19 -49.79 -23.20
C ARG F 513 48.02 -48.77 -23.96
N LYS F 514 49.22 -48.43 -23.47
CA LYS F 514 50.03 -47.41 -24.13
C LYS F 514 51.03 -48.02 -25.10
N ASN F 515 51.82 -48.99 -24.65
CA ASN F 515 52.91 -49.53 -25.43
C ASN F 515 52.61 -50.88 -26.06
N VAL F 516 51.98 -51.79 -25.32
CA VAL F 516 51.74 -53.14 -25.80
C VAL F 516 50.60 -53.14 -26.81
N HIS F 517 50.88 -53.57 -28.03
CA HIS F 517 49.87 -53.67 -29.09
C HIS F 517 49.98 -55.05 -29.73
N PRO F 518 49.07 -55.96 -29.40
CA PRO F 518 49.14 -57.31 -29.98
C PRO F 518 48.71 -57.33 -31.45
N VAL F 519 49.18 -58.35 -32.15
CA VAL F 519 48.81 -58.60 -33.54
C VAL F 519 48.20 -59.99 -33.65
N LEU F 520 47.41 -60.20 -34.68
CA LEU F 520 46.78 -61.51 -34.88
C LEU F 520 47.76 -62.48 -35.51
N SER F 521 47.71 -63.73 -35.06
CA SER F 521 48.57 -64.79 -35.55
C SER F 521 47.74 -65.78 -36.37
N ARG F 522 48.44 -66.72 -37.00
CA ARG F 522 47.76 -67.70 -37.83
C ARG F 522 47.03 -68.75 -37.01
N GLU F 523 47.49 -69.01 -35.78
CA GLU F 523 46.83 -69.99 -34.93
C GLU F 523 45.54 -69.44 -34.34
N ALA F 524 45.55 -68.16 -33.94
CA ALA F 524 44.38 -67.57 -33.31
C ALA F 524 43.31 -67.18 -34.34
N MET F 525 43.73 -66.75 -35.53
CA MET F 525 42.76 -66.39 -36.56
C MET F 525 42.07 -67.61 -37.14
N GLU F 526 42.72 -68.77 -37.10
CA GLU F 526 42.08 -70.00 -37.54
C GLU F 526 41.04 -70.48 -36.53
N GLU F 527 41.28 -70.23 -35.24
CA GLU F 527 40.34 -70.64 -34.22
C GLU F 527 39.08 -69.79 -34.24
N ILE F 528 39.22 -68.50 -34.55
CA ILE F 528 38.05 -67.65 -34.75
C ILE F 528 37.33 -68.05 -36.03
N LYS F 529 38.10 -68.42 -37.07
CA LYS F 529 37.51 -68.93 -38.30
C LYS F 529 36.86 -70.29 -38.06
N ARG F 530 37.43 -71.10 -37.16
CA ARG F 530 36.76 -72.33 -36.75
C ARG F 530 35.53 -72.03 -35.90
N TYR F 531 35.56 -70.94 -35.14
CA TYR F 531 34.41 -70.56 -34.33
C TYR F 531 33.26 -70.06 -35.21
N TYR F 532 33.58 -69.28 -36.25
CA TYR F 532 32.54 -68.76 -37.12
C TYR F 532 32.02 -69.81 -38.10
N VAL F 533 32.74 -70.90 -38.32
CA VAL F 533 32.27 -71.95 -39.20
C VAL F 533 31.54 -73.06 -38.44
N LYS F 534 31.65 -73.09 -37.12
CA LYS F 534 30.99 -74.13 -36.34
C LYS F 534 29.75 -73.61 -35.61
N MET F 535 29.87 -72.49 -34.90
CA MET F 535 28.74 -72.01 -34.11
C MET F 535 27.75 -71.20 -34.94
N ARG F 536 28.01 -71.02 -36.24
CA ARG F 536 27.02 -70.40 -37.11
C ARG F 536 26.26 -71.46 -37.91
N LYS F 537 26.97 -72.46 -38.44
CA LYS F 537 26.38 -73.50 -39.26
C LYS F 537 26.29 -74.79 -38.43
N GLY F 538 25.07 -75.32 -38.30
CA GLY F 538 24.86 -76.55 -37.56
C GLY F 538 24.46 -76.36 -36.10
N LEU F 539 25.28 -75.68 -35.31
CA LEU F 539 24.90 -75.45 -33.92
C LEU F 539 23.87 -74.33 -33.80
N ARG F 540 23.89 -73.37 -34.73
CA ARG F 540 22.88 -72.34 -34.81
C ARG F 540 21.82 -72.64 -35.87
N ARG F 541 21.46 -73.91 -36.04
CA ARG F 541 20.53 -74.31 -37.09
C ARG F 541 19.10 -73.90 -36.72
N GLY F 542 18.79 -73.88 -35.42
CA GLY F 542 17.44 -73.63 -34.95
C GLY F 542 16.88 -72.26 -35.27
N ASP F 543 17.74 -71.23 -35.19
CA ASP F 543 17.33 -69.88 -35.54
C ASP F 543 17.74 -69.50 -36.96
N GLU F 544 18.19 -70.47 -37.76
CA GLU F 544 18.68 -70.15 -39.10
C GLU F 544 17.53 -70.01 -40.09
N ASP F 545 16.35 -70.53 -39.74
CA ASP F 545 15.22 -70.55 -40.67
C ASP F 545 14.64 -69.16 -40.87
N GLY F 546 14.62 -68.71 -42.13
CA GLY F 546 14.15 -67.39 -42.49
C GLY F 546 15.06 -66.28 -42.02
N VAL F 547 14.62 -65.52 -41.02
CA VAL F 547 15.46 -64.51 -40.40
C VAL F 547 16.56 -65.23 -39.60
N GLN F 548 17.78 -64.66 -39.65
CA GLN F 548 18.95 -65.22 -38.98
C GLN F 548 19.46 -64.30 -37.85
N PRO F 549 18.88 -64.40 -36.66
CA PRO F 549 19.45 -63.68 -35.51
C PRO F 549 20.48 -64.54 -34.78
N ILE F 550 21.62 -64.71 -35.42
CA ILE F 550 22.69 -65.58 -34.90
C ILE F 550 23.32 -64.93 -33.69
N PRO F 551 23.56 -65.67 -32.60
CA PRO F 551 24.20 -65.04 -31.42
C PRO F 551 25.65 -64.65 -31.64
N ILE F 552 26.35 -65.34 -32.54
CA ILE F 552 27.68 -64.91 -32.93
C ILE F 552 27.59 -64.37 -34.35
N THR F 553 27.37 -63.07 -34.48
CA THR F 553 27.24 -62.40 -35.76
C THR F 553 28.56 -61.72 -36.11
N ALA F 554 28.53 -60.88 -37.15
CA ALA F 554 29.72 -60.10 -37.51
C ALA F 554 30.01 -59.03 -36.47
N ARG F 555 28.96 -58.55 -35.77
CA ARG F 555 29.18 -57.65 -34.65
C ARG F 555 29.84 -58.37 -33.48
N GLN F 556 29.48 -59.65 -33.27
CA GLN F 556 30.14 -60.45 -32.25
C GLN F 556 31.52 -60.91 -32.70
N LEU F 557 31.77 -60.91 -34.02
CA LEU F 557 33.10 -61.24 -34.52
C LEU F 557 34.10 -60.14 -34.16
N GLU F 558 33.67 -58.88 -34.22
CA GLU F 558 34.51 -57.79 -33.73
C GLU F 558 34.62 -57.81 -32.22
N ALA F 559 33.61 -58.35 -31.53
CA ALA F 559 33.69 -58.48 -30.09
C ALA F 559 34.62 -59.62 -29.68
N LEU F 560 34.60 -60.72 -30.42
CA LEU F 560 35.43 -61.88 -30.07
C LEU F 560 36.91 -61.60 -30.33
N ILE F 561 37.21 -60.81 -31.36
CA ILE F 561 38.59 -60.41 -31.63
C ILE F 561 39.07 -59.44 -30.55
N ARG F 562 38.18 -58.54 -30.11
CA ARG F 562 38.56 -57.54 -29.10
C ARG F 562 38.76 -58.17 -27.73
N LEU F 563 38.05 -59.27 -27.44
CA LEU F 563 38.24 -59.94 -26.17
C LEU F 563 39.52 -60.79 -26.17
N SER F 564 39.90 -61.33 -27.34
CA SER F 564 41.12 -62.11 -27.41
C SER F 564 42.36 -61.22 -27.38
N GLU F 565 42.25 -60.01 -27.95
CA GLU F 565 43.33 -59.04 -27.86
C GLU F 565 43.44 -58.47 -26.45
N ALA F 566 42.34 -58.46 -25.70
CA ALA F 566 42.38 -58.01 -24.32
C ALA F 566 43.08 -59.03 -23.43
N HIS F 567 42.94 -60.32 -23.74
CA HIS F 567 43.65 -61.35 -22.99
C HIS F 567 45.13 -61.39 -23.37
N ALA F 568 45.45 -61.05 -24.62
CA ALA F 568 46.85 -60.98 -25.03
C ALA F 568 47.54 -59.75 -24.44
N ARG F 569 46.79 -58.66 -24.25
CA ARG F 569 47.35 -57.46 -23.63
C ARG F 569 47.48 -57.63 -22.13
N MET F 570 46.74 -58.57 -21.53
CA MET F 570 46.84 -58.82 -20.10
C MET F 570 48.15 -59.48 -19.72
N ARG F 571 48.69 -60.35 -20.58
CA ARG F 571 49.96 -61.02 -20.34
C ARG F 571 51.12 -60.32 -21.04
N LEU F 572 50.90 -59.10 -21.53
CA LEU F 572 51.87 -58.26 -22.26
C LEU F 572 52.44 -58.94 -23.50
N SER F 573 51.66 -59.78 -24.17
CA SER F 573 52.13 -60.44 -25.38
C SER F 573 51.87 -59.55 -26.59
N GLU F 574 52.85 -59.45 -27.48
CA GLU F 574 52.71 -58.66 -28.70
C GLU F 574 52.05 -59.44 -29.83
N THR F 575 51.64 -60.68 -29.59
CA THR F 575 50.89 -61.46 -30.55
C THR F 575 49.71 -62.10 -29.86
N VAL F 576 48.63 -62.33 -30.62
CA VAL F 576 47.43 -62.96 -30.08
C VAL F 576 47.62 -64.48 -30.22
N THR F 577 47.79 -65.15 -29.09
CA THR F 577 47.97 -66.60 -29.09
C THR F 577 46.61 -67.28 -29.17
N ARG F 578 46.61 -68.55 -29.58
CA ARG F 578 45.36 -69.31 -29.67
C ARG F 578 44.80 -69.61 -28.29
N GLU F 579 45.64 -69.62 -27.26
CA GLU F 579 45.14 -69.77 -25.90
C GLU F 579 44.44 -68.50 -25.43
N ASP F 580 44.84 -67.34 -25.99
CA ASP F 580 44.14 -66.10 -25.67
C ASP F 580 42.78 -66.05 -26.35
N ALA F 581 42.68 -66.63 -27.56
CA ALA F 581 41.38 -66.74 -28.21
C ALA F 581 40.54 -67.85 -27.57
N ARG F 582 41.19 -68.81 -26.93
CA ARG F 582 40.46 -69.86 -26.22
C ARG F 582 39.77 -69.29 -24.97
N ALA F 583 40.46 -68.39 -24.26
CA ALA F 583 39.87 -67.78 -23.07
C ALA F 583 38.77 -66.78 -23.46
N ALA F 584 38.85 -66.22 -24.67
CA ALA F 584 37.80 -65.33 -25.13
C ALA F 584 36.54 -66.11 -25.53
N ILE F 585 36.68 -67.38 -25.87
CA ILE F 585 35.52 -68.20 -26.22
C ILE F 585 34.70 -68.53 -24.99
N GLU F 586 35.38 -68.86 -23.88
CA GLU F 586 34.70 -69.34 -22.68
C GLU F 586 33.89 -68.25 -21.99
N ILE F 587 34.24 -66.98 -22.20
CA ILE F 587 33.46 -65.89 -21.64
C ILE F 587 32.19 -65.66 -22.45
N ILE F 588 32.26 -65.95 -23.76
CA ILE F 588 31.09 -65.77 -24.63
C ILE F 588 30.03 -66.84 -24.33
N GLU F 589 30.48 -68.09 -24.12
CA GLU F 589 29.55 -69.17 -23.81
C GLU F 589 28.91 -69.02 -22.44
N ALA F 590 29.65 -68.47 -21.47
CA ALA F 590 29.07 -68.23 -20.15
C ALA F 590 28.17 -67.01 -20.14
N MET F 591 28.33 -66.12 -21.12
CA MET F 591 27.47 -64.94 -21.21
C MET F 591 26.07 -65.30 -21.68
N MET F 592 25.97 -66.16 -22.70
CA MET F 592 24.67 -66.48 -23.28
C MET F 592 23.86 -67.42 -22.40
N LYS F 593 24.54 -68.22 -21.56
CA LYS F 593 23.83 -69.14 -20.70
C LYS F 593 23.22 -68.45 -19.49
N THR F 594 23.88 -67.41 -18.98
CA THR F 594 23.38 -66.67 -17.83
C THR F 594 22.39 -65.60 -18.27
#